data_8B41
#
_entry.id   8B41
#
_cell.length_a   1.00
_cell.length_b   1.00
_cell.length_c   1.00
_cell.angle_alpha   90.00
_cell.angle_beta   90.00
_cell.angle_gamma   90.00
#
_symmetry.space_group_name_H-M   'P 1'
#
loop_
_entity.id
_entity.type
_entity.pdbx_description
1 polymer 'Volume-regulated anion channel subunit LRRC8A'
2 polymer 'Volume-regulated anion channel subunit LRRC8C'
3 polymer 'Synthetic nanobody Sb1'
#
loop_
_entity_poly.entity_id
_entity_poly.type
_entity_poly.pdbx_seq_one_letter_code
_entity_poly.pdbx_strand_id
1 'polypeptide(L)'
;MSIPVTELRYFADTQPAYRILKPWWDVFTDYISIVMLMIAVFGGTLQVTQDKMICLPCKWVTKDSCNDSFRGWAASSPEP
TYPNSTVLPTPDTGPTGIKYDLDRHQYNYVDAVCYENRLHWFAKYFPYLVLLHTLIFLACSNFWFKFPRTSSKLEHFVSI
LLKCFDSPWTTRALSETVVEESDPKPAFSKMNGSMDKKSSTVSEDVEATVPMLQRTKSRIEQGIVDRSETGVLDKKEGEQ
AKALFEKVKKFRTHVEEGDIVYRLYMRQTIIKVIKFALIICYTVYYVHNIKFDVDCTVDIESLTGYRTYRCAHPLATLFK
ILASFYISLVIFYGLICMYTLWWMLRRSLKKYSFESIREESSYSDIPDVKNDFAFMLHLIDQYDPLYSKRFAVFLSEVSE
NKLRQLNLNNEWTLDKLRQRLTKNAQDKLELHLFMLSGIPDTVFDLVELEVLKLELIPDVTIPPSIAQLTGLKELWLYHT
AAKIEAPALAFLRENLRALHIKFTDIKEIPLWIYSLKTLEELHLTGNLSAENNRYIVIDGLRELKRLKVLRLKSNLSKLP
QVVTDVGVHLQKLSINNEGTKLIVLNSLKKMVNLTELELIRCDLERIPHSIFSLHNLQEIDLKDNNLKTIEEIISFQHLH
RLTCLKLWYNHIAYIPIQIGNLTNLERLYLNRNKIEKIPTQLFYCRKLRYLDLSHNNLTFLPADIGLLQNLQNLAVTANR
IEALPPELFQCRKLRALHLGNNVLQSLPSRVGELTNLTQIELRGNRLECLPVELGECPLLKRSGLVVEEDLFSTLPPEVK
ERLWRADKEQALEVLFQ
;
A,B,C,D
2 'polypeptide(L)'
;MSIPVTEFRQFSEQQPAFRVLKPWWDVFTDYLSVAMLMIGVFGCTLQVMQDKIICLPKRVQPAQNHSSVPNVSQAVISTT
PLPPPKPSPTNPATVEMKGLKTDLDLQQYSFINQMCYERALHWYAKYFPYLVLIHTLVFMLCSNFWFKFPGSSSKIEHFI
SILGKCFDSPWTTRALSEVSGEDSEEKDNRKNNMNRSGTIQSGPEGNLVRSQSLKSIPEKFVVDKSAAGALDKKEGEQAK
ALFEKVKKFRLHVEEGDILYAMYVRQTVLKVIKFLIIIAYNSALVSKVQFTVDCNVDIQDMTGYKNFSCNHTMAHLFSKL
SFCYLCFVSIYGLTCLYTLYWLFYRSLREYSFEYVRQETGIDDIPDVKNDFAFMLHMIDQYDPLYSKRFAVFLSEVSENK
LKQLNLNNEWTPDKLRQKLQTNAHNRLELPLIMLSGLPDTVFEITELQSLKLEIIKNVMIPATIAQLDNLQELCLHQCSV
KIHSAALSFLKENLKVLSVKFDDMRELPPWMYGLRNLEELYLVGSLSHDISKNVTLESLRDLKSLKILSIKSNVSKIPQA
VVDVSSHLQKMCVHNDGTKLVMLNNLKKMTNLTELELVHCDLERIPHAVFSLLSLQELDLKENNLKSIEEIVSFQHLRKL
TVLKLWYNSIAYIPEHIKKLTSLERLFFSHNKVEVLPSHLFLCNKIRYLDLSYNDIRFIPPEIGVLQSLQYFSITCNKVE
SLPDELYFCKKLKTLKIGKNSLSVLSPKIGNLLFLSYLDIKGNHFEVLPPELGDCRALKRARLVVEDALFETLPSDVREQ
MKADALEVLFQ
;
E,F
3 'polypeptide(L)'
;GPSQVQLVESGGGLVQAGGSLRLSCAASGFPVGRHFMYWYRQAPGKEREWVAAIYSYGEYTEYADSVKGRFTISRDNAKN
TVYLQMNSLKPEDTAVYYCYVYVGNEYWGQGTQVTVSA
;
G,H,I,J
#
# COMPACT_ATOMS: atom_id res chain seq x y z
N PRO A 16 16.09 13.51 33.67
CA PRO A 16 17.20 13.60 32.72
C PRO A 16 18.28 12.54 32.96
N ALA A 17 19.13 12.32 31.97
CA ALA A 17 20.18 11.30 32.03
C ALA A 17 21.54 11.88 32.37
N TYR A 18 21.59 13.14 32.82
CA TYR A 18 22.85 13.77 33.17
C TYR A 18 23.49 13.19 34.42
N ARG A 19 22.84 12.22 35.08
CA ARG A 19 23.35 11.68 36.32
C ARG A 19 24.73 11.03 36.15
N ILE A 20 25.09 10.63 34.93
CA ILE A 20 26.40 10.04 34.70
C ILE A 20 27.49 11.09 34.60
N LEU A 21 27.14 12.34 34.36
CA LEU A 21 28.13 13.41 34.24
C LEU A 21 28.55 13.98 35.58
N LYS A 22 27.90 13.58 36.67
CA LYS A 22 28.24 14.08 38.00
C LYS A 22 29.18 13.10 38.67
N PRO A 23 30.40 13.48 38.99
CA PRO A 23 31.25 12.62 39.82
C PRO A 23 30.70 12.46 41.22
N TRP A 24 31.35 11.66 42.05
CA TRP A 24 30.87 11.45 43.42
C TRP A 24 30.90 12.75 44.22
N TRP A 25 31.97 13.53 44.07
CA TRP A 25 32.11 14.74 44.87
C TRP A 25 31.03 15.76 44.53
N ASP A 26 30.57 15.77 43.28
CA ASP A 26 29.46 16.65 42.93
C ASP A 26 28.17 16.26 43.63
N VAL A 27 27.89 14.96 43.75
CA VAL A 27 26.71 14.53 44.50
C VAL A 27 26.86 14.89 45.97
N PHE A 28 28.06 14.69 46.53
CA PHE A 28 28.29 15.04 47.92
C PHE A 28 28.09 16.53 48.15
N THR A 29 28.60 17.36 47.23
CA THR A 29 28.40 18.80 47.36
C THR A 29 26.96 19.20 47.16
N ASP A 30 26.20 18.50 46.31
CA ASP A 30 24.78 18.78 46.19
C ASP A 30 24.06 18.50 47.51
N TYR A 31 24.37 17.37 48.14
CA TYR A 31 23.76 17.08 49.44
C TYR A 31 24.18 18.09 50.51
N ILE A 32 25.46 18.46 50.52
CA ILE A 32 25.95 19.43 51.49
C ILE A 32 25.24 20.77 51.29
N SER A 33 25.09 21.20 50.05
CA SER A 33 24.38 22.44 49.77
C SER A 33 22.91 22.36 50.17
N ILE A 34 22.28 21.20 49.98
CA ILE A 34 20.89 21.05 50.43
C ILE A 34 20.80 21.18 51.94
N VAL A 35 21.72 20.57 52.67
CA VAL A 35 21.69 20.64 54.13
C VAL A 35 21.94 22.07 54.59
N MET A 36 22.91 22.75 53.97
CA MET A 36 23.19 24.14 54.32
C MET A 36 21.99 25.03 54.04
N LEU A 37 21.31 24.81 52.91
CA LEU A 37 20.10 25.55 52.60
C LEU A 37 19.01 25.29 53.64
N MET A 38 18.88 24.04 54.08
CA MET A 38 17.88 23.70 55.08
C MET A 38 18.14 24.43 56.39
N ILE A 39 19.40 24.43 56.84
CA ILE A 39 19.70 25.16 58.08
C ILE A 39 19.59 26.66 57.91
N ALA A 40 19.84 27.18 56.70
CA ALA A 40 19.62 28.59 56.45
C ALA A 40 18.14 28.95 56.56
N VAL A 41 17.27 28.12 55.97
CA VAL A 41 15.83 28.36 56.07
C VAL A 41 15.38 28.29 57.52
N PHE A 42 15.88 27.30 58.26
CA PHE A 42 15.50 27.17 59.66
C PHE A 42 15.96 28.37 60.49
N GLY A 43 17.23 28.75 60.37
CA GLY A 43 17.72 29.91 61.08
C GLY A 43 17.12 31.23 60.60
N GLY A 44 16.55 31.25 59.41
CA GLY A 44 15.92 32.44 58.90
C GLY A 44 14.50 32.60 59.43
N THR A 45 13.73 31.51 59.42
CA THR A 45 12.39 31.59 60.00
C THR A 45 12.48 31.84 61.50
N LEU A 46 13.46 31.22 62.18
CA LEU A 46 13.63 31.48 63.60
C LEU A 46 13.98 32.93 63.87
N GLN A 47 14.89 33.49 63.06
CA GLN A 47 15.26 34.90 63.21
C GLN A 47 14.09 35.82 62.89
N VAL A 48 13.21 35.41 61.98
CA VAL A 48 12.09 36.25 61.59
C VAL A 48 11.02 36.27 62.68
N THR A 49 10.68 35.10 63.22
CA THR A 49 9.49 34.99 64.06
C THR A 49 9.76 35.20 65.55
N GLN A 50 11.02 35.12 66.00
CA GLN A 50 11.28 35.18 67.44
C GLN A 50 12.44 36.06 67.87
N ASP A 51 13.31 36.51 66.97
CA ASP A 51 14.55 37.14 67.38
C ASP A 51 14.26 38.50 68.00
N LYS A 52 14.37 38.59 69.32
CA LYS A 52 14.22 39.84 70.05
C LYS A 52 15.43 40.02 70.95
N MET A 53 15.48 41.19 71.59
CA MET A 53 16.35 41.42 72.74
C MET A 53 15.48 41.73 73.94
N ILE A 54 15.91 41.27 75.11
CA ILE A 54 15.19 41.51 76.35
C ILE A 54 16.08 42.41 77.20
N CYS A 55 15.74 43.69 77.28
CA CYS A 55 16.60 44.68 77.91
C CYS A 55 16.06 45.10 79.26
N LEU A 56 16.97 45.28 80.22
CA LEU A 56 16.66 45.88 81.50
C LEU A 56 17.68 46.99 81.73
N PRO A 57 17.24 48.18 82.12
CA PRO A 57 18.19 49.25 82.44
C PRO A 57 18.95 48.94 83.72
N CYS A 58 20.17 49.47 83.79
CA CYS A 58 21.01 49.33 84.97
C CYS A 58 20.94 50.63 85.77
N LYS A 59 20.53 50.52 87.05
CA LYS A 59 20.34 51.71 87.86
C LYS A 59 21.67 52.32 88.29
N TRP A 60 22.62 51.49 88.68
CA TRP A 60 23.92 51.94 89.18
C TRP A 60 24.96 51.71 88.10
N VAL A 61 25.44 52.80 87.50
CA VAL A 61 26.33 52.76 86.35
C VAL A 61 27.73 53.17 86.81
N THR A 62 28.73 52.42 86.37
CA THR A 62 30.13 52.75 86.59
C THR A 62 30.85 52.74 85.24
N LYS A 63 31.19 53.93 84.75
CA LYS A 63 31.95 54.07 83.50
C LYS A 63 31.22 53.42 82.32
N ASP A 64 29.94 53.80 82.16
CA ASP A 64 29.08 53.27 81.09
C ASP A 64 29.01 51.74 81.16
N SER A 65 28.90 51.21 82.36
CA SER A 65 28.77 49.77 82.55
C SER A 65 27.99 49.51 83.82
N CYS A 66 27.45 48.29 83.92
CA CYS A 66 26.61 47.92 85.04
C CYS A 66 27.48 47.50 86.23
N ASN A 67 27.45 48.30 87.30
CA ASN A 67 28.25 47.99 88.47
C ASN A 67 27.80 46.70 89.14
N ASP A 68 26.48 46.50 89.26
CA ASP A 68 25.91 45.31 89.89
C ASP A 68 26.40 45.16 91.33
N SER A 69 26.13 46.18 92.15
CA SER A 69 26.48 46.15 93.56
C SER A 69 25.67 47.16 94.35
N THR A 93 12.31 40.23 106.26
CA THR A 93 13.15 41.12 105.46
C THR A 93 13.53 40.47 104.14
N GLY A 94 12.54 39.85 103.49
CA GLY A 94 12.76 39.20 102.22
C GLY A 94 13.02 40.19 101.10
N PRO A 95 13.53 39.70 99.98
CA PRO A 95 13.82 40.60 98.86
C PRO A 95 12.55 41.09 98.17
N THR A 96 12.60 42.33 97.72
CA THR A 96 11.51 42.94 96.98
C THR A 96 12.01 43.37 95.61
N GLY A 97 11.15 43.24 94.60
CA GLY A 97 11.55 43.51 93.25
C GLY A 97 11.89 44.97 93.03
N ILE A 98 12.90 45.21 92.19
CA ILE A 98 13.29 46.56 91.83
C ILE A 98 12.24 47.17 90.92
N LYS A 99 12.04 48.48 91.04
CA LYS A 99 11.07 49.19 90.22
C LYS A 99 11.80 50.16 89.31
N TYR A 100 11.63 49.97 88.00
CA TYR A 100 12.23 50.84 87.01
C TYR A 100 11.28 51.91 86.50
N ASP A 101 9.98 51.76 86.77
CA ASP A 101 8.96 52.73 86.35
C ASP A 101 8.94 52.91 84.83
N LEU A 102 9.01 51.80 84.11
CA LEU A 102 8.95 51.79 82.65
C LEU A 102 7.73 51.00 82.21
N ASP A 103 6.86 51.64 81.43
CA ASP A 103 5.74 50.93 80.85
C ASP A 103 6.22 50.00 79.74
N ARG A 104 5.32 49.11 79.31
CA ARG A 104 5.70 48.07 78.36
C ARG A 104 6.23 48.65 77.05
N HIS A 105 5.61 49.73 76.57
CA HIS A 105 6.03 50.29 75.28
C HIS A 105 7.43 50.86 75.34
N GLN A 106 7.84 51.39 76.50
CA GLN A 106 9.22 51.86 76.62
C GLN A 106 10.20 50.71 76.59
N TYR A 107 9.84 49.58 77.19
CA TYR A 107 10.67 48.39 77.06
C TYR A 107 10.76 47.94 75.61
N ASN A 108 9.64 47.98 74.87
CA ASN A 108 9.69 47.62 73.46
C ASN A 108 10.59 48.57 72.68
N TYR A 109 10.51 49.86 72.97
CA TYR A 109 11.33 50.83 72.25
C TYR A 109 12.81 50.63 72.54
N VAL A 110 13.16 50.41 73.80
CA VAL A 110 14.57 50.19 74.13
C VAL A 110 15.05 48.89 73.53
N ASP A 111 14.19 47.87 73.49
CA ASP A 111 14.54 46.62 72.83
C ASP A 111 14.86 46.86 71.36
N ALA A 112 13.99 47.60 70.67
CA ALA A 112 14.20 47.87 69.26
C ALA A 112 15.49 48.64 69.04
N VAL A 113 15.74 49.66 69.86
CA VAL A 113 16.93 50.50 69.67
C VAL A 113 18.20 49.68 69.92
N CYS A 114 18.23 48.95 71.03
CA CYS A 114 19.42 48.16 71.34
C CYS A 114 19.66 47.07 70.30
N TYR A 115 18.58 46.43 69.84
CA TYR A 115 18.72 45.40 68.82
C TYR A 115 19.22 46.00 67.51
N GLU A 116 18.79 47.21 67.18
CA GLU A 116 19.24 47.83 65.94
C GLU A 116 20.69 48.26 66.00
N ASN A 117 21.11 48.85 67.13
CA ASN A 117 22.41 49.50 67.20
C ASN A 117 23.49 48.63 67.80
N ARG A 118 23.29 48.09 69.01
CA ARG A 118 24.34 47.41 69.74
C ARG A 118 24.24 45.90 69.70
N LEU A 119 23.80 45.34 68.58
CA LEU A 119 23.92 43.91 68.32
C LEU A 119 24.68 43.72 67.02
N HIS A 120 25.73 42.91 67.05
CA HIS A 120 26.59 42.77 65.89
C HIS A 120 25.83 42.18 64.72
N TRP A 121 26.11 42.69 63.52
CA TRP A 121 25.35 42.31 62.34
C TRP A 121 25.40 40.81 62.10
N PHE A 122 26.54 40.17 62.41
CA PHE A 122 26.63 38.74 62.15
C PHE A 122 25.68 37.94 63.03
N ALA A 123 25.31 38.46 64.19
CA ALA A 123 24.33 37.76 65.01
C ALA A 123 22.93 37.86 64.42
N LYS A 124 22.64 38.94 63.70
CA LYS A 124 21.32 39.16 63.12
C LYS A 124 21.20 38.57 61.72
N TYR A 125 22.18 38.82 60.87
CA TYR A 125 22.12 38.46 59.45
C TYR A 125 22.86 37.18 59.14
N PHE A 126 23.04 36.30 60.13
CA PHE A 126 23.68 35.02 59.86
C PHE A 126 22.87 34.15 58.90
N PRO A 127 21.57 33.89 59.13
CA PRO A 127 20.85 33.02 58.19
C PRO A 127 20.76 33.57 56.78
N TYR A 128 20.64 34.89 56.62
CA TYR A 128 20.57 35.46 55.28
C TYR A 128 21.89 35.30 54.55
N LEU A 129 23.00 35.50 55.26
CA LEU A 129 24.30 35.26 54.65
C LEU A 129 24.48 33.80 54.27
N VAL A 130 24.03 32.88 55.13
CA VAL A 130 24.12 31.46 54.80
C VAL A 130 23.29 31.15 53.55
N LEU A 131 22.09 31.72 53.47
CA LEU A 131 21.23 31.49 52.31
C LEU A 131 21.88 32.04 51.04
N LEU A 132 22.46 33.24 51.12
CA LEU A 132 23.12 33.81 49.96
C LEU A 132 24.30 32.96 49.52
N HIS A 133 25.11 32.49 50.47
CA HIS A 133 26.27 31.67 50.13
C HIS A 133 25.84 30.35 49.51
N THR A 134 24.77 29.74 50.04
CA THR A 134 24.29 28.50 49.44
C THR A 134 23.73 28.72 48.05
N LEU A 135 23.01 29.84 47.84
CA LEU A 135 22.49 30.13 46.51
C LEU A 135 23.61 30.29 45.51
N ILE A 136 24.66 31.03 45.87
CA ILE A 136 25.76 31.20 44.92
C ILE A 136 26.56 29.92 44.74
N PHE A 137 26.68 29.09 45.79
CA PHE A 137 27.31 27.78 45.62
C PHE A 137 26.53 26.92 44.63
N LEU A 138 25.21 26.88 44.76
CA LEU A 138 24.39 26.11 43.83
C LEU A 138 24.46 26.67 42.43
N ALA A 139 24.52 28.00 42.30
CA ALA A 139 24.67 28.61 40.98
C ALA A 139 25.99 28.21 40.34
N CYS A 140 27.07 28.19 41.12
CA CYS A 140 28.35 27.75 40.60
C CYS A 140 28.31 26.27 40.21
N SER A 141 27.65 25.44 41.01
CA SER A 141 27.62 24.00 40.73
C SER A 141 26.93 23.70 39.41
N ASN A 142 25.79 24.35 39.14
CA ASN A 142 24.97 24.02 37.99
C ASN A 142 25.04 25.09 36.90
N PHE A 143 26.14 25.85 36.84
CA PHE A 143 26.23 26.89 35.82
C PHE A 143 26.48 26.30 34.44
N TRP A 144 27.28 25.24 34.36
CA TRP A 144 27.58 24.65 33.07
C TRP A 144 26.42 23.85 32.51
N PHE A 145 25.49 23.41 33.35
CA PHE A 145 24.32 22.69 32.86
C PHE A 145 23.30 23.64 32.25
N LYS A 146 23.17 24.85 32.80
CA LYS A 146 22.19 25.80 32.32
C LYS A 146 22.76 26.79 31.31
N PHE A 147 24.08 26.80 31.12
CA PHE A 147 24.67 27.66 30.10
C PHE A 147 24.51 26.98 28.75
N PRO A 148 23.74 27.56 27.83
CA PRO A 148 23.38 26.83 26.60
C PRO A 148 24.58 26.42 25.76
N ARG A 149 25.63 27.24 25.72
CA ARG A 149 26.78 26.93 24.89
C ARG A 149 27.43 25.62 25.32
N THR A 150 27.55 25.39 26.63
CA THR A 150 28.08 24.14 27.14
C THR A 150 26.99 23.13 27.48
N SER A 151 25.74 23.55 27.56
CA SER A 151 24.66 22.57 27.75
C SER A 151 24.45 21.76 26.48
N SER A 152 24.54 22.40 25.32
CA SER A 152 24.34 21.68 24.06
C SER A 152 25.38 20.58 23.88
N LYS A 153 26.65 20.90 24.16
CA LYS A 153 27.70 19.92 23.99
C LYS A 153 27.52 18.73 24.94
N LEU A 154 27.20 19.00 26.19
CA LEU A 154 27.00 17.93 27.15
C LEU A 154 25.82 17.05 26.75
N GLU A 155 24.71 17.66 26.34
CA GLU A 155 23.54 16.86 25.98
C GLU A 155 23.79 16.06 24.72
N HIS A 156 24.50 16.62 23.73
CA HIS A 156 24.83 15.87 22.53
C HIS A 156 25.76 14.71 22.85
N PHE A 157 26.77 14.97 23.69
CA PHE A 157 27.71 13.92 24.06
C PHE A 157 27.02 12.79 24.79
N VAL A 158 26.15 13.10 25.75
CA VAL A 158 25.47 12.02 26.46
C VAL A 158 24.48 11.30 25.54
N SER A 159 23.83 12.02 24.61
CA SER A 159 22.94 11.35 23.67
C SER A 159 23.70 10.36 22.81
N ILE A 160 24.88 10.73 22.34
CA ILE A 160 25.67 9.82 21.51
C ILE A 160 26.21 8.66 22.35
N LEU A 161 26.70 8.97 23.56
CA LEU A 161 27.32 7.93 24.38
C LEU A 161 26.31 6.90 24.86
N LEU A 162 25.08 7.32 25.14
CA LEU A 162 24.08 6.38 25.60
C LEU A 162 23.75 5.35 24.54
N LYS A 163 23.61 5.77 23.29
CA LYS A 163 23.33 4.83 22.21
C LYS A 163 24.56 4.06 21.79
N CYS A 164 25.76 4.63 21.94
CA CYS A 164 26.96 3.84 21.75
C CYS A 164 27.04 2.70 22.77
N PHE A 165 26.69 2.99 24.02
CA PHE A 165 26.59 1.94 25.03
C PHE A 165 25.49 0.95 24.69
N ASP A 166 24.47 1.40 23.96
CA ASP A 166 23.32 0.57 23.59
C ASP A 166 23.50 -0.12 22.23
N SER A 167 24.63 0.07 21.57
CA SER A 167 24.81 -0.47 20.23
C SER A 167 24.85 -1.99 20.27
N PRO A 168 24.02 -2.68 19.49
CA PRO A 168 24.10 -4.15 19.44
C PRO A 168 25.41 -4.68 18.89
N TRP A 169 26.18 -3.85 18.18
CA TRP A 169 27.48 -4.28 17.70
C TRP A 169 28.56 -4.15 18.76
N THR A 170 28.37 -3.26 19.75
CA THR A 170 29.37 -3.11 20.81
C THR A 170 29.54 -4.40 21.59
N THR A 171 28.42 -5.04 21.97
CA THR A 171 28.53 -6.27 22.73
C THR A 171 29.23 -7.37 21.93
N ARG A 172 28.92 -7.49 20.64
CA ARG A 172 29.59 -8.50 19.82
C ARG A 172 31.08 -8.21 19.70
N ALA A 173 31.43 -6.97 19.41
CA ALA A 173 32.84 -6.61 19.23
C ALA A 173 33.63 -6.83 20.51
N LEU A 174 33.06 -6.46 21.66
CA LEU A 174 33.77 -6.62 22.92
C LEU A 174 33.79 -8.06 23.40
N SER A 175 32.76 -8.86 23.07
CA SER A 175 32.84 -10.29 23.31
C SER A 175 33.97 -10.92 22.51
N GLU A 176 34.11 -10.50 21.24
CA GLU A 176 35.30 -10.90 20.49
C GLU A 176 36.52 -10.12 20.95
N THR A 177 36.31 -8.94 21.53
CA THR A 177 37.39 -8.10 22.06
C THR A 177 38.45 -7.79 21.02
N GLY A 231 29.19 -15.85 13.45
CA GLY A 231 28.47 -14.63 13.77
C GLY A 231 27.55 -14.16 12.65
N VAL A 232 26.30 -13.90 13.00
CA VAL A 232 25.29 -13.46 12.05
C VAL A 232 24.58 -12.23 12.62
N LEU A 233 24.53 -11.16 11.83
CA LEU A 233 23.93 -9.91 12.25
C LEU A 233 22.95 -9.43 11.19
N ASP A 234 21.89 -8.77 11.64
CA ASP A 234 20.89 -8.23 10.73
C ASP A 234 21.49 -7.12 9.87
N LYS A 235 20.97 -6.99 8.66
CA LYS A 235 21.42 -5.92 7.77
C LYS A 235 21.05 -4.56 8.36
N LYS A 236 19.86 -4.45 8.93
CA LYS A 236 19.39 -3.17 9.48
C LYS A 236 20.29 -2.71 10.62
N GLU A 237 20.65 -3.63 11.52
CA GLU A 237 21.53 -3.25 12.63
C GLU A 237 22.93 -2.92 12.13
N GLY A 238 23.36 -3.53 11.02
CA GLY A 238 24.62 -3.13 10.41
C GLY A 238 24.57 -1.71 9.88
N GLU A 239 23.46 -1.34 9.24
CA GLU A 239 23.30 0.04 8.81
C GLU A 239 23.28 0.99 10.01
N GLN A 240 22.64 0.56 11.10
CA GLN A 240 22.64 1.36 12.32
C GLN A 240 24.04 1.58 12.84
N ALA A 241 24.86 0.51 12.83
CA ALA A 241 26.24 0.62 13.29
C ALA A 241 27.04 1.57 12.40
N LYS A 242 26.83 1.48 11.08
CA LYS A 242 27.53 2.38 10.17
C LYS A 242 27.13 3.83 10.42
N ALA A 243 25.83 4.07 10.60
CA ALA A 243 25.36 5.43 10.88
C ALA A 243 25.93 5.94 12.20
N LEU A 244 26.04 5.07 13.20
CA LEU A 244 26.61 5.47 14.48
C LEU A 244 28.10 5.74 14.37
N PHE A 245 28.81 5.03 13.50
CA PHE A 245 30.21 5.38 13.21
C PHE A 245 30.30 6.76 12.59
N GLU A 246 29.41 7.05 11.63
CA GLU A 246 29.40 8.38 11.03
C GLU A 246 29.14 9.45 12.07
N LYS A 247 28.17 9.21 12.95
CA LYS A 247 27.84 10.18 13.99
C LYS A 247 29.01 10.40 14.93
N VAL A 248 29.72 9.33 15.29
CA VAL A 248 30.88 9.47 16.16
C VAL A 248 31.96 10.30 15.49
N LYS A 249 32.21 10.04 14.20
CA LYS A 249 33.23 10.82 13.48
C LYS A 249 32.86 12.30 13.44
N LYS A 250 31.61 12.61 13.09
CA LYS A 250 31.18 14.00 13.04
C LYS A 250 31.26 14.65 14.42
N PHE A 251 30.86 13.90 15.46
CA PHE A 251 30.91 14.43 16.82
C PHE A 251 32.34 14.76 17.23
N ARG A 252 33.28 13.86 16.93
CA ARG A 252 34.67 14.14 17.26
C ARG A 252 35.19 15.35 16.48
N THR A 253 34.78 15.47 15.22
CA THR A 253 35.19 16.64 14.44
C THR A 253 34.67 17.93 15.07
N HIS A 254 33.43 17.91 15.55
CA HIS A 254 32.81 19.13 16.08
C HIS A 254 33.35 19.48 17.46
N VAL A 255 33.59 18.48 18.32
CA VAL A 255 33.78 18.73 19.75
C VAL A 255 35.20 19.16 20.05
N GLU A 256 36.19 18.49 19.46
CA GLU A 256 37.57 18.69 19.87
C GLU A 256 38.05 20.11 19.66
N GLU A 257 37.38 20.90 18.83
CA GLU A 257 37.73 22.30 18.64
C GLU A 257 37.29 23.18 19.80
N GLY A 258 36.36 22.72 20.64
CA GLY A 258 35.71 23.57 21.60
C GLY A 258 36.56 24.21 22.68
N ASP A 259 37.08 23.40 23.60
CA ASP A 259 37.84 23.88 24.76
C ASP A 259 37.03 24.90 25.56
N ILE A 260 35.76 24.58 25.80
CA ILE A 260 34.86 25.45 26.54
C ILE A 260 34.32 24.78 27.80
N VAL A 261 33.99 23.48 27.72
CA VAL A 261 33.49 22.78 28.91
C VAL A 261 34.59 22.70 29.97
N TYR A 262 35.83 22.44 29.55
CA TYR A 262 36.92 22.39 30.51
C TYR A 262 37.15 23.73 31.17
N ARG A 263 37.07 24.81 30.41
CA ARG A 263 37.25 26.14 30.99
C ARG A 263 36.18 26.44 32.03
N LEU A 264 34.93 26.10 31.73
CA LEU A 264 33.84 26.34 32.67
C LEU A 264 34.01 25.49 33.93
N TYR A 265 34.35 24.21 33.76
CA TYR A 265 34.50 23.34 34.92
C TYR A 265 35.77 23.66 35.70
N MET A 266 36.68 24.43 35.11
CA MET A 266 37.82 24.95 35.86
C MET A 266 37.42 26.18 36.66
N ARG A 267 36.76 27.13 36.00
CA ARG A 267 36.42 28.39 36.66
C ARG A 267 35.40 28.18 37.77
N GLN A 268 34.47 27.25 37.59
CA GLN A 268 33.50 26.97 38.64
C GLN A 268 34.19 26.51 39.92
N THR A 269 35.11 25.55 39.80
CA THR A 269 35.80 25.04 40.98
C THR A 269 36.73 26.10 41.57
N ILE A 270 37.35 26.92 40.72
CA ILE A 270 38.19 28.01 41.24
C ILE A 270 37.36 28.96 42.10
N ILE A 271 36.19 29.36 41.58
CA ILE A 271 35.33 30.28 42.32
C ILE A 271 34.84 29.63 43.60
N LYS A 272 34.48 28.35 43.55
CA LYS A 272 34.04 27.67 44.77
C LYS A 272 35.14 27.67 45.81
N VAL A 273 36.38 27.39 45.41
CA VAL A 273 37.47 27.33 46.38
C VAL A 273 37.73 28.71 46.98
N ILE A 274 37.79 29.75 46.15
CA ILE A 274 38.09 31.07 46.68
C ILE A 274 36.97 31.55 47.61
N LYS A 275 35.71 31.24 47.27
CA LYS A 275 34.62 31.68 48.12
C LYS A 275 34.56 30.88 49.41
N PHE A 276 34.92 29.60 49.37
CA PHE A 276 35.06 28.83 50.60
C PHE A 276 36.11 29.45 51.51
N ALA A 277 37.24 29.84 50.93
CA ALA A 277 38.27 30.50 51.72
C ALA A 277 37.75 31.79 52.34
N LEU A 278 37.05 32.60 51.56
CA LEU A 278 36.55 33.89 52.08
C LEU A 278 35.51 33.68 53.18
N ILE A 279 34.61 32.72 53.00
CA ILE A 279 33.53 32.53 53.98
C ILE A 279 33.95 31.65 55.14
N ILE A 280 35.16 31.08 55.11
CA ILE A 280 35.76 30.62 56.36
C ILE A 280 36.44 31.78 57.07
N CYS A 281 37.20 32.58 56.30
CA CYS A 281 37.94 33.69 56.88
C CYS A 281 37.05 34.63 57.66
N TYR A 282 36.07 35.24 56.99
CA TYR A 282 35.23 36.23 57.68
C TYR A 282 34.40 35.57 58.77
N THR A 283 33.84 34.38 58.49
CA THR A 283 32.94 33.74 59.45
C THR A 283 33.67 33.44 60.75
N VAL A 284 34.68 32.57 60.70
CA VAL A 284 35.34 32.13 61.93
C VAL A 284 35.85 33.32 62.73
N TYR A 285 36.24 34.39 62.04
CA TYR A 285 36.63 35.61 62.74
C TYR A 285 35.46 36.24 63.48
N TYR A 286 34.29 36.30 62.84
CA TYR A 286 33.15 37.01 63.43
C TYR A 286 32.26 36.15 64.30
N VAL A 287 32.52 34.84 64.38
CA VAL A 287 31.61 33.95 65.10
C VAL A 287 31.54 34.27 66.60
N HIS A 288 32.56 34.94 67.14
CA HIS A 288 32.56 35.23 68.57
C HIS A 288 31.57 36.32 68.96
N ASN A 289 31.14 37.15 68.00
CA ASN A 289 30.25 38.25 68.32
C ASN A 289 28.87 37.79 68.77
N ILE A 290 28.54 36.51 68.56
CA ILE A 290 27.27 35.98 69.03
C ILE A 290 27.38 35.71 70.52
N LYS A 291 26.74 36.56 71.33
CA LYS A 291 26.79 36.46 72.78
C LYS A 291 25.38 36.49 73.33
N PHE A 292 25.15 35.71 74.40
CA PHE A 292 23.82 35.65 74.99
C PHE A 292 23.39 36.99 75.56
N ASP A 293 24.32 37.70 76.20
CA ASP A 293 24.02 38.96 76.86
C ASP A 293 24.92 40.05 76.30
N VAL A 294 24.33 41.22 76.05
CA VAL A 294 25.05 42.38 75.55
C VAL A 294 24.73 43.56 76.45
N ASP A 295 25.57 44.58 76.42
CA ASP A 295 25.34 45.83 77.13
C ASP A 295 25.33 46.95 76.11
N CYS A 296 24.22 47.69 76.05
CA CYS A 296 24.08 48.77 75.09
C CYS A 296 23.99 50.11 75.82
N THR A 297 24.87 51.02 75.46
CA THR A 297 24.76 52.43 75.83
C THR A 297 24.16 53.22 74.67
N VAL A 298 22.90 52.91 74.35
CA VAL A 298 22.25 53.49 73.19
C VAL A 298 22.07 54.99 73.33
N ASP A 299 22.18 55.52 74.54
CA ASP A 299 22.19 56.96 74.80
C ASP A 299 20.90 57.62 74.34
N ILE A 300 19.79 57.16 74.91
CA ILE A 300 18.50 57.84 74.80
C ILE A 300 17.96 57.98 76.22
N GLU A 301 18.26 59.11 76.85
CA GLU A 301 17.70 59.41 78.16
C GLU A 301 16.43 60.23 78.06
N SER A 302 16.33 61.07 77.03
CA SER A 302 15.16 61.93 76.87
C SER A 302 13.88 61.14 76.65
N LEU A 303 13.99 59.87 76.28
CA LEU A 303 12.83 59.02 76.01
C LEU A 303 12.55 58.02 77.12
N THR A 304 13.59 57.44 77.73
CA THR A 304 13.41 56.47 78.80
C THR A 304 13.93 56.94 80.14
N GLY A 305 15.09 57.61 80.16
CA GLY A 305 15.64 58.12 81.39
C GLY A 305 16.81 57.36 81.97
N TYR A 306 17.34 56.38 81.25
CA TYR A 306 18.48 55.59 81.72
C TYR A 306 19.65 55.75 80.75
N ARG A 307 20.83 55.35 81.23
CA ARG A 307 22.06 55.48 80.46
C ARG A 307 22.38 54.21 79.67
N THR A 308 22.58 53.10 80.38
CA THR A 308 23.00 51.85 79.77
C THR A 308 22.04 50.74 80.17
N TYR A 309 21.89 49.75 79.30
CA TYR A 309 20.99 48.64 79.51
C TYR A 309 21.74 47.33 79.29
N ARG A 310 21.33 46.30 80.03
CA ARG A 310 21.81 44.95 79.82
C ARG A 310 20.69 44.13 79.20
N CYS A 311 20.99 43.46 78.10
CA CYS A 311 19.98 42.76 77.34
C CYS A 311 20.40 41.33 77.09
N ALA A 312 19.41 40.44 77.08
CA ALA A 312 19.58 39.04 76.76
C ALA A 312 19.11 38.79 75.33
N HIS A 313 19.91 38.02 74.59
CA HIS A 313 19.59 37.62 73.22
C HIS A 313 19.24 36.15 73.23
N PRO A 314 17.96 35.81 73.35
CA PRO A 314 17.57 34.42 73.63
C PRO A 314 18.02 33.42 72.59
N LEU A 315 18.17 33.83 71.34
CA LEU A 315 18.56 32.93 70.26
C LEU A 315 20.06 32.84 70.07
N ALA A 316 20.85 33.53 70.89
CA ALA A 316 22.30 33.60 70.67
C ALA A 316 22.93 32.21 70.73
N THR A 317 22.55 31.41 71.73
CA THR A 317 23.17 30.09 71.86
C THR A 317 22.84 29.21 70.66
N LEU A 318 21.57 29.19 70.25
CA LEU A 318 21.18 28.39 69.11
C LEU A 318 21.85 28.89 67.83
N PHE A 319 21.96 30.21 67.69
CA PHE A 319 22.63 30.74 66.51
C PHE A 319 24.09 30.37 66.50
N LYS A 320 24.73 30.33 67.66
CA LYS A 320 26.12 29.88 67.72
C LYS A 320 26.24 28.41 67.34
N ILE A 321 25.30 27.59 67.81
CA ILE A 321 25.31 26.18 67.43
C ILE A 321 25.18 26.02 65.92
N LEU A 322 24.24 26.75 65.34
CA LEU A 322 24.03 26.67 63.89
C LEU A 322 25.23 27.23 63.13
N ALA A 323 25.88 28.25 63.67
CA ALA A 323 27.06 28.80 63.02
C ALA A 323 28.19 27.80 63.00
N SER A 324 28.39 27.09 64.12
CA SER A 324 29.43 26.05 64.14
C SER A 324 29.08 24.93 63.17
N PHE A 325 27.81 24.52 63.12
CA PHE A 325 27.43 23.48 62.16
C PHE A 325 27.67 23.94 60.73
N TYR A 326 27.32 25.19 60.43
CA TYR A 326 27.49 25.72 59.09
C TYR A 326 28.97 25.82 58.71
N ILE A 327 29.83 26.24 59.64
CA ILE A 327 31.25 26.31 59.31
C ILE A 327 31.85 24.92 59.15
N SER A 328 31.38 23.92 59.91
CA SER A 328 31.84 22.56 59.67
C SER A 328 31.45 22.09 58.27
N LEU A 329 30.21 22.35 57.87
CA LEU A 329 29.78 21.97 56.53
C LEU A 329 30.58 22.71 55.47
N VAL A 330 30.87 24.00 55.69
CA VAL A 330 31.66 24.76 54.74
C VAL A 330 33.08 24.22 54.67
N ILE A 331 33.62 23.75 55.80
CA ILE A 331 34.96 23.16 55.78
C ILE A 331 34.96 21.89 54.94
N PHE A 332 33.94 21.05 55.10
CA PHE A 332 33.85 19.85 54.26
C PHE A 332 33.72 20.23 52.78
N TYR A 333 32.89 21.23 52.50
CA TYR A 333 32.71 21.69 51.13
C TYR A 333 34.02 22.16 50.53
N GLY A 334 34.79 22.93 51.30
CA GLY A 334 36.07 23.42 50.82
C GLY A 334 37.09 22.32 50.62
N LEU A 335 37.11 21.34 51.53
CA LEU A 335 38.00 20.20 51.34
C LEU A 335 37.69 19.48 50.03
N ILE A 336 36.41 19.22 49.79
CA ILE A 336 36.02 18.54 48.56
C ILE A 336 36.39 19.37 47.33
N CYS A 337 36.14 20.68 47.39
CA CYS A 337 36.44 21.53 46.25
C CYS A 337 37.94 21.60 45.97
N MET A 338 38.77 21.70 47.03
CA MET A 338 40.21 21.72 46.82
C MET A 338 40.70 20.38 46.29
N TYR A 339 40.11 19.28 46.76
CA TYR A 339 40.44 17.98 46.20
C TYR A 339 40.13 17.93 44.71
N THR A 340 38.97 18.45 44.32
CA THR A 340 38.60 18.45 42.91
C THR A 340 39.54 19.32 42.10
N LEU A 341 39.95 20.47 42.65
CA LEU A 341 40.89 21.33 41.97
C LEU A 341 42.23 20.62 41.75
N TRP A 342 42.73 19.94 42.78
CA TRP A 342 43.97 19.20 42.65
C TRP A 342 43.84 18.07 41.63
N TRP A 343 42.71 17.35 41.66
CA TRP A 343 42.49 16.26 40.71
C TRP A 343 42.45 16.78 39.28
N MET A 344 41.77 17.90 39.06
CA MET A 344 41.72 18.51 37.75
C MET A 344 43.06 19.13 37.34
N LEU A 345 43.97 19.36 38.29
CA LEU A 345 45.28 19.91 37.99
C LEU A 345 46.39 18.88 38.17
N ARG A 346 46.05 17.59 38.18
CA ARG A 346 47.03 16.51 38.31
C ARG A 346 47.35 15.85 36.97
N ARG A 347 46.32 15.35 36.28
CA ARG A 347 46.51 14.51 35.10
C ARG A 347 46.51 15.28 33.79
N SER A 348 46.33 16.60 33.82
CA SER A 348 46.27 17.43 32.63
C SER A 348 45.15 16.94 31.70
N LEU A 349 43.92 17.11 32.19
CA LEU A 349 42.73 16.50 31.60
C LEU A 349 42.46 16.95 30.17
N LYS A 350 43.29 17.85 29.64
CA LYS A 350 43.13 18.27 28.26
C LYS A 350 43.46 17.18 27.25
N LYS A 351 44.09 16.08 27.68
CA LYS A 351 44.45 15.00 26.79
C LYS A 351 44.20 13.66 27.47
N TYR A 352 43.60 12.74 26.74
CA TYR A 352 43.28 11.40 27.24
C TYR A 352 44.26 10.42 26.64
N SER A 353 44.93 9.63 27.50
CA SER A 353 45.96 8.73 27.02
C SER A 353 45.38 7.62 26.15
N PHE A 354 44.32 6.97 26.63
CA PHE A 354 43.58 5.97 25.85
C PHE A 354 44.46 4.80 25.42
N GLU A 355 45.35 4.35 26.30
CA GLU A 355 46.31 3.31 25.93
C GLU A 355 46.00 1.94 26.51
N SER A 356 45.35 1.86 27.68
CA SER A 356 45.09 0.56 28.28
C SER A 356 44.11 -0.25 27.45
N ILE A 357 43.02 0.39 27.01
CA ILE A 357 42.01 -0.32 26.25
C ILE A 357 42.56 -0.77 24.90
N ARG A 358 43.31 0.11 24.21
CA ARG A 358 43.90 -0.29 22.94
C ARG A 358 44.96 -1.37 23.13
N GLU A 359 45.61 -1.38 24.30
CA GLU A 359 46.62 -2.39 24.59
C GLU A 359 46.00 -3.75 24.92
N GLU A 360 44.80 -3.77 25.47
CA GLU A 360 44.13 -5.01 25.83
C GLU A 360 43.23 -5.57 24.73
N SER A 361 42.48 -4.73 24.03
CA SER A 361 41.48 -5.16 23.06
C SER A 361 42.01 -5.25 21.64
N SER A 362 43.29 -4.94 21.42
CA SER A 362 43.92 -5.05 20.11
C SER A 362 43.24 -4.16 19.07
N TYR A 363 43.06 -2.89 19.42
CA TYR A 363 42.63 -1.85 18.48
C TYR A 363 43.62 -0.70 18.61
N SER A 364 44.74 -0.80 17.89
CA SER A 364 45.78 0.21 18.02
C SER A 364 45.43 1.51 17.32
N ASP A 365 44.43 1.51 16.44
CA ASP A 365 44.06 2.70 15.68
C ASP A 365 43.09 3.59 16.46
N ILE A 366 43.52 4.04 17.64
CA ILE A 366 42.71 4.93 18.47
C ILE A 366 43.56 6.15 18.83
N PRO A 367 43.59 7.19 18.00
CA PRO A 367 44.35 8.39 18.36
C PRO A 367 43.78 9.05 19.60
N ASP A 368 44.68 9.62 20.40
CA ASP A 368 44.27 10.28 21.64
C ASP A 368 43.43 11.52 21.32
N VAL A 369 42.32 11.66 22.04
CA VAL A 369 41.41 12.77 21.77
C VAL A 369 42.01 14.07 22.26
N LYS A 370 41.50 15.18 21.73
CA LYS A 370 42.01 16.50 22.02
C LYS A 370 41.28 17.10 23.22
N ASN A 371 41.48 18.40 23.43
CA ASN A 371 40.82 19.10 24.53
C ASN A 371 39.31 19.10 24.35
N ASP A 372 38.61 19.14 25.48
CA ASP A 372 37.14 19.23 25.56
C ASP A 372 36.50 17.90 25.18
N PHE A 373 37.30 16.93 24.73
CA PHE A 373 36.82 15.58 24.52
C PHE A 373 37.49 14.58 25.45
N ALA A 374 38.72 14.87 25.88
CA ALA A 374 39.32 14.08 26.94
C ALA A 374 38.61 14.31 28.26
N PHE A 375 38.08 15.52 28.45
CA PHE A 375 37.47 15.88 29.74
C PHE A 375 36.16 15.11 29.97
N MET A 376 35.30 15.05 28.95
CA MET A 376 34.06 14.31 29.10
C MET A 376 34.32 12.84 29.35
N LEU A 377 35.31 12.27 28.64
CA LEU A 377 35.70 10.88 28.91
C LEU A 377 36.23 10.72 30.33
N HIS A 378 36.99 11.70 30.82
CA HIS A 378 37.49 11.63 32.19
C HIS A 378 36.34 11.60 33.19
N LEU A 379 35.34 12.47 32.98
CA LEU A 379 34.21 12.50 33.90
C LEU A 379 33.41 11.20 33.84
N ILE A 380 33.18 10.69 32.63
CA ILE A 380 32.50 9.40 32.49
C ILE A 380 33.28 8.30 33.18
N ASP A 381 34.60 8.33 33.06
CA ASP A 381 35.45 7.35 33.74
C ASP A 381 35.30 7.48 35.25
N GLN A 382 35.23 8.71 35.76
CA GLN A 382 34.92 8.92 37.16
C GLN A 382 33.59 8.29 37.53
N TYR A 383 32.61 8.32 36.62
CA TYR A 383 31.38 7.58 36.87
C TYR A 383 31.57 6.09 36.63
N ASP A 384 31.98 5.71 35.41
CA ASP A 384 32.15 4.31 35.06
C ASP A 384 33.04 4.17 33.83
N PRO A 385 34.15 3.43 33.93
CA PRO A 385 35.01 3.21 32.75
C PRO A 385 34.33 2.44 31.64
N LEU A 386 33.27 1.70 31.95
CA LEU A 386 32.63 0.84 30.95
C LEU A 386 32.12 1.64 29.76
N TYR A 387 31.55 2.83 30.02
CA TYR A 387 31.08 3.66 28.91
C TYR A 387 32.23 4.14 28.03
N SER A 388 33.36 4.51 28.64
CA SER A 388 34.52 4.91 27.85
C SER A 388 35.02 3.76 26.98
N LYS A 389 35.06 2.55 27.54
CA LYS A 389 35.48 1.40 26.74
C LYS A 389 34.48 1.12 25.61
N ARG A 390 33.18 1.20 25.90
CA ARG A 390 32.16 0.98 24.87
C ARG A 390 32.14 2.09 23.83
N PHE A 391 32.74 3.24 24.13
CA PHE A 391 32.85 4.32 23.16
C PHE A 391 34.12 4.22 22.33
N ALA A 392 35.19 3.68 22.90
CA ALA A 392 36.45 3.55 22.17
C ALA A 392 36.31 2.65 20.95
N VAL A 393 35.47 1.62 21.01
CA VAL A 393 35.33 0.70 19.88
C VAL A 393 34.83 1.46 18.66
N PHE A 394 33.88 2.38 18.85
CA PHE A 394 33.43 3.22 17.76
C PHE A 394 34.44 4.31 17.42
N LEU A 395 35.23 4.74 18.40
CA LEU A 395 36.24 5.76 18.12
C LEU A 395 37.40 5.22 17.29
N SER A 396 37.57 3.89 17.22
CA SER A 396 38.72 3.31 16.53
C SER A 396 38.47 3.25 15.03
N GLU A 397 39.47 2.71 14.32
CA GLU A 397 39.41 2.55 12.87
C GLU A 397 39.38 1.09 12.42
N VAL A 398 40.07 0.21 13.14
CA VAL A 398 40.03 -1.22 12.81
C VAL A 398 38.62 -1.76 12.93
N SER A 399 37.91 -1.36 13.99
CA SER A 399 36.53 -1.79 14.17
C SER A 399 35.65 -1.35 13.02
N GLU A 400 35.93 -0.18 12.43
CA GLU A 400 35.16 0.28 11.28
C GLU A 400 35.31 -0.68 10.10
N ASN A 401 36.54 -1.03 9.76
CA ASN A 401 36.77 -1.95 8.65
C ASN A 401 36.19 -3.33 8.95
N LYS A 402 36.31 -3.79 10.19
CA LYS A 402 35.75 -5.09 10.55
C LYS A 402 34.23 -5.08 10.42
N LEU A 403 33.59 -3.99 10.84
CA LEU A 403 32.14 -3.88 10.69
C LEU A 403 31.75 -3.87 9.21
N ARG A 404 32.52 -3.16 8.39
CA ARG A 404 32.25 -3.14 6.96
C ARG A 404 32.37 -4.54 6.37
N GLN A 405 33.41 -5.28 6.77
CA GLN A 405 33.58 -6.65 6.30
C GLN A 405 32.43 -7.54 6.74
N LEU A 406 31.98 -7.38 7.98
CA LEU A 406 30.85 -8.18 8.46
C LEU A 406 29.57 -7.86 7.70
N ASN A 407 29.35 -6.58 7.42
CA ASN A 407 28.19 -6.20 6.61
C ASN A 407 28.25 -6.81 5.22
N LEU A 408 29.44 -6.79 4.60
CA LEU A 408 29.60 -7.37 3.28
C LEU A 408 29.39 -8.88 3.33
N ASN A 409 29.90 -9.55 4.37
CA ASN A 409 29.71 -10.99 4.50
C ASN A 409 28.25 -11.35 4.68
N ASN A 410 27.53 -10.59 5.50
CA ASN A 410 26.09 -10.81 5.63
C ASN A 410 25.37 -10.53 4.32
N GLU A 411 25.90 -9.59 3.52
CA GLU A 411 25.30 -9.29 2.23
C GLU A 411 25.39 -10.47 1.27
N TRP A 412 26.55 -11.13 1.21
CA TRP A 412 26.79 -12.24 0.30
C TRP A 412 26.91 -13.53 1.10
N THR A 413 25.86 -14.35 1.07
CA THR A 413 25.94 -15.67 1.66
C THR A 413 26.73 -16.60 0.75
N LEU A 414 27.19 -17.73 1.31
CA LEU A 414 27.95 -18.69 0.53
C LEU A 414 27.11 -19.27 -0.61
N ASP A 415 25.84 -19.59 -0.34
CA ASP A 415 25.02 -20.19 -1.39
C ASP A 415 24.64 -19.17 -2.45
N LYS A 416 24.37 -17.92 -2.04
CA LYS A 416 24.10 -16.87 -3.02
C LYS A 416 25.36 -16.55 -3.81
N LEU A 417 26.51 -16.59 -3.16
CA LEU A 417 27.78 -16.45 -3.88
C LEU A 417 27.95 -17.55 -4.92
N ARG A 418 27.64 -18.79 -4.54
CA ARG A 418 27.73 -19.90 -5.48
C ARG A 418 26.73 -19.73 -6.63
N GLN A 419 25.59 -19.13 -6.34
CA GLN A 419 24.57 -18.93 -7.37
C GLN A 419 25.06 -18.01 -8.48
N ARG A 420 25.96 -17.08 -8.16
CA ARG A 420 26.50 -16.16 -9.14
C ARG A 420 27.77 -16.69 -9.81
N LEU A 421 28.22 -17.87 -9.43
CA LEU A 421 29.39 -18.47 -10.06
C LEU A 421 29.04 -18.97 -11.45
N THR A 422 29.90 -18.66 -12.43
CA THR A 422 29.66 -19.01 -13.82
C THR A 422 30.93 -19.55 -14.45
N LYS A 423 30.79 -20.03 -15.69
CA LYS A 423 31.90 -20.55 -16.48
C LYS A 423 32.21 -19.61 -17.62
N ASN A 424 33.50 -19.40 -17.89
CA ASN A 424 33.93 -18.46 -18.90
C ASN A 424 34.09 -19.16 -20.24
N ALA A 425 34.66 -18.45 -21.22
CA ALA A 425 34.83 -19.00 -22.56
C ALA A 425 35.98 -19.99 -22.64
N GLN A 426 37.02 -19.81 -21.81
CA GLN A 426 38.20 -20.66 -21.84
C GLN A 426 38.00 -21.97 -21.08
N ASP A 427 36.75 -22.37 -20.81
CA ASP A 427 36.44 -23.60 -20.10
C ASP A 427 37.08 -23.60 -18.71
N LYS A 428 36.73 -22.57 -17.94
CA LYS A 428 37.23 -22.41 -16.57
C LYS A 428 36.09 -21.88 -15.71
N LEU A 429 36.25 -22.05 -14.39
CA LEU A 429 35.26 -21.58 -13.44
C LEU A 429 35.64 -20.19 -12.97
N GLU A 430 34.72 -19.24 -13.12
CA GLU A 430 35.04 -17.83 -12.94
C GLU A 430 33.99 -17.15 -12.06
N LEU A 431 34.46 -16.25 -11.20
CA LEU A 431 33.61 -15.45 -10.33
C LEU A 431 33.81 -13.98 -10.67
N HIS A 432 32.71 -13.29 -10.95
CA HIS A 432 32.76 -11.89 -11.36
C HIS A 432 32.25 -11.03 -10.21
N LEU A 433 33.11 -10.13 -9.72
CA LEU A 433 32.76 -9.18 -8.68
C LEU A 433 32.81 -7.78 -9.26
N PHE A 434 31.71 -7.04 -9.12
CA PHE A 434 31.56 -5.74 -9.76
C PHE A 434 31.06 -4.73 -8.74
N MET A 435 31.86 -3.69 -8.49
CA MET A 435 31.48 -2.55 -7.67
C MET A 435 31.05 -2.98 -6.26
N LEU A 436 32.02 -3.53 -5.52
CA LEU A 436 31.85 -3.83 -4.11
C LEU A 436 32.81 -2.98 -3.29
N SER A 437 32.44 -2.76 -2.02
CA SER A 437 33.30 -2.00 -1.13
C SER A 437 34.62 -2.70 -0.90
N GLY A 438 34.59 -4.02 -0.74
CA GLY A 438 35.80 -4.81 -0.54
C GLY A 438 35.59 -6.21 -1.04
N ILE A 439 36.61 -7.03 -0.90
CA ILE A 439 36.54 -8.44 -1.27
C ILE A 439 35.81 -9.18 -0.15
N PRO A 440 34.67 -9.81 -0.42
CA PRO A 440 33.99 -10.56 0.63
C PRO A 440 34.86 -11.70 1.14
N ASP A 441 34.78 -11.95 2.45
CA ASP A 441 35.57 -13.01 3.06
C ASP A 441 35.02 -14.40 2.74
N THR A 442 33.81 -14.49 2.21
CA THR A 442 33.18 -15.77 1.93
C THR A 442 33.57 -16.37 0.59
N VAL A 443 34.29 -15.63 -0.26
CA VAL A 443 34.71 -16.16 -1.55
C VAL A 443 35.83 -17.18 -1.40
N PHE A 444 36.51 -17.19 -0.26
CA PHE A 444 37.69 -18.02 -0.05
C PHE A 444 37.36 -19.40 0.49
N ASP A 445 36.12 -19.87 0.27
CA ASP A 445 35.74 -21.22 0.62
C ASP A 445 35.39 -22.07 -0.60
N LEU A 446 35.00 -21.45 -1.72
CA LEU A 446 34.69 -22.19 -2.94
C LEU A 446 36.00 -22.52 -3.63
N VAL A 447 36.59 -23.67 -3.26
CA VAL A 447 37.86 -24.08 -3.82
C VAL A 447 37.74 -24.42 -5.31
N GLU A 448 36.53 -24.74 -5.78
CA GLU A 448 36.34 -25.04 -7.20
C GLU A 448 36.54 -23.83 -8.09
N LEU A 449 36.59 -22.62 -7.52
CA LEU A 449 36.84 -21.43 -8.31
C LEU A 449 38.21 -21.49 -8.95
N GLU A 450 38.28 -21.06 -10.22
CA GLU A 450 39.53 -21.05 -10.95
C GLU A 450 39.93 -19.67 -11.49
N VAL A 451 38.96 -18.81 -11.79
CA VAL A 451 39.22 -17.49 -12.33
C VAL A 451 38.50 -16.46 -11.46
N LEU A 452 39.24 -15.44 -11.02
CA LEU A 452 38.68 -14.39 -10.19
C LEU A 452 38.78 -13.06 -10.91
N LYS A 453 37.70 -12.29 -10.90
CA LYS A 453 37.64 -10.99 -11.55
C LYS A 453 37.26 -9.94 -10.51
N LEU A 454 38.07 -8.90 -10.39
CA LEU A 454 37.82 -7.79 -9.48
C LEU A 454 37.60 -6.53 -10.31
N GLU A 455 36.37 -6.03 -10.32
CA GLU A 455 36.00 -4.89 -11.15
C GLU A 455 35.47 -3.79 -10.25
N LEU A 456 36.25 -2.70 -10.14
CA LEU A 456 35.87 -1.52 -9.37
C LEU A 456 35.61 -1.87 -7.90
N ILE A 457 36.63 -2.41 -7.26
CA ILE A 457 36.55 -2.74 -5.84
C ILE A 457 37.68 -1.99 -5.13
N PRO A 458 37.42 -0.79 -4.62
CA PRO A 458 38.51 0.09 -4.19
C PRO A 458 39.15 -0.37 -2.89
N ASP A 459 40.41 0.05 -2.73
CA ASP A 459 41.22 -0.11 -1.52
C ASP A 459 41.03 -1.49 -0.88
N VAL A 460 41.38 -2.52 -1.66
CA VAL A 460 41.25 -3.91 -1.21
C VAL A 460 42.63 -4.49 -0.96
N THR A 461 42.81 -5.09 0.21
CA THR A 461 44.03 -5.82 0.53
C THR A 461 43.74 -7.32 0.47
N ILE A 462 44.56 -8.04 -0.30
CA ILE A 462 44.35 -9.46 -0.50
C ILE A 462 44.72 -10.18 0.79
N PRO A 463 43.77 -10.89 1.41
CA PRO A 463 44.05 -11.55 2.68
C PRO A 463 45.00 -12.72 2.49
N PRO A 464 45.72 -13.11 3.54
CA PRO A 464 46.52 -14.35 3.46
C PRO A 464 45.67 -15.61 3.46
N SER A 465 44.34 -15.49 3.46
CA SER A 465 43.44 -16.63 3.42
C SER A 465 43.18 -17.13 2.01
N ILE A 466 43.70 -16.46 0.99
CA ILE A 466 43.51 -16.93 -0.39
C ILE A 466 44.22 -18.26 -0.61
N ALA A 467 45.13 -18.64 0.29
CA ALA A 467 45.72 -19.97 0.21
C ALA A 467 44.67 -21.06 0.38
N GLN A 468 43.51 -20.72 0.94
CA GLN A 468 42.38 -21.64 0.98
C GLN A 468 41.86 -22.01 -0.40
N LEU A 469 42.21 -21.22 -1.42
CA LEU A 469 41.80 -21.48 -2.80
C LEU A 469 43.03 -21.90 -3.58
N THR A 470 43.08 -23.17 -4.00
CA THR A 470 44.17 -23.67 -4.80
C THR A 470 43.79 -23.91 -6.26
N GLY A 471 42.52 -24.18 -6.53
CA GLY A 471 42.07 -24.30 -7.91
C GLY A 471 42.07 -23.00 -8.68
N LEU A 472 42.27 -21.87 -8.00
CA LEU A 472 42.34 -20.59 -8.67
C LEU A 472 43.55 -20.53 -9.60
N LYS A 473 43.32 -20.04 -10.82
CA LYS A 473 44.39 -19.91 -11.81
C LYS A 473 44.47 -18.55 -12.47
N GLU A 474 43.41 -17.75 -12.45
CA GLU A 474 43.39 -16.46 -13.10
C GLU A 474 42.83 -15.40 -12.16
N LEU A 475 43.49 -14.25 -12.11
CA LEU A 475 43.06 -13.11 -11.33
C LEU A 475 42.94 -11.91 -12.27
N TRP A 476 41.74 -11.33 -12.34
CA TRP A 476 41.48 -10.20 -13.20
C TRP A 476 41.30 -8.96 -12.34
N LEU A 477 42.16 -7.97 -12.54
CA LEU A 477 42.11 -6.71 -11.80
C LEU A 477 41.61 -5.63 -12.77
N TYR A 478 40.30 -5.41 -12.75
CA TYR A 478 39.65 -4.45 -13.64
C TYR A 478 39.46 -3.13 -12.89
N HIS A 479 40.36 -2.17 -13.15
CA HIS A 479 40.32 -0.87 -12.50
C HIS A 479 40.31 -1.03 -10.98
N THR A 480 41.14 -1.93 -10.48
CA THR A 480 41.18 -2.26 -9.06
C THR A 480 42.63 -2.26 -8.60
N ALA A 481 43.09 -1.15 -8.03
CA ALA A 481 44.42 -1.07 -7.44
C ALA A 481 44.37 -1.78 -6.10
N ALA A 482 44.87 -3.02 -6.06
CA ALA A 482 44.74 -3.88 -4.90
C ALA A 482 46.10 -4.06 -4.24
N LYS A 483 46.15 -3.81 -2.93
CA LYS A 483 47.34 -4.10 -2.13
C LYS A 483 47.32 -5.56 -1.71
N ILE A 484 48.51 -6.11 -1.47
CA ILE A 484 48.64 -7.51 -1.12
C ILE A 484 49.60 -7.65 0.06
N GLU A 485 49.47 -8.77 0.76
CA GLU A 485 50.32 -9.08 1.89
C GLU A 485 51.36 -10.14 1.51
N ALA A 486 52.42 -10.22 2.33
CA ALA A 486 53.52 -11.12 2.02
C ALA A 486 53.10 -12.59 1.89
N PRO A 487 52.30 -13.17 2.80
CA PRO A 487 51.91 -14.58 2.60
C PRO A 487 51.07 -14.80 1.35
N ALA A 488 50.09 -13.93 1.10
CA ALA A 488 49.27 -14.07 -0.10
C ALA A 488 50.10 -13.91 -1.36
N LEU A 489 51.01 -12.94 -1.37
CA LEU A 489 51.88 -12.75 -2.54
C LEU A 489 52.78 -13.96 -2.75
N ALA A 490 53.33 -14.51 -1.66
CA ALA A 490 54.17 -15.70 -1.80
C ALA A 490 53.38 -16.89 -2.32
N PHE A 491 52.13 -17.03 -1.88
CA PHE A 491 51.28 -18.09 -2.42
C PHE A 491 51.01 -17.88 -3.91
N LEU A 492 50.71 -16.63 -4.29
CA LEU A 492 50.40 -16.35 -5.69
C LEU A 492 51.61 -16.54 -6.59
N ARG A 493 52.82 -16.32 -6.07
CA ARG A 493 54.03 -16.51 -6.86
C ARG A 493 54.17 -17.93 -7.39
N GLU A 494 53.47 -18.91 -6.79
CA GLU A 494 53.56 -20.29 -7.24
C GLU A 494 52.20 -20.85 -7.66
N ASN A 495 51.18 -20.00 -7.83
CA ASN A 495 49.85 -20.51 -8.15
C ASN A 495 49.12 -19.66 -9.19
N LEU A 496 49.82 -18.79 -9.91
CA LEU A 496 49.18 -17.86 -10.83
C LEU A 496 49.78 -18.03 -12.23
N ARG A 497 48.92 -18.30 -13.21
CA ARG A 497 49.33 -18.48 -14.60
C ARG A 497 48.90 -17.33 -15.48
N ALA A 498 47.66 -16.85 -15.36
CA ALA A 498 47.14 -15.78 -16.18
C ALA A 498 46.66 -14.64 -15.29
N LEU A 499 47.10 -13.43 -15.60
CA LEU A 499 46.74 -12.23 -14.84
C LEU A 499 46.24 -11.17 -15.80
N HIS A 500 44.93 -10.93 -15.80
CA HIS A 500 44.32 -9.89 -16.63
C HIS A 500 44.37 -8.58 -15.88
N ILE A 501 44.99 -7.56 -16.49
CA ILE A 501 45.15 -6.25 -15.89
C ILE A 501 44.52 -5.21 -16.81
N LYS A 502 43.60 -4.42 -16.25
CA LYS A 502 43.05 -3.27 -16.95
C LYS A 502 43.12 -2.07 -16.03
N PHE A 503 43.71 -0.99 -16.52
CA PHE A 503 43.97 0.19 -15.70
C PHE A 503 43.58 1.45 -16.47
N THR A 504 42.98 2.39 -15.75
CA THR A 504 42.77 3.73 -16.28
C THR A 504 43.95 4.66 -16.00
N ASP A 505 44.91 4.21 -15.20
CA ASP A 505 46.08 5.02 -14.88
C ASP A 505 47.21 4.09 -14.48
N ILE A 506 48.44 4.62 -14.53
CA ILE A 506 49.62 3.81 -14.27
C ILE A 506 49.63 3.31 -12.83
N LYS A 507 49.31 4.19 -11.87
CA LYS A 507 49.37 3.79 -10.47
C LYS A 507 48.34 2.71 -10.12
N GLU A 508 47.31 2.54 -10.94
CA GLU A 508 46.39 1.43 -10.73
C GLU A 508 47.05 0.09 -10.99
N ILE A 509 48.11 0.05 -11.80
CA ILE A 509 48.87 -1.18 -12.03
C ILE A 509 49.59 -1.55 -10.75
N PRO A 510 49.37 -2.73 -10.19
CA PRO A 510 50.14 -3.15 -9.02
C PRO A 510 51.62 -3.27 -9.37
N LEU A 511 52.47 -2.82 -8.45
CA LEU A 511 53.91 -2.90 -8.64
C LEU A 511 54.46 -4.28 -8.31
N TRP A 512 53.69 -5.13 -7.65
CA TRP A 512 54.12 -6.45 -7.25
C TRP A 512 53.81 -7.53 -8.28
N ILE A 513 53.23 -7.16 -9.43
CA ILE A 513 52.90 -8.16 -10.44
C ILE A 513 54.17 -8.80 -10.99
N TYR A 514 55.23 -8.00 -11.17
CA TYR A 514 56.48 -8.54 -11.68
C TYR A 514 57.21 -9.38 -10.63
N SER A 515 56.86 -9.23 -9.35
CA SER A 515 57.47 -10.05 -8.32
C SER A 515 57.13 -11.53 -8.48
N LEU A 516 56.06 -11.85 -9.19
CA LEU A 516 55.70 -13.23 -9.44
C LEU A 516 56.76 -13.90 -10.31
N LYS A 517 56.81 -15.23 -10.24
CA LYS A 517 57.80 -16.00 -10.99
C LYS A 517 57.22 -17.16 -11.78
N THR A 518 56.00 -17.61 -11.49
CA THR A 518 55.37 -18.69 -12.23
C THR A 518 54.32 -18.20 -13.22
N LEU A 519 54.23 -16.89 -13.44
CA LEU A 519 53.20 -16.34 -14.31
C LEU A 519 53.49 -16.69 -15.76
N GLU A 520 52.42 -16.88 -16.53
CA GLU A 520 52.54 -17.20 -17.95
C GLU A 520 51.83 -16.19 -18.85
N GLU A 521 50.64 -15.74 -18.47
CA GLU A 521 49.82 -14.88 -19.32
C GLU A 521 49.59 -13.55 -18.62
N LEU A 522 49.98 -12.47 -19.26
CA LEU A 522 49.77 -11.11 -18.76
C LEU A 522 49.05 -10.29 -19.82
N HIS A 523 47.90 -9.73 -19.44
CA HIS A 523 47.12 -8.87 -20.31
C HIS A 523 47.09 -7.48 -19.72
N LEU A 524 47.50 -6.49 -20.51
CA LEU A 524 47.49 -5.09 -20.09
C LEU A 524 46.51 -4.33 -20.99
N THR A 525 45.61 -3.56 -20.37
CA THR A 525 44.55 -2.87 -21.09
C THR A 525 44.46 -1.44 -20.57
N GLY A 526 45.12 -0.52 -21.23
CA GLY A 526 45.07 0.88 -20.84
C GLY A 526 46.22 1.69 -21.39
N ASN A 527 46.00 2.98 -21.61
CA ASN A 527 47.05 3.84 -22.14
C ASN A 527 48.17 3.98 -21.11
N LEU A 528 49.41 3.87 -21.58
CA LEU A 528 50.58 4.01 -20.73
C LEU A 528 51.65 4.91 -21.36
N SER A 529 51.31 5.69 -22.38
CA SER A 529 52.27 6.57 -23.00
C SER A 529 52.61 7.75 -22.09
N ALA A 530 53.84 8.27 -22.27
CA ALA A 530 54.30 9.40 -21.47
C ALA A 530 55.39 10.13 -22.24
N GLU A 531 55.57 11.41 -21.89
CA GLU A 531 56.54 12.28 -22.55
C GLU A 531 57.67 12.59 -21.58
N ASN A 532 58.91 12.31 -22.02
CA ASN A 532 60.15 12.42 -21.25
C ASN A 532 60.25 11.37 -20.14
N ASN A 533 59.20 10.58 -19.93
CA ASN A 533 59.21 9.42 -19.05
C ASN A 533 58.51 8.26 -19.73
N ARG A 534 58.86 8.00 -20.99
CA ARG A 534 58.12 7.06 -21.82
C ARG A 534 58.40 5.63 -21.38
N TYR A 535 57.31 4.87 -21.18
CA TYR A 535 57.39 3.42 -20.95
C TYR A 535 58.29 3.07 -19.78
N ILE A 536 58.09 3.76 -18.66
CA ILE A 536 58.82 3.44 -17.43
C ILE A 536 58.04 2.49 -16.54
N VAL A 537 56.72 2.36 -16.76
CA VAL A 537 55.89 1.54 -15.88
C VAL A 537 56.25 0.06 -16.02
N ILE A 538 56.52 -0.38 -17.24
CA ILE A 538 56.70 -1.81 -17.52
C ILE A 538 58.17 -2.19 -17.43
N ASP A 539 58.99 -1.33 -16.81
CA ASP A 539 60.41 -1.60 -16.70
C ASP A 539 60.69 -2.91 -15.95
N GLY A 540 59.89 -3.21 -14.93
CA GLY A 540 60.04 -4.46 -14.21
C GLY A 540 59.58 -5.68 -14.97
N LEU A 541 59.06 -5.49 -16.18
CA LEU A 541 58.60 -6.61 -17.00
C LEU A 541 59.72 -7.62 -17.25
N ARG A 542 60.98 -7.17 -17.27
CA ARG A 542 62.09 -8.09 -17.46
C ARG A 542 62.15 -9.16 -16.39
N GLU A 543 61.65 -8.88 -15.18
CA GLU A 543 61.70 -9.86 -14.11
C GLU A 543 60.81 -11.07 -14.36
N LEU A 544 59.92 -11.01 -15.35
CA LEU A 544 59.04 -12.12 -15.69
C LEU A 544 59.84 -13.16 -16.45
N LYS A 545 60.52 -14.03 -15.71
CA LYS A 545 61.35 -15.07 -16.30
C LYS A 545 60.55 -16.27 -16.79
N ARG A 546 59.25 -16.31 -16.52
CA ARG A 546 58.38 -17.39 -16.96
C ARG A 546 57.32 -16.94 -17.95
N LEU A 547 57.24 -15.65 -18.25
CA LEU A 547 56.19 -15.13 -19.14
C LEU A 547 56.30 -15.75 -20.52
N LYS A 548 55.16 -16.20 -21.05
CA LYS A 548 55.12 -16.82 -22.36
C LYS A 548 54.04 -16.20 -23.24
N VAL A 549 52.97 -15.70 -22.62
CA VAL A 549 51.83 -15.14 -23.34
C VAL A 549 51.67 -13.69 -22.92
N LEU A 550 51.51 -12.81 -23.90
CA LEU A 550 51.36 -11.38 -23.66
C LEU A 550 50.24 -10.82 -24.52
N ARG A 551 49.67 -9.71 -24.08
CA ARG A 551 48.66 -8.99 -24.85
C ARG A 551 48.68 -7.54 -24.39
N LEU A 552 49.16 -6.65 -25.25
CA LEU A 552 49.35 -5.25 -24.91
C LEU A 552 48.36 -4.41 -25.70
N LYS A 553 47.16 -4.23 -25.15
CA LYS A 553 46.16 -3.33 -25.68
C LYS A 553 46.34 -2.00 -24.96
N SER A 554 47.37 -1.25 -25.37
CA SER A 554 47.82 -0.13 -24.55
C SER A 554 48.08 1.15 -25.35
N ASN A 555 47.42 1.34 -26.49
CA ASN A 555 47.52 2.58 -27.26
C ASN A 555 48.97 2.91 -27.58
N LEU A 556 49.74 1.90 -27.96
CA LEU A 556 51.16 2.05 -28.21
C LEU A 556 51.40 2.75 -29.54
N SER A 557 52.04 3.93 -29.48
CA SER A 557 52.53 4.56 -30.69
C SER A 557 53.85 3.97 -31.17
N LYS A 558 54.53 3.20 -30.32
CA LYS A 558 55.80 2.60 -30.66
C LYS A 558 55.91 1.28 -29.91
N LEU A 559 56.72 0.37 -30.44
CA LEU A 559 56.98 -0.90 -29.76
C LEU A 559 57.90 -0.66 -28.58
N PRO A 560 57.49 -0.98 -27.36
CA PRO A 560 58.33 -0.65 -26.19
C PRO A 560 59.66 -1.41 -26.21
N GLN A 561 60.69 -0.76 -25.66
CA GLN A 561 62.02 -1.35 -25.62
C GLN A 561 62.09 -2.50 -24.62
N VAL A 562 61.39 -2.39 -23.49
CA VAL A 562 61.39 -3.47 -22.52
C VAL A 562 60.72 -4.72 -23.10
N VAL A 563 59.69 -4.53 -23.91
CA VAL A 563 59.09 -5.66 -24.62
C VAL A 563 60.11 -6.31 -25.52
N THR A 564 60.93 -5.50 -26.19
CA THR A 564 61.98 -6.03 -27.05
C THR A 564 62.98 -6.85 -26.25
N ASP A 565 63.38 -6.34 -25.09
CA ASP A 565 64.35 -7.05 -24.26
C ASP A 565 63.76 -8.34 -23.70
N VAL A 566 62.46 -8.35 -23.38
CA VAL A 566 61.86 -9.51 -22.75
C VAL A 566 61.41 -10.55 -23.76
N GLY A 567 61.20 -10.19 -25.02
CA GLY A 567 60.71 -11.12 -26.01
C GLY A 567 61.67 -12.23 -26.39
N VAL A 568 62.78 -12.40 -25.67
CA VAL A 568 63.77 -13.42 -26.01
C VAL A 568 63.30 -14.78 -25.52
N HIS A 569 62.11 -14.84 -24.92
CA HIS A 569 61.58 -16.11 -24.43
C HIS A 569 60.09 -16.28 -24.69
N LEU A 570 59.45 -15.37 -25.42
CA LEU A 570 58.00 -15.40 -25.58
C LEU A 570 57.57 -16.43 -26.62
N GLN A 571 56.31 -16.83 -26.52
CA GLN A 571 55.67 -17.71 -27.49
C GLN A 571 54.59 -17.00 -28.30
N LYS A 572 53.63 -16.39 -27.63
CA LYS A 572 52.50 -15.73 -28.29
C LYS A 572 52.49 -14.26 -27.91
N LEU A 573 52.35 -13.39 -28.91
CA LEU A 573 52.30 -11.94 -28.70
C LEU A 573 51.05 -11.39 -29.35
N SER A 574 50.25 -10.68 -28.57
CA SER A 574 49.06 -9.99 -29.08
C SER A 574 49.20 -8.50 -28.81
N ILE A 575 48.96 -7.69 -29.84
CA ILE A 575 49.07 -6.25 -29.73
C ILE A 575 47.84 -5.62 -30.39
N ASN A 576 47.22 -4.67 -29.71
CA ASN A 576 46.02 -4.00 -30.22
C ASN A 576 46.13 -2.53 -29.85
N ASN A 577 46.35 -1.68 -30.86
CA ASN A 577 46.59 -0.27 -30.64
C ASN A 577 45.34 0.59 -30.76
N GLU A 578 44.17 -0.02 -30.95
CA GLU A 578 42.90 0.71 -31.03
C GLU A 578 42.93 1.75 -32.14
N GLY A 579 43.59 1.42 -33.25
CA GLY A 579 43.69 2.31 -34.38
C GLY A 579 44.89 3.23 -34.37
N THR A 580 45.66 3.26 -33.28
CA THR A 580 46.88 4.06 -33.24
C THR A 580 47.97 3.40 -34.08
N LYS A 581 48.64 4.19 -34.90
CA LYS A 581 49.70 3.65 -35.74
C LYS A 581 50.81 3.05 -34.87
N LEU A 582 51.27 1.87 -35.27
CA LEU A 582 52.34 1.17 -34.56
C LEU A 582 53.63 1.30 -35.35
N ILE A 583 54.71 1.68 -34.66
CA ILE A 583 56.03 1.81 -35.26
C ILE A 583 56.91 0.70 -34.68
N VAL A 584 57.47 -0.12 -35.56
CA VAL A 584 58.39 -1.19 -35.17
C VAL A 584 59.83 -0.83 -35.55
N LEU A 585 60.11 -0.68 -36.84
CA LEU A 585 61.40 -0.20 -37.35
C LEU A 585 62.56 -0.99 -36.74
N ASN A 586 62.59 -2.28 -37.04
CA ASN A 586 63.64 -3.19 -36.57
C ASN A 586 63.72 -3.18 -35.05
N SER A 587 62.62 -3.59 -34.42
CA SER A 587 62.57 -3.74 -32.97
C SER A 587 61.76 -4.95 -32.57
N LEU A 588 61.71 -5.97 -33.42
CA LEU A 588 60.94 -7.18 -33.14
C LEU A 588 61.75 -8.44 -33.40
N LYS A 589 62.73 -8.35 -34.31
CA LYS A 589 63.42 -9.54 -34.81
C LYS A 589 64.26 -10.23 -33.75
N LYS A 590 64.51 -9.58 -32.61
CA LYS A 590 65.20 -10.26 -31.52
C LYS A 590 64.39 -11.43 -30.97
N MET A 591 63.08 -11.45 -31.21
CA MET A 591 62.19 -12.48 -30.68
C MET A 591 62.14 -13.64 -31.66
N VAL A 592 63.04 -14.61 -31.45
CA VAL A 592 63.10 -15.78 -32.32
C VAL A 592 62.37 -16.98 -31.75
N ASN A 593 61.95 -16.92 -30.48
CA ASN A 593 61.22 -18.02 -29.85
C ASN A 593 59.72 -17.89 -30.06
N LEU A 594 59.26 -16.88 -30.78
CA LEU A 594 57.84 -16.65 -30.96
C LEU A 594 57.24 -17.70 -31.91
N THR A 595 55.94 -17.97 -31.71
CA THR A 595 55.21 -18.87 -32.59
C THR A 595 53.90 -18.30 -33.10
N GLU A 596 53.29 -17.36 -32.39
CA GLU A 596 52.06 -16.70 -32.84
C GLU A 596 52.20 -15.20 -32.61
N LEU A 597 51.93 -14.42 -33.66
CA LEU A 597 52.02 -12.97 -33.58
C LEU A 597 50.74 -12.36 -34.13
N GLU A 598 50.15 -11.45 -33.36
CA GLU A 598 48.95 -10.74 -33.76
C GLU A 598 49.19 -9.24 -33.63
N LEU A 599 48.89 -8.49 -34.69
CA LEU A 599 49.03 -7.04 -34.71
C LEU A 599 47.69 -6.48 -35.15
N ILE A 600 46.78 -6.30 -34.20
CA ILE A 600 45.40 -5.94 -34.50
C ILE A 600 45.23 -4.44 -34.41
N ARG A 601 44.65 -3.84 -35.45
CA ARG A 601 44.35 -2.41 -35.50
C ARG A 601 45.61 -1.57 -35.29
N CYS A 602 46.77 -2.12 -35.65
CA CYS A 602 48.02 -1.38 -35.50
C CYS A 602 48.22 -0.33 -36.59
N ASP A 603 47.35 -0.29 -37.60
CA ASP A 603 47.43 0.69 -38.68
C ASP A 603 48.80 0.63 -39.36
N LEU A 604 49.27 -0.59 -39.61
CA LEU A 604 50.57 -0.76 -40.28
C LEU A 604 50.54 -0.22 -41.69
N GLU A 605 49.45 -0.47 -42.43
CA GLU A 605 49.26 -0.04 -43.81
C GLU A 605 50.21 -0.77 -44.75
N ARG A 606 51.10 -1.58 -44.19
CA ARG A 606 52.12 -2.28 -44.96
C ARG A 606 52.82 -3.30 -44.06
N ILE A 607 52.94 -4.54 -44.53
CA ILE A 607 53.56 -5.58 -43.73
C ILE A 607 55.05 -5.27 -43.58
N PRO A 608 55.57 -5.18 -42.36
CA PRO A 608 56.99 -4.89 -42.18
C PRO A 608 57.84 -6.11 -42.49
N HIS A 609 59.05 -5.83 -42.99
CA HIS A 609 59.97 -6.92 -43.32
C HIS A 609 60.47 -7.66 -42.08
N SER A 610 60.43 -7.03 -40.92
CA SER A 610 60.97 -7.65 -39.71
C SER A 610 60.27 -8.97 -39.38
N ILE A 611 58.99 -9.08 -39.73
CA ILE A 611 58.24 -10.31 -39.45
C ILE A 611 58.88 -11.49 -40.15
N PHE A 612 59.55 -11.25 -41.28
CA PHE A 612 60.19 -12.33 -42.02
C PHE A 612 61.37 -12.93 -41.26
N SER A 613 61.86 -12.26 -40.22
CA SER A 613 62.89 -12.84 -39.38
C SER A 613 62.35 -13.89 -38.42
N LEU A 614 61.07 -13.82 -38.06
CA LEU A 614 60.46 -14.74 -37.12
C LEU A 614 60.23 -16.08 -37.81
N HIS A 615 61.29 -16.89 -37.85
CA HIS A 615 61.24 -18.14 -38.61
C HIS A 615 60.27 -19.14 -37.99
N ASN A 616 60.18 -19.19 -36.67
CA ASN A 616 59.33 -20.18 -35.99
C ASN A 616 57.87 -19.76 -35.91
N LEU A 617 57.52 -18.58 -36.41
CA LEU A 617 56.14 -18.13 -36.37
C LEU A 617 55.22 -19.07 -37.15
N GLN A 618 54.04 -19.33 -36.60
CA GLN A 618 53.10 -20.26 -37.21
C GLN A 618 51.72 -19.67 -37.50
N GLU A 619 51.31 -18.61 -36.81
CA GLU A 619 50.00 -17.98 -37.05
C GLU A 619 50.18 -16.48 -37.04
N ILE A 620 49.88 -15.84 -38.17
CA ILE A 620 50.06 -14.40 -38.35
C ILE A 620 48.70 -13.77 -38.56
N ASP A 621 48.41 -12.74 -37.77
CA ASP A 621 47.17 -11.97 -37.91
C ASP A 621 47.52 -10.50 -38.07
N LEU A 622 46.83 -9.84 -39.00
CA LEU A 622 47.02 -8.42 -39.27
C LEU A 622 45.67 -7.74 -39.44
N LYS A 623 44.72 -8.08 -38.58
CA LYS A 623 43.36 -7.58 -38.71
C LYS A 623 43.31 -6.06 -38.63
N ASP A 624 42.57 -5.46 -39.56
CA ASP A 624 42.28 -4.03 -39.56
C ASP A 624 43.54 -3.18 -39.55
N ASN A 625 44.32 -3.30 -40.62
CA ASN A 625 45.56 -2.55 -40.75
C ASN A 625 45.60 -1.67 -41.99
N ASN A 626 44.46 -1.40 -42.60
CA ASN A 626 44.38 -0.59 -43.83
C ASN A 626 45.31 -1.14 -44.90
N LEU A 627 45.33 -2.47 -45.05
CA LEU A 627 46.21 -3.10 -46.02
C LEU A 627 45.57 -3.10 -47.39
N LYS A 628 46.15 -2.35 -48.32
CA LYS A 628 45.67 -2.34 -49.70
C LYS A 628 46.26 -3.47 -50.52
N THR A 629 47.55 -3.78 -50.33
CA THR A 629 48.21 -4.86 -51.02
C THR A 629 48.96 -5.72 -50.01
N ILE A 630 49.03 -7.02 -50.30
CA ILE A 630 49.68 -7.97 -49.41
C ILE A 630 50.78 -8.72 -50.17
N GLU A 631 51.42 -8.05 -51.12
CA GLU A 631 52.50 -8.67 -51.88
C GLU A 631 53.62 -9.21 -50.98
N GLU A 632 53.88 -8.55 -49.85
CA GLU A 632 55.01 -8.89 -49.00
C GLU A 632 54.95 -10.34 -48.49
N ILE A 633 53.77 -10.96 -48.51
CA ILE A 633 53.67 -12.37 -48.12
C ILE A 633 54.52 -13.28 -48.98
N ILE A 634 55.07 -12.78 -50.10
CA ILE A 634 56.02 -13.58 -50.88
C ILE A 634 57.20 -13.99 -50.03
N SER A 635 57.58 -13.16 -49.06
CA SER A 635 58.70 -13.49 -48.19
C SER A 635 58.37 -14.59 -47.20
N PHE A 636 57.11 -15.01 -47.10
CA PHE A 636 56.74 -16.07 -46.17
C PHE A 636 57.32 -17.43 -46.52
N GLN A 637 58.10 -17.54 -47.60
CA GLN A 637 58.80 -18.77 -47.89
C GLN A 637 59.80 -19.13 -46.79
N HIS A 638 60.30 -18.12 -46.07
CA HIS A 638 61.22 -18.38 -44.98
C HIS A 638 60.57 -19.19 -43.87
N LEU A 639 59.32 -18.84 -43.53
CA LEU A 639 58.60 -19.49 -42.44
C LEU A 639 58.09 -20.83 -42.95
N HIS A 640 58.63 -21.91 -42.41
CA HIS A 640 58.35 -23.25 -42.92
C HIS A 640 57.16 -23.92 -42.23
N ARG A 641 56.59 -23.31 -41.19
CA ARG A 641 55.48 -23.92 -40.47
C ARG A 641 54.29 -22.98 -40.36
N LEU A 642 54.18 -22.03 -41.27
CA LEU A 642 53.03 -21.14 -41.31
C LEU A 642 51.79 -21.93 -41.74
N THR A 643 50.81 -22.04 -40.85
CA THR A 643 49.60 -22.81 -41.12
C THR A 643 48.37 -21.94 -41.30
N CYS A 644 48.12 -21.00 -40.38
CA CYS A 644 46.95 -20.15 -40.42
C CYS A 644 47.37 -18.70 -40.59
N LEU A 645 46.79 -18.03 -41.58
CA LEU A 645 47.06 -16.62 -41.84
C LEU A 645 45.73 -15.89 -41.96
N LYS A 646 45.61 -14.76 -41.27
CA LYS A 646 44.41 -13.94 -41.31
C LYS A 646 44.79 -12.52 -41.71
N LEU A 647 44.10 -11.99 -42.72
CA LEU A 647 44.30 -10.62 -43.18
C LEU A 647 42.97 -9.91 -43.35
N TRP A 648 41.97 -10.32 -42.57
CA TRP A 648 40.61 -9.82 -42.71
C TRP A 648 40.50 -8.37 -42.27
N TYR A 649 39.34 -7.78 -42.56
CA TYR A 649 39.00 -6.41 -42.17
C TYR A 649 40.00 -5.40 -42.70
N ASN A 650 40.49 -5.61 -43.91
CA ASN A 650 41.40 -4.68 -44.56
C ASN A 650 40.78 -4.19 -45.86
N HIS A 651 41.55 -3.39 -46.60
CA HIS A 651 41.17 -2.87 -47.90
C HIS A 651 41.91 -3.58 -49.03
N ILE A 652 42.13 -4.89 -48.88
CA ILE A 652 42.92 -5.63 -49.85
C ILE A 652 42.21 -5.63 -51.20
N ALA A 653 42.93 -5.22 -52.24
CA ALA A 653 42.34 -5.16 -53.57
C ALA A 653 42.30 -6.53 -54.23
N TYR A 654 43.42 -7.25 -54.22
CA TYR A 654 43.55 -8.51 -54.93
C TYR A 654 44.35 -9.50 -54.09
N ILE A 655 44.33 -10.76 -54.53
CA ILE A 655 45.14 -11.81 -53.93
C ILE A 655 46.36 -12.01 -54.82
N PRO A 656 47.57 -11.69 -54.37
CA PRO A 656 48.76 -11.96 -55.20
C PRO A 656 48.88 -13.46 -55.48
N ILE A 657 49.27 -13.77 -56.72
CA ILE A 657 49.44 -15.16 -57.12
C ILE A 657 50.58 -15.85 -56.40
N GLN A 658 51.54 -15.09 -55.88
CA GLN A 658 52.66 -15.66 -55.14
C GLN A 658 52.19 -16.47 -53.94
N ILE A 659 50.93 -16.30 -53.53
CA ILE A 659 50.37 -17.08 -52.43
C ILE A 659 50.40 -18.57 -52.74
N GLY A 660 50.59 -18.94 -54.02
CA GLY A 660 50.76 -20.34 -54.35
C GLY A 660 51.99 -20.96 -53.70
N ASN A 661 53.05 -20.18 -53.54
CA ASN A 661 54.25 -20.67 -52.88
C ASN A 661 54.01 -21.05 -51.42
N LEU A 662 53.02 -20.43 -50.77
CA LEU A 662 52.69 -20.72 -49.38
C LEU A 662 51.83 -21.97 -49.31
N THR A 663 52.45 -23.10 -49.65
CA THR A 663 51.73 -24.36 -49.75
C THR A 663 51.22 -24.86 -48.40
N ASN A 664 51.84 -24.44 -47.30
CA ASN A 664 51.53 -24.96 -45.97
C ASN A 664 50.28 -24.34 -45.35
N LEU A 665 49.67 -23.36 -46.01
CA LEU A 665 48.49 -22.70 -45.45
C LEU A 665 47.38 -23.71 -45.21
N GLU A 666 46.77 -23.63 -44.04
CA GLU A 666 45.66 -24.50 -43.66
C GLU A 666 44.34 -23.77 -43.52
N ARG A 667 44.34 -22.62 -42.84
CA ARG A 667 43.15 -21.80 -42.68
C ARG A 667 43.49 -20.38 -43.09
N LEU A 668 42.76 -19.84 -44.06
CA LEU A 668 43.08 -18.56 -44.66
C LEU A 668 41.83 -17.67 -44.63
N TYR A 669 41.84 -16.67 -43.75
CA TYR A 669 40.73 -15.74 -43.62
C TYR A 669 41.05 -14.46 -44.37
N LEU A 670 40.12 -14.03 -45.23
CA LEU A 670 40.31 -12.79 -45.98
C LEU A 670 39.02 -11.98 -46.08
N ASN A 671 38.03 -12.26 -45.26
CA ASN A 671 36.75 -11.57 -45.36
C ASN A 671 36.92 -10.09 -45.03
N ARG A 672 35.88 -9.31 -45.34
CA ARG A 672 35.88 -7.86 -45.19
C ARG A 672 37.06 -7.25 -45.93
N ASN A 673 37.04 -7.42 -47.26
CA ASN A 673 38.10 -6.92 -48.13
C ASN A 673 37.50 -6.49 -49.46
N LYS A 674 38.27 -5.73 -50.22
CA LYS A 674 37.88 -5.25 -51.54
C LYS A 674 38.26 -6.23 -52.64
N ILE A 675 38.43 -7.51 -52.31
CA ILE A 675 38.82 -8.51 -53.30
C ILE A 675 37.66 -8.74 -54.25
N GLU A 676 37.97 -8.75 -55.56
CA GLU A 676 36.96 -8.93 -56.59
C GLU A 676 37.07 -10.24 -57.34
N LYS A 677 38.25 -10.84 -57.42
CA LYS A 677 38.43 -12.10 -58.12
C LYS A 677 39.42 -12.98 -57.36
N ILE A 678 39.34 -14.27 -57.62
CA ILE A 678 40.20 -15.27 -56.98
C ILE A 678 41.18 -15.78 -58.04
N PRO A 679 42.47 -15.50 -57.91
CA PRO A 679 43.46 -16.12 -58.80
C PRO A 679 43.52 -17.62 -58.58
N THR A 680 43.86 -18.35 -59.65
CA THR A 680 43.90 -19.80 -59.57
C THR A 680 45.06 -20.30 -58.71
N GLN A 681 46.13 -19.51 -58.57
CA GLN A 681 47.29 -19.94 -57.81
C GLN A 681 46.95 -20.20 -56.34
N LEU A 682 45.92 -19.53 -55.81
CA LEU A 682 45.51 -19.79 -54.43
C LEU A 682 45.10 -21.25 -54.25
N PHE A 683 44.63 -21.89 -55.31
CA PHE A 683 44.25 -23.30 -55.23
C PHE A 683 45.44 -24.25 -55.27
N TYR A 684 46.66 -23.73 -55.46
CA TYR A 684 47.85 -24.55 -55.33
C TYR A 684 48.14 -24.93 -53.88
N CYS A 685 47.45 -24.31 -52.92
CA CYS A 685 47.62 -24.62 -51.50
C CYS A 685 46.59 -25.67 -51.12
N ARG A 686 46.86 -26.90 -51.54
CA ARG A 686 45.91 -28.00 -51.37
C ARG A 686 45.65 -28.32 -49.91
N LYS A 687 46.52 -27.90 -49.00
CA LYS A 687 46.35 -28.16 -47.57
C LYS A 687 45.30 -27.25 -46.93
N LEU A 688 44.61 -26.41 -47.71
CA LEU A 688 43.66 -25.48 -47.16
C LEU A 688 42.46 -26.22 -46.54
N ARG A 689 42.04 -25.75 -45.37
CA ARG A 689 40.93 -26.36 -44.65
C ARG A 689 39.83 -25.37 -44.31
N TYR A 690 40.17 -24.12 -44.05
CA TYR A 690 39.20 -23.05 -43.82
C TYR A 690 39.47 -21.90 -44.77
N LEU A 691 38.47 -21.55 -45.57
CA LEU A 691 38.58 -20.42 -46.49
C LEU A 691 37.31 -19.58 -46.35
N ASP A 692 37.45 -18.40 -45.76
CA ASP A 692 36.34 -17.46 -45.59
C ASP A 692 36.63 -16.22 -46.43
N LEU A 693 35.70 -15.88 -47.32
CA LEU A 693 35.86 -14.76 -48.23
C LEU A 693 34.60 -13.91 -48.26
N SER A 694 33.91 -13.81 -47.12
CA SER A 694 32.69 -13.02 -47.04
C SER A 694 32.99 -11.54 -47.17
N HIS A 695 31.94 -10.77 -47.44
CA HIS A 695 32.01 -9.32 -47.56
C HIS A 695 33.15 -8.88 -48.49
N ASN A 696 33.03 -9.28 -49.75
CA ASN A 696 34.00 -8.90 -50.77
C ASN A 696 33.30 -8.45 -52.04
N ASN A 697 34.06 -8.27 -53.11
CA ASN A 697 33.51 -7.92 -54.41
C ASN A 697 33.52 -9.09 -55.38
N LEU A 698 33.40 -10.32 -54.86
CA LEU A 698 33.41 -11.49 -55.71
C LEU A 698 32.15 -11.58 -56.55
N THR A 699 32.29 -12.17 -57.73
CA THR A 699 31.16 -12.43 -58.62
C THR A 699 31.06 -13.87 -59.07
N PHE A 700 32.16 -14.64 -59.03
CA PHE A 700 32.18 -16.00 -59.56
C PHE A 700 33.03 -16.87 -58.66
N LEU A 701 32.87 -18.19 -58.82
CA LEU A 701 33.68 -19.17 -58.13
C LEU A 701 34.44 -20.00 -59.15
N PRO A 702 35.78 -19.98 -59.15
CA PRO A 702 36.53 -20.76 -60.13
C PRO A 702 36.31 -22.26 -59.97
N ALA A 703 36.39 -22.97 -61.09
CA ALA A 703 36.26 -24.42 -61.08
C ALA A 703 37.44 -25.11 -60.41
N ASP A 704 38.54 -24.39 -60.17
CA ASP A 704 39.71 -24.99 -59.52
C ASP A 704 39.47 -25.31 -58.06
N ILE A 705 38.36 -24.86 -57.47
CA ILE A 705 38.12 -25.04 -56.05
C ILE A 705 37.97 -26.51 -55.66
N GLY A 706 37.76 -27.40 -56.63
CA GLY A 706 37.74 -28.82 -56.34
C GLY A 706 39.11 -29.38 -55.99
N LEU A 707 40.18 -28.70 -56.38
CA LEU A 707 41.53 -29.15 -56.05
C LEU A 707 41.83 -29.08 -54.56
N LEU A 708 41.06 -28.29 -53.80
CA LEU A 708 41.27 -28.14 -52.36
C LEU A 708 40.43 -29.18 -51.62
N GLN A 709 40.78 -30.45 -51.86
CA GLN A 709 40.02 -31.55 -51.28
C GLN A 709 40.03 -31.54 -49.76
N ASN A 710 41.01 -30.89 -49.14
CA ASN A 710 41.09 -30.80 -47.69
C ASN A 710 40.22 -29.69 -47.10
N LEU A 711 39.54 -28.91 -47.93
CA LEU A 711 38.72 -27.82 -47.44
C LEU A 711 37.57 -28.35 -46.59
N GLN A 712 37.28 -27.66 -45.49
CA GLN A 712 36.25 -28.07 -44.55
C GLN A 712 35.14 -27.04 -44.41
N ASN A 713 35.47 -25.76 -44.36
CA ASN A 713 34.50 -24.69 -44.26
C ASN A 713 34.82 -23.63 -45.29
N LEU A 714 33.81 -23.23 -46.07
CA LEU A 714 33.97 -22.19 -47.07
C LEU A 714 32.84 -21.18 -46.92
N ALA A 715 33.20 -19.90 -46.82
CA ALA A 715 32.23 -18.84 -46.62
C ALA A 715 32.50 -17.73 -47.62
N VAL A 716 31.51 -17.44 -48.47
CA VAL A 716 31.60 -16.37 -49.44
C VAL A 716 30.41 -15.44 -49.28
N THR A 717 29.91 -15.35 -48.05
CA THR A 717 28.70 -14.59 -47.75
C THR A 717 28.83 -13.14 -48.22
N ALA A 718 27.66 -12.52 -48.45
CA ALA A 718 27.57 -11.10 -48.78
C ALA A 718 28.37 -10.75 -50.03
N ASN A 719 28.37 -11.65 -51.00
CA ASN A 719 29.04 -11.42 -52.27
C ASN A 719 28.02 -11.48 -53.41
N ARG A 720 28.53 -11.37 -54.64
CA ARG A 720 27.70 -11.38 -55.84
C ARG A 720 27.89 -12.67 -56.63
N ILE A 721 28.01 -13.79 -55.92
CA ILE A 721 28.22 -15.08 -56.58
C ILE A 721 26.93 -15.47 -57.29
N GLU A 722 27.03 -15.68 -58.60
CA GLU A 722 25.85 -16.01 -59.40
C GLU A 722 25.36 -17.42 -59.11
N ALA A 723 26.19 -18.41 -59.37
CA ALA A 723 25.79 -19.80 -59.19
C ALA A 723 26.98 -20.61 -58.71
N LEU A 724 26.67 -21.72 -58.03
CA LEU A 724 27.70 -22.59 -57.46
C LEU A 724 28.21 -23.55 -58.53
N PRO A 725 29.51 -23.57 -58.81
CA PRO A 725 30.03 -24.56 -59.74
C PRO A 725 29.99 -25.95 -59.13
N PRO A 726 29.80 -26.99 -59.95
CA PRO A 726 29.79 -28.35 -59.40
C PRO A 726 31.10 -28.76 -58.77
N GLU A 727 32.22 -28.16 -59.17
CA GLU A 727 33.52 -28.52 -58.60
C GLU A 727 33.59 -28.24 -57.11
N LEU A 728 32.74 -27.35 -56.61
CA LEU A 728 32.62 -27.14 -55.16
C LEU A 728 32.38 -28.45 -54.43
N PHE A 729 31.62 -29.35 -55.05
CA PHE A 729 31.27 -30.63 -54.43
C PHE A 729 32.34 -31.68 -54.62
N GLN A 730 33.44 -31.36 -55.32
CA GLN A 730 34.56 -32.29 -55.40
C GLN A 730 35.17 -32.54 -54.03
N CYS A 731 35.30 -31.49 -53.23
CA CYS A 731 35.80 -31.61 -51.86
C CYS A 731 34.71 -32.22 -50.99
N ARG A 732 34.79 -33.53 -50.77
CA ARG A 732 33.71 -34.24 -50.10
C ARG A 732 33.60 -33.83 -48.63
N LYS A 733 34.73 -33.58 -47.98
CA LYS A 733 34.76 -33.36 -46.54
C LYS A 733 34.26 -31.99 -46.11
N LEU A 734 33.60 -31.25 -47.00
CA LEU A 734 33.03 -29.96 -46.66
C LEU A 734 31.96 -30.15 -45.59
N ARG A 735 32.06 -29.42 -44.49
CA ARG A 735 31.16 -29.60 -43.36
C ARG A 735 30.18 -28.45 -43.17
N ALA A 736 30.48 -27.27 -43.70
CA ALA A 736 29.57 -26.14 -43.57
C ALA A 736 29.88 -25.12 -44.64
N LEU A 737 28.83 -24.57 -45.26
CA LEU A 737 28.95 -23.56 -46.28
C LEU A 737 28.13 -22.34 -45.90
N HIS A 738 28.68 -21.15 -46.11
CA HIS A 738 27.99 -19.90 -45.85
C HIS A 738 27.74 -19.23 -47.20
N LEU A 739 26.48 -19.18 -47.61
CA LEU A 739 26.11 -18.65 -48.91
C LEU A 739 24.99 -17.62 -48.82
N GLY A 740 24.74 -17.07 -47.64
CA GLY A 740 23.69 -16.08 -47.49
C GLY A 740 24.06 -14.75 -48.11
N ASN A 741 23.05 -13.88 -48.20
CA ASN A 741 23.23 -12.51 -48.68
C ASN A 741 23.88 -12.48 -50.06
N ASN A 742 23.52 -13.44 -50.89
CA ASN A 742 24.06 -13.57 -52.24
C ASN A 742 22.92 -13.52 -53.25
N VAL A 743 23.27 -13.68 -54.52
CA VAL A 743 22.30 -13.62 -55.62
C VAL A 743 22.11 -15.01 -56.20
N LEU A 744 22.28 -16.04 -55.38
CA LEU A 744 22.07 -17.40 -55.83
C LEU A 744 20.64 -17.58 -56.31
N GLN A 745 20.49 -18.20 -57.48
CA GLN A 745 19.18 -18.42 -58.09
C GLN A 745 18.61 -19.78 -57.70
N SER A 746 19.39 -20.84 -57.86
CA SER A 746 18.98 -22.19 -57.49
C SER A 746 20.18 -22.97 -57.00
N LEU A 747 19.92 -23.95 -56.15
CA LEU A 747 20.96 -24.79 -55.56
C LEU A 747 21.27 -25.96 -56.48
N PRO A 748 22.52 -26.17 -56.87
CA PRO A 748 22.87 -27.36 -57.64
C PRO A 748 22.52 -28.64 -56.89
N SER A 749 22.14 -29.66 -57.65
CA SER A 749 21.66 -30.91 -57.07
C SER A 749 22.77 -31.73 -56.41
N ARG A 750 24.02 -31.37 -56.61
CA ARG A 750 25.12 -32.13 -56.00
C ARG A 750 25.27 -31.88 -54.50
N VAL A 751 24.39 -31.05 -53.92
CA VAL A 751 24.50 -30.72 -52.50
C VAL A 751 24.44 -31.98 -51.64
N GLY A 752 23.52 -32.88 -51.97
CA GLY A 752 23.40 -34.12 -51.21
C GLY A 752 24.62 -35.02 -51.32
N GLU A 753 25.48 -34.79 -52.32
CA GLU A 753 26.68 -35.60 -52.47
C GLU A 753 27.61 -35.42 -51.27
N LEU A 754 27.73 -34.20 -50.77
CA LEU A 754 28.61 -33.93 -49.63
C LEU A 754 28.01 -34.49 -48.35
N THR A 755 28.45 -35.69 -47.95
CA THR A 755 27.94 -36.31 -46.74
C THR A 755 28.35 -35.52 -45.51
N ASN A 756 29.58 -34.97 -45.50
CA ASN A 756 30.10 -34.27 -44.34
C ASN A 756 29.39 -32.95 -44.06
N LEU A 757 28.58 -32.46 -45.00
CA LEU A 757 27.95 -31.15 -44.86
C LEU A 757 26.99 -31.16 -43.67
N THR A 758 27.34 -30.44 -42.61
CA THR A 758 26.52 -30.37 -41.40
C THR A 758 25.81 -29.03 -41.23
N GLN A 759 26.16 -28.02 -42.04
CA GLN A 759 25.55 -26.71 -41.95
C GLN A 759 25.58 -26.05 -43.32
N ILE A 760 24.58 -25.20 -43.58
CA ILE A 760 24.57 -24.37 -44.77
C ILE A 760 23.68 -23.16 -44.54
N GLU A 761 24.18 -21.98 -44.91
CA GLU A 761 23.48 -20.72 -44.70
C GLU A 761 23.07 -20.15 -46.05
N LEU A 762 21.76 -19.94 -46.23
CA LEU A 762 21.22 -19.48 -47.50
C LEU A 762 20.23 -18.33 -47.36
N ARG A 763 20.15 -17.72 -46.17
CA ARG A 763 19.18 -16.67 -45.95
C ARG A 763 19.51 -15.43 -46.76
N GLY A 764 18.47 -14.80 -47.32
CA GLY A 764 18.62 -13.58 -48.08
C GLY A 764 18.91 -13.76 -49.55
N ASN A 765 19.13 -14.98 -50.01
CA ASN A 765 19.41 -15.21 -51.42
C ASN A 765 18.11 -15.36 -52.19
N ARG A 766 18.15 -14.97 -53.47
CA ARG A 766 17.00 -15.07 -54.35
C ARG A 766 16.79 -16.52 -54.78
N LEU A 767 16.45 -17.35 -53.80
CA LEU A 767 16.26 -18.78 -54.00
C LEU A 767 14.77 -19.08 -54.19
N GLU A 768 14.50 -20.11 -54.99
CA GLU A 768 13.13 -20.46 -55.37
C GLU A 768 12.67 -21.78 -54.77
N CYS A 769 13.41 -22.87 -55.00
CA CYS A 769 13.03 -24.16 -54.45
C CYS A 769 14.29 -24.94 -54.09
N LEU A 770 14.26 -25.58 -52.92
CA LEU A 770 15.38 -26.38 -52.49
C LEU A 770 15.38 -27.73 -53.21
N PRO A 771 16.55 -28.23 -53.60
CA PRO A 771 16.61 -29.54 -54.26
C PRO A 771 16.20 -30.66 -53.32
N VAL A 772 15.63 -31.72 -53.90
CA VAL A 772 15.23 -32.87 -53.12
C VAL A 772 16.43 -33.60 -52.51
N GLU A 773 17.62 -33.41 -53.07
CA GLU A 773 18.82 -34.03 -52.54
C GLU A 773 19.11 -33.60 -51.11
N LEU A 774 18.54 -32.49 -50.65
CA LEU A 774 18.69 -32.08 -49.26
C LEU A 774 18.16 -33.13 -48.30
N GLY A 775 17.34 -34.07 -48.79
CA GLY A 775 16.86 -35.15 -47.96
C GLY A 775 17.87 -36.25 -47.71
N GLU A 776 18.97 -36.30 -48.46
CA GLU A 776 19.96 -37.36 -48.28
C GLU A 776 21.18 -36.91 -47.48
N CYS A 777 21.10 -35.75 -46.83
CA CYS A 777 22.21 -35.27 -46.01
C CYS A 777 22.30 -36.10 -44.74
N PRO A 778 23.43 -36.77 -44.47
CA PRO A 778 23.49 -37.69 -43.34
C PRO A 778 23.40 -37.03 -41.97
N LEU A 779 24.24 -36.02 -41.73
CA LEU A 779 24.33 -35.39 -40.43
C LEU A 779 23.79 -33.96 -40.40
N LEU A 780 23.38 -33.42 -41.54
CA LEU A 780 22.81 -32.07 -41.56
C LEU A 780 21.44 -32.08 -40.89
N LYS A 781 21.22 -31.10 -40.01
CA LYS A 781 19.98 -30.98 -39.25
C LYS A 781 19.36 -29.62 -39.52
N ARG A 782 18.20 -29.38 -38.90
CA ARG A 782 17.50 -28.12 -39.10
C ARG A 782 18.33 -26.95 -38.58
N SER A 783 19.02 -27.14 -37.46
CA SER A 783 19.84 -26.07 -36.90
C SER A 783 20.94 -25.66 -37.87
N GLY A 784 21.56 -26.63 -38.54
CA GLY A 784 22.54 -26.32 -39.55
C GLY A 784 21.97 -25.84 -40.86
N LEU A 785 20.66 -25.95 -41.04
CA LEU A 785 19.99 -25.47 -42.25
C LEU A 785 19.44 -24.08 -41.98
N VAL A 786 20.22 -23.06 -42.33
CA VAL A 786 19.83 -21.68 -42.10
C VAL A 786 19.03 -21.23 -43.31
N VAL A 787 17.70 -21.32 -43.21
CA VAL A 787 16.81 -20.97 -44.31
C VAL A 787 15.43 -20.68 -43.73
N GLU A 788 14.65 -19.89 -44.45
CA GLU A 788 13.33 -19.50 -43.98
C GLU A 788 12.36 -20.67 -44.03
N GLU A 789 11.31 -20.59 -43.20
CA GLU A 789 10.31 -21.66 -43.18
C GLU A 789 9.46 -21.67 -44.44
N ASP A 790 9.26 -20.51 -45.07
CA ASP A 790 8.44 -20.47 -46.28
C ASP A 790 9.12 -21.24 -47.42
N LEU A 791 10.45 -21.32 -47.39
CA LEU A 791 11.16 -22.18 -48.33
C LEU A 791 11.28 -23.61 -47.79
N PHE A 792 11.34 -23.77 -46.47
CA PHE A 792 11.30 -25.09 -45.87
C PHE A 792 10.03 -25.84 -46.21
N SER A 793 8.95 -25.12 -46.53
CA SER A 793 7.71 -25.76 -46.96
C SER A 793 7.90 -26.54 -48.25
N THR A 794 8.84 -26.11 -49.11
CA THR A 794 9.08 -26.81 -50.36
C THR A 794 9.71 -28.17 -50.14
N LEU A 795 10.43 -28.35 -49.04
CA LEU A 795 11.10 -29.61 -48.78
C LEU A 795 10.08 -30.73 -48.59
N PRO A 796 10.39 -31.94 -49.03
CA PRO A 796 9.43 -33.04 -48.91
C PRO A 796 9.12 -33.32 -47.46
N PRO A 797 7.89 -33.74 -47.15
CA PRO A 797 7.55 -34.07 -45.75
C PRO A 797 8.38 -35.18 -45.16
N GLU A 798 8.91 -36.10 -45.97
CA GLU A 798 9.87 -37.07 -45.45
C GLU A 798 11.13 -36.38 -44.96
N VAL A 799 11.63 -35.41 -45.74
CA VAL A 799 12.80 -34.64 -45.33
C VAL A 799 12.49 -33.82 -44.09
N LYS A 800 11.29 -33.26 -44.02
CA LYS A 800 10.88 -32.53 -42.82
C LYS A 800 10.87 -33.45 -41.60
N GLU A 801 10.34 -34.67 -41.76
CA GLU A 801 10.32 -35.63 -40.67
C GLU A 801 11.73 -35.95 -40.21
N ARG A 802 12.63 -36.23 -41.15
CA ARG A 802 14.01 -36.55 -40.78
C ARG A 802 14.67 -35.37 -40.09
N LEU A 803 14.44 -34.15 -40.58
CA LEU A 803 15.06 -32.97 -39.99
C LEU A 803 14.55 -32.72 -38.58
N TRP A 804 13.23 -32.83 -38.37
CA TRP A 804 12.69 -32.66 -37.03
C TRP A 804 13.15 -33.76 -36.09
N ARG A 805 13.28 -35.00 -36.59
CA ARG A 805 13.79 -36.09 -35.76
C ARG A 805 15.22 -35.81 -35.32
N ALA A 806 16.07 -35.38 -36.26
CA ALA A 806 17.44 -35.03 -35.92
C ALA A 806 17.48 -33.85 -34.95
N ASP A 807 16.57 -32.89 -35.12
CA ASP A 807 16.50 -31.75 -34.20
C ASP A 807 16.13 -32.18 -32.80
N LYS A 808 15.22 -33.15 -32.68
CA LYS A 808 14.81 -33.61 -31.36
C LYS A 808 15.95 -34.34 -30.63
N GLU A 809 16.64 -35.22 -31.34
CA GLU A 809 17.78 -35.93 -30.77
C GLU A 809 18.87 -36.15 -31.82
N PRO B 16 9.72 21.49 27.18
CA PRO B 16 9.94 20.66 25.99
C PRO B 16 11.18 21.08 25.21
N ALA B 17 10.99 21.52 23.97
CA ALA B 17 12.08 21.93 23.10
C ALA B 17 12.34 23.43 23.15
N TYR B 18 11.40 24.21 23.68
CA TYR B 18 11.53 25.67 23.72
C TYR B 18 12.83 26.13 24.37
N ARG B 19 13.53 25.25 25.10
CA ARG B 19 14.80 25.62 25.70
C ARG B 19 15.82 26.05 24.65
N ILE B 20 15.66 25.64 23.41
CA ILE B 20 16.63 26.04 22.39
C ILE B 20 16.39 27.46 21.91
N LEU B 21 15.17 27.98 22.07
CA LEU B 21 14.91 29.37 21.68
C LEU B 21 15.71 30.34 22.55
N LYS B 22 15.71 30.11 23.85
CA LYS B 22 16.30 31.06 24.79
C LYS B 22 17.82 31.08 24.69
N PRO B 23 18.44 32.22 24.40
CA PRO B 23 19.89 32.33 24.56
C PRO B 23 20.27 32.40 26.03
N TRP B 24 21.55 32.56 26.33
CA TRP B 24 21.97 32.66 27.73
C TRP B 24 21.41 33.92 28.38
N TRP B 25 21.38 35.04 27.65
CA TRP B 25 20.86 36.28 28.21
C TRP B 25 19.36 36.22 28.50
N ASP B 26 18.70 35.12 28.15
CA ASP B 26 17.32 34.93 28.59
C ASP B 26 17.23 33.97 29.75
N VAL B 27 18.11 32.97 29.84
CA VAL B 27 18.17 32.14 31.04
C VAL B 27 18.57 32.98 32.25
N PHE B 28 19.53 33.89 32.07
CA PHE B 28 19.97 34.74 33.17
C PHE B 28 18.82 35.59 33.68
N THR B 29 18.01 36.15 32.79
CA THR B 29 16.89 36.96 33.22
C THR B 29 15.68 36.13 33.60
N ASP B 30 15.68 34.83 33.31
CA ASP B 30 14.66 33.96 33.87
C ASP B 30 14.99 33.56 35.29
N TYR B 31 16.27 33.52 35.64
CA TYR B 31 16.65 33.19 37.01
C TYR B 31 16.76 34.41 37.91
N ILE B 32 17.24 35.53 37.38
CA ILE B 32 17.26 36.77 38.16
C ILE B 32 15.84 37.21 38.48
N SER B 33 14.92 37.02 37.53
CA SER B 33 13.52 37.30 37.81
C SER B 33 12.98 36.43 38.93
N ILE B 34 13.37 35.14 38.94
CA ILE B 34 12.93 34.26 40.02
C ILE B 34 13.48 34.74 41.36
N VAL B 35 14.75 35.12 41.40
CA VAL B 35 15.34 35.58 42.66
C VAL B 35 14.67 36.86 43.13
N MET B 36 14.41 37.79 42.22
CA MET B 36 13.74 39.03 42.59
C MET B 36 12.34 38.77 43.08
N LEU B 37 11.62 37.85 42.45
CA LEU B 37 10.30 37.47 42.93
C LEU B 37 10.37 36.84 44.31
N MET B 38 11.41 36.04 44.56
CA MET B 38 11.60 35.42 45.86
C MET B 38 11.79 36.49 46.94
N ILE B 39 12.68 37.46 46.69
CA ILE B 39 12.87 38.51 47.69
C ILE B 39 11.65 39.41 47.81
N ALA B 40 10.87 39.59 46.74
CA ALA B 40 9.63 40.34 46.85
C ALA B 40 8.62 39.62 47.75
N VAL B 41 8.51 38.30 47.59
CA VAL B 41 7.58 37.54 48.44
C VAL B 41 8.05 37.58 49.89
N PHE B 42 9.36 37.44 50.11
CA PHE B 42 9.88 37.52 51.47
C PHE B 42 9.62 38.89 52.08
N GLY B 43 9.86 39.96 51.32
CA GLY B 43 9.60 41.29 51.82
C GLY B 43 8.13 41.51 52.12
N GLY B 44 7.25 41.02 51.26
CA GLY B 44 5.83 41.18 51.51
C GLY B 44 5.36 40.42 52.74
N THR B 45 5.78 39.17 52.88
CA THR B 45 5.38 38.37 54.02
C THR B 45 6.04 38.83 55.31
N LEU B 46 7.09 39.65 55.22
CA LEU B 46 7.63 40.29 56.41
C LEU B 46 6.92 41.59 56.74
N GLN B 47 6.66 42.42 55.74
CA GLN B 47 5.97 43.69 55.93
C GLN B 47 4.52 43.50 56.36
N VAL B 48 3.92 42.36 56.07
CA VAL B 48 2.53 42.11 56.46
C VAL B 48 2.42 41.66 57.91
N THR B 49 3.17 40.63 58.30
CA THR B 49 2.98 40.00 59.60
C THR B 49 3.98 40.44 60.65
N GLN B 50 4.93 41.31 60.33
CA GLN B 50 5.97 41.64 61.28
C GLN B 50 6.24 43.13 61.41
N ASP B 51 5.83 43.90 60.42
CA ASP B 51 6.22 45.31 60.37
C ASP B 51 5.42 46.14 61.35
N LYS B 52 6.12 46.84 62.24
CA LYS B 52 5.49 47.71 63.21
C LYS B 52 6.16 49.08 63.21
N MET B 53 5.80 49.92 64.17
CA MET B 53 6.47 51.19 64.40
C MET B 53 6.30 51.54 65.86
N ILE B 54 7.39 51.60 66.60
CA ILE B 54 7.34 51.78 68.06
C ILE B 54 7.54 53.26 68.35
N CYS B 55 6.51 53.93 68.84
CA CYS B 55 6.53 55.37 69.00
C CYS B 55 6.48 55.75 70.48
N LEU B 56 7.33 56.70 70.87
CA LEU B 56 7.30 57.28 72.20
C LEU B 56 7.25 58.80 72.08
N PRO B 57 6.43 59.46 72.89
CA PRO B 57 6.35 60.92 72.82
C PRO B 57 7.56 61.61 73.40
N CYS B 58 7.86 62.78 72.86
CA CYS B 58 8.91 63.64 73.38
C CYS B 58 8.27 64.71 74.26
N LYS B 59 8.74 64.80 75.51
CA LYS B 59 8.12 65.71 76.46
C LYS B 59 8.47 67.16 76.14
N TRP B 60 9.72 67.45 75.84
CA TRP B 60 10.18 68.78 75.54
C TRP B 60 10.50 68.89 74.06
N VAL B 61 9.83 69.81 73.37
CA VAL B 61 9.97 69.99 71.93
C VAL B 61 10.76 71.26 71.66
N THR B 62 11.80 71.15 70.85
CA THR B 62 12.63 72.29 70.46
C THR B 62 12.54 72.46 68.95
N LYS B 63 12.08 73.63 68.51
CA LYS B 63 11.94 73.95 67.09
C LYS B 63 11.10 72.90 66.37
N ASP B 64 9.97 72.55 66.98
CA ASP B 64 9.05 71.53 66.45
C ASP B 64 9.78 70.22 66.21
N SER B 65 10.73 69.91 67.09
CA SER B 65 11.51 68.68 66.99
C SER B 65 11.92 68.25 68.39
N CYS B 66 12.17 66.95 68.53
CA CYS B 66 12.56 66.40 69.83
C CYS B 66 13.87 67.01 70.29
N ASN B 67 13.90 67.43 71.56
CA ASN B 67 15.10 68.05 72.11
C ASN B 67 16.26 67.06 72.17
N ASP B 68 15.98 65.83 72.58
CA ASP B 68 17.03 64.83 72.85
C ASP B 68 18.04 65.35 73.85
N SER B 69 17.54 66.05 74.87
CA SER B 69 18.38 66.61 75.92
C SER B 69 17.57 66.94 77.16
N THR B 93 21.03 58.75 94.59
CA THR B 93 19.74 58.37 94.01
C THR B 93 19.86 58.15 92.51
N GLY B 94 19.73 56.90 92.08
CA GLY B 94 19.86 56.55 90.68
C GLY B 94 18.74 57.09 89.83
N PRO B 95 18.96 57.16 88.52
CA PRO B 95 17.93 57.67 87.62
C PRO B 95 16.70 56.78 87.61
N THR B 96 15.55 57.40 87.39
CA THR B 96 14.27 56.71 87.35
C THR B 96 13.65 56.87 85.96
N GLY B 97 12.90 55.85 85.55
CA GLY B 97 12.26 55.90 84.25
C GLY B 97 11.22 57.01 84.18
N ILE B 98 11.20 57.70 83.03
CA ILE B 98 10.19 58.72 82.80
C ILE B 98 8.81 58.07 82.71
N LYS B 99 7.79 58.88 82.91
CA LYS B 99 6.40 58.42 82.84
C LYS B 99 5.64 59.28 81.85
N TYR B 100 4.82 58.62 81.03
CA TYR B 100 3.97 59.32 80.08
C TYR B 100 2.49 59.14 80.38
N ASP B 101 2.12 58.24 81.30
CA ASP B 101 0.74 58.01 81.69
C ASP B 101 -0.12 57.65 80.47
N LEU B 102 0.42 56.84 79.58
CA LEU B 102 -0.29 56.37 78.40
C LEU B 102 -0.53 54.86 78.53
N ASP B 103 -1.78 54.45 78.43
CA ASP B 103 -2.09 53.04 78.42
C ASP B 103 -1.64 52.42 77.10
N ARG B 104 -1.68 51.08 77.05
CA ARG B 104 -1.15 50.37 75.89
C ARG B 104 -1.91 50.72 74.63
N HIS B 105 -3.24 50.85 74.71
CA HIS B 105 -4.01 51.13 73.51
C HIS B 105 -3.71 52.52 72.95
N GLN B 106 -3.40 53.49 73.81
CA GLN B 106 -2.97 54.79 73.31
C GLN B 106 -1.68 54.67 72.53
N TYR B 107 -0.75 53.85 73.02
CA TYR B 107 0.49 53.60 72.29
C TYR B 107 0.20 52.95 70.94
N ASN B 108 -0.72 51.99 70.91
CA ASN B 108 -1.05 51.35 69.64
C ASN B 108 -1.66 52.35 68.67
N TYR B 109 -2.53 53.23 69.16
CA TYR B 109 -3.17 54.22 68.30
C TYR B 109 -2.14 55.18 67.72
N VAL B 110 -1.22 55.67 68.57
CA VAL B 110 -0.23 56.60 68.06
C VAL B 110 0.72 55.90 67.10
N ASP B 111 1.03 54.62 67.35
CA ASP B 111 1.82 53.85 66.39
C ASP B 111 1.10 53.78 65.05
N ALA B 112 -0.20 53.48 65.07
CA ALA B 112 -0.94 53.36 63.81
C ALA B 112 -0.96 54.69 63.06
N VAL B 113 -1.21 55.79 63.78
CA VAL B 113 -1.31 57.09 63.12
C VAL B 113 0.04 57.50 62.53
N CYS B 114 1.10 57.37 63.31
CA CYS B 114 2.41 57.79 62.83
C CYS B 114 2.90 56.86 61.72
N TYR B 115 2.48 55.59 61.74
CA TYR B 115 2.87 54.67 60.68
C TYR B 115 2.13 54.99 59.39
N GLU B 116 0.86 55.36 59.49
CA GLU B 116 0.10 55.69 58.29
C GLU B 116 0.55 57.02 57.69
N ASN B 117 0.84 58.01 58.54
CA ASN B 117 1.05 59.36 58.04
C ASN B 117 2.50 59.68 57.73
N ARG B 118 3.39 59.54 58.71
CA ARG B 118 4.75 60.03 58.59
C ARG B 118 5.78 58.92 58.42
N LEU B 119 5.45 57.87 57.67
CA LEU B 119 6.44 56.90 57.21
C LEU B 119 6.44 56.93 55.69
N HIS B 120 7.64 57.04 55.11
CA HIS B 120 7.73 57.18 53.65
C HIS B 120 7.18 55.96 52.95
N TRP B 121 6.38 56.20 51.92
CA TRP B 121 5.68 55.10 51.23
C TRP B 121 6.66 54.08 50.66
N PHE B 122 7.86 54.51 50.29
CA PHE B 122 8.82 53.57 49.73
C PHE B 122 9.31 52.58 50.78
N ALA B 123 9.09 52.88 52.07
CA ALA B 123 9.36 51.89 53.10
C ALA B 123 8.20 50.93 53.27
N LYS B 124 6.97 51.44 53.15
CA LYS B 124 5.80 50.60 53.36
C LYS B 124 5.56 49.68 52.17
N TYR B 125 5.69 50.20 50.95
CA TYR B 125 5.23 49.51 49.75
C TYR B 125 6.38 49.09 48.83
N PHE B 126 7.57 48.90 49.39
CA PHE B 126 8.68 48.39 48.59
C PHE B 126 8.42 46.98 48.07
N PRO B 127 8.04 45.99 48.89
CA PRO B 127 7.85 44.64 48.35
C PRO B 127 6.76 44.56 47.29
N TYR B 128 5.68 45.34 47.42
CA TYR B 128 4.63 45.30 46.40
C TYR B 128 5.14 45.86 45.08
N LEU B 129 5.92 46.94 45.12
CA LEU B 129 6.52 47.46 43.90
C LEU B 129 7.45 46.44 43.27
N VAL B 130 8.25 45.74 44.09
CA VAL B 130 9.15 44.73 43.55
C VAL B 130 8.36 43.60 42.91
N LEU B 131 7.30 43.15 43.56
CA LEU B 131 6.46 42.10 43.01
C LEU B 131 5.86 42.52 41.68
N LEU B 132 5.33 43.74 41.61
CA LEU B 132 4.74 44.24 40.37
C LEU B 132 5.78 44.31 39.26
N HIS B 133 6.97 44.83 39.56
CA HIS B 133 8.00 44.96 38.53
C HIS B 133 8.48 43.60 38.05
N THR B 134 8.62 42.62 38.95
CA THR B 134 9.02 41.29 38.51
C THR B 134 7.92 40.63 37.69
N LEU B 135 6.65 40.84 38.06
CA LEU B 135 5.56 40.27 37.29
C LEU B 135 5.53 40.84 35.88
N ILE B 136 5.71 42.15 35.75
CA ILE B 136 5.71 42.73 34.41
C ILE B 136 6.98 42.34 33.63
N PHE B 137 8.11 42.16 34.31
CA PHE B 137 9.29 41.61 33.63
C PHE B 137 9.01 40.23 33.07
N LEU B 138 8.41 39.36 33.88
CA LEU B 138 8.08 38.01 33.41
C LEU B 138 7.08 38.05 32.27
N ALA B 139 6.07 38.90 32.36
CA ALA B 139 5.11 39.03 31.27
C ALA B 139 5.77 39.56 30.01
N CYS B 140 6.80 40.40 30.12
CA CYS B 140 7.53 40.84 28.94
C CYS B 140 8.36 39.72 28.35
N SER B 141 9.01 38.93 29.19
CA SER B 141 9.88 37.86 28.67
C SER B 141 9.09 36.74 27.99
N ASN B 142 7.90 36.42 28.49
CA ASN B 142 7.12 35.30 27.96
C ASN B 142 5.83 35.74 27.28
N PHE B 143 5.80 36.94 26.70
CA PHE B 143 4.58 37.38 26.01
C PHE B 143 4.42 36.65 24.68
N TRP B 144 5.51 36.52 23.91
CA TRP B 144 5.40 35.93 22.58
C TRP B 144 5.07 34.44 22.64
N PHE B 145 5.52 33.73 23.69
CA PHE B 145 5.22 32.31 23.79
C PHE B 145 3.74 32.06 24.04
N LYS B 146 3.04 33.02 24.65
CA LYS B 146 1.62 32.88 24.91
C LYS B 146 0.74 33.63 23.93
N PHE B 147 1.29 34.60 23.21
CA PHE B 147 0.52 35.31 22.20
C PHE B 147 0.27 34.39 21.03
N PRO B 148 -0.97 33.97 20.77
CA PRO B 148 -1.21 32.93 19.76
C PRO B 148 -0.80 33.32 18.35
N ARG B 149 -0.65 34.61 18.06
CA ARG B 149 -0.22 35.03 16.73
C ARG B 149 1.19 34.55 16.42
N THR B 150 2.07 34.55 17.42
CA THR B 150 3.45 34.11 17.23
C THR B 150 3.75 32.77 17.88
N SER B 151 2.90 32.31 18.80
CA SER B 151 3.13 31.00 19.41
C SER B 151 3.06 29.89 18.39
N SER B 152 2.09 29.96 17.46
CA SER B 152 2.00 28.97 16.41
C SER B 152 3.23 28.98 15.51
N LYS B 153 3.69 30.17 15.14
CA LYS B 153 4.91 30.27 14.32
C LYS B 153 6.10 29.64 15.04
N LEU B 154 6.28 29.97 16.32
CA LEU B 154 7.43 29.45 17.05
C LEU B 154 7.37 27.94 17.20
N GLU B 155 6.19 27.40 17.53
CA GLU B 155 6.09 25.95 17.71
C GLU B 155 6.28 25.22 16.39
N HIS B 156 5.72 25.75 15.30
CA HIS B 156 5.95 25.13 14.00
C HIS B 156 7.42 25.15 13.63
N PHE B 157 8.08 26.29 13.85
CA PHE B 157 9.50 26.41 13.53
C PHE B 157 10.34 25.43 14.34
N VAL B 158 10.07 25.32 15.64
CA VAL B 158 10.88 24.45 16.47
C VAL B 158 10.64 23.00 16.13
N SER B 159 9.39 22.61 15.85
CA SER B 159 9.11 21.23 15.47
C SER B 159 9.80 20.87 14.16
N ILE B 160 9.72 21.77 13.17
CA ILE B 160 10.31 21.48 11.87
C ILE B 160 11.83 21.44 11.96
N LEU B 161 12.42 22.38 12.72
CA LEU B 161 13.87 22.34 12.91
C LEU B 161 14.30 21.08 13.64
N LEU B 162 13.51 20.61 14.61
CA LEU B 162 13.84 19.37 15.30
C LEU B 162 13.82 18.19 14.35
N LYS B 163 12.74 18.04 13.59
CA LYS B 163 12.68 16.91 12.66
C LYS B 163 13.68 17.05 11.52
N CYS B 164 14.19 18.25 11.25
CA CYS B 164 15.30 18.42 10.33
C CYS B 164 16.65 18.17 10.99
N PHE B 165 16.71 18.17 12.31
CA PHE B 165 17.94 17.81 13.01
C PHE B 165 18.11 16.30 13.15
N ASP B 166 17.00 15.57 13.24
CA ASP B 166 17.02 14.13 13.42
C ASP B 166 16.92 13.38 12.09
N SER B 167 16.91 14.09 10.97
CA SER B 167 16.75 13.44 9.68
C SER B 167 18.01 12.68 9.31
N PRO B 168 17.92 11.36 9.05
CA PRO B 168 19.13 10.61 8.70
C PRO B 168 19.76 11.05 7.39
N TRP B 169 19.02 11.80 6.56
CA TRP B 169 19.63 12.34 5.35
C TRP B 169 20.65 13.43 5.68
N THR B 170 20.47 14.12 6.81
CA THR B 170 21.34 15.22 7.17
C THR B 170 22.77 14.76 7.42
N THR B 171 22.93 13.64 8.13
CA THR B 171 24.27 13.12 8.37
C THR B 171 24.88 12.57 7.08
N ARG B 172 24.07 11.92 6.24
CA ARG B 172 24.58 11.40 4.98
C ARG B 172 25.09 12.53 4.09
N ALA B 173 24.39 13.66 4.08
CA ALA B 173 24.79 14.76 3.21
C ALA B 173 26.19 15.26 3.53
N LEU B 174 26.50 15.42 4.82
CA LEU B 174 27.84 15.84 5.21
C LEU B 174 28.83 14.69 5.27
N SER B 175 28.35 13.43 5.18
CA SER B 175 29.27 12.30 5.15
C SER B 175 30.21 12.34 3.96
N GLU B 176 29.77 12.90 2.83
CA GLU B 176 30.59 12.94 1.63
C GLU B 176 31.62 14.06 1.67
N THR B 177 31.56 14.95 2.67
CA THR B 177 32.49 16.07 2.80
C THR B 177 32.52 16.94 1.54
N LYS B 217 43.16 22.07 -19.06
CA LYS B 217 43.95 20.85 -19.09
C LYS B 217 43.49 19.92 -20.20
N SER B 218 43.79 18.62 -20.04
CA SER B 218 43.42 17.61 -21.01
C SER B 218 42.16 16.84 -20.61
N ARG B 219 42.17 16.24 -19.42
CA ARG B 219 41.02 15.45 -18.99
C ARG B 219 39.83 16.33 -18.65
N ILE B 220 40.08 17.51 -18.06
CA ILE B 220 38.99 18.33 -17.53
C ILE B 220 38.09 18.82 -18.66
N GLU B 221 38.66 19.11 -19.82
CA GLU B 221 37.88 19.69 -20.92
C GLU B 221 37.11 18.66 -21.72
N GLN B 222 37.32 17.37 -21.49
CA GLN B 222 36.64 16.33 -22.23
C GLN B 222 35.27 16.00 -21.67
N GLY B 223 34.86 16.64 -20.59
CA GLY B 223 33.60 16.31 -19.96
C GLY B 223 33.62 15.07 -19.09
N ILE B 224 34.81 14.55 -18.79
CA ILE B 224 34.92 13.35 -17.95
C ILE B 224 34.88 13.78 -16.49
N VAL B 225 33.78 13.48 -15.81
CA VAL B 225 33.60 13.87 -14.43
C VAL B 225 34.45 12.97 -13.54
N ASP B 226 34.66 13.40 -12.30
CA ASP B 226 35.39 12.61 -11.33
C ASP B 226 34.52 11.49 -10.79
N ARG B 227 35.17 10.40 -10.37
CA ARG B 227 34.45 9.26 -9.85
C ARG B 227 33.68 9.64 -8.59
N SER B 228 32.44 9.18 -8.50
CA SER B 228 31.57 9.46 -7.37
C SER B 228 30.72 8.23 -7.09
N GLU B 229 30.62 7.87 -5.81
CA GLU B 229 29.94 6.66 -5.38
C GLU B 229 28.83 7.03 -4.41
N THR B 230 27.61 6.58 -4.70
CA THR B 230 26.46 6.84 -3.86
C THR B 230 25.86 5.52 -3.39
N GLY B 231 25.17 5.58 -2.26
CA GLY B 231 24.61 4.39 -1.63
C GLY B 231 23.14 4.22 -1.94
N VAL B 232 22.39 3.76 -0.95
CA VAL B 232 20.96 3.47 -1.10
C VAL B 232 20.22 3.96 0.13
N LEU B 233 18.98 4.40 -0.08
CA LEU B 233 18.07 4.75 1.01
C LEU B 233 16.78 3.97 0.83
N ASP B 234 16.16 3.62 1.96
CA ASP B 234 14.93 2.85 1.90
C ASP B 234 13.81 3.68 1.27
N LYS B 235 12.83 2.97 0.69
CA LYS B 235 11.73 3.65 0.03
C LYS B 235 10.95 4.53 1.01
N LYS B 236 10.67 3.99 2.20
CA LYS B 236 9.97 4.79 3.21
C LYS B 236 10.84 5.94 3.70
N GLU B 237 12.13 5.71 3.89
CA GLU B 237 13.03 6.78 4.32
C GLU B 237 13.09 7.89 3.28
N GLY B 238 13.23 7.51 2.00
CA GLY B 238 13.23 8.51 0.94
C GLY B 238 11.92 9.27 0.85
N GLU B 239 10.80 8.57 1.03
CA GLU B 239 9.51 9.25 1.03
C GLU B 239 9.40 10.23 2.19
N GLN B 240 9.90 9.85 3.37
CA GLN B 240 9.89 10.76 4.51
C GLN B 240 10.75 11.98 4.23
N ALA B 241 11.93 11.77 3.64
CA ALA B 241 12.79 12.90 3.31
C ALA B 241 12.14 13.83 2.30
N LYS B 242 11.49 13.28 1.28
CA LYS B 242 10.81 14.11 0.28
C LYS B 242 9.65 14.88 0.91
N ALA B 243 8.85 14.20 1.73
CA ALA B 243 7.73 14.87 2.38
C ALA B 243 8.21 15.98 3.31
N LEU B 244 9.31 15.72 4.03
CA LEU B 244 9.88 16.77 4.88
C LEU B 244 10.39 17.93 4.06
N PHE B 245 10.98 17.66 2.88
CA PHE B 245 11.39 18.75 2.00
C PHE B 245 10.19 19.60 1.59
N GLU B 246 9.10 18.96 1.19
CA GLU B 246 7.92 19.71 0.78
C GLU B 246 7.35 20.52 1.96
N LYS B 247 7.28 19.90 3.15
CA LYS B 247 6.77 20.60 4.32
C LYS B 247 7.66 21.79 4.67
N VAL B 248 8.98 21.62 4.58
CA VAL B 248 9.89 22.71 4.88
C VAL B 248 9.71 23.85 3.90
N LYS B 249 9.56 23.54 2.61
CA LYS B 249 9.35 24.60 1.64
C LYS B 249 8.03 25.34 1.88
N LYS B 250 6.96 24.59 2.15
CA LYS B 250 5.68 25.24 2.44
C LYS B 250 5.76 26.10 3.68
N PHE B 251 6.40 25.60 4.73
CA PHE B 251 6.58 26.38 5.95
C PHE B 251 7.41 27.63 5.70
N ARG B 252 8.46 27.50 4.89
CA ARG B 252 9.31 28.64 4.57
C ARG B 252 8.52 29.71 3.85
N THR B 253 7.66 29.31 2.91
CA THR B 253 6.77 30.26 2.26
C THR B 253 5.77 30.88 3.24
N HIS B 254 5.21 30.08 4.14
CA HIS B 254 4.24 30.57 5.11
C HIS B 254 4.84 31.54 6.13
N VAL B 255 6.13 31.41 6.42
CA VAL B 255 6.75 32.14 7.52
C VAL B 255 7.57 33.33 7.02
N GLU B 256 8.30 33.18 5.92
CA GLU B 256 9.18 34.23 5.44
C GLU B 256 8.45 35.53 5.13
N GLU B 257 7.12 35.53 5.18
CA GLU B 257 6.33 36.69 4.78
C GLU B 257 5.82 37.51 5.97
N GLY B 258 5.71 36.92 7.15
CA GLY B 258 5.05 37.55 8.27
C GLY B 258 5.77 38.71 8.93
N ASP B 259 6.93 38.44 9.53
CA ASP B 259 7.71 39.44 10.27
C ASP B 259 6.91 39.98 11.46
N ILE B 260 6.35 39.07 12.25
CA ILE B 260 5.66 39.43 13.47
C ILE B 260 6.48 39.07 14.71
N VAL B 261 7.24 37.99 14.65
CA VAL B 261 8.00 37.55 15.83
C VAL B 261 9.14 38.52 16.13
N TYR B 262 9.87 38.94 15.09
CA TYR B 262 10.99 39.85 15.31
C TYR B 262 10.52 41.17 15.90
N ARG B 263 9.38 41.70 15.44
CA ARG B 263 8.84 42.93 16.00
C ARG B 263 8.53 42.74 17.48
N LEU B 264 7.91 41.62 17.84
CA LEU B 264 7.57 41.37 19.23
C LEU B 264 8.81 41.27 20.10
N TYR B 265 9.85 40.58 19.61
CA TYR B 265 11.07 40.46 20.41
C TYR B 265 11.74 41.81 20.60
N MET B 266 11.79 42.63 19.54
CA MET B 266 12.35 43.97 19.67
C MET B 266 11.56 44.81 20.67
N ARG B 267 10.24 44.76 20.59
CA ARG B 267 9.40 45.51 21.53
C ARG B 267 9.63 45.04 22.96
N GLN B 268 9.72 43.73 23.17
CA GLN B 268 9.94 43.21 24.52
C GLN B 268 11.26 43.71 25.08
N THR B 269 12.32 43.66 24.29
CA THR B 269 13.61 44.12 24.78
C THR B 269 13.59 45.61 25.08
N ILE B 270 12.95 46.41 24.22
CA ILE B 270 12.87 47.84 24.46
C ILE B 270 12.12 48.15 25.75
N ILE B 271 10.98 47.47 25.95
CA ILE B 271 10.20 47.67 27.16
C ILE B 271 10.99 47.29 28.40
N LYS B 272 11.71 46.17 28.34
CA LYS B 272 12.54 45.78 29.47
C LYS B 272 13.60 46.83 29.78
N VAL B 273 14.24 47.37 28.75
CA VAL B 273 15.29 48.36 28.98
C VAL B 273 14.71 49.62 29.61
N ILE B 274 13.59 50.11 29.09
CA ILE B 274 13.04 51.36 29.63
C ILE B 274 12.55 51.16 31.05
N LYS B 275 11.96 50.00 31.35
CA LYS B 275 11.53 49.73 32.71
C LYS B 275 12.70 49.61 33.66
N PHE B 276 13.80 49.01 33.20
CA PHE B 276 15.02 48.99 34.01
C PHE B 276 15.50 50.40 34.30
N ALA B 277 15.47 51.27 33.30
CA ALA B 277 15.87 52.66 33.53
C ALA B 277 15.01 53.31 34.60
N LEU B 278 13.69 53.18 34.49
CA LEU B 278 12.79 53.80 35.45
C LEU B 278 13.02 53.28 36.87
N ILE B 279 13.02 51.94 37.02
CA ILE B 279 13.07 51.35 38.35
C ILE B 279 14.48 51.16 38.87
N ILE B 280 15.49 51.62 38.14
CA ILE B 280 16.82 51.79 38.71
C ILE B 280 17.11 53.25 39.00
N CYS B 281 16.37 54.18 38.38
CA CYS B 281 16.52 55.58 38.75
C CYS B 281 15.75 55.89 40.03
N TYR B 282 14.44 55.66 40.04
CA TYR B 282 13.64 56.14 41.16
C TYR B 282 13.90 55.33 42.43
N THR B 283 14.24 54.06 42.30
CA THR B 283 14.53 53.25 43.48
C THR B 283 15.78 53.76 44.19
N VAL B 284 16.84 54.08 43.42
CA VAL B 284 18.02 54.66 44.03
C VAL B 284 17.73 56.05 44.58
N TYR B 285 16.83 56.79 43.92
CA TYR B 285 16.45 58.11 44.43
C TYR B 285 15.81 58.00 45.81
N TYR B 286 14.92 57.03 46.00
CA TYR B 286 14.12 56.95 47.21
C TYR B 286 14.68 56.02 48.27
N VAL B 287 15.74 55.25 47.99
CA VAL B 287 16.20 54.27 48.96
C VAL B 287 16.76 54.88 50.24
N HIS B 288 17.00 56.19 50.26
CA HIS B 288 17.50 56.83 51.47
C HIS B 288 16.41 57.10 52.49
N ASN B 289 15.14 56.98 52.11
CA ASN B 289 14.04 57.29 53.01
C ASN B 289 13.73 56.18 53.99
N ILE B 290 14.36 55.01 53.84
CA ILE B 290 14.13 53.89 54.75
C ILE B 290 15.11 54.09 55.92
N LYS B 291 14.65 54.82 56.93
CA LYS B 291 15.45 55.12 58.11
C LYS B 291 14.88 54.40 59.32
N PHE B 292 15.75 54.07 60.27
CA PHE B 292 15.32 53.32 61.43
C PHE B 292 14.54 54.20 62.40
N ASP B 293 14.90 55.47 62.53
CA ASP B 293 14.30 56.37 63.50
C ASP B 293 13.62 57.51 62.77
N VAL B 294 12.31 57.65 62.96
CA VAL B 294 11.50 58.63 62.27
C VAL B 294 10.79 59.50 63.32
N ASP B 295 10.88 60.82 63.15
CA ASP B 295 10.22 61.75 64.04
C ASP B 295 8.94 62.22 63.37
N CYS B 296 7.80 61.99 64.03
CA CYS B 296 6.51 62.38 63.47
C CYS B 296 5.79 63.35 64.40
N THR B 297 5.22 64.39 63.81
CA THR B 297 4.40 65.37 64.51
C THR B 297 2.99 65.21 63.95
N VAL B 298 2.21 64.32 64.56
CA VAL B 298 0.96 63.86 63.95
C VAL B 298 -0.24 64.69 64.39
N ASP B 299 -0.07 65.64 65.31
CA ASP B 299 -1.10 66.62 65.63
C ASP B 299 -2.38 65.96 66.17
N ILE B 300 -2.21 65.17 67.23
CA ILE B 300 -3.34 64.69 68.00
C ILE B 300 -3.08 64.89 69.49
N GLU B 301 -3.57 66.00 70.03
CA GLU B 301 -3.53 66.25 71.47
C GLU B 301 -4.80 65.81 72.16
N SER B 302 -5.96 66.07 71.57
CA SER B 302 -7.24 65.74 72.20
C SER B 302 -7.42 64.25 72.41
N LEU B 303 -6.51 63.41 71.91
CA LEU B 303 -6.57 61.96 72.10
C LEU B 303 -5.46 61.42 72.98
N THR B 304 -4.24 61.95 72.86
CA THR B 304 -3.11 61.49 73.65
C THR B 304 -2.48 62.56 74.50
N GLY B 305 -2.68 63.83 74.21
CA GLY B 305 -2.15 64.91 75.01
C GLY B 305 -0.74 65.35 74.65
N TYR B 306 -0.07 64.68 73.71
CA TYR B 306 1.27 65.03 73.31
C TYR B 306 1.29 65.60 71.90
N ARG B 307 2.39 66.29 71.58
CA ARG B 307 2.53 66.94 70.28
C ARG B 307 3.30 66.09 69.28
N THR B 308 4.54 65.75 69.60
CA THR B 308 5.43 65.05 68.68
C THR B 308 5.92 63.76 69.30
N TYR B 309 6.32 62.83 68.44
CA TYR B 309 6.79 61.51 68.84
C TYR B 309 8.02 61.13 68.04
N ARG B 310 8.87 60.33 68.67
CA ARG B 310 9.99 59.69 68.01
C ARG B 310 9.71 58.20 67.95
N CYS B 311 9.96 57.60 66.79
CA CYS B 311 9.56 56.21 66.55
C CYS B 311 10.71 55.43 65.94
N ALA B 312 10.72 54.14 66.25
CA ALA B 312 11.66 53.19 65.66
C ALA B 312 10.91 52.30 64.67
N HIS B 313 11.51 52.13 63.51
CA HIS B 313 11.01 51.22 62.49
C HIS B 313 11.85 49.95 62.54
N PRO B 314 11.39 48.90 63.22
CA PRO B 314 12.27 47.74 63.46
C PRO B 314 12.80 47.10 62.19
N LEU B 315 12.02 47.08 61.13
CA LEU B 315 12.40 46.43 59.88
C LEU B 315 12.97 47.40 58.87
N ALA B 316 13.37 48.59 59.30
CA ALA B 316 13.95 49.55 58.36
C ALA B 316 15.27 49.04 57.80
N THR B 317 16.15 48.53 58.66
CA THR B 317 17.45 48.08 58.19
C THR B 317 17.33 46.89 57.24
N LEU B 318 16.47 45.94 57.57
CA LEU B 318 16.29 44.79 56.68
C LEU B 318 15.72 45.23 55.34
N PHE B 319 14.76 46.16 55.36
CA PHE B 319 14.22 46.64 54.09
C PHE B 319 15.27 47.38 53.28
N LYS B 320 16.15 48.13 53.96
CA LYS B 320 17.23 48.79 53.24
C LYS B 320 18.17 47.77 52.61
N ILE B 321 18.49 46.69 53.35
CA ILE B 321 19.37 45.66 52.79
C ILE B 321 18.72 45.00 51.59
N LEU B 322 17.44 44.65 51.71
CA LEU B 322 16.73 44.02 50.60
C LEU B 322 16.64 44.96 49.41
N ALA B 323 16.43 46.25 49.66
CA ALA B 323 16.35 47.21 48.57
C ALA B 323 17.69 47.35 47.86
N SER B 324 18.79 47.37 48.61
CA SER B 324 20.11 47.41 47.97
C SER B 324 20.35 46.15 47.15
N PHE B 325 20.00 44.99 47.70
CA PHE B 325 20.15 43.74 46.96
C PHE B 325 19.31 43.76 45.69
N TYR B 326 18.09 44.29 45.79
CA TYR B 326 17.19 44.34 44.64
C TYR B 326 17.71 45.31 43.58
N ILE B 327 18.27 46.45 43.99
CA ILE B 327 18.79 47.36 42.97
C ILE B 327 20.03 46.77 42.31
N SER B 328 20.82 45.99 43.06
CA SER B 328 21.94 45.29 42.42
C SER B 328 21.44 44.27 41.39
N LEU B 329 20.39 43.51 41.75
CA LEU B 329 19.83 42.56 40.80
C LEU B 329 19.26 43.27 39.58
N VAL B 330 18.60 44.41 39.77
CA VAL B 330 18.07 45.16 38.65
C VAL B 330 19.19 45.75 37.81
N ILE B 331 20.32 46.11 38.44
CA ILE B 331 21.47 46.57 37.67
C ILE B 331 21.99 45.46 36.76
N PHE B 332 22.10 44.25 37.31
CA PHE B 332 22.54 43.13 36.46
C PHE B 332 21.53 42.84 35.36
N TYR B 333 20.24 42.89 35.68
CA TYR B 333 19.20 42.69 34.69
C TYR B 333 19.29 43.74 33.59
N GLY B 334 19.52 44.99 33.96
CA GLY B 334 19.64 46.04 32.97
C GLY B 334 20.87 45.90 32.10
N LEU B 335 22.00 45.48 32.69
CA LEU B 335 23.18 45.24 31.88
C LEU B 335 22.94 44.13 30.87
N ILE B 336 22.28 43.06 31.30
CA ILE B 336 22.03 41.94 30.39
C ILE B 336 21.04 42.35 29.31
N CYS B 337 20.03 43.14 29.67
CA CYS B 337 19.07 43.60 28.67
C CYS B 337 19.69 44.58 27.69
N MET B 338 20.62 45.41 28.15
CA MET B 338 21.35 46.28 27.23
C MET B 338 22.24 45.47 26.30
N TYR B 339 22.85 44.40 26.81
CA TYR B 339 23.59 43.49 25.94
C TYR B 339 22.67 42.87 24.90
N THR B 340 21.47 42.48 25.30
CA THR B 340 20.50 41.92 24.36
C THR B 340 20.13 42.94 23.29
N LEU B 341 19.88 44.18 23.70
CA LEU B 341 19.55 45.23 22.74
C LEU B 341 20.69 45.48 21.78
N TRP B 342 21.93 45.50 22.29
CA TRP B 342 23.10 45.66 21.42
C TRP B 342 23.21 44.53 20.42
N TRP B 343 23.01 43.29 20.88
CA TRP B 343 23.13 42.13 20.00
C TRP B 343 22.04 42.12 18.95
N MET B 344 20.82 42.50 19.33
CA MET B 344 19.71 42.51 18.39
C MET B 344 19.75 43.71 17.45
N LEU B 345 20.46 44.78 17.81
CA LEU B 345 20.51 45.98 16.99
C LEU B 345 21.70 46.01 16.03
N ARG B 346 22.90 45.75 16.54
CA ARG B 346 24.10 45.90 15.71
C ARG B 346 24.16 44.85 14.60
N ARG B 347 23.65 43.65 14.86
CA ARG B 347 23.81 42.55 13.90
C ARG B 347 23.01 42.80 12.62
N SER B 348 21.83 43.38 12.73
CA SER B 348 20.87 43.48 11.63
C SER B 348 20.61 42.09 11.04
N LEU B 349 20.05 41.22 11.90
CA LEU B 349 19.94 39.79 11.64
C LEU B 349 18.70 39.42 10.85
N LYS B 350 18.12 40.35 10.07
CA LYS B 350 16.98 40.01 9.24
C LYS B 350 17.35 39.09 8.09
N LYS B 351 18.65 38.91 7.81
CA LYS B 351 19.11 38.01 6.76
C LYS B 351 20.23 37.14 7.31
N TYR B 352 20.14 35.84 7.06
CA TYR B 352 21.17 34.88 7.42
C TYR B 352 21.89 34.44 6.16
N SER B 353 23.23 34.45 6.21
CA SER B 353 24.03 34.33 5.00
C SER B 353 24.50 32.90 4.73
N PHE B 354 24.72 32.10 5.76
CA PHE B 354 25.28 30.75 5.65
C PHE B 354 26.67 30.77 5.02
N GLU B 355 27.38 31.89 5.13
CA GLU B 355 28.65 32.05 4.44
C GLU B 355 29.74 31.12 4.95
N SER B 356 29.53 30.49 6.11
CA SER B 356 30.57 29.61 6.66
C SER B 356 30.39 28.18 6.19
N ILE B 357 29.16 27.66 6.23
CA ILE B 357 28.93 26.26 5.92
C ILE B 357 29.25 25.96 4.46
N ARG B 358 28.75 26.79 3.54
CA ARG B 358 28.97 26.51 2.13
C ARG B 358 30.40 26.83 1.69
N GLU B 359 31.13 27.63 2.47
CA GLU B 359 32.56 27.78 2.21
C GLU B 359 33.38 26.69 2.88
N GLU B 360 32.78 25.94 3.80
CA GLU B 360 33.46 24.83 4.46
C GLU B 360 33.18 23.50 3.78
N SER B 361 31.91 23.14 3.62
CA SER B 361 31.51 21.88 2.99
C SER B 361 31.32 22.00 1.49
N SER B 362 31.42 23.21 0.93
CA SER B 362 31.30 23.44 -0.51
C SER B 362 29.93 22.99 -1.04
N TYR B 363 28.89 23.63 -0.52
CA TYR B 363 27.50 23.45 -0.98
C TYR B 363 26.94 24.84 -1.27
N SER B 364 27.24 25.36 -2.46
CA SER B 364 26.96 26.76 -2.75
C SER B 364 25.47 27.05 -2.79
N ASP B 365 24.65 26.10 -3.25
CA ASP B 365 23.24 26.36 -3.54
C ASP B 365 22.42 26.32 -2.25
N ILE B 366 22.65 27.32 -1.40
CA ILE B 366 21.82 27.55 -0.23
C ILE B 366 21.44 29.03 -0.19
N PRO B 367 20.19 29.38 -0.47
CA PRO B 367 19.84 30.80 -0.58
C PRO B 367 19.84 31.50 0.77
N ASP B 368 20.04 32.81 0.71
CA ASP B 368 19.90 33.64 1.91
C ASP B 368 18.43 33.77 2.29
N VAL B 369 18.18 34.06 3.57
CA VAL B 369 16.85 33.96 4.15
C VAL B 369 16.29 35.35 4.36
N LYS B 370 14.97 35.46 4.24
CA LYS B 370 14.26 36.73 4.32
C LYS B 370 13.80 36.99 5.76
N ASN B 371 12.90 37.97 5.92
CA ASN B 371 12.44 38.39 7.23
C ASN B 371 11.71 37.26 7.95
N ASP B 372 11.75 37.33 9.29
CA ASP B 372 11.01 36.46 10.21
C ASP B 372 11.56 35.04 10.25
N PHE B 373 12.58 34.75 9.44
CA PHE B 373 13.19 33.43 9.43
C PHE B 373 14.68 33.47 9.75
N ALA B 374 15.36 34.56 9.44
CA ALA B 374 16.77 34.69 9.82
C ALA B 374 16.96 35.01 11.29
N PHE B 375 15.99 35.66 11.92
CA PHE B 375 16.05 35.90 13.36
C PHE B 375 15.81 34.60 14.13
N MET B 376 14.83 33.81 13.68
CA MET B 376 14.59 32.50 14.28
C MET B 376 15.78 31.57 14.11
N LEU B 377 16.66 31.84 13.15
CA LEU B 377 17.89 31.06 13.01
C LEU B 377 19.06 31.67 13.74
N HIS B 378 19.08 32.99 13.92
CA HIS B 378 20.12 33.60 14.76
C HIS B 378 19.96 33.18 16.22
N LEU B 379 18.72 33.11 16.71
CA LEU B 379 18.51 32.59 18.06
C LEU B 379 19.06 31.18 18.19
N ILE B 380 18.77 30.32 17.21
CA ILE B 380 19.24 28.94 17.26
C ILE B 380 20.75 28.88 17.19
N ASP B 381 21.35 29.69 16.33
CA ASP B 381 22.81 29.75 16.26
C ASP B 381 23.41 30.18 17.59
N GLN B 382 22.75 31.10 18.29
CA GLN B 382 23.21 31.47 19.62
C GLN B 382 23.09 30.29 20.58
N TYR B 383 22.01 29.52 20.48
CA TYR B 383 21.91 28.31 21.28
C TYR B 383 22.99 27.31 20.90
N ASP B 384 23.11 26.99 19.62
CA ASP B 384 24.10 26.04 19.14
C ASP B 384 24.24 26.15 17.62
N PRO B 385 25.46 26.34 17.11
CA PRO B 385 25.65 26.41 15.65
C PRO B 385 25.32 25.11 14.92
N LEU B 386 25.27 23.98 15.62
CA LEU B 386 25.06 22.70 14.94
C LEU B 386 23.73 22.67 14.20
N TYR B 387 22.65 23.13 14.85
CA TYR B 387 21.35 23.13 14.21
C TYR B 387 21.34 24.01 12.96
N SER B 388 22.16 25.06 12.94
CA SER B 388 22.23 25.90 11.76
C SER B 388 22.70 25.11 10.54
N LYS B 389 23.73 24.28 10.71
CA LYS B 389 24.17 23.42 9.61
C LYS B 389 23.11 22.37 9.30
N ARG B 390 22.56 21.74 10.34
CA ARG B 390 21.58 20.67 10.13
C ARG B 390 20.32 21.16 9.46
N PHE B 391 20.08 22.47 9.43
CA PHE B 391 18.96 23.04 8.69
C PHE B 391 19.39 23.61 7.34
N ALA B 392 20.57 24.22 7.27
CA ALA B 392 21.05 24.78 6.01
C ALA B 392 21.26 23.69 4.96
N VAL B 393 21.83 22.56 5.36
CA VAL B 393 22.02 21.45 4.43
C VAL B 393 20.66 20.95 3.94
N PHE B 394 19.69 20.82 4.85
CA PHE B 394 18.36 20.39 4.45
C PHE B 394 17.64 21.46 3.64
N LEU B 395 18.16 22.67 3.60
CA LEU B 395 17.55 23.74 2.82
C LEU B 395 18.22 23.96 1.47
N SER B 396 19.21 23.16 1.10
CA SER B 396 19.91 23.34 -0.16
C SER B 396 19.21 22.59 -1.29
N GLU B 397 19.56 22.95 -2.53
CA GLU B 397 18.95 22.33 -3.70
C GLU B 397 19.79 21.21 -4.28
N VAL B 398 21.11 21.28 -4.15
CA VAL B 398 21.96 20.15 -4.55
C VAL B 398 21.58 18.91 -3.77
N SER B 399 21.32 19.09 -2.47
CA SER B 399 20.81 17.98 -1.65
C SER B 399 19.48 17.47 -2.20
N GLU B 400 18.62 18.38 -2.66
CA GLU B 400 17.35 17.96 -3.21
C GLU B 400 17.53 17.13 -4.47
N ASN B 401 18.47 17.54 -5.33
CA ASN B 401 18.75 16.74 -6.54
C ASN B 401 19.29 15.36 -6.17
N LYS B 402 20.17 15.30 -5.18
CA LYS B 402 20.69 14.02 -4.72
C LYS B 402 19.57 13.14 -4.18
N LEU B 403 18.66 13.73 -3.40
CA LEU B 403 17.53 12.98 -2.87
C LEU B 403 16.60 12.53 -3.99
N ARG B 404 16.44 13.38 -5.01
CA ARG B 404 15.63 13.00 -6.16
C ARG B 404 16.20 11.80 -6.88
N GLN B 405 17.52 11.77 -7.04
CA GLN B 405 18.17 10.62 -7.65
C GLN B 405 17.97 9.37 -6.81
N LEU B 406 18.17 9.50 -5.49
CA LEU B 406 18.06 8.33 -4.61
C LEU B 406 16.63 7.83 -4.53
N ASN B 407 15.65 8.71 -4.68
CA ASN B 407 14.25 8.27 -4.72
C ASN B 407 13.87 7.68 -6.07
N LEU B 408 14.43 8.23 -7.16
CA LEU B 408 14.16 7.70 -8.48
C LEU B 408 14.72 6.29 -8.63
N ASN B 409 15.90 6.04 -8.07
CA ASN B 409 16.46 4.70 -8.14
C ASN B 409 15.54 3.68 -7.51
N ASN B 410 14.95 4.00 -6.35
CA ASN B 410 14.01 3.10 -5.72
C ASN B 410 12.67 3.08 -6.44
N GLU B 411 12.36 4.15 -7.17
CA GLU B 411 11.03 4.28 -7.78
C GLU B 411 10.85 3.29 -8.92
N TRP B 412 11.91 3.01 -9.68
CA TRP B 412 11.84 2.12 -10.83
C TRP B 412 12.35 0.74 -10.45
N THR B 413 11.44 -0.21 -10.34
CA THR B 413 11.83 -1.59 -10.08
C THR B 413 12.50 -2.19 -11.31
N LEU B 414 13.26 -3.26 -11.07
CA LEU B 414 13.92 -3.94 -12.18
C LEU B 414 12.91 -4.52 -13.15
N ASP B 415 11.84 -5.12 -12.63
CA ASP B 415 10.85 -5.75 -13.51
C ASP B 415 10.04 -4.71 -14.26
N LYS B 416 9.79 -3.55 -13.64
CA LYS B 416 8.99 -2.52 -14.32
C LYS B 416 9.74 -1.96 -15.52
N LEU B 417 11.06 -1.82 -15.41
CA LEU B 417 11.85 -1.41 -16.55
C LEU B 417 12.04 -2.56 -17.55
N ARG B 418 12.07 -3.80 -17.05
CA ARG B 418 12.14 -4.95 -17.94
C ARG B 418 10.91 -5.01 -18.84
N GLN B 419 9.72 -4.79 -18.27
CA GLN B 419 8.51 -4.76 -19.06
C GLN B 419 8.47 -3.54 -19.98
N ARG B 420 9.14 -2.45 -19.60
CA ARG B 420 9.16 -1.26 -20.42
C ARG B 420 9.98 -1.43 -21.69
N LEU B 421 10.73 -2.51 -21.81
CA LEU B 421 11.55 -2.74 -22.99
C LEU B 421 10.67 -2.91 -24.23
N THR B 422 11.17 -2.41 -25.36
CA THR B 422 10.43 -2.51 -26.63
C THR B 422 11.32 -3.10 -27.70
N LYS B 423 10.86 -3.08 -28.95
CA LYS B 423 11.63 -3.56 -30.08
C LYS B 423 11.75 -2.44 -31.11
N ASN B 424 12.96 -2.20 -31.59
CA ASN B 424 13.25 -1.11 -32.50
C ASN B 424 13.19 -1.60 -33.95
N ALA B 425 13.64 -0.74 -34.87
CA ALA B 425 13.58 -1.07 -36.29
C ALA B 425 14.43 -2.29 -36.64
N GLN B 426 15.55 -2.47 -35.97
CA GLN B 426 16.45 -3.57 -36.24
C GLN B 426 16.21 -4.78 -35.34
N ASP B 427 15.06 -4.79 -34.64
CA ASP B 427 14.68 -5.89 -33.75
C ASP B 427 15.71 -6.10 -32.63
N LYS B 428 15.88 -5.05 -31.83
CA LYS B 428 16.70 -5.09 -30.63
C LYS B 428 15.82 -4.69 -29.45
N LEU B 429 16.38 -4.80 -28.25
CA LEU B 429 15.67 -4.38 -27.04
C LEU B 429 15.98 -2.91 -26.77
N GLU B 430 14.93 -2.09 -26.70
CA GLU B 430 15.05 -0.65 -26.60
C GLU B 430 14.36 -0.16 -25.34
N LEU B 431 14.96 0.85 -24.70
CA LEU B 431 14.40 1.48 -23.51
C LEU B 431 14.46 2.99 -23.71
N HIS B 432 13.30 3.63 -23.81
CA HIS B 432 13.22 5.05 -24.11
C HIS B 432 12.85 5.81 -22.85
N LEU B 433 13.82 6.52 -22.27
CA LEU B 433 13.63 7.30 -21.06
C LEU B 433 13.26 8.73 -21.45
N PHE B 434 11.98 9.06 -21.31
CA PHE B 434 11.46 10.38 -21.65
C PHE B 434 11.08 11.12 -20.38
N MET B 435 11.59 12.35 -20.23
CA MET B 435 11.22 13.24 -19.13
C MET B 435 11.47 12.59 -17.76
N LEU B 436 12.74 12.32 -17.49
CA LEU B 436 13.18 11.86 -16.18
C LEU B 436 14.25 12.78 -15.65
N SER B 437 14.30 12.92 -14.33
CA SER B 437 15.29 13.80 -13.71
C SER B 437 16.70 13.29 -13.95
N GLY B 438 16.88 11.98 -14.05
CA GLY B 438 18.18 11.40 -14.33
C GLY B 438 18.01 9.95 -14.72
N ILE B 439 19.13 9.27 -14.90
CA ILE B 439 19.14 7.86 -15.26
C ILE B 439 18.83 7.04 -14.01
N PRO B 440 17.75 6.27 -13.98
CA PRO B 440 17.55 5.33 -12.86
C PRO B 440 18.65 4.29 -12.87
N ASP B 441 19.46 4.29 -11.82
CA ASP B 441 20.64 3.42 -11.84
C ASP B 441 20.29 1.96 -11.71
N THR B 442 18.99 1.61 -11.76
CA THR B 442 18.59 0.23 -11.90
C THR B 442 18.61 -0.26 -13.34
N VAL B 443 18.76 0.64 -14.32
CA VAL B 443 18.86 0.20 -15.70
C VAL B 443 20.14 -0.59 -15.92
N PHE B 444 21.22 -0.21 -15.25
CA PHE B 444 22.51 -0.87 -15.39
C PHE B 444 22.56 -2.20 -14.65
N ASP B 445 21.45 -2.66 -14.10
CA ASP B 445 21.34 -4.03 -13.61
C ASP B 445 20.68 -4.93 -14.65
N LEU B 446 20.42 -4.42 -15.84
CA LEU B 446 19.89 -5.20 -16.94
C LEU B 446 21.04 -5.80 -17.73
N VAL B 447 20.89 -7.04 -18.17
CA VAL B 447 21.92 -7.65 -19.00
C VAL B 447 21.50 -7.74 -20.46
N GLU B 448 20.21 -7.56 -20.76
CA GLU B 448 19.68 -7.76 -22.09
C GLU B 448 19.40 -6.47 -22.85
N LEU B 449 19.77 -5.32 -22.30
CA LEU B 449 19.53 -4.06 -22.98
C LEU B 449 20.41 -3.96 -24.21
N GLU B 450 19.84 -3.41 -25.29
CA GLU B 450 20.57 -3.25 -26.55
C GLU B 450 20.68 -1.80 -26.97
N VAL B 451 19.60 -1.03 -26.90
CA VAL B 451 19.61 0.38 -27.29
C VAL B 451 19.00 1.19 -26.15
N LEU B 452 19.73 2.20 -25.70
CA LEU B 452 19.29 3.10 -24.65
C LEU B 452 19.08 4.49 -25.23
N LYS B 453 17.91 5.07 -25.00
CA LYS B 453 17.54 6.36 -25.56
C LYS B 453 17.23 7.33 -24.44
N LEU B 454 18.05 8.36 -24.31
CA LEU B 454 17.91 9.38 -23.26
C LEU B 454 17.43 10.66 -23.93
N GLU B 455 16.15 11.00 -23.73
CA GLU B 455 15.57 12.20 -24.30
C GLU B 455 15.11 13.11 -23.18
N LEU B 456 15.55 14.37 -23.24
CA LEU B 456 15.15 15.41 -22.29
C LEU B 456 15.48 15.00 -20.86
N ILE B 457 16.78 14.81 -20.59
CA ILE B 457 17.28 14.50 -19.27
C ILE B 457 18.35 15.53 -18.93
N PRO B 458 18.28 16.18 -17.77
CA PRO B 458 19.18 17.31 -17.50
C PRO B 458 20.52 16.93 -16.90
N ASP B 459 21.60 17.40 -17.52
CA ASP B 459 22.97 17.37 -16.97
C ASP B 459 23.28 16.06 -16.25
N VAL B 460 22.95 14.95 -16.89
CA VAL B 460 23.16 13.64 -16.28
C VAL B 460 24.61 13.23 -16.43
N THR B 461 25.04 12.32 -15.57
CA THR B 461 26.40 11.78 -15.58
C THR B 461 26.32 10.27 -15.67
N ILE B 462 27.04 9.69 -16.63
CA ILE B 462 27.04 8.24 -16.82
C ILE B 462 27.88 7.61 -15.72
N PRO B 463 27.29 6.75 -14.89
CA PRO B 463 28.05 6.11 -13.82
C PRO B 463 28.92 5.00 -14.38
N PRO B 464 29.93 4.54 -13.64
CA PRO B 464 30.75 3.42 -14.12
C PRO B 464 30.03 2.08 -14.09
N SER B 465 28.83 2.02 -13.53
CA SER B 465 28.05 0.79 -13.54
C SER B 465 27.58 0.39 -14.93
N ILE B 466 27.67 1.31 -15.92
CA ILE B 466 27.20 1.02 -17.26
C ILE B 466 27.97 -0.13 -17.89
N ALA B 467 29.13 -0.49 -17.33
CA ALA B 467 29.87 -1.64 -17.84
C ALA B 467 29.12 -2.94 -17.65
N GLN B 468 28.09 -2.98 -16.80
CA GLN B 468 27.29 -4.19 -16.67
C GLN B 468 26.52 -4.49 -17.95
N LEU B 469 26.16 -3.45 -18.71
CA LEU B 469 25.39 -3.61 -19.94
C LEU B 469 26.30 -4.18 -21.03
N THR B 470 26.50 -5.50 -20.98
CA THR B 470 27.34 -6.14 -21.99
C THR B 470 26.72 -6.07 -23.37
N GLY B 471 25.39 -6.05 -23.45
CA GLY B 471 24.68 -5.98 -24.71
C GLY B 471 24.40 -4.59 -25.22
N LEU B 472 24.93 -3.55 -24.59
CA LEU B 472 24.69 -2.19 -25.04
C LEU B 472 25.37 -1.96 -26.38
N LYS B 473 24.61 -1.46 -27.35
CA LYS B 473 25.17 -1.24 -28.68
C LYS B 473 24.94 0.18 -29.19
N GLU B 474 23.79 0.78 -28.88
CA GLU B 474 23.45 2.10 -29.39
C GLU B 474 23.04 3.01 -28.25
N LEU B 475 23.61 4.21 -28.23
CA LEU B 475 23.29 5.21 -27.22
C LEU B 475 22.70 6.43 -27.90
N TRP B 476 21.52 6.85 -27.47
CA TRP B 476 20.81 7.98 -28.05
C TRP B 476 20.80 9.12 -27.04
N LEU B 477 21.37 10.25 -27.43
CA LEU B 477 21.44 11.45 -26.58
C LEU B 477 20.59 12.53 -27.24
N TYR B 478 19.30 12.54 -26.91
CA TYR B 478 18.37 13.55 -27.41
C TYR B 478 18.26 14.65 -26.38
N HIS B 479 19.03 15.73 -26.57
CA HIS B 479 19.03 16.88 -25.67
C HIS B 479 19.39 16.46 -24.24
N THR B 480 20.61 15.94 -24.12
CA THR B 480 21.15 15.53 -22.82
C THR B 480 22.66 15.65 -22.90
N ALA B 481 23.21 16.72 -22.32
CA ALA B 481 24.65 16.93 -22.28
C ALA B 481 25.22 16.07 -21.16
N ALA B 482 25.40 14.79 -21.47
CA ALA B 482 25.78 13.80 -20.47
C ALA B 482 27.28 13.78 -20.28
N LYS B 483 27.71 13.76 -19.03
CA LYS B 483 29.11 13.56 -18.67
C LYS B 483 29.33 12.11 -18.24
N ILE B 484 30.59 11.72 -18.13
CA ILE B 484 30.95 10.33 -17.89
C ILE B 484 32.20 10.27 -17.01
N GLU B 485 32.45 9.09 -16.46
CA GLU B 485 33.63 8.81 -15.67
C GLU B 485 34.58 7.91 -16.46
N ALA B 486 35.83 7.89 -16.04
CA ALA B 486 36.86 7.18 -16.80
C ALA B 486 36.57 5.70 -17.01
N PRO B 487 36.13 4.92 -16.02
CA PRO B 487 35.85 3.50 -16.31
C PRO B 487 34.69 3.31 -17.28
N ALA B 488 33.59 4.04 -17.09
CA ALA B 488 32.48 3.94 -18.03
C ALA B 488 32.89 4.42 -19.41
N LEU B 489 33.71 5.46 -19.48
CA LEU B 489 34.19 5.93 -20.78
C LEU B 489 35.02 4.86 -21.47
N ALA B 490 35.89 4.18 -20.73
CA ALA B 490 36.67 3.09 -21.33
C ALA B 490 35.77 1.96 -21.80
N PHE B 491 34.77 1.60 -21.00
CA PHE B 491 33.86 0.52 -21.38
C PHE B 491 33.12 0.85 -22.66
N LEU B 492 32.58 2.07 -22.75
CA LEU B 492 31.93 2.49 -24.00
C LEU B 492 32.93 2.55 -25.14
N ARG B 493 34.16 3.01 -24.86
CA ARG B 493 35.22 3.04 -25.85
C ARG B 493 35.51 1.68 -26.43
N GLU B 494 35.27 0.61 -25.67
CA GLU B 494 35.52 -0.74 -26.17
C GLU B 494 34.25 -1.51 -26.53
N ASN B 495 33.07 -0.90 -26.42
CA ASN B 495 31.83 -1.60 -26.73
C ASN B 495 30.82 -0.82 -27.55
N LEU B 496 30.85 0.50 -27.57
CA LEU B 496 29.81 1.27 -28.24
C LEU B 496 29.97 1.17 -29.75
N ARG B 497 28.84 1.07 -30.45
CA ARG B 497 28.83 0.95 -31.91
C ARG B 497 28.16 2.12 -32.60
N ALA B 498 26.96 2.50 -32.19
CA ALA B 498 26.21 3.56 -32.83
C ALA B 498 25.82 4.62 -31.81
N LEU B 499 26.02 5.89 -32.17
CA LEU B 499 25.70 7.01 -31.30
C LEU B 499 24.74 7.95 -32.02
N HIS B 500 23.66 8.32 -31.34
CA HIS B 500 22.69 9.26 -31.88
C HIS B 500 22.75 10.55 -31.07
N ILE B 501 23.04 11.66 -31.74
CA ILE B 501 23.22 12.95 -31.10
C ILE B 501 22.17 13.91 -31.64
N LYS B 502 21.35 14.46 -30.76
CA LYS B 502 20.41 15.52 -31.11
C LYS B 502 20.61 16.67 -30.14
N PHE B 503 20.76 17.88 -30.67
CA PHE B 503 21.14 19.02 -29.86
C PHE B 503 20.61 20.30 -30.46
N THR B 504 20.65 21.37 -29.67
CA THR B 504 20.34 22.71 -30.14
C THR B 504 21.58 23.60 -30.22
N ASP B 505 22.69 23.20 -29.59
CA ASP B 505 23.91 23.98 -29.61
C ASP B 505 25.07 23.06 -29.29
N ILE B 506 26.28 23.60 -29.41
CA ILE B 506 27.49 22.79 -29.27
C ILE B 506 27.61 22.26 -27.84
N LYS B 507 27.19 23.05 -26.85
CA LYS B 507 27.35 22.64 -25.46
C LYS B 507 26.59 21.36 -25.15
N GLU B 508 25.49 21.10 -25.86
CA GLU B 508 24.74 19.87 -25.64
C GLU B 508 25.44 18.65 -26.23
N ILE B 509 26.47 18.84 -27.04
CA ILE B 509 27.25 17.74 -27.59
C ILE B 509 28.33 17.36 -26.58
N PRO B 510 28.33 16.14 -26.06
CA PRO B 510 29.47 15.70 -25.25
C PRO B 510 30.75 15.72 -26.07
N LEU B 511 31.82 16.17 -25.45
CA LEU B 511 33.11 16.27 -26.13
C LEU B 511 33.99 15.06 -25.90
N TRP B 512 33.51 14.05 -25.19
CA TRP B 512 34.27 12.83 -24.97
C TRP B 512 33.96 11.75 -26.00
N ILE B 513 33.11 12.05 -26.99
CA ILE B 513 32.77 11.06 -28.01
C ILE B 513 33.99 10.72 -28.86
N TYR B 514 34.91 11.67 -29.02
CA TYR B 514 36.06 11.46 -29.89
C TYR B 514 37.06 10.47 -29.33
N SER B 515 36.92 10.06 -28.08
CA SER B 515 37.74 8.98 -27.53
C SER B 515 37.15 7.60 -27.82
N LEU B 516 35.90 7.54 -28.29
CA LEU B 516 35.28 6.27 -28.61
C LEU B 516 35.87 5.68 -29.89
N LYS B 517 36.87 4.83 -29.75
CA LYS B 517 37.58 4.28 -30.90
C LYS B 517 37.01 2.93 -31.34
N THR B 518 35.76 2.65 -31.01
CA THR B 518 35.03 1.49 -31.54
C THR B 518 33.69 1.89 -32.12
N LEU B 519 33.39 3.18 -32.20
CA LEU B 519 32.14 3.64 -32.78
C LEU B 519 32.14 3.42 -34.28
N GLU B 520 30.96 3.16 -34.84
CA GLU B 520 30.85 2.89 -36.25
C GLU B 520 29.80 3.78 -36.91
N GLU B 521 28.76 4.14 -36.16
CA GLU B 521 27.65 4.91 -36.69
C GLU B 521 27.44 6.15 -35.84
N LEU B 522 27.38 7.32 -36.48
CA LEU B 522 27.19 8.58 -35.79
C LEU B 522 26.03 9.33 -36.44
N HIS B 523 25.13 9.85 -35.60
CA HIS B 523 23.94 10.58 -36.06
C HIS B 523 23.94 11.95 -35.39
N LEU B 524 24.54 12.93 -36.05
CA LEU B 524 24.56 14.31 -35.56
C LEU B 524 23.33 15.03 -36.08
N THR B 525 22.41 15.37 -35.17
CA THR B 525 21.20 16.10 -35.52
C THR B 525 21.21 17.46 -34.83
N GLY B 526 21.09 18.52 -35.62
CA GLY B 526 21.11 19.86 -35.08
C GLY B 526 22.12 20.76 -35.75
N ASN B 527 21.78 22.03 -35.92
CA ASN B 527 22.64 22.97 -36.64
C ASN B 527 24.00 23.06 -35.99
N LEU B 528 25.06 23.02 -36.81
CA LEU B 528 26.41 23.11 -36.31
C LEU B 528 27.31 24.08 -37.07
N SER B 529 26.86 24.66 -38.17
CA SER B 529 27.65 25.66 -38.85
C SER B 529 27.81 26.90 -37.97
N ALA B 530 29.04 27.38 -37.86
CA ALA B 530 29.37 28.45 -36.93
C ALA B 530 29.85 29.69 -37.69
N GLU B 531 29.68 30.84 -37.06
CA GLU B 531 30.02 32.13 -37.67
C GLU B 531 31.43 32.52 -37.23
N ASN B 532 32.34 32.62 -38.21
CA ASN B 532 33.72 33.02 -38.02
C ASN B 532 34.55 31.92 -37.35
N ASN B 533 33.89 30.82 -36.96
CA ASN B 533 34.56 29.63 -36.45
C ASN B 533 33.87 28.39 -37.00
N ARG B 534 33.57 28.39 -38.29
CA ARG B 534 32.77 27.33 -38.90
C ARG B 534 33.49 25.99 -38.85
N TYR B 535 32.77 24.96 -38.40
CA TYR B 535 33.23 23.58 -38.43
C TYR B 535 34.52 23.40 -37.62
N ILE B 536 34.43 23.75 -36.34
CA ILE B 536 35.52 23.55 -35.41
C ILE B 536 35.17 22.53 -34.32
N VAL B 537 33.89 22.38 -33.98
CA VAL B 537 33.50 21.43 -32.94
C VAL B 537 33.78 20.00 -33.38
N ILE B 538 33.42 19.66 -34.62
CA ILE B 538 33.43 18.26 -35.07
C ILE B 538 34.82 17.86 -35.55
N ASP B 539 35.82 18.70 -35.29
CA ASP B 539 37.18 18.39 -35.72
C ASP B 539 37.71 17.10 -35.12
N GLY B 540 37.11 16.62 -34.03
CA GLY B 540 37.47 15.35 -33.46
C GLY B 540 37.06 14.13 -34.25
N LEU B 541 36.33 14.32 -35.35
CA LEU B 541 35.90 13.18 -36.17
C LEU B 541 37.09 12.39 -36.71
N ARG B 542 38.24 13.05 -36.89
CA ARG B 542 39.42 12.33 -37.34
C ARG B 542 39.83 11.24 -36.36
N GLU B 543 39.53 11.42 -35.07
CA GLU B 543 39.92 10.43 -34.07
C GLU B 543 39.12 9.15 -34.20
N LEU B 544 37.86 9.22 -34.67
CA LEU B 544 37.03 8.04 -34.79
C LEU B 544 37.48 7.21 -36.00
N LYS B 545 38.44 6.32 -35.78
CA LYS B 545 39.04 5.60 -36.91
C LYS B 545 38.05 4.64 -37.57
N ARG B 546 37.24 3.95 -36.78
CA ARG B 546 36.36 2.90 -37.28
C ARG B 546 34.96 3.41 -37.60
N LEU B 547 34.83 4.68 -37.96
CA LEU B 547 33.54 5.22 -38.35
C LEU B 547 33.17 4.75 -39.75
N LYS B 548 32.00 4.13 -39.88
CA LYS B 548 31.52 3.62 -41.16
C LYS B 548 30.28 4.36 -41.66
N VAL B 549 29.24 4.44 -40.84
CA VAL B 549 28.03 5.17 -41.19
C VAL B 549 28.13 6.56 -40.59
N LEU B 550 27.52 7.54 -41.25
CA LEU B 550 27.51 8.92 -40.76
C LEU B 550 26.31 9.64 -41.33
N ARG B 551 25.38 10.04 -40.47
CA ARG B 551 24.20 10.78 -40.89
C ARG B 551 24.25 12.18 -40.29
N LEU B 552 24.19 13.19 -41.14
CA LEU B 552 24.25 14.58 -40.71
C LEU B 552 22.97 15.29 -41.12
N LYS B 553 22.28 15.87 -40.15
CA LYS B 553 21.08 16.66 -40.39
C LYS B 553 21.28 17.98 -39.66
N SER B 554 21.97 18.92 -40.32
CA SER B 554 22.45 20.09 -39.61
C SER B 554 22.39 21.36 -40.44
N ASN B 555 21.49 21.42 -41.42
CA ASN B 555 21.30 22.62 -42.26
C ASN B 555 22.63 23.09 -42.85
N LEU B 556 23.42 22.14 -43.35
CA LEU B 556 24.74 22.47 -43.87
C LEU B 556 24.64 23.35 -45.12
N SER B 557 25.50 24.36 -45.19
CA SER B 557 25.67 25.17 -46.39
C SER B 557 26.93 24.80 -47.15
N LYS B 558 27.76 23.92 -46.60
CA LYS B 558 28.99 23.48 -47.23
C LYS B 558 29.42 22.18 -46.56
N LEU B 559 30.09 21.33 -47.32
CA LEU B 559 30.58 20.08 -46.78
C LEU B 559 31.76 20.34 -45.85
N PRO B 560 31.69 19.98 -44.57
CA PRO B 560 32.81 20.23 -43.67
C PRO B 560 34.06 19.49 -44.10
N GLN B 561 35.21 20.12 -43.87
CA GLN B 561 36.48 19.54 -44.31
C GLN B 561 36.79 18.25 -43.56
N VAL B 562 36.52 18.22 -42.25
CA VAL B 562 36.88 17.05 -41.46
C VAL B 562 36.08 15.83 -41.91
N VAL B 563 34.81 16.03 -42.24
CA VAL B 563 33.99 14.94 -42.77
C VAL B 563 34.57 14.45 -44.09
N THR B 564 34.98 15.38 -44.95
CA THR B 564 35.59 14.99 -46.22
C THR B 564 36.85 14.17 -46.00
N ASP B 565 37.67 14.57 -45.03
CA ASP B 565 38.91 13.83 -44.76
C ASP B 565 38.63 12.45 -44.18
N VAL B 566 37.68 12.35 -43.25
CA VAL B 566 37.35 11.07 -42.65
C VAL B 566 36.58 10.16 -43.60
N GLY B 567 36.06 10.72 -44.69
CA GLY B 567 35.36 9.89 -45.68
C GLY B 567 36.23 8.87 -46.37
N VAL B 568 37.56 8.95 -46.23
CA VAL B 568 38.44 8.02 -46.89
C VAL B 568 38.18 6.58 -46.47
N HIS B 569 37.59 6.37 -45.30
CA HIS B 569 37.19 5.03 -44.89
C HIS B 569 35.70 4.92 -44.59
N LEU B 570 34.93 5.99 -44.78
CA LEU B 570 33.49 5.89 -44.64
C LEU B 570 32.91 4.94 -45.67
N GLN B 571 31.89 4.19 -45.26
CA GLN B 571 31.21 3.27 -46.16
C GLN B 571 29.76 3.64 -46.39
N LYS B 572 29.29 4.77 -45.87
CA LYS B 572 27.94 5.25 -46.07
C LYS B 572 27.86 6.68 -45.57
N LEU B 573 27.02 7.49 -46.21
CA LEU B 573 26.76 8.85 -45.78
C LEU B 573 25.30 9.16 -46.03
N SER B 574 24.72 10.02 -45.21
CA SER B 574 23.34 10.45 -45.38
C SER B 574 23.21 11.87 -44.83
N ILE B 575 23.31 12.85 -45.70
CA ILE B 575 23.15 14.25 -45.32
C ILE B 575 21.70 14.65 -45.53
N ASN B 576 21.21 15.58 -44.72
CA ASN B 576 19.82 16.02 -44.79
C ASN B 576 19.78 17.46 -44.31
N ASN B 577 19.77 18.41 -45.25
CA ASN B 577 19.69 19.82 -44.91
C ASN B 577 18.26 20.32 -44.75
N GLU B 578 17.30 19.40 -44.67
CA GLU B 578 15.88 19.68 -44.42
C GLU B 578 15.37 20.89 -45.21
N GLY B 579 15.84 21.04 -46.44
CA GLY B 579 15.42 22.13 -47.30
C GLY B 579 16.48 23.18 -47.55
N THR B 580 17.61 23.11 -46.87
CA THR B 580 18.67 24.10 -47.06
C THR B 580 19.53 23.73 -48.27
N LYS B 581 19.92 24.74 -49.03
CA LYS B 581 20.76 24.51 -50.20
C LYS B 581 22.18 24.13 -49.80
N LEU B 582 22.75 23.17 -50.52
CA LEU B 582 24.09 22.67 -50.26
C LEU B 582 24.93 22.75 -51.53
N ILE B 583 26.20 23.07 -51.36
CA ILE B 583 27.15 23.12 -52.47
C ILE B 583 28.25 22.12 -52.18
N VAL B 584 28.34 21.08 -53.01
CA VAL B 584 29.41 20.09 -52.85
C VAL B 584 30.76 20.70 -53.18
N LEU B 585 30.79 21.68 -54.08
CA LEU B 585 31.98 22.45 -54.46
C LEU B 585 33.22 21.56 -54.60
N ASN B 586 33.05 20.45 -55.32
CA ASN B 586 34.16 19.57 -55.70
C ASN B 586 34.92 19.07 -54.46
N SER B 587 34.19 18.33 -53.62
CA SER B 587 34.76 17.83 -52.38
C SER B 587 34.46 16.37 -52.08
N LEU B 588 33.50 15.75 -52.75
CA LEU B 588 33.06 14.40 -52.42
C LEU B 588 33.96 13.31 -52.97
N LYS B 589 34.95 13.66 -53.78
CA LYS B 589 35.74 12.68 -54.50
C LYS B 589 36.74 11.93 -53.62
N LYS B 590 36.94 12.35 -52.38
CA LYS B 590 37.93 11.74 -51.51
C LYS B 590 37.38 10.53 -50.73
N MET B 591 36.10 10.22 -50.88
CA MET B 591 35.48 9.11 -50.16
C MET B 591 35.44 7.87 -51.05
N VAL B 592 36.63 7.33 -51.30
CA VAL B 592 36.77 6.24 -52.25
C VAL B 592 36.12 4.95 -51.77
N ASN B 593 35.94 4.78 -50.47
CA ASN B 593 35.32 3.58 -49.93
C ASN B 593 33.81 3.69 -49.79
N LEU B 594 33.24 4.86 -50.06
CA LEU B 594 31.80 5.05 -49.91
C LEU B 594 31.03 4.13 -50.83
N THR B 595 29.98 3.50 -50.31
CA THR B 595 29.11 2.64 -51.10
C THR B 595 27.67 3.13 -51.16
N GLU B 596 27.18 3.80 -50.12
CA GLU B 596 25.84 4.35 -50.12
C GLU B 596 25.92 5.85 -49.86
N LEU B 597 25.14 6.61 -50.61
CA LEU B 597 25.14 8.07 -50.49
C LEU B 597 23.72 8.59 -50.59
N GLU B 598 23.28 9.32 -49.57
CA GLU B 598 21.96 9.91 -49.56
C GLU B 598 22.10 11.41 -49.30
N LEU B 599 21.44 12.22 -50.13
CA LEU B 599 21.44 13.67 -49.99
C LEU B 599 19.99 14.13 -50.04
N ILE B 600 19.34 14.13 -48.89
CA ILE B 600 17.91 14.43 -48.80
C ILE B 600 17.73 15.92 -48.54
N ARG B 601 16.86 16.55 -49.32
CA ARG B 601 16.46 17.94 -49.11
C ARG B 601 17.66 18.88 -49.12
N CYS B 602 18.67 18.58 -49.92
CA CYS B 602 19.81 19.46 -50.08
C CYS B 602 19.56 20.58 -51.08
N ASP B 603 18.39 20.61 -51.71
CA ASP B 603 18.02 21.66 -52.66
C ASP B 603 19.02 21.73 -53.81
N LEU B 604 19.48 20.57 -54.26
CA LEU B 604 20.49 20.53 -55.32
C LEU B 604 19.95 21.05 -56.63
N GLU B 605 18.76 20.57 -57.03
CA GLU B 605 18.12 20.95 -58.29
C GLU B 605 18.97 20.51 -59.48
N ARG B 606 20.08 19.82 -59.20
CA ARG B 606 21.03 19.40 -60.22
C ARG B 606 21.99 18.39 -59.62
N ILE B 607 22.11 17.22 -60.23
CA ILE B 607 23.03 16.21 -59.71
C ILE B 607 24.46 16.63 -60.01
N PRO B 608 25.30 16.83 -59.01
CA PRO B 608 26.70 17.15 -59.29
C PRO B 608 27.43 15.97 -59.90
N HIS B 609 28.40 16.28 -60.77
CA HIS B 609 29.19 15.24 -61.41
C HIS B 609 30.05 14.47 -60.43
N SER B 610 30.42 15.08 -59.29
CA SER B 610 31.31 14.44 -58.34
C SER B 610 30.74 13.12 -57.82
N ILE B 611 29.40 13.03 -57.73
CA ILE B 611 28.77 11.79 -57.26
C ILE B 611 29.17 10.64 -58.16
N PHE B 612 29.28 10.88 -59.46
CA PHE B 612 29.62 9.84 -60.41
C PHE B 612 31.10 9.48 -60.38
N SER B 613 31.91 10.20 -59.61
CA SER B 613 33.31 9.84 -59.45
C SER B 613 33.53 8.77 -58.39
N LEU B 614 32.49 8.44 -57.61
CA LEU B 614 32.57 7.42 -56.57
C LEU B 614 32.45 6.06 -57.23
N HIS B 615 33.57 5.38 -57.42
CA HIS B 615 33.60 4.12 -58.16
C HIS B 615 33.16 2.91 -57.34
N ASN B 616 32.55 3.13 -56.18
CA ASN B 616 32.08 2.03 -55.33
C ASN B 616 30.63 2.19 -54.88
N LEU B 617 29.93 3.21 -55.35
CA LEU B 617 28.58 3.49 -54.89
C LEU B 617 27.63 2.37 -55.28
N GLN B 618 26.64 2.12 -54.43
CA GLN B 618 25.64 1.09 -54.68
C GLN B 618 24.23 1.61 -54.40
N GLU B 619 24.12 2.65 -53.59
CA GLU B 619 22.83 3.25 -53.25
C GLU B 619 22.96 4.76 -53.31
N ILE B 620 22.31 5.38 -54.28
CA ILE B 620 22.28 6.83 -54.41
C ILE B 620 20.84 7.30 -54.25
N ASP B 621 20.62 8.22 -53.32
CA ASP B 621 19.31 8.79 -53.06
C ASP B 621 19.43 10.30 -53.04
N LEU B 622 18.57 10.97 -53.80
CA LEU B 622 18.55 12.42 -53.92
C LEU B 622 17.15 12.95 -53.64
N LYS B 623 16.54 12.43 -52.58
CA LYS B 623 15.15 12.76 -52.25
C LYS B 623 14.99 14.25 -52.01
N ASP B 624 13.96 14.83 -52.62
CA ASP B 624 13.53 16.21 -52.38
C ASP B 624 14.65 17.22 -52.63
N ASN B 625 15.35 17.05 -53.75
CA ASN B 625 16.34 18.02 -54.18
C ASN B 625 15.79 19.04 -55.15
N ASN B 626 14.47 19.06 -55.35
CA ASN B 626 13.83 19.91 -56.35
C ASN B 626 14.42 19.65 -57.74
N LEU B 627 14.69 18.38 -58.03
CA LEU B 627 15.19 18.01 -59.34
C LEU B 627 14.06 18.09 -60.37
N LYS B 628 14.41 18.55 -61.57
CA LYS B 628 13.46 18.59 -62.68
C LYS B 628 13.91 17.70 -63.83
N THR B 629 15.15 17.85 -64.30
CA THR B 629 15.72 17.03 -65.34
C THR B 629 16.85 16.20 -64.76
N ILE B 630 16.85 14.90 -65.04
CA ILE B 630 17.82 13.99 -64.46
C ILE B 630 18.62 13.30 -65.56
N GLU B 631 18.80 13.99 -66.69
CA GLU B 631 19.51 13.37 -67.81
C GLU B 631 21.00 13.15 -67.52
N GLU B 632 21.49 13.59 -66.37
CA GLU B 632 22.88 13.34 -66.00
C GLU B 632 23.15 11.88 -65.65
N ILE B 633 22.11 11.06 -65.52
CA ILE B 633 22.24 9.68 -65.07
C ILE B 633 23.08 8.86 -66.05
N ILE B 634 23.35 9.42 -67.22
CA ILE B 634 24.24 8.76 -68.16
C ILE B 634 25.61 8.53 -67.52
N SER B 635 26.09 9.51 -66.75
CA SER B 635 27.36 9.36 -66.06
C SER B 635 27.34 8.20 -65.06
N PHE B 636 26.16 7.76 -64.63
CA PHE B 636 26.06 6.58 -63.78
C PHE B 636 26.67 5.34 -64.43
N GLN B 637 26.95 5.40 -65.74
CA GLN B 637 27.66 4.30 -66.38
C GLN B 637 29.03 4.05 -65.76
N HIS B 638 29.63 5.06 -65.14
CA HIS B 638 30.90 4.85 -64.47
C HIS B 638 30.76 3.87 -63.31
N LEU B 639 29.68 3.99 -62.54
CA LEU B 639 29.44 3.12 -61.39
C LEU B 639 29.13 1.71 -61.90
N HIS B 640 30.06 0.79 -61.69
CA HIS B 640 29.93 -0.56 -62.20
C HIS B 640 29.30 -1.52 -61.19
N ARG B 641 28.88 -1.02 -60.03
CA ARG B 641 28.19 -1.84 -59.04
C ARG B 641 26.92 -1.19 -58.53
N LEU B 642 26.50 -0.07 -59.12
CA LEU B 642 25.29 0.61 -58.68
C LEU B 642 24.06 -0.22 -59.02
N THR B 643 23.31 -0.62 -57.99
CA THR B 643 22.09 -1.38 -58.17
C THR B 643 20.85 -0.55 -57.86
N CYS B 644 20.77 0.03 -56.68
CA CYS B 644 19.56 0.73 -56.23
C CYS B 644 19.69 2.22 -56.48
N LEU B 645 18.63 2.82 -57.03
CA LEU B 645 18.58 4.25 -57.29
C LEU B 645 17.23 4.79 -56.83
N LYS B 646 17.26 5.95 -56.18
CA LYS B 646 16.05 6.58 -55.66
C LYS B 646 16.10 8.07 -55.95
N LEU B 647 15.28 8.51 -56.91
CA LEU B 647 15.12 9.93 -57.20
C LEU B 647 13.70 10.39 -56.91
N TRP B 648 13.01 9.71 -56.00
CA TRP B 648 11.62 10.02 -55.67
C TRP B 648 11.48 11.39 -55.03
N TYR B 649 10.23 11.82 -54.89
CA TYR B 649 9.88 13.07 -54.21
C TYR B 649 10.60 14.27 -54.84
N ASN B 650 10.48 14.41 -56.15
CA ASN B 650 11.07 15.52 -56.87
C ASN B 650 10.09 15.98 -57.94
N HIS B 651 10.57 16.80 -58.86
CA HIS B 651 9.78 17.35 -59.95
C HIS B 651 10.23 16.78 -61.28
N ILE B 652 10.55 15.50 -61.31
CA ILE B 652 11.07 14.84 -62.51
C ILE B 652 9.97 14.80 -63.56
N ALA B 653 10.11 15.64 -64.60
CA ALA B 653 9.07 15.71 -65.63
C ALA B 653 9.02 14.45 -66.46
N TYR B 654 10.17 13.87 -66.78
CA TYR B 654 10.23 12.73 -67.70
C TYR B 654 11.37 11.81 -67.29
N ILE B 655 11.28 10.57 -67.76
CA ILE B 655 12.32 9.56 -67.53
C ILE B 655 13.21 9.53 -68.78
N PRO B 656 14.47 9.98 -68.69
CA PRO B 656 15.34 9.95 -69.86
C PRO B 656 15.56 8.51 -70.34
N ILE B 657 15.66 8.36 -71.66
CA ILE B 657 15.81 7.05 -72.26
C ILE B 657 17.14 6.40 -71.88
N GLN B 658 18.17 7.20 -71.60
CA GLN B 658 19.50 6.66 -71.29
C GLN B 658 19.50 5.76 -70.07
N ILE B 659 18.46 5.82 -69.24
CA ILE B 659 18.35 4.92 -68.09
C ILE B 659 18.35 3.47 -68.54
N GLY B 660 18.03 3.21 -69.81
CA GLY B 660 18.11 1.84 -70.32
C GLY B 660 19.52 1.29 -70.26
N ASN B 661 20.53 2.15 -70.38
CA ASN B 661 21.91 1.70 -70.27
C ASN B 661 22.26 1.22 -68.88
N LEU B 662 21.50 1.61 -67.86
CA LEU B 662 21.76 1.22 -66.48
C LEU B 662 21.35 -0.23 -66.29
N THR B 663 22.21 -1.14 -66.76
CA THR B 663 21.90 -2.56 -66.74
C THR B 663 21.86 -3.12 -65.33
N ASN B 664 22.75 -2.65 -64.44
CA ASN B 664 22.91 -3.27 -63.13
C ASN B 664 21.77 -2.96 -62.17
N LEU B 665 20.85 -2.08 -62.53
CA LEU B 665 19.79 -1.69 -61.62
C LEU B 665 18.97 -2.89 -61.17
N GLU B 666 18.73 -2.96 -59.86
CA GLU B 666 17.80 -3.93 -59.28
C GLU B 666 16.54 -3.30 -58.72
N ARG B 667 16.64 -2.09 -58.19
CA ARG B 667 15.49 -1.35 -57.68
C ARG B 667 15.51 0.06 -58.26
N LEU B 668 14.33 0.62 -58.44
CA LEU B 668 14.20 1.97 -58.97
C LEU B 668 12.96 2.61 -58.38
N TYR B 669 13.13 3.76 -57.74
CA TYR B 669 12.04 4.51 -57.13
C TYR B 669 11.96 5.87 -57.78
N LEU B 670 10.80 6.19 -58.36
CA LEU B 670 10.61 7.49 -58.99
C LEU B 670 9.24 8.07 -58.67
N ASN B 671 8.64 7.70 -57.54
CA ASN B 671 7.31 8.18 -57.20
C ASN B 671 7.37 9.65 -56.77
N ARG B 672 6.18 10.26 -56.69
CA ARG B 672 6.02 11.66 -56.28
C ARG B 672 6.80 12.59 -57.19
N ASN B 673 6.72 12.35 -58.50
CA ASN B 673 7.39 13.16 -59.50
C ASN B 673 6.38 13.68 -60.52
N LYS B 674 6.86 14.53 -61.43
CA LYS B 674 6.06 15.04 -62.53
C LYS B 674 6.06 14.10 -63.73
N ILE B 675 6.41 12.83 -63.53
CA ILE B 675 6.55 11.90 -64.64
C ILE B 675 5.22 11.71 -65.34
N GLU B 676 5.26 11.72 -66.68
CA GLU B 676 4.08 11.56 -67.50
C GLU B 676 3.99 10.17 -68.13
N LYS B 677 5.05 9.72 -68.79
CA LYS B 677 5.04 8.47 -69.53
C LYS B 677 6.27 7.66 -69.19
N ILE B 678 6.18 6.36 -69.44
CA ILE B 678 7.27 5.42 -69.17
C ILE B 678 7.88 5.03 -70.52
N PRO B 679 9.08 5.49 -70.84
CA PRO B 679 9.73 5.07 -72.08
C PRO B 679 10.08 3.59 -72.06
N THR B 680 10.09 2.98 -73.25
CA THR B 680 10.34 1.55 -73.36
C THR B 680 11.76 1.18 -72.97
N GLN B 681 12.72 2.09 -73.14
CA GLN B 681 14.11 1.78 -72.81
C GLN B 681 14.26 1.39 -71.34
N LEU B 682 13.38 1.91 -70.48
CA LEU B 682 13.43 1.56 -69.06
C LEU B 682 13.26 0.08 -68.83
N PHE B 683 12.65 -0.64 -69.78
CA PHE B 683 12.44 -2.07 -69.65
C PHE B 683 13.63 -2.88 -70.16
N TYR B 684 14.73 -2.23 -70.51
CA TYR B 684 15.97 -2.93 -70.78
C TYR B 684 16.71 -3.33 -69.51
N CYS B 685 16.30 -2.78 -68.36
CA CYS B 685 16.89 -3.12 -67.07
C CYS B 685 16.33 -4.47 -66.63
N ARG B 686 16.82 -5.53 -67.26
CA ARG B 686 16.24 -6.85 -67.08
C ARG B 686 16.40 -7.39 -65.66
N LYS B 687 17.30 -6.82 -64.87
CA LYS B 687 17.47 -7.23 -63.49
C LYS B 687 16.63 -6.42 -62.52
N LEU B 688 15.77 -5.54 -63.01
CA LEU B 688 14.93 -4.74 -62.13
C LEU B 688 14.00 -5.63 -61.32
N ARG B 689 13.82 -5.29 -60.05
CA ARG B 689 12.96 -6.04 -59.16
C ARG B 689 11.91 -5.18 -58.46
N TYR B 690 12.27 -3.94 -58.12
CA TYR B 690 11.34 -3.00 -57.50
C TYR B 690 11.12 -1.84 -58.46
N LEU B 691 9.87 -1.40 -58.59
CA LEU B 691 9.52 -0.28 -59.45
C LEU B 691 8.38 0.48 -58.79
N ASP B 692 8.69 1.62 -58.21
CA ASP B 692 7.71 2.46 -57.51
C ASP B 692 7.52 3.74 -58.33
N LEU B 693 6.45 3.77 -59.12
CA LEU B 693 6.13 4.89 -59.99
C LEU B 693 4.75 5.46 -59.64
N SER B 694 4.49 5.63 -58.36
CA SER B 694 3.21 6.15 -57.91
C SER B 694 3.22 7.68 -57.91
N HIS B 695 2.03 8.26 -57.89
CA HIS B 695 1.83 9.71 -57.83
C HIS B 695 2.54 10.41 -58.99
N ASN B 696 2.24 9.96 -60.20
CA ASN B 696 2.74 10.55 -61.42
C ASN B 696 1.58 10.75 -62.39
N ASN B 697 1.91 11.16 -63.62
CA ASN B 697 0.92 11.38 -64.66
C ASN B 697 0.75 10.18 -65.58
N LEU B 698 0.97 8.97 -65.07
CA LEU B 698 0.91 7.78 -65.90
C LEU B 698 -0.51 7.55 -66.41
N THR B 699 -0.62 7.16 -67.68
CA THR B 699 -1.90 6.85 -68.30
C THR B 699 -2.02 5.42 -68.80
N PHE B 700 -0.91 4.71 -68.95
CA PHE B 700 -0.93 3.34 -69.46
C PHE B 700 0.37 2.66 -69.06
N LEU B 701 0.55 1.44 -69.55
CA LEU B 701 1.77 0.66 -69.29
C LEU B 701 2.18 -0.01 -70.59
N PRO B 702 3.37 0.29 -71.10
CA PRO B 702 3.84 -0.38 -72.32
C PRO B 702 3.93 -1.89 -72.12
N ALA B 703 3.66 -2.63 -73.20
CA ALA B 703 3.57 -4.08 -73.14
C ALA B 703 4.89 -4.75 -72.83
N ASP B 704 6.01 -4.03 -72.87
CA ASP B 704 7.32 -4.57 -72.54
C ASP B 704 7.45 -4.94 -71.07
N ILE B 705 6.42 -4.70 -70.26
CA ILE B 705 6.48 -4.98 -68.83
C ILE B 705 6.71 -6.47 -68.59
N GLY B 706 6.25 -7.33 -69.50
CA GLY B 706 6.47 -8.76 -69.36
C GLY B 706 7.90 -9.19 -69.59
N LEU B 707 8.73 -8.33 -70.19
CA LEU B 707 10.14 -8.66 -70.37
C LEU B 707 10.85 -8.79 -69.02
N LEU B 708 10.53 -7.92 -68.07
CA LEU B 708 11.17 -7.91 -66.77
C LEU B 708 10.58 -9.03 -65.92
N GLN B 709 10.99 -10.27 -66.24
CA GLN B 709 10.47 -11.43 -65.52
C GLN B 709 10.97 -11.49 -64.08
N ASN B 710 12.00 -10.71 -63.73
CA ASN B 710 12.51 -10.69 -62.37
C ASN B 710 11.70 -9.79 -61.45
N LEU B 711 10.74 -9.04 -61.98
CA LEU B 711 9.99 -8.08 -61.17
C LEU B 711 9.21 -8.79 -60.07
N GLN B 712 9.27 -8.24 -58.86
CA GLN B 712 8.52 -8.76 -57.73
C GLN B 712 7.63 -7.74 -57.04
N ASN B 713 7.78 -6.45 -57.32
CA ASN B 713 6.95 -5.42 -56.73
C ASN B 713 6.66 -4.35 -57.76
N LEU B 714 5.49 -3.72 -57.65
CA LEU B 714 5.10 -2.65 -58.57
C LEU B 714 3.98 -1.85 -57.94
N ALA B 715 4.18 -0.54 -57.84
CA ALA B 715 3.20 0.37 -57.26
C ALA B 715 2.87 1.47 -58.27
N VAL B 716 1.58 1.63 -58.55
CA VAL B 716 1.12 2.66 -59.49
C VAL B 716 0.05 3.51 -58.83
N THR B 717 0.15 3.67 -57.51
CA THR B 717 -0.84 4.42 -56.75
C THR B 717 -0.95 5.86 -57.24
N ALA B 718 -2.18 6.37 -57.31
CA ALA B 718 -2.46 7.76 -57.65
C ALA B 718 -1.94 8.10 -59.06
N ASN B 719 -2.48 7.38 -60.04
CA ASN B 719 -2.15 7.60 -61.43
C ASN B 719 -3.42 7.47 -62.27
N ARG B 720 -3.32 7.79 -63.55
CA ARG B 720 -4.47 7.79 -64.45
C ARG B 720 -4.53 6.52 -65.29
N ILE B 721 -4.10 5.39 -64.72
CA ILE B 721 -4.12 4.13 -65.44
C ILE B 721 -5.56 3.67 -65.60
N GLU B 722 -5.96 3.40 -66.84
CA GLU B 722 -7.34 3.06 -67.16
C GLU B 722 -7.54 1.60 -67.50
N ALA B 723 -6.65 1.01 -68.29
CA ALA B 723 -6.75 -0.41 -68.65
C ALA B 723 -5.40 -1.06 -68.41
N LEU B 724 -5.40 -2.15 -67.66
CA LEU B 724 -4.16 -2.86 -67.36
C LEU B 724 -3.79 -3.76 -68.53
N PRO B 725 -2.58 -3.64 -69.08
CA PRO B 725 -2.17 -4.51 -70.19
C PRO B 725 -2.10 -5.96 -69.74
N PRO B 726 -2.56 -6.88 -70.56
CA PRO B 726 -2.49 -8.31 -70.19
C PRO B 726 -1.07 -8.81 -69.99
N GLU B 727 -0.09 -8.29 -70.75
CA GLU B 727 1.29 -8.74 -70.64
C GLU B 727 1.86 -8.55 -69.24
N LEU B 728 1.27 -7.65 -68.44
CA LEU B 728 1.66 -7.50 -67.05
C LEU B 728 1.64 -8.84 -66.31
N PHE B 729 0.65 -9.68 -66.62
CA PHE B 729 0.50 -10.95 -65.93
C PHE B 729 1.45 -12.02 -66.45
N GLN B 730 2.36 -11.67 -67.36
CA GLN B 730 3.38 -12.63 -67.78
C GLN B 730 4.43 -12.83 -66.69
N CYS B 731 4.72 -11.80 -65.90
CA CYS B 731 5.69 -11.91 -64.81
C CYS B 731 5.10 -12.66 -63.63
N ARG B 732 5.25 -13.98 -63.62
CA ARG B 732 4.54 -14.82 -62.67
C ARG B 732 5.04 -14.62 -61.23
N LYS B 733 6.32 -14.27 -61.05
CA LYS B 733 6.87 -14.09 -59.72
C LYS B 733 6.67 -12.68 -59.18
N LEU B 734 5.68 -11.95 -59.70
CA LEU B 734 5.32 -10.64 -59.17
C LEU B 734 4.58 -10.85 -57.85
N ARG B 735 5.12 -10.29 -56.76
CA ARG B 735 4.58 -10.59 -55.44
C ARG B 735 3.57 -9.56 -54.97
N ALA B 736 3.50 -8.40 -55.62
CA ALA B 736 2.60 -7.35 -55.16
C ALA B 736 2.17 -6.48 -56.33
N LEU B 737 1.07 -5.76 -56.12
CA LEU B 737 0.55 -4.82 -57.10
C LEU B 737 -0.30 -3.79 -56.36
N HIS B 738 0.07 -2.52 -56.47
CA HIS B 738 -0.60 -1.43 -55.78
C HIS B 738 -1.37 -0.62 -56.82
N LEU B 739 -2.65 -0.98 -57.00
CA LEU B 739 -3.51 -0.36 -58.01
C LEU B 739 -4.43 0.69 -57.39
N GLY B 740 -3.94 1.43 -56.40
CA GLY B 740 -4.78 2.40 -55.72
C GLY B 740 -4.88 3.71 -56.48
N ASN B 741 -6.04 4.36 -56.31
CA ASN B 741 -6.30 5.69 -56.85
C ASN B 741 -6.01 5.77 -58.35
N ASN B 742 -6.67 4.89 -59.10
CA ASN B 742 -6.59 4.89 -60.54
C ASN B 742 -8.01 4.92 -61.13
N VAL B 743 -8.09 4.79 -62.45
CA VAL B 743 -9.38 4.84 -63.14
C VAL B 743 -9.63 3.50 -63.83
N LEU B 744 -9.13 2.42 -63.24
CA LEU B 744 -9.30 1.09 -63.82
C LEU B 744 -10.78 0.73 -63.89
N GLN B 745 -11.29 0.60 -65.11
CA GLN B 745 -12.70 0.26 -65.30
C GLN B 745 -12.98 -1.20 -64.97
N SER B 746 -12.12 -2.11 -65.41
CA SER B 746 -12.31 -3.54 -65.18
C SER B 746 -10.96 -4.19 -64.91
N LEU B 747 -10.88 -4.89 -63.79
CA LEU B 747 -9.64 -5.59 -63.44
C LEU B 747 -9.50 -6.83 -64.31
N PRO B 748 -8.39 -6.99 -65.03
CA PRO B 748 -8.24 -8.18 -65.89
C PRO B 748 -8.29 -9.47 -65.08
N SER B 749 -8.89 -10.49 -65.68
CA SER B 749 -9.07 -11.78 -65.02
C SER B 749 -7.80 -12.63 -65.03
N ARG B 750 -6.73 -12.18 -65.69
CA ARG B 750 -5.48 -12.91 -65.71
C ARG B 750 -4.72 -12.86 -64.39
N VAL B 751 -5.29 -12.22 -63.37
CA VAL B 751 -4.63 -12.12 -62.08
C VAL B 751 -4.43 -13.51 -61.47
N GLY B 752 -5.36 -14.43 -61.71
CA GLY B 752 -5.20 -15.79 -61.23
C GLY B 752 -3.98 -16.49 -61.81
N GLU B 753 -3.44 -15.97 -62.92
CA GLU B 753 -2.22 -16.54 -63.48
C GLU B 753 -1.05 -16.40 -62.52
N LEU B 754 -0.95 -15.25 -61.85
CA LEU B 754 0.19 -14.96 -60.97
C LEU B 754 0.12 -15.85 -59.74
N THR B 755 0.98 -16.86 -59.70
CA THR B 755 1.01 -17.79 -58.58
C THR B 755 1.71 -17.21 -57.35
N ASN B 756 2.55 -16.20 -57.52
CA ASN B 756 3.36 -15.66 -56.43
C ASN B 756 2.78 -14.38 -55.85
N LEU B 757 1.57 -14.00 -56.22
CA LEU B 757 0.97 -12.78 -55.68
C LEU B 757 0.59 -12.99 -54.22
N THR B 758 0.93 -12.02 -53.38
CA THR B 758 0.64 -12.11 -51.95
C THR B 758 -0.07 -10.90 -51.40
N GLN B 759 0.16 -9.71 -51.96
CA GLN B 759 -0.41 -8.47 -51.44
C GLN B 759 -0.79 -7.58 -52.62
N ILE B 760 -2.09 -7.45 -52.86
CA ILE B 760 -2.60 -6.62 -53.95
C ILE B 760 -3.62 -5.65 -53.37
N GLU B 761 -3.49 -4.37 -53.73
CA GLU B 761 -4.34 -3.30 -53.21
C GLU B 761 -5.22 -2.78 -54.33
N LEU B 762 -6.52 -2.64 -54.05
CA LEU B 762 -7.50 -2.31 -55.08
C LEU B 762 -8.32 -1.06 -54.80
N ARG B 763 -8.23 -0.48 -53.61
CA ARG B 763 -9.08 0.65 -53.28
C ARG B 763 -8.73 1.88 -54.12
N GLY B 764 -9.76 2.52 -54.66
CA GLY B 764 -9.58 3.75 -55.39
C GLY B 764 -9.71 3.67 -56.90
N ASN B 765 -10.40 2.66 -57.43
CA ASN B 765 -10.53 2.48 -58.86
C ASN B 765 -12.00 2.45 -59.26
N ARG B 766 -12.23 2.58 -60.57
CA ARG B 766 -13.59 2.54 -61.13
C ARG B 766 -14.02 1.09 -61.37
N LEU B 767 -13.94 0.30 -60.29
CA LEU B 767 -14.27 -1.11 -60.34
C LEU B 767 -15.66 -1.36 -59.78
N GLU B 768 -16.27 -2.45 -60.24
CA GLU B 768 -17.62 -2.81 -59.85
C GLU B 768 -17.74 -4.23 -59.31
N CYS B 769 -16.87 -5.14 -59.74
CA CYS B 769 -16.93 -6.52 -59.30
C CYS B 769 -15.52 -7.13 -59.36
N LEU B 770 -15.20 -7.93 -58.35
CA LEU B 770 -13.92 -8.62 -58.32
C LEU B 770 -13.98 -9.85 -59.21
N PRO B 771 -13.12 -9.98 -60.21
CA PRO B 771 -13.05 -11.24 -60.96
C PRO B 771 -12.67 -12.39 -60.04
N VAL B 772 -13.25 -13.57 -60.30
CA VAL B 772 -13.10 -14.70 -59.40
C VAL B 772 -11.64 -15.16 -59.34
N GLU B 773 -10.91 -15.01 -60.44
CA GLU B 773 -9.53 -15.48 -60.51
C GLU B 773 -8.61 -14.79 -59.50
N LEU B 774 -9.00 -13.63 -58.98
CA LEU B 774 -8.21 -12.99 -57.94
C LEU B 774 -8.15 -13.84 -56.69
N GLY B 775 -9.24 -14.55 -56.38
CA GLY B 775 -9.31 -15.33 -55.16
C GLY B 775 -8.63 -16.67 -55.18
N GLU B 776 -8.03 -17.07 -56.29
CA GLU B 776 -7.35 -18.36 -56.37
C GLU B 776 -5.84 -18.23 -56.20
N CYS B 777 -5.35 -17.07 -55.79
CA CYS B 777 -3.92 -16.92 -55.49
C CYS B 777 -3.58 -17.79 -54.28
N PRO B 778 -2.53 -18.61 -54.37
CA PRO B 778 -2.28 -19.60 -53.31
C PRO B 778 -2.09 -19.00 -51.92
N LEU B 779 -1.43 -17.86 -51.80
CA LEU B 779 -1.09 -17.30 -50.50
C LEU B 779 -1.82 -16.00 -50.17
N LEU B 780 -2.51 -15.39 -51.14
CA LEU B 780 -3.27 -14.19 -50.85
C LEU B 780 -4.40 -14.50 -49.88
N LYS B 781 -4.56 -13.64 -48.87
CA LYS B 781 -5.58 -13.82 -47.85
C LYS B 781 -6.43 -12.57 -47.76
N ARG B 782 -7.47 -12.62 -46.92
CA ARG B 782 -8.40 -11.51 -46.81
C ARG B 782 -7.69 -10.25 -46.32
N SER B 783 -6.85 -10.37 -45.29
CA SER B 783 -6.09 -9.22 -44.82
C SER B 783 -5.10 -8.76 -45.89
N GLY B 784 -4.47 -9.69 -46.59
CA GLY B 784 -3.56 -9.34 -47.67
C GLY B 784 -4.22 -8.69 -48.86
N LEU B 785 -5.54 -8.74 -48.95
CA LEU B 785 -6.29 -8.12 -50.04
C LEU B 785 -6.91 -6.84 -49.51
N VAL B 786 -6.41 -5.70 -49.99
CA VAL B 786 -6.90 -4.39 -49.58
C VAL B 786 -7.84 -3.89 -50.67
N VAL B 787 -9.12 -3.75 -50.32
CA VAL B 787 -10.15 -3.42 -51.29
C VAL B 787 -11.36 -2.89 -50.52
N GLU B 788 -12.20 -2.10 -51.19
CA GLU B 788 -13.45 -1.67 -50.59
C GLU B 788 -14.35 -2.86 -50.33
N GLU B 789 -15.19 -2.75 -49.30
CA GLU B 789 -16.11 -3.84 -48.98
C GLU B 789 -17.19 -3.98 -50.04
N ASP B 790 -17.51 -2.89 -50.75
CA ASP B 790 -18.48 -2.97 -51.84
C ASP B 790 -18.00 -3.91 -52.93
N LEU B 791 -16.72 -3.86 -53.27
CA LEU B 791 -16.16 -4.77 -54.26
C LEU B 791 -15.96 -6.15 -53.68
N PHE B 792 -15.54 -6.24 -52.42
CA PHE B 792 -15.31 -7.54 -51.80
C PHE B 792 -16.60 -8.34 -51.66
N SER B 793 -17.74 -7.66 -51.53
CA SER B 793 -19.01 -8.35 -51.43
C SER B 793 -19.34 -9.16 -52.67
N THR B 794 -18.74 -8.82 -53.81
CA THR B 794 -19.04 -9.48 -55.08
C THR B 794 -18.32 -10.79 -55.26
N LEU B 795 -17.41 -11.15 -54.36
CA LEU B 795 -16.69 -12.40 -54.48
C LEU B 795 -17.64 -13.59 -54.32
N PRO B 796 -17.34 -14.72 -54.97
CA PRO B 796 -18.11 -15.92 -54.69
C PRO B 796 -17.96 -16.32 -53.24
N PRO B 797 -19.01 -16.90 -52.64
CA PRO B 797 -18.93 -17.27 -51.22
C PRO B 797 -17.80 -18.25 -50.92
N GLU B 798 -17.49 -19.14 -51.86
CA GLU B 798 -16.34 -20.03 -51.67
C GLU B 798 -15.06 -19.24 -51.51
N VAL B 799 -14.87 -18.21 -52.32
CA VAL B 799 -13.66 -17.40 -52.25
C VAL B 799 -13.57 -16.68 -50.91
N LYS B 800 -14.67 -16.07 -50.47
CA LYS B 800 -14.67 -15.38 -49.17
C LYS B 800 -14.35 -16.35 -48.05
N GLU B 801 -14.98 -17.53 -48.06
CA GLU B 801 -14.76 -18.50 -47.01
C GLU B 801 -13.31 -18.98 -46.99
N ARG B 802 -12.74 -19.26 -48.17
CA ARG B 802 -11.37 -19.72 -48.23
C ARG B 802 -10.41 -18.64 -47.75
N LEU B 803 -10.63 -17.39 -48.16
CA LEU B 803 -9.74 -16.31 -47.73
C LEU B 803 -9.81 -16.11 -46.23
N TRP B 804 -11.01 -16.11 -45.65
CA TRP B 804 -11.13 -15.92 -44.21
C TRP B 804 -10.49 -17.09 -43.45
N ARG B 805 -10.70 -18.32 -43.93
CA ARG B 805 -10.13 -19.48 -43.26
C ARG B 805 -8.60 -19.45 -43.32
N ALA B 806 -8.03 -19.06 -44.46
CA ALA B 806 -6.59 -18.92 -44.55
C ALA B 806 -6.07 -17.79 -43.66
N ASP B 807 -6.80 -16.68 -43.58
CA ASP B 807 -6.37 -15.56 -42.75
C ASP B 807 -6.38 -15.92 -41.27
N LYS B 808 -7.35 -16.74 -40.84
CA LYS B 808 -7.47 -17.05 -39.42
C LYS B 808 -6.28 -17.83 -38.90
N GLU B 809 -5.45 -18.38 -39.79
CA GLU B 809 -4.23 -19.07 -39.38
C GLU B 809 -3.04 -18.60 -40.19
N PRO C 16 -4.65 19.62 26.97
CA PRO C 16 -4.86 18.96 25.68
C PRO C 16 -4.62 19.90 24.50
N ALA C 17 -5.48 19.82 23.49
CA ALA C 17 -5.40 20.67 22.32
C ALA C 17 -6.47 21.76 22.33
N TYR C 18 -6.99 22.08 23.52
CA TYR C 18 -7.96 23.15 23.66
C TYR C 18 -7.37 24.53 23.43
N ARG C 19 -6.05 24.66 23.36
CA ARG C 19 -5.43 25.98 23.21
C ARG C 19 -5.78 26.62 21.88
N ILE C 20 -6.27 25.85 20.91
CA ILE C 20 -6.70 26.42 19.65
C ILE C 20 -8.14 26.93 19.72
N LEU C 21 -8.93 26.45 20.67
CA LEU C 21 -10.28 26.94 20.87
C LEU C 21 -10.34 28.18 21.75
N LYS C 22 -9.22 28.65 22.25
CA LYS C 22 -9.16 29.86 23.07
C LYS C 22 -8.54 30.98 22.26
N PRO C 23 -9.30 31.99 21.86
CA PRO C 23 -8.69 33.16 21.20
C PRO C 23 -7.78 33.91 22.16
N TRP C 24 -7.08 34.90 21.62
CA TRP C 24 -6.15 35.68 22.44
C TRP C 24 -6.88 36.38 23.58
N TRP C 25 -8.08 36.91 23.30
CA TRP C 25 -8.81 37.63 24.34
C TRP C 25 -9.23 36.70 25.48
N ASP C 26 -9.57 35.45 25.18
CA ASP C 26 -9.87 34.53 26.26
C ASP C 26 -8.64 34.18 27.08
N VAL C 27 -7.46 34.10 26.47
CA VAL C 27 -6.24 33.90 27.24
C VAL C 27 -5.98 35.09 28.16
N PHE C 28 -6.16 36.31 27.63
CA PHE C 28 -5.94 37.49 28.45
C PHE C 28 -6.93 37.55 29.60
N THR C 29 -8.20 37.24 29.35
CA THR C 29 -9.17 37.17 30.43
C THR C 29 -8.83 36.07 31.43
N ASP C 30 -8.31 34.94 30.97
CA ASP C 30 -7.94 33.87 31.88
C ASP C 30 -6.82 34.30 32.81
N TYR C 31 -5.83 35.03 32.30
CA TYR C 31 -4.76 35.51 33.16
C TYR C 31 -5.22 36.66 34.06
N ILE C 32 -6.06 37.55 33.55
CA ILE C 32 -6.58 38.64 34.36
C ILE C 32 -7.40 38.10 35.52
N SER C 33 -8.20 37.06 35.27
CA SER C 33 -8.93 36.40 36.34
C SER C 33 -8.01 35.75 37.36
N ILE C 34 -6.88 35.19 36.94
CA ILE C 34 -5.94 34.64 37.89
C ILE C 34 -5.36 35.73 38.78
N VAL C 35 -4.99 36.86 38.18
CA VAL C 35 -4.43 37.96 38.99
C VAL C 35 -5.48 38.50 39.95
N MET C 36 -6.72 38.64 39.48
CA MET C 36 -7.80 39.11 40.34
C MET C 36 -8.03 38.17 41.50
N LEU C 37 -8.03 36.86 41.23
CA LEU C 37 -8.17 35.88 42.30
C LEU C 37 -7.00 35.93 43.27
N MET C 38 -5.80 36.19 42.76
CA MET C 38 -4.63 36.33 43.63
C MET C 38 -4.80 37.49 44.60
N ILE C 39 -5.19 38.66 44.10
CA ILE C 39 -5.39 39.78 45.01
C ILE C 39 -6.60 39.56 45.91
N ALA C 40 -7.60 38.81 45.46
CA ALA C 40 -8.73 38.47 46.33
C ALA C 40 -8.28 37.61 47.50
N VAL C 41 -7.44 36.60 47.23
CA VAL C 41 -6.94 35.76 48.31
C VAL C 41 -6.04 36.56 49.25
N PHE C 42 -5.21 37.44 48.68
CA PHE C 42 -4.35 38.27 49.52
C PHE C 42 -5.17 39.16 50.45
N GLY C 43 -6.17 39.86 49.91
CA GLY C 43 -7.04 40.66 50.74
C GLY C 43 -7.80 39.82 51.76
N GLY C 44 -8.24 38.64 51.36
CA GLY C 44 -9.00 37.80 52.26
C GLY C 44 -8.19 37.36 53.46
N THR C 45 -6.95 36.90 53.22
CA THR C 45 -6.11 36.50 54.35
C THR C 45 -5.71 37.70 55.19
N LEU C 46 -5.46 38.86 54.58
CA LEU C 46 -5.19 40.06 55.38
C LEU C 46 -6.36 40.38 56.30
N GLN C 47 -7.58 40.38 55.76
CA GLN C 47 -8.74 40.72 56.57
C GLN C 47 -9.04 39.66 57.62
N VAL C 48 -8.77 38.40 57.32
CA VAL C 48 -9.02 37.35 58.29
C VAL C 48 -8.03 37.43 59.44
N THR C 49 -6.75 37.66 59.13
CA THR C 49 -5.72 37.57 60.17
C THR C 49 -5.48 38.90 60.89
N GLN C 50 -5.17 39.97 60.15
CA GLN C 50 -4.66 41.18 60.77
C GLN C 50 -5.61 42.38 60.73
N ASP C 51 -6.88 42.19 60.36
CA ASP C 51 -7.79 43.32 60.28
C ASP C 51 -8.37 43.62 61.66
N LYS C 52 -8.37 44.91 62.01
CA LYS C 52 -8.80 45.36 63.32
C LYS C 52 -8.96 46.88 63.26
N MET C 53 -9.61 47.42 64.29
CA MET C 53 -9.67 48.86 64.49
C MET C 53 -9.07 49.19 65.85
N ILE C 54 -8.48 50.38 65.94
CA ILE C 54 -7.90 50.87 67.17
C ILE C 54 -8.66 52.12 67.57
N CYS C 55 -9.41 52.06 68.67
CA CYS C 55 -10.35 53.10 69.04
C CYS C 55 -9.94 53.77 70.34
N LEU C 56 -9.92 55.10 70.33
CA LEU C 56 -9.77 55.88 71.54
C LEU C 56 -10.97 56.81 71.71
N PRO C 57 -11.51 56.92 72.92
CA PRO C 57 -12.66 57.79 73.14
C PRO C 57 -12.27 59.26 73.09
N CYS C 58 -13.26 60.09 72.74
CA CYS C 58 -13.12 61.53 72.76
C CYS C 58 -13.74 62.07 74.04
N LYS C 59 -12.95 62.78 74.84
CA LYS C 59 -13.45 63.29 76.11
C LYS C 59 -14.45 64.43 75.91
N TRP C 60 -14.19 65.30 74.96
CA TRP C 60 -15.05 66.45 74.69
C TRP C 60 -15.85 66.17 73.42
N VAL C 61 -17.16 66.03 73.57
CA VAL C 61 -18.07 65.68 72.48
C VAL C 61 -19.05 66.82 72.30
N THR C 62 -19.12 67.35 71.07
CA THR C 62 -20.07 68.41 70.72
C THR C 62 -20.93 67.91 69.57
N LYS C 63 -22.21 67.65 69.85
CA LYS C 63 -23.16 67.14 68.87
C LYS C 63 -22.65 65.86 68.20
N ASP C 64 -22.22 64.92 69.04
CA ASP C 64 -21.64 63.66 68.58
C ASP C 64 -20.44 63.89 67.66
N SER C 65 -19.53 64.76 68.12
CA SER C 65 -18.31 65.04 67.38
C SER C 65 -17.24 65.51 68.34
N CYS C 66 -15.99 65.11 68.07
CA CYS C 66 -14.86 65.52 68.89
C CYS C 66 -14.59 67.00 68.68
N ASN C 67 -14.55 67.76 69.78
CA ASN C 67 -14.41 69.21 69.66
C ASN C 67 -12.98 69.62 69.33
N ASP C 68 -11.99 68.81 69.71
CA ASP C 68 -10.58 69.13 69.52
C ASP C 68 -10.21 70.43 70.22
N SER C 69 -10.73 70.63 71.43
CA SER C 69 -10.44 71.83 72.19
C SER C 69 -9.57 71.52 73.40
N THR C 93 5.45 71.04 84.33
CA THR C 93 4.48 71.89 83.66
C THR C 93 4.33 71.50 82.20
N GLY C 94 5.12 70.52 81.76
CA GLY C 94 5.09 70.08 80.39
C GLY C 94 3.87 69.24 80.09
N PRO C 95 3.80 68.75 78.85
CA PRO C 95 2.66 67.93 78.44
C PRO C 95 2.58 66.65 79.25
N THR C 96 1.35 66.18 79.47
CA THR C 96 1.10 64.98 80.23
C THR C 96 0.11 64.10 79.49
N GLY C 97 0.18 62.80 79.75
CA GLY C 97 -0.73 61.87 79.11
C GLY C 97 -2.16 62.08 79.56
N ILE C 98 -3.08 61.87 78.64
CA ILE C 98 -4.50 61.96 78.95
C ILE C 98 -4.98 60.59 79.44
N LYS C 99 -5.56 60.57 80.63
CA LYS C 99 -5.99 59.32 81.26
C LYS C 99 -7.45 59.07 80.92
N TYR C 100 -7.75 57.87 80.42
CA TYR C 100 -9.11 57.49 80.12
C TYR C 100 -9.70 56.53 81.14
N ASP C 101 -8.86 55.88 81.94
CA ASP C 101 -9.30 54.94 82.97
C ASP C 101 -10.13 53.81 82.34
N LEU C 102 -9.53 53.12 81.38
CA LEU C 102 -10.13 51.97 80.73
C LEU C 102 -9.15 50.82 80.74
N ASP C 103 -9.60 49.66 81.21
CA ASP C 103 -8.77 48.47 81.11
C ASP C 103 -8.71 47.98 79.67
N ARG C 104 -7.74 47.11 79.41
CA ARG C 104 -7.47 46.69 78.04
C ARG C 104 -8.67 45.99 77.42
N HIS C 105 -9.37 45.16 78.20
CA HIS C 105 -10.51 44.45 77.65
C HIS C 105 -11.64 45.40 77.26
N GLN C 106 -11.77 46.54 77.95
CA GLN C 106 -12.73 47.55 77.52
C GLN C 106 -12.34 48.09 76.15
N TYR C 107 -11.04 48.29 75.91
CA TYR C 107 -10.59 48.72 74.59
C TYR C 107 -10.91 47.65 73.55
N ASN C 108 -10.71 46.37 73.89
CA ASN C 108 -11.07 45.31 72.95
C ASN C 108 -12.55 45.34 72.63
N TYR C 109 -13.39 45.52 73.65
CA TYR C 109 -14.83 45.53 73.42
C TYR C 109 -15.24 46.71 72.53
N VAL C 110 -14.71 47.90 72.81
CA VAL C 110 -15.09 49.06 72.01
C VAL C 110 -14.57 48.92 70.59
N ASP C 111 -13.36 48.34 70.43
CA ASP C 111 -12.87 48.07 69.08
C ASP C 111 -13.80 47.14 68.34
N ALA C 112 -14.22 46.05 68.99
CA ALA C 112 -15.11 45.10 68.34
C ALA C 112 -16.43 45.75 67.94
N VAL C 113 -17.01 46.53 68.85
CA VAL C 113 -18.32 47.12 68.60
C VAL C 113 -18.23 48.16 67.48
N CYS C 114 -17.25 49.06 67.57
CA CYS C 114 -17.11 50.10 66.55
C CYS C 114 -16.78 49.49 65.19
N TYR C 115 -15.96 48.45 65.18
CA TYR C 115 -15.68 47.73 63.93
C TYR C 115 -16.94 47.11 63.36
N GLU C 116 -17.76 46.52 64.22
CA GLU C 116 -18.99 45.88 63.76
C GLU C 116 -19.97 46.90 63.19
N ASN C 117 -20.09 48.06 63.82
CA ASN C 117 -21.17 48.99 63.50
C ASN C 117 -20.78 50.05 62.49
N ARG C 118 -19.77 50.86 62.78
CA ARG C 118 -19.52 52.07 61.99
C ARG C 118 -18.56 51.89 60.83
N LEU C 119 -17.80 50.80 60.79
CA LEU C 119 -16.92 50.58 59.65
C LEU C 119 -17.74 50.17 58.44
N HIS C 120 -17.47 50.81 57.30
CA HIS C 120 -18.25 50.55 56.09
C HIS C 120 -18.11 49.11 55.66
N TRP C 121 -19.25 48.51 55.29
CA TRP C 121 -19.25 47.10 54.92
C TRP C 121 -18.35 46.83 53.72
N PHE C 122 -18.26 47.78 52.80
CA PHE C 122 -17.38 47.59 51.65
C PHE C 122 -15.91 47.60 52.06
N ALA C 123 -15.59 48.11 53.24
CA ALA C 123 -14.21 48.07 53.71
C ALA C 123 -13.89 46.74 54.39
N LYS C 124 -14.91 46.05 54.90
CA LYS C 124 -14.67 44.76 55.56
C LYS C 124 -14.76 43.61 54.57
N TYR C 125 -15.68 43.68 53.61
CA TYR C 125 -15.99 42.55 52.74
C TYR C 125 -15.53 42.77 51.30
N PHE C 126 -14.56 43.65 51.09
CA PHE C 126 -14.01 43.83 49.75
C PHE C 126 -13.39 42.55 49.19
N PRO C 127 -12.47 41.87 49.89
CA PRO C 127 -11.87 40.67 49.29
C PRO C 127 -12.85 39.55 49.02
N TYR C 128 -13.86 39.37 49.87
CA TYR C 128 -14.84 38.32 49.60
C TYR C 128 -15.65 38.61 48.35
N LEU C 129 -16.02 39.88 48.15
CA LEU C 129 -16.72 40.25 46.93
C LEU C 129 -15.82 40.05 45.71
N VAL C 130 -14.54 40.38 45.83
CA VAL C 130 -13.62 40.16 44.71
C VAL C 130 -13.54 38.67 44.39
N LEU C 131 -13.43 37.83 45.43
CA LEU C 131 -13.36 36.39 45.22
C LEU C 131 -14.62 35.86 44.55
N LEU C 132 -15.79 36.31 45.01
CA LEU C 132 -17.04 35.87 44.42
C LEU C 132 -17.12 36.27 42.95
N HIS C 133 -16.77 37.53 42.65
CA HIS C 133 -16.82 38.00 41.27
C HIS C 133 -15.86 37.23 40.38
N THR C 134 -14.65 36.96 40.88
CA THR C 134 -13.71 36.17 40.10
C THR C 134 -14.23 34.75 39.86
N LEU C 135 -14.86 34.16 40.87
CA LEU C 135 -15.39 32.81 40.71
C LEU C 135 -16.48 32.77 39.65
N ILE C 136 -17.39 33.75 39.67
CA ILE C 136 -18.46 33.72 38.68
C ILE C 136 -17.92 34.08 37.29
N PHE C 137 -16.90 34.95 37.21
CA PHE C 137 -16.25 35.19 35.93
C PHE C 137 -15.61 33.92 35.37
N LEU C 138 -14.92 33.16 36.22
CA LEU C 138 -14.33 31.91 35.77
C LEU C 138 -15.39 30.89 35.39
N ALA C 139 -16.51 30.87 36.10
CA ALA C 139 -17.61 29.99 35.70
C ALA C 139 -18.14 30.37 34.33
N CYS C 140 -18.28 31.66 34.06
CA CYS C 140 -18.70 32.09 32.73
C CYS C 140 -17.69 31.71 31.67
N SER C 141 -16.40 31.85 31.96
CA SER C 141 -15.38 31.57 30.96
C SER C 141 -15.33 30.08 30.61
N ASN C 142 -15.57 29.21 31.59
CA ASN C 142 -15.46 27.77 31.40
C ASN C 142 -16.80 27.05 31.42
N PHE C 143 -17.91 27.77 31.24
CA PHE C 143 -19.22 27.14 31.33
C PHE C 143 -19.44 26.15 30.20
N TRP C 144 -19.18 26.56 28.96
CA TRP C 144 -19.42 25.69 27.81
C TRP C 144 -18.49 24.49 27.79
N PHE C 145 -17.35 24.56 28.46
CA PHE C 145 -16.43 23.42 28.48
C PHE C 145 -16.92 22.32 29.40
N LYS C 146 -17.51 22.68 30.54
CA LYS C 146 -17.99 21.67 31.47
C LYS C 146 -19.40 21.20 31.15
N PHE C 147 -20.22 22.09 30.57
CA PHE C 147 -21.56 21.72 30.12
C PHE C 147 -21.44 20.64 29.06
N PRO C 148 -21.84 19.41 29.36
CA PRO C 148 -21.53 18.29 28.45
C PRO C 148 -22.15 18.43 27.07
N ARG C 149 -23.33 19.02 26.95
CA ARG C 149 -24.04 19.05 25.67
C ARG C 149 -23.22 19.79 24.61
N THR C 150 -22.49 20.83 25.01
CA THR C 150 -21.62 21.53 24.09
C THR C 150 -20.18 21.03 24.14
N SER C 151 -19.76 20.44 25.27
CA SER C 151 -18.43 19.87 25.35
C SER C 151 -18.28 18.73 24.35
N SER C 152 -19.33 17.94 24.16
CA SER C 152 -19.29 16.86 23.18
C SER C 152 -19.02 17.40 21.77
N LYS C 153 -19.76 18.44 21.37
CA LYS C 153 -19.55 19.03 20.05
C LYS C 153 -18.15 19.60 19.94
N LEU C 154 -17.68 20.29 20.98
CA LEU C 154 -16.36 20.91 20.92
C LEU C 154 -15.26 19.86 20.75
N GLU C 155 -15.32 18.79 21.56
CA GLU C 155 -14.30 17.77 21.44
C GLU C 155 -14.40 17.02 20.12
N HIS C 156 -15.63 16.82 19.61
CA HIS C 156 -15.80 16.22 18.30
C HIS C 156 -15.10 17.02 17.23
N PHE C 157 -15.39 18.33 17.18
CA PHE C 157 -14.80 19.19 16.16
C PHE C 157 -13.28 19.28 16.30
N VAL C 158 -12.79 19.41 17.54
CA VAL C 158 -11.36 19.58 17.73
C VAL C 158 -10.60 18.27 17.51
N SER C 159 -11.27 17.12 17.65
CA SER C 159 -10.64 15.86 17.28
C SER C 159 -10.58 15.70 15.78
N ILE C 160 -11.66 16.06 15.08
CA ILE C 160 -11.68 15.94 13.62
C ILE C 160 -10.66 16.87 12.98
N LEU C 161 -10.58 18.12 13.47
CA LEU C 161 -9.72 19.10 12.82
C LEU C 161 -8.25 18.71 12.93
N LEU C 162 -7.86 18.02 14.01
CA LEU C 162 -6.45 17.65 14.17
C LEU C 162 -6.03 16.65 13.10
N LYS C 163 -6.84 15.61 12.87
CA LYS C 163 -6.50 14.64 11.85
C LYS C 163 -6.65 15.22 10.44
N CYS C 164 -7.62 16.12 10.26
CA CYS C 164 -7.73 16.79 8.96
C CYS C 164 -6.55 17.70 8.69
N PHE C 165 -5.90 18.19 9.75
CA PHE C 165 -4.75 19.07 9.57
C PHE C 165 -3.52 18.30 9.12
N ASP C 166 -3.27 17.13 9.70
CA ASP C 166 -2.06 16.35 9.44
C ASP C 166 -2.30 15.17 8.52
N SER C 167 -3.34 15.22 7.70
CA SER C 167 -3.59 14.13 6.77
C SER C 167 -2.51 14.11 5.70
N PRO C 168 -1.92 12.95 5.39
CA PRO C 168 -0.90 12.90 4.33
C PRO C 168 -1.41 13.34 2.98
N TRP C 169 -2.70 13.13 2.71
CA TRP C 169 -3.27 13.53 1.43
C TRP C 169 -3.40 15.05 1.32
N THR C 170 -3.54 15.75 2.44
CA THR C 170 -3.79 17.18 2.42
C THR C 170 -2.61 17.94 1.82
N THR C 171 -1.39 17.60 2.23
CA THR C 171 -0.22 18.31 1.73
C THR C 171 -0.05 18.11 0.23
N ARG C 172 -0.25 16.88 -0.24
CA ARG C 172 -0.15 16.64 -1.68
C ARG C 172 -1.26 17.36 -2.44
N ALA C 173 -2.47 17.41 -1.88
CA ALA C 173 -3.55 18.13 -2.53
C ALA C 173 -3.24 19.62 -2.61
N LEU C 174 -2.63 20.18 -1.56
CA LEU C 174 -2.19 21.57 -1.62
C LEU C 174 -1.13 21.76 -2.70
N SER C 175 -0.18 20.82 -2.79
CA SER C 175 0.87 20.91 -3.80
C SER C 175 0.31 20.79 -5.21
N GLU C 176 -0.79 20.06 -5.39
CA GLU C 176 -1.37 19.89 -6.71
C GLU C 176 -2.34 21.01 -7.07
N THR C 177 -2.63 21.91 -6.14
CA THR C 177 -3.51 23.05 -6.37
C THR C 177 -4.88 22.62 -6.89
N GLY C 231 0.45 10.95 -9.75
CA GLY C 231 1.25 10.59 -8.60
C GLY C 231 0.98 9.18 -8.10
N VAL C 232 1.72 8.76 -7.08
CA VAL C 232 1.59 7.44 -6.50
C VAL C 232 1.43 7.58 -4.99
N LEU C 233 0.44 6.90 -4.44
CA LEU C 233 0.14 6.95 -3.02
C LEU C 233 -0.14 5.55 -2.51
N ASP C 234 -0.19 5.42 -1.19
CA ASP C 234 -0.52 4.14 -0.58
C ASP C 234 -2.01 3.86 -0.64
N LYS C 235 -2.36 2.59 -0.70
CA LYS C 235 -3.77 2.19 -0.58
C LYS C 235 -4.33 2.55 0.79
N LYS C 236 -3.53 2.35 1.84
CA LYS C 236 -3.98 2.61 3.19
C LYS C 236 -4.35 4.08 3.38
N GLU C 237 -3.52 4.99 2.87
CA GLU C 237 -3.79 6.41 3.05
C GLU C 237 -5.02 6.85 2.26
N GLY C 238 -5.24 6.28 1.08
CA GLY C 238 -6.47 6.56 0.36
C GLY C 238 -7.70 6.08 1.09
N GLU C 239 -7.63 4.87 1.66
CA GLU C 239 -8.73 4.37 2.46
C GLU C 239 -9.00 5.27 3.67
N GLN C 240 -7.93 5.71 4.33
CA GLN C 240 -8.10 6.61 5.48
C GLN C 240 -8.71 7.94 5.05
N ALA C 241 -8.29 8.46 3.90
CA ALA C 241 -8.87 9.70 3.39
C ALA C 241 -10.36 9.53 3.13
N LYS C 242 -10.76 8.42 2.51
CA LYS C 242 -12.18 8.20 2.27
C LYS C 242 -12.96 8.07 3.58
N ALA C 243 -12.38 7.36 4.56
CA ALA C 243 -13.05 7.23 5.84
C ALA C 243 -13.20 8.59 6.52
N LEU C 244 -12.18 9.43 6.43
CA LEU C 244 -12.27 10.77 7.00
C LEU C 244 -13.28 11.63 6.26
N PHE C 245 -13.43 11.42 4.95
CA PHE C 245 -14.51 12.09 4.22
C PHE C 245 -15.87 11.68 4.75
N GLU C 246 -16.06 10.38 5.00
CA GLU C 246 -17.30 9.91 5.59
C GLU C 246 -17.54 10.56 6.95
N LYS C 247 -16.50 10.59 7.78
CA LYS C 247 -16.61 11.19 9.10
C LYS C 247 -16.98 12.66 9.00
N VAL C 248 -16.37 13.38 8.06
CA VAL C 248 -16.65 14.80 7.89
C VAL C 248 -18.10 15.01 7.47
N LYS C 249 -18.59 14.18 6.55
CA LYS C 249 -19.98 14.31 6.13
C LYS C 249 -20.93 14.09 7.30
N LYS C 250 -20.73 13.00 8.05
CA LYS C 250 -21.61 12.72 9.18
C LYS C 250 -21.52 13.80 10.24
N PHE C 251 -20.31 14.30 10.49
CA PHE C 251 -20.10 15.35 11.49
C PHE C 251 -20.78 16.65 11.08
N ARG C 252 -20.70 17.00 9.80
CA ARG C 252 -21.38 18.20 9.32
C ARG C 252 -22.89 18.06 9.47
N THR C 253 -23.43 16.89 9.11
CA THR C 253 -24.86 16.66 9.30
C THR C 253 -25.24 16.73 10.77
N HIS C 254 -24.37 16.26 11.65
CA HIS C 254 -24.68 16.23 13.08
C HIS C 254 -24.58 17.61 13.73
N VAL C 255 -23.67 18.45 13.26
CA VAL C 255 -23.37 19.72 13.91
C VAL C 255 -24.17 20.88 13.33
N GLU C 256 -24.31 20.93 12.01
CA GLU C 256 -24.98 22.08 11.38
C GLU C 256 -26.40 22.27 11.91
N GLU C 257 -27.04 21.18 12.35
CA GLU C 257 -28.44 21.25 12.76
C GLU C 257 -28.62 21.87 14.14
N GLY C 258 -27.62 21.73 15.02
CA GLY C 258 -27.79 22.01 16.43
C GLY C 258 -28.07 23.45 16.85
N ASP C 259 -27.08 24.32 16.70
CA ASP C 259 -27.15 25.72 17.14
C ASP C 259 -27.35 25.81 18.66
N ILE C 260 -26.37 25.29 19.40
CA ILE C 260 -26.34 25.40 20.84
C ILE C 260 -25.08 26.09 21.34
N VAL C 261 -23.93 25.82 20.71
CA VAL C 261 -22.68 26.41 21.16
C VAL C 261 -22.73 27.94 21.02
N TYR C 262 -23.24 28.43 19.90
CA TYR C 262 -23.28 29.88 19.68
C TYR C 262 -24.16 30.58 20.70
N ARG C 263 -25.32 29.99 21.04
CA ARG C 263 -26.17 30.60 22.05
C ARG C 263 -25.48 30.69 23.39
N LEU C 264 -24.78 29.61 23.78
CA LEU C 264 -24.07 29.63 25.06
C LEU C 264 -22.97 30.67 25.06
N TYR C 265 -22.22 30.78 23.96
CA TYR C 265 -21.16 31.79 23.90
C TYR C 265 -21.73 33.19 23.99
N MET C 266 -22.83 33.45 23.26
CA MET C 266 -23.47 34.76 23.33
C MET C 266 -23.92 35.08 24.75
N ARG C 267 -24.57 34.12 25.42
CA ARG C 267 -25.04 34.35 26.78
C ARG C 267 -23.88 34.57 27.74
N GLN C 268 -22.79 33.81 27.57
CA GLN C 268 -21.62 33.98 28.43
C GLN C 268 -21.05 35.37 28.31
N THR C 269 -20.84 35.82 27.07
CA THR C 269 -20.26 37.16 26.89
C THR C 269 -21.22 38.26 27.37
N ILE C 270 -22.53 38.09 27.17
CA ILE C 270 -23.49 39.07 27.66
C ILE C 270 -23.41 39.16 29.19
N ILE C 271 -23.39 38.01 29.86
CA ILE C 271 -23.35 38.00 31.32
C ILE C 271 -22.05 38.62 31.80
N LYS C 272 -20.93 38.30 31.16
CA LYS C 272 -19.66 38.89 31.56
C LYS C 272 -19.71 40.41 31.45
N VAL C 273 -20.23 40.92 30.34
CA VAL C 273 -20.26 42.38 30.15
C VAL C 273 -21.16 43.04 31.18
N ILE C 274 -22.34 42.49 31.41
CA ILE C 274 -23.28 43.15 32.32
C ILE C 274 -22.75 43.08 33.76
N LYS C 275 -22.13 41.97 34.14
CA LYS C 275 -21.60 41.88 35.50
C LYS C 275 -20.39 42.79 35.67
N PHE C 276 -19.57 42.93 34.63
CA PHE C 276 -18.50 43.92 34.68
C PHE C 276 -19.05 45.32 34.87
N ALA C 277 -20.13 45.65 34.17
CA ALA C 277 -20.75 46.96 34.36
C ALA C 277 -21.21 47.15 35.80
N LEU C 278 -21.89 46.15 36.36
CA LEU C 278 -22.37 46.25 37.73
C LEU C 278 -21.23 46.45 38.72
N ILE C 279 -20.19 45.61 38.60
CA ILE C 279 -19.11 45.68 39.58
C ILE C 279 -18.34 46.99 39.44
N ILE C 280 -18.07 47.44 38.21
CA ILE C 280 -17.40 48.72 38.05
C ILE C 280 -18.22 49.84 38.65
N CYS C 281 -19.53 49.87 38.36
CA CYS C 281 -20.39 50.91 38.89
C CYS C 281 -20.32 50.96 40.41
N TYR C 282 -20.71 49.88 41.07
CA TYR C 282 -20.84 49.94 42.52
C TYR C 282 -19.49 50.04 43.22
N THR C 283 -18.45 49.39 42.69
CA THR C 283 -17.14 49.50 43.31
C THR C 283 -16.57 50.91 43.19
N VAL C 284 -16.73 51.54 42.03
CA VAL C 284 -16.27 52.92 41.90
C VAL C 284 -17.09 53.83 42.81
N TYR C 285 -18.38 53.54 42.98
CA TYR C 285 -19.19 54.34 43.90
C TYR C 285 -18.68 54.24 45.32
N TYR C 286 -18.34 53.03 45.77
CA TYR C 286 -18.03 52.79 47.18
C TYR C 286 -16.55 52.81 47.51
N VAL C 287 -15.65 52.94 46.53
CA VAL C 287 -14.22 52.85 46.82
C VAL C 287 -13.73 53.97 47.72
N HIS C 288 -14.41 55.12 47.75
CA HIS C 288 -13.94 56.22 48.57
C HIS C 288 -14.39 56.10 50.03
N ASN C 289 -15.22 55.10 50.35
CA ASN C 289 -15.67 54.90 51.71
C ASN C 289 -14.66 54.15 52.57
N ILE C 290 -13.47 53.88 52.04
CA ILE C 290 -12.38 53.30 52.82
C ILE C 290 -11.53 54.45 53.32
N LYS C 291 -11.67 54.77 54.60
CA LYS C 291 -10.95 55.86 55.23
C LYS C 291 -10.09 55.31 56.37
N PHE C 292 -8.91 55.88 56.53
CA PHE C 292 -8.00 55.40 57.57
C PHE C 292 -8.60 55.59 58.96
N ASP C 293 -9.25 56.73 59.19
CA ASP C 293 -9.80 57.07 60.49
C ASP C 293 -11.32 57.21 60.40
N VAL C 294 -12.01 56.64 61.38
CA VAL C 294 -13.47 56.63 61.41
C VAL C 294 -13.94 57.09 62.79
N ASP C 295 -15.03 57.84 62.81
CA ASP C 295 -15.66 58.27 64.04
C ASP C 295 -16.91 57.44 64.27
N CYS C 296 -17.01 56.82 65.44
CA CYS C 296 -18.18 55.98 65.76
C CYS C 296 -18.85 56.47 67.03
N THR C 297 -20.15 56.68 66.95
CA THR C 297 -21.02 56.93 68.10
C THR C 297 -21.83 55.66 68.29
N VAL C 298 -21.27 54.71 69.05
CA VAL C 298 -21.82 53.36 69.12
C VAL C 298 -22.86 53.18 70.21
N ASP C 299 -23.06 54.20 71.06
CA ASP C 299 -24.11 54.17 72.09
C ASP C 299 -23.90 53.03 73.08
N ILE C 300 -22.74 53.05 73.74
CA ILE C 300 -22.52 52.24 74.93
C ILE C 300 -21.84 53.10 75.99
N GLU C 301 -22.65 53.74 76.84
CA GLU C 301 -22.11 54.45 77.99
C GLU C 301 -22.19 53.65 79.28
N SER C 302 -23.09 52.68 79.36
CA SER C 302 -23.20 51.84 80.54
C SER C 302 -22.02 50.89 80.70
N LEU C 303 -21.19 50.74 79.68
CA LEU C 303 -20.03 49.85 79.73
C LEU C 303 -18.70 50.59 79.74
N THR C 304 -18.58 51.70 79.02
CA THR C 304 -17.35 52.47 78.99
C THR C 304 -17.48 53.86 79.57
N GLY C 305 -18.67 54.44 79.60
CA GLY C 305 -18.85 55.79 80.07
C GLY C 305 -18.58 56.87 79.06
N TYR C 306 -18.23 56.52 77.82
CA TYR C 306 -17.97 57.49 76.78
C TYR C 306 -19.01 57.40 75.68
N ARG C 307 -19.22 58.53 74.99
CA ARG C 307 -20.23 58.60 73.95
C ARG C 307 -19.65 58.24 72.59
N THR C 308 -18.65 58.99 72.15
CA THR C 308 -18.09 58.83 70.82
C THR C 308 -16.63 58.38 70.91
N TYR C 309 -16.17 57.75 69.83
CA TYR C 309 -14.79 57.30 69.72
C TYR C 309 -14.24 57.67 68.35
N ARG C 310 -12.94 57.99 68.33
CA ARG C 310 -12.20 58.14 67.10
C ARG C 310 -11.27 56.93 66.95
N CYS C 311 -11.27 56.32 65.78
CA CYS C 311 -10.58 55.06 65.57
C CYS C 311 -9.77 55.12 64.29
N ALA C 312 -8.72 54.30 64.27
CA ALA C 312 -7.89 54.10 63.10
C ALA C 312 -8.13 52.69 62.57
N HIS C 313 -8.18 52.58 61.25
CA HIS C 313 -8.29 51.30 60.56
C HIS C 313 -6.98 51.07 59.82
N PRO C 314 -6.03 50.34 60.42
CA PRO C 314 -4.66 50.32 59.86
C PRO C 314 -4.58 49.84 58.43
N LEU C 315 -5.36 48.82 58.07
CA LEU C 315 -5.30 48.24 56.74
C LEU C 315 -6.01 49.06 55.69
N ALA C 316 -6.78 50.07 56.09
CA ALA C 316 -7.67 50.75 55.15
C ALA C 316 -6.92 51.23 53.92
N THR C 317 -5.82 51.97 54.11
CA THR C 317 -5.05 52.45 52.98
C THR C 317 -4.70 51.31 52.04
N LEU C 318 -4.13 50.23 52.59
CA LEU C 318 -3.76 49.10 51.74
C LEU C 318 -4.97 48.58 50.98
N PHE C 319 -6.09 48.41 51.66
CA PHE C 319 -7.29 47.94 50.95
C PHE C 319 -7.62 48.86 49.80
N LYS C 320 -7.56 50.18 50.05
CA LYS C 320 -7.86 51.12 48.97
C LYS C 320 -6.99 50.85 47.77
N ILE C 321 -5.69 50.65 47.99
CA ILE C 321 -4.80 50.37 46.87
C ILE C 321 -5.29 49.14 46.12
N LEU C 322 -5.52 48.04 46.84
CA LEU C 322 -6.04 46.84 46.19
C LEU C 322 -7.33 47.16 45.46
N ALA C 323 -8.25 47.89 46.12
CA ALA C 323 -9.49 48.26 45.49
C ALA C 323 -9.22 48.94 44.16
N SER C 324 -8.36 49.96 44.15
CA SER C 324 -8.02 50.59 42.89
C SER C 324 -7.37 49.57 41.97
N PHE C 325 -6.35 48.87 42.47
CA PHE C 325 -5.68 47.87 41.65
C PHE C 325 -6.62 46.77 41.22
N TYR C 326 -7.77 46.63 41.90
CA TYR C 326 -8.76 45.68 41.41
C TYR C 326 -9.54 46.28 40.25
N ILE C 327 -10.10 47.49 40.43
CA ILE C 327 -11.03 48.00 39.43
C ILE C 327 -10.32 48.17 38.08
N SER C 328 -9.06 48.61 38.11
CA SER C 328 -8.30 48.73 36.87
C SER C 328 -8.29 47.42 36.11
N LEU C 329 -7.97 46.32 36.81
CA LEU C 329 -8.03 45.01 36.15
C LEU C 329 -9.41 44.77 35.57
N VAL C 330 -10.46 45.01 36.35
CA VAL C 330 -11.81 44.81 35.86
C VAL C 330 -12.04 45.65 34.62
N ILE C 331 -11.52 46.88 34.61
CA ILE C 331 -11.67 47.74 33.44
C ILE C 331 -11.13 47.04 32.21
N PHE C 332 -9.90 46.51 32.31
CA PHE C 332 -9.38 45.72 31.22
C PHE C 332 -10.29 44.53 30.93
N TYR C 333 -10.62 43.78 31.98
CA TYR C 333 -11.49 42.63 31.83
C TYR C 333 -12.86 43.04 31.33
N GLY C 334 -13.22 44.31 31.46
CA GLY C 334 -14.44 44.78 30.83
C GLY C 334 -14.20 45.01 29.35
N LEU C 335 -13.22 45.86 29.04
CA LEU C 335 -13.01 46.28 27.66
C LEU C 335 -12.85 45.09 26.74
N ILE C 336 -11.97 44.15 27.11
CA ILE C 336 -11.75 42.97 26.29
C ILE C 336 -13.06 42.27 26.03
N CYS C 337 -13.84 42.01 27.07
CA CYS C 337 -15.13 41.35 26.87
C CYS C 337 -16.01 42.16 25.93
N MET C 338 -16.08 43.48 26.14
CA MET C 338 -16.83 44.32 25.22
C MET C 338 -16.35 44.10 23.80
N TYR C 339 -15.03 44.13 23.58
CA TYR C 339 -14.48 43.87 22.26
C TYR C 339 -15.00 42.54 21.72
N THR C 340 -14.91 41.49 22.52
CA THR C 340 -15.41 40.19 22.08
C THR C 340 -16.88 40.28 21.71
N LEU C 341 -17.68 40.95 22.53
CA LEU C 341 -19.09 41.12 22.20
C LEU C 341 -19.22 41.77 20.83
N TRP C 342 -18.49 42.86 20.60
CA TRP C 342 -18.51 43.49 19.29
C TRP C 342 -18.01 42.53 18.22
N TRP C 343 -16.93 41.81 18.52
CA TRP C 343 -16.42 40.83 17.57
C TRP C 343 -17.42 39.73 17.33
N MET C 344 -18.29 39.46 18.31
CA MET C 344 -19.30 38.42 18.13
C MET C 344 -20.55 38.99 17.47
N LEU C 345 -20.63 40.31 17.30
CA LEU C 345 -21.79 40.94 16.71
C LEU C 345 -21.46 41.76 15.47
N ARG C 346 -20.25 41.64 14.93
CA ARG C 346 -19.82 42.38 13.75
C ARG C 346 -19.81 41.53 12.49
N ARG C 347 -19.24 40.33 12.55
CA ARG C 347 -19.08 39.48 11.38
C ARG C 347 -20.32 38.66 11.06
N SER C 348 -21.27 38.56 12.01
CA SER C 348 -22.42 37.66 11.90
C SER C 348 -21.96 36.23 11.60
N LEU C 349 -21.16 35.71 12.52
CA LEU C 349 -20.35 34.49 12.37
C LEU C 349 -21.17 33.23 12.25
N LYS C 350 -22.50 33.24 12.20
CA LYS C 350 -23.24 32.00 11.95
C LYS C 350 -22.96 31.42 10.58
N LYS C 351 -22.48 32.23 9.64
CA LYS C 351 -22.19 31.80 8.28
C LYS C 351 -20.71 32.02 7.98
N TYR C 352 -20.10 31.05 7.30
CA TYR C 352 -18.69 31.11 6.93
C TYR C 352 -18.60 31.22 5.42
N SER C 353 -18.03 32.32 4.93
CA SER C 353 -17.99 32.56 3.49
C SER C 353 -17.10 31.53 2.79
N PHE C 354 -15.89 31.30 3.32
CA PHE C 354 -14.94 30.31 2.81
C PHE C 354 -14.44 30.65 1.42
N GLU C 355 -14.87 31.77 0.83
CA GLU C 355 -14.66 32.00 -0.59
C GLU C 355 -13.22 32.35 -0.94
N SER C 356 -12.44 32.88 -0.01
CA SER C 356 -11.09 33.33 -0.34
C SER C 356 -10.19 32.15 -0.72
N ILE C 357 -10.19 31.10 0.10
CA ILE C 357 -9.34 29.95 -0.19
C ILE C 357 -9.84 29.18 -1.41
N ARG C 358 -11.16 29.01 -1.53
CA ARG C 358 -11.68 28.31 -2.71
C ARG C 358 -11.42 29.10 -3.98
N GLU C 359 -11.33 30.43 -3.87
CA GLU C 359 -10.97 31.25 -5.01
C GLU C 359 -9.50 31.09 -5.35
N GLU C 360 -8.62 31.14 -4.34
CA GLU C 360 -7.19 31.09 -4.61
C GLU C 360 -6.74 29.71 -5.07
N SER C 361 -7.17 28.65 -4.39
CA SER C 361 -6.72 27.29 -4.68
C SER C 361 -7.61 26.55 -5.67
N SER C 362 -8.66 27.21 -6.18
CA SER C 362 -9.51 26.66 -7.23
C SER C 362 -10.18 25.35 -6.79
N TYR C 363 -10.99 25.45 -5.74
CA TYR C 363 -11.83 24.35 -5.27
C TYR C 363 -13.27 24.86 -5.26
N SER C 364 -13.95 24.71 -6.38
CA SER C 364 -15.28 25.31 -6.54
C SER C 364 -16.33 24.66 -5.64
N ASP C 365 -16.11 23.42 -5.20
CA ASP C 365 -17.11 22.73 -4.38
C ASP C 365 -16.88 22.97 -2.89
N ILE C 366 -16.73 24.22 -2.49
CA ILE C 366 -16.59 24.57 -1.09
C ILE C 366 -17.80 25.40 -0.69
N PRO C 367 -18.82 24.79 -0.09
CA PRO C 367 -20.07 25.50 0.17
C PRO C 367 -19.99 26.37 1.42
N ASP C 368 -20.93 27.31 1.50
CA ASP C 368 -21.15 28.04 2.73
C ASP C 368 -21.76 27.11 3.77
N VAL C 369 -21.30 27.25 5.02
CA VAL C 369 -21.77 26.40 6.11
C VAL C 369 -22.74 27.20 6.96
N LYS C 370 -23.82 26.54 7.39
CA LYS C 370 -24.85 27.19 8.18
C LYS C 370 -24.41 27.33 9.63
N ASN C 371 -25.35 27.64 10.52
CA ASN C 371 -25.02 28.02 11.88
C ASN C 371 -24.38 26.86 12.65
N ASP C 372 -23.70 27.22 13.74
CA ASP C 372 -23.15 26.30 14.74
C ASP C 372 -21.93 25.55 14.23
N PHE C 373 -21.59 25.72 12.97
CA PHE C 373 -20.36 25.16 12.41
C PHE C 373 -19.43 26.22 11.84
N ALA C 374 -19.98 27.33 11.34
CA ALA C 374 -19.14 28.45 10.96
C ALA C 374 -18.44 29.06 12.17
N PHE C 375 -19.09 29.00 13.34
CA PHE C 375 -18.53 29.61 14.55
C PHE C 375 -17.22 28.96 14.95
N MET C 376 -17.18 27.63 14.97
CA MET C 376 -15.96 26.93 15.36
C MET C 376 -14.83 27.19 14.38
N LEU C 377 -15.14 27.22 13.09
CA LEU C 377 -14.14 27.56 12.08
C LEU C 377 -13.64 28.98 12.27
N HIS C 378 -14.54 29.91 12.62
CA HIS C 378 -14.12 31.28 12.90
C HIS C 378 -13.16 31.34 14.07
N LEU C 379 -13.46 30.62 15.14
CA LEU C 379 -12.56 30.61 16.30
C LEU C 379 -11.20 30.02 15.91
N ILE C 380 -11.21 28.92 15.17
CA ILE C 380 -9.94 28.30 14.77
C ILE C 380 -9.13 29.26 13.92
N ASP C 381 -9.78 29.93 12.97
CA ASP C 381 -9.09 30.92 12.15
C ASP C 381 -8.52 32.04 13.01
N GLN C 382 -9.29 32.50 13.99
CA GLN C 382 -8.79 33.52 14.91
C GLN C 382 -7.54 33.04 15.63
N TYR C 383 -7.49 31.76 15.99
CA TYR C 383 -6.23 31.20 16.48
C TYR C 383 -5.18 31.15 15.36
N ASP C 384 -5.54 30.58 14.22
CA ASP C 384 -4.62 30.41 13.10
C ASP C 384 -5.37 29.97 11.84
N PRO C 385 -5.04 30.53 10.68
CA PRO C 385 -5.81 30.21 9.46
C PRO C 385 -5.43 28.91 8.78
N LEU C 386 -4.27 28.32 9.11
CA LEU C 386 -3.81 27.14 8.39
C LEU C 386 -4.77 25.96 8.55
N TYR C 387 -5.31 25.78 9.76
CA TYR C 387 -6.23 24.67 10.00
C TYR C 387 -7.49 24.80 9.17
N SER C 388 -7.97 26.03 8.95
CA SER C 388 -9.11 26.23 8.08
C SER C 388 -8.80 25.76 6.66
N LYS C 389 -7.60 26.05 6.17
CA LYS C 389 -7.20 25.57 4.86
C LYS C 389 -7.17 24.05 4.83
N ARG C 390 -6.53 23.43 5.82
CA ARG C 390 -6.43 21.97 5.85
C ARG C 390 -7.79 21.31 6.02
N PHE C 391 -8.79 22.04 6.51
CA PHE C 391 -10.15 21.51 6.59
C PHE C 391 -10.96 21.75 5.32
N ALA C 392 -10.63 22.80 4.57
CA ALA C 392 -11.37 23.12 3.36
C ALA C 392 -11.30 22.00 2.33
N VAL C 393 -10.14 21.34 2.22
CA VAL C 393 -9.98 20.28 1.21
C VAL C 393 -10.94 19.13 1.51
N PHE C 394 -10.99 18.68 2.75
CA PHE C 394 -11.91 17.61 3.11
C PHE C 394 -13.36 18.06 3.07
N LEU C 395 -13.62 19.35 3.26
CA LEU C 395 -14.99 19.84 3.16
C LEU C 395 -15.48 19.89 1.71
N SER C 396 -14.57 19.98 0.74
CA SER C 396 -14.98 20.09 -0.65
C SER C 396 -15.43 18.73 -1.18
N GLU C 397 -16.03 18.77 -2.37
CA GLU C 397 -16.56 17.57 -3.02
C GLU C 397 -15.72 17.10 -4.18
N VAL C 398 -15.14 18.02 -4.96
CA VAL C 398 -14.23 17.64 -6.04
C VAL C 398 -13.04 16.89 -5.47
N SER C 399 -12.63 17.22 -4.24
CA SER C 399 -11.52 16.53 -3.62
C SER C 399 -11.84 15.06 -3.41
N GLU C 400 -13.07 14.75 -2.99
CA GLU C 400 -13.47 13.35 -2.80
C GLU C 400 -13.41 12.59 -4.12
N ASN C 401 -13.92 13.19 -5.20
CA ASN C 401 -13.88 12.53 -6.50
C ASN C 401 -12.44 12.32 -6.95
N LYS C 402 -11.58 13.31 -6.73
CA LYS C 402 -10.17 13.18 -7.11
C LYS C 402 -9.49 12.07 -6.32
N LEU C 403 -9.80 11.98 -5.02
CA LEU C 403 -9.23 10.92 -4.20
C LEU C 403 -9.71 9.54 -4.66
N ARG C 404 -10.99 9.43 -4.97
CA ARG C 404 -11.52 8.16 -5.47
C ARG C 404 -10.84 7.78 -6.78
N GLN C 405 -10.70 8.74 -7.69
CA GLN C 405 -10.03 8.48 -8.97
C GLN C 405 -8.59 8.05 -8.74
N LEU C 406 -7.87 8.74 -7.86
CA LEU C 406 -6.48 8.41 -7.62
C LEU C 406 -6.33 7.03 -7.00
N ASN C 407 -7.21 6.68 -6.06
CA ASN C 407 -7.18 5.35 -5.48
C ASN C 407 -7.44 4.28 -6.54
N LEU C 408 -8.44 4.51 -7.39
CA LEU C 408 -8.74 3.54 -8.44
C LEU C 408 -7.58 3.39 -9.41
N ASN C 409 -6.96 4.51 -9.81
CA ASN C 409 -5.84 4.45 -10.74
C ASN C 409 -4.64 3.76 -10.13
N ASN C 410 -4.37 4.01 -8.84
CA ASN C 410 -3.29 3.32 -8.16
C ASN C 410 -3.56 1.82 -8.09
N GLU C 411 -4.82 1.44 -7.85
CA GLU C 411 -5.14 0.01 -7.80
C GLU C 411 -4.98 -0.64 -9.17
N TRP C 412 -5.56 -0.04 -10.20
CA TRP C 412 -5.41 -0.56 -11.57
C TRP C 412 -4.11 -0.03 -12.18
N THR C 413 -3.02 -0.71 -11.86
CA THR C 413 -1.76 -0.42 -12.53
C THR C 413 -1.81 -0.94 -13.96
N LEU C 414 -0.94 -0.40 -14.81
CA LEU C 414 -0.94 -0.81 -16.21
C LEU C 414 -0.60 -2.29 -16.36
N ASP C 415 0.22 -2.83 -15.45
CA ASP C 415 0.62 -4.23 -15.56
C ASP C 415 -0.56 -5.16 -15.41
N LYS C 416 -1.34 -5.01 -14.33
CA LYS C 416 -2.48 -5.90 -14.13
C LYS C 416 -3.59 -5.61 -15.13
N LEU C 417 -3.74 -4.34 -15.53
CA LEU C 417 -4.73 -3.99 -16.53
C LEU C 417 -4.43 -4.68 -17.86
N ARG C 418 -3.15 -4.74 -18.24
CA ARG C 418 -2.77 -5.47 -19.44
C ARG C 418 -2.89 -6.98 -19.22
N GLN C 419 -2.62 -7.44 -18.00
CA GLN C 419 -2.74 -8.87 -17.71
C GLN C 419 -4.18 -9.34 -17.90
N ARG C 420 -5.15 -8.56 -17.44
CA ARG C 420 -6.55 -8.91 -17.62
C ARG C 420 -7.07 -8.58 -19.01
N LEU C 421 -6.44 -7.65 -19.72
CA LEU C 421 -6.82 -7.34 -21.10
C LEU C 421 -6.51 -8.53 -21.99
N THR C 422 -7.54 -9.19 -22.50
CA THR C 422 -7.40 -10.37 -23.35
C THR C 422 -8.22 -10.17 -24.62
N LYS C 423 -8.18 -11.19 -25.48
CA LYS C 423 -8.84 -11.14 -26.78
C LYS C 423 -10.14 -11.93 -26.75
N ASN C 424 -11.16 -11.41 -27.44
CA ASN C 424 -12.41 -12.13 -27.61
C ASN C 424 -12.25 -13.19 -28.72
N ALA C 425 -13.35 -13.86 -29.03
CA ALA C 425 -13.32 -14.87 -30.09
C ALA C 425 -13.38 -14.27 -31.48
N GLN C 426 -13.74 -12.99 -31.60
CA GLN C 426 -13.79 -12.30 -32.88
C GLN C 426 -12.43 -11.73 -33.30
N ASP C 427 -11.35 -12.19 -32.67
CA ASP C 427 -10.00 -11.76 -33.00
C ASP C 427 -9.85 -10.24 -32.86
N LYS C 428 -10.19 -9.73 -31.68
CA LYS C 428 -10.03 -8.32 -31.37
C LYS C 428 -9.60 -8.17 -29.92
N LEU C 429 -8.99 -7.03 -29.61
CA LEU C 429 -8.54 -6.72 -28.26
C LEU C 429 -9.63 -5.91 -27.57
N GLU C 430 -10.29 -6.53 -26.59
CA GLU C 430 -11.45 -5.94 -25.93
C GLU C 430 -11.16 -5.74 -24.45
N LEU C 431 -11.73 -4.67 -23.89
CA LEU C 431 -11.59 -4.33 -22.48
C LEU C 431 -12.95 -4.54 -21.80
N HIS C 432 -12.97 -5.37 -20.76
CA HIS C 432 -14.20 -5.74 -20.07
C HIS C 432 -14.07 -5.39 -18.61
N LEU C 433 -14.53 -4.19 -18.23
CA LEU C 433 -14.59 -3.76 -16.85
C LEU C 433 -15.97 -4.08 -16.30
N PHE C 434 -16.02 -4.91 -15.27
CA PHE C 434 -17.28 -5.44 -14.74
C PHE C 434 -17.43 -5.03 -13.28
N MET C 435 -18.54 -4.33 -12.98
CA MET C 435 -18.91 -3.94 -11.62
C MET C 435 -17.79 -3.19 -10.92
N LEU C 436 -17.45 -2.02 -11.47
CA LEU C 436 -16.51 -1.11 -10.86
C LEU C 436 -17.24 0.12 -10.32
N SER C 437 -16.51 0.90 -9.52
CA SER C 437 -17.06 2.16 -9.04
C SER C 437 -17.22 3.17 -10.17
N GLY C 438 -16.27 3.20 -11.09
CA GLY C 438 -16.35 4.12 -12.20
C GLY C 438 -15.33 3.77 -13.27
N ILE C 439 -15.15 4.69 -14.21
CA ILE C 439 -14.20 4.51 -15.31
C ILE C 439 -12.79 4.79 -14.77
N PRO C 440 -11.88 3.83 -14.80
CA PRO C 440 -10.49 4.12 -14.46
C PRO C 440 -9.87 5.05 -15.49
N ASP C 441 -8.95 5.89 -15.04
CA ASP C 441 -8.27 6.82 -15.93
C ASP C 441 -7.03 6.22 -16.59
N THR C 442 -6.61 5.03 -16.18
CA THR C 442 -5.49 4.36 -16.81
C THR C 442 -5.89 3.61 -18.08
N VAL C 443 -7.17 3.26 -18.23
CA VAL C 443 -7.61 2.52 -19.42
C VAL C 443 -7.46 3.34 -20.69
N PHE C 444 -7.34 4.67 -20.57
CA PHE C 444 -7.05 5.51 -21.71
C PHE C 444 -5.58 5.50 -22.11
N ASP C 445 -4.82 4.54 -21.59
CA ASP C 445 -3.38 4.45 -21.80
C ASP C 445 -3.01 3.76 -23.11
N LEU C 446 -3.99 3.31 -23.89
CA LEU C 446 -3.73 2.48 -25.05
C LEU C 446 -4.31 3.09 -26.32
N VAL C 447 -3.72 2.73 -27.45
CA VAL C 447 -4.25 3.06 -28.77
C VAL C 447 -4.62 1.83 -29.57
N GLU C 448 -4.38 0.63 -29.03
CA GLU C 448 -4.73 -0.61 -29.69
C GLU C 448 -6.13 -1.09 -29.33
N LEU C 449 -6.89 -0.31 -28.57
CA LEU C 449 -8.23 -0.70 -28.17
C LEU C 449 -9.23 -0.38 -29.27
N GLU C 450 -10.14 -1.32 -29.52
CA GLU C 450 -11.26 -1.10 -30.42
C GLU C 450 -12.59 -1.56 -29.85
N VAL C 451 -12.59 -2.35 -28.78
CA VAL C 451 -13.81 -2.79 -28.11
C VAL C 451 -13.70 -2.44 -26.63
N LEU C 452 -14.70 -1.72 -26.11
CA LEU C 452 -14.79 -1.40 -24.70
C LEU C 452 -16.10 -1.94 -24.15
N LYS C 453 -16.03 -2.68 -23.05
CA LYS C 453 -17.20 -3.31 -22.46
C LYS C 453 -17.32 -2.86 -21.01
N LEU C 454 -18.32 -2.02 -20.72
CA LEU C 454 -18.62 -1.55 -19.38
C LEU C 454 -19.95 -2.12 -18.94
N GLU C 455 -19.94 -2.89 -17.86
CA GLU C 455 -21.14 -3.56 -17.37
C GLU C 455 -21.30 -3.32 -15.88
N LEU C 456 -22.48 -2.84 -15.48
CA LEU C 456 -22.83 -2.65 -14.07
C LEU C 456 -21.85 -1.72 -13.37
N ILE C 457 -21.44 -0.67 -14.06
CA ILE C 457 -20.54 0.33 -13.47
C ILE C 457 -21.29 1.64 -13.34
N PRO C 458 -21.74 2.01 -12.15
CA PRO C 458 -22.66 3.14 -12.01
C PRO C 458 -21.99 4.48 -12.29
N ASP C 459 -22.84 5.40 -12.75
CA ASP C 459 -22.52 6.84 -12.93
C ASP C 459 -21.12 7.07 -13.49
N VAL C 460 -20.87 6.50 -14.66
CA VAL C 460 -19.63 6.75 -15.38
C VAL C 460 -19.83 7.92 -16.33
N THR C 461 -19.06 8.98 -16.14
CA THR C 461 -19.10 10.14 -17.00
C THR C 461 -18.02 10.00 -18.07
N ILE C 462 -18.41 10.17 -19.33
CA ILE C 462 -17.49 10.00 -20.45
C ILE C 462 -16.61 11.24 -20.56
N PRO C 463 -15.33 11.15 -20.23
CA PRO C 463 -14.46 12.32 -20.26
C PRO C 463 -14.02 12.62 -21.68
N PRO C 464 -13.49 13.82 -21.93
CA PRO C 464 -12.83 14.07 -23.22
C PRO C 464 -11.60 13.21 -23.43
N SER C 465 -11.03 12.65 -22.37
CA SER C 465 -9.83 11.82 -22.46
C SER C 465 -10.07 10.54 -23.24
N ILE C 466 -11.33 10.18 -23.52
CA ILE C 466 -11.60 9.07 -24.43
C ILE C 466 -11.01 9.33 -25.81
N ALA C 467 -10.64 10.57 -26.10
CA ALA C 467 -9.97 10.88 -27.36
C ALA C 467 -8.57 10.27 -27.43
N GLN C 468 -8.03 9.78 -26.32
CA GLN C 468 -6.71 9.15 -26.35
C GLN C 468 -6.68 7.90 -27.20
N LEU C 469 -7.83 7.31 -27.51
CA LEU C 469 -7.93 6.16 -28.41
C LEU C 469 -8.84 6.57 -29.57
N THR C 470 -8.27 6.64 -30.78
CA THR C 470 -9.03 7.13 -31.92
C THR C 470 -9.60 6.01 -32.78
N GLY C 471 -8.90 4.88 -32.86
CA GLY C 471 -9.34 3.77 -33.67
C GLY C 471 -10.41 2.90 -33.04
N LEU C 472 -10.82 3.21 -31.81
CA LEU C 472 -11.88 2.45 -31.17
C LEU C 472 -13.17 2.55 -31.98
N LYS C 473 -13.80 1.40 -32.22
CA LYS C 473 -15.04 1.33 -32.98
C LYS C 473 -16.14 0.53 -32.32
N GLU C 474 -15.86 -0.23 -31.26
CA GLU C 474 -16.85 -1.02 -30.56
C GLU C 474 -16.93 -0.59 -29.11
N LEU C 475 -18.15 -0.50 -28.58
CA LEU C 475 -18.37 -0.08 -27.21
C LEU C 475 -19.59 -0.81 -26.65
N TRP C 476 -19.42 -1.43 -25.49
CA TRP C 476 -20.50 -2.16 -24.84
C TRP C 476 -20.87 -1.42 -23.55
N LEU C 477 -22.14 -1.02 -23.44
CA LEU C 477 -22.67 -0.36 -22.27
C LEU C 477 -23.81 -1.23 -21.73
N TYR C 478 -23.48 -2.14 -20.83
CA TYR C 478 -24.44 -3.07 -20.26
C TYR C 478 -24.91 -2.56 -18.91
N HIS C 479 -26.21 -2.35 -18.78
CA HIS C 479 -26.84 -1.94 -17.51
C HIS C 479 -26.20 -0.68 -16.96
N THR C 480 -25.94 0.29 -17.83
CA THR C 480 -25.32 1.54 -17.41
C THR C 480 -25.63 2.62 -18.43
N ALA C 481 -26.39 3.63 -18.01
CA ALA C 481 -26.60 4.83 -18.81
C ALA C 481 -25.51 5.83 -18.47
N ALA C 482 -24.53 5.98 -19.36
CA ALA C 482 -23.38 6.83 -19.10
C ALA C 482 -23.65 8.26 -19.52
N LYS C 483 -23.19 9.20 -18.70
CA LYS C 483 -23.30 10.63 -18.99
C LYS C 483 -22.10 11.05 -19.83
N ILE C 484 -22.36 11.86 -20.85
CA ILE C 484 -21.36 12.18 -21.86
C ILE C 484 -21.11 13.68 -21.87
N GLU C 485 -19.98 14.06 -22.47
CA GLU C 485 -19.59 15.44 -22.64
C GLU C 485 -19.57 15.81 -24.11
N ALA C 486 -19.57 17.12 -24.37
CA ALA C 486 -19.59 17.59 -25.76
C ALA C 486 -18.37 17.14 -26.56
N PRO C 487 -17.13 17.28 -26.08
CA PRO C 487 -16.01 16.71 -26.84
C PRO C 487 -16.13 15.21 -27.02
N ALA C 488 -16.60 14.49 -26.00
CA ALA C 488 -16.79 13.05 -26.12
C ALA C 488 -17.85 12.71 -27.16
N LEU C 489 -18.96 13.45 -27.15
CA LEU C 489 -20.01 13.21 -28.14
C LEU C 489 -19.52 13.50 -29.55
N ALA C 490 -18.78 14.59 -29.72
CA ALA C 490 -18.23 14.91 -31.04
C ALA C 490 -17.26 13.84 -31.51
N PHE C 491 -16.43 13.33 -30.59
CA PHE C 491 -15.52 12.24 -30.93
C PHE C 491 -16.30 10.99 -31.35
N LEU C 492 -17.37 10.66 -30.62
CA LEU C 492 -18.17 9.49 -30.93
C LEU C 492 -19.01 9.66 -32.17
N ARG C 493 -19.37 10.90 -32.53
CA ARG C 493 -20.19 11.14 -33.71
C ARG C 493 -19.48 10.76 -35.01
N GLU C 494 -18.17 10.56 -34.98
CA GLU C 494 -17.42 10.20 -36.18
C GLU C 494 -16.55 8.96 -36.02
N ASN C 495 -16.15 8.59 -34.81
CA ASN C 495 -15.19 7.52 -34.62
C ASN C 495 -15.75 6.39 -33.77
N LEU C 496 -16.96 5.95 -34.07
CA LEU C 496 -17.55 4.81 -33.37
C LEU C 496 -18.39 4.01 -34.37
N ARG C 497 -18.35 2.70 -34.23
CA ARG C 497 -19.08 1.83 -35.16
C ARG C 497 -20.04 0.86 -34.46
N ALA C 498 -19.67 0.36 -33.28
CA ALA C 498 -20.47 -0.64 -32.59
C ALA C 498 -20.79 -0.15 -31.19
N LEU C 499 -22.08 -0.06 -30.88
CA LEU C 499 -22.55 0.29 -29.54
C LEU C 499 -23.50 -0.78 -29.05
N HIS C 500 -23.22 -1.35 -27.89
CA HIS C 500 -24.04 -2.39 -27.29
C HIS C 500 -24.72 -1.83 -26.06
N ILE C 501 -26.05 -1.90 -26.02
CA ILE C 501 -26.85 -1.29 -24.96
C ILE C 501 -27.76 -2.38 -24.39
N LYS C 502 -27.31 -3.01 -23.31
CA LYS C 502 -28.15 -3.94 -22.55
C LYS C 502 -28.65 -3.19 -21.32
N PHE C 503 -29.96 -3.04 -21.22
CA PHE C 503 -30.58 -2.17 -20.23
C PHE C 503 -31.67 -2.91 -19.48
N THR C 504 -31.64 -2.81 -18.15
CA THR C 504 -32.71 -3.33 -17.31
C THR C 504 -33.90 -2.39 -17.23
N ASP C 505 -33.76 -1.15 -17.70
CA ASP C 505 -34.82 -0.16 -17.60
C ASP C 505 -34.80 0.71 -18.85
N ILE C 506 -35.93 1.39 -19.09
CA ILE C 506 -36.03 2.31 -20.21
C ILE C 506 -35.06 3.48 -20.03
N LYS C 507 -34.98 4.02 -18.81
CA LYS C 507 -34.10 5.15 -18.55
C LYS C 507 -32.63 4.80 -18.69
N GLU C 508 -32.29 3.51 -18.66
CA GLU C 508 -30.89 3.10 -18.78
C GLU C 508 -30.34 3.27 -20.18
N ILE C 509 -31.17 3.64 -21.16
CA ILE C 509 -30.71 3.94 -22.50
C ILE C 509 -30.37 5.43 -22.56
N PRO C 510 -29.11 5.80 -22.76
CA PRO C 510 -28.78 7.22 -22.93
C PRO C 510 -29.43 7.78 -24.19
N LEU C 511 -29.87 9.04 -24.11
CA LEU C 511 -30.50 9.70 -25.25
C LEU C 511 -29.48 10.12 -26.30
N TRP C 512 -28.30 10.60 -25.87
CA TRP C 512 -27.33 11.17 -26.78
C TRP C 512 -26.86 10.19 -27.85
N ILE C 513 -27.00 8.88 -27.62
CA ILE C 513 -26.60 7.90 -28.62
C ILE C 513 -27.37 8.09 -29.92
N TYR C 514 -28.51 8.79 -29.88
CA TYR C 514 -29.28 9.02 -31.09
C TYR C 514 -28.62 10.05 -32.00
N SER C 515 -27.72 10.87 -31.47
CA SER C 515 -27.12 11.95 -32.25
C SER C 515 -26.01 11.48 -33.19
N LEU C 516 -25.48 10.28 -32.97
CA LEU C 516 -24.35 9.81 -33.78
C LEU C 516 -24.77 9.62 -35.23
N LYS C 517 -23.85 9.90 -36.15
CA LYS C 517 -24.14 9.85 -37.57
C LYS C 517 -23.38 8.77 -38.33
N THR C 518 -22.22 8.34 -37.85
CA THR C 518 -21.40 7.37 -38.55
C THR C 518 -21.50 5.97 -37.97
N LEU C 519 -22.47 5.72 -37.09
CA LEU C 519 -22.62 4.40 -36.49
C LEU C 519 -23.04 3.39 -37.55
N GLU C 520 -22.55 2.16 -37.40
CA GLU C 520 -22.88 1.08 -38.33
C GLU C 520 -23.31 -0.21 -37.66
N GLU C 521 -22.99 -0.43 -36.39
CA GLU C 521 -23.40 -1.61 -35.65
C GLU C 521 -24.11 -1.18 -34.38
N LEU C 522 -25.32 -1.69 -34.17
CA LEU C 522 -26.14 -1.34 -33.00
C LEU C 522 -26.71 -2.61 -32.39
N HIS C 523 -26.83 -2.59 -31.06
CA HIS C 523 -27.40 -3.71 -30.32
C HIS C 523 -28.18 -3.16 -29.14
N LEU C 524 -29.47 -3.50 -29.07
CA LEU C 524 -30.35 -3.04 -28.01
C LEU C 524 -30.95 -4.26 -27.32
N THR C 525 -30.52 -4.52 -26.09
CA THR C 525 -30.99 -5.67 -25.32
C THR C 525 -31.74 -5.16 -24.09
N GLY C 526 -32.98 -5.60 -23.93
CA GLY C 526 -33.81 -5.19 -22.81
C GLY C 526 -35.25 -4.97 -23.20
N ASN C 527 -36.18 -5.40 -22.34
CA ASN C 527 -37.59 -5.41 -22.70
C ASN C 527 -38.16 -4.00 -22.74
N LEU C 528 -38.05 -3.34 -23.89
CA LEU C 528 -38.60 -2.00 -24.07
C LEU C 528 -40.06 -2.01 -24.51
N SER C 529 -40.66 -3.18 -24.64
CA SER C 529 -42.08 -3.25 -24.99
C SER C 529 -42.92 -2.66 -23.86
N ALA C 530 -43.82 -1.74 -24.22
CA ALA C 530 -44.63 -1.05 -23.23
C ALA C 530 -46.00 -0.77 -23.82
N GLU C 531 -46.98 -0.56 -22.94
CA GLU C 531 -48.37 -0.38 -23.34
C GLU C 531 -48.65 1.09 -23.59
N ASN C 532 -49.08 1.41 -24.81
CA ASN C 532 -49.45 2.73 -25.30
C ASN C 532 -48.25 3.67 -25.47
N ASN C 533 -47.05 3.24 -25.10
CA ASN C 533 -45.81 3.93 -25.43
C ASN C 533 -44.86 2.96 -26.12
N ARG C 534 -45.42 2.17 -27.03
CA ARG C 534 -44.66 1.13 -27.72
C ARG C 534 -43.64 1.74 -28.66
N TYR C 535 -42.40 1.26 -28.57
CA TYR C 535 -41.33 1.63 -29.51
C TYR C 535 -41.11 3.13 -29.57
N ILE C 536 -41.30 3.82 -28.44
CA ILE C 536 -41.16 5.27 -28.39
C ILE C 536 -39.78 5.60 -27.83
N VAL C 537 -39.20 4.68 -27.05
CA VAL C 537 -37.85 4.87 -26.56
C VAL C 537 -36.84 4.86 -27.69
N ILE C 538 -37.18 4.27 -28.84
CA ILE C 538 -36.28 4.15 -29.97
C ILE C 538 -36.57 5.21 -31.04
N ASP C 539 -37.19 6.32 -30.67
CA ASP C 539 -37.55 7.35 -31.65
C ASP C 539 -36.34 7.99 -32.30
N GLY C 540 -35.21 8.05 -31.61
CA GLY C 540 -34.01 8.65 -32.16
C GLY C 540 -33.18 7.74 -33.04
N LEU C 541 -33.72 6.58 -33.40
CA LEU C 541 -33.02 5.67 -34.31
C LEU C 541 -32.98 6.19 -35.74
N ARG C 542 -33.84 7.15 -36.08
CA ARG C 542 -33.95 7.61 -37.46
C ARG C 542 -32.64 8.23 -37.96
N GLU C 543 -31.93 8.93 -37.08
CA GLU C 543 -30.74 9.68 -37.50
C GLU C 543 -29.54 8.78 -37.79
N LEU C 544 -29.60 7.49 -37.48
CA LEU C 544 -28.49 6.58 -37.73
C LEU C 544 -28.53 6.13 -39.19
N LYS C 545 -28.25 7.09 -40.08
CA LYS C 545 -28.29 6.81 -41.51
C LYS C 545 -27.20 5.84 -41.91
N ARG C 546 -25.98 6.01 -41.38
CA ARG C 546 -24.86 5.16 -41.74
C ARG C 546 -25.02 3.72 -41.26
N LEU C 547 -26.00 3.45 -40.39
CA LEU C 547 -26.15 2.13 -39.81
C LEU C 547 -26.37 1.07 -40.87
N LYS C 548 -25.76 -0.10 -40.68
CA LYS C 548 -25.92 -1.23 -41.58
C LYS C 548 -26.38 -2.46 -40.81
N VAL C 549 -26.00 -2.55 -39.54
CA VAL C 549 -26.31 -3.69 -38.69
C VAL C 549 -27.16 -3.23 -37.52
N LEU C 550 -28.30 -3.88 -37.33
CA LEU C 550 -29.18 -3.60 -36.19
C LEU C 550 -29.67 -4.92 -35.62
N ARG C 551 -29.39 -5.15 -34.34
CA ARG C 551 -29.84 -6.34 -33.64
C ARG C 551 -30.84 -5.94 -32.56
N LEU C 552 -31.93 -6.71 -32.45
CA LEU C 552 -32.99 -6.42 -31.50
C LEU C 552 -33.28 -7.65 -30.66
N LYS C 553 -32.99 -7.56 -29.37
CA LYS C 553 -33.45 -8.54 -28.37
C LYS C 553 -34.14 -7.73 -27.28
N SER C 554 -35.42 -7.42 -27.51
CA SER C 554 -36.13 -6.51 -26.62
C SER C 554 -37.56 -6.95 -26.34
N ASN C 555 -37.86 -8.24 -26.53
CA ASN C 555 -39.20 -8.78 -26.29
C ASN C 555 -40.25 -7.99 -27.06
N LEU C 556 -39.96 -7.72 -28.33
CA LEU C 556 -40.86 -6.94 -29.17
C LEU C 556 -41.98 -7.83 -29.69
N SER C 557 -43.19 -7.61 -29.19
CA SER C 557 -44.33 -8.41 -29.63
C SER C 557 -44.68 -8.13 -31.09
N LYS C 558 -44.53 -6.87 -31.53
CA LYS C 558 -44.83 -6.49 -32.90
C LYS C 558 -43.60 -5.82 -33.50
N LEU C 559 -43.61 -5.66 -34.81
CA LEU C 559 -42.49 -5.05 -35.50
C LEU C 559 -42.54 -3.53 -35.35
N PRO C 560 -41.51 -2.91 -34.78
CA PRO C 560 -41.56 -1.45 -34.58
C PRO C 560 -41.54 -0.70 -35.90
N GLN C 561 -42.16 0.49 -35.88
CA GLN C 561 -42.22 1.31 -37.09
C GLN C 561 -40.88 1.98 -37.38
N VAL C 562 -40.13 2.36 -36.34
CA VAL C 562 -38.81 2.94 -36.57
C VAL C 562 -37.87 1.92 -37.19
N VAL C 563 -38.10 0.63 -36.94
CA VAL C 563 -37.33 -0.41 -37.61
C VAL C 563 -37.59 -0.35 -39.12
N THR C 564 -38.86 -0.20 -39.50
CA THR C 564 -39.18 -0.05 -40.91
C THR C 564 -38.57 1.23 -41.47
N ASP C 565 -38.51 2.30 -40.66
CA ASP C 565 -37.87 3.53 -41.12
C ASP C 565 -36.40 3.32 -41.40
N VAL C 566 -35.69 2.63 -40.49
CA VAL C 566 -34.25 2.43 -40.63
C VAL C 566 -33.91 1.30 -41.60
N GLY C 567 -34.90 0.52 -42.01
CA GLY C 567 -34.66 -0.55 -42.97
C GLY C 567 -34.51 -0.11 -44.41
N VAL C 568 -34.53 1.20 -44.67
CA VAL C 568 -34.34 1.71 -46.02
C VAL C 568 -32.91 1.52 -46.49
N HIS C 569 -31.96 1.31 -45.56
CA HIS C 569 -30.55 1.19 -45.93
C HIS C 569 -29.82 0.12 -45.11
N LEU C 570 -30.52 -0.78 -44.45
CA LEU C 570 -29.86 -1.75 -43.59
C LEU C 570 -29.17 -2.84 -44.41
N GLN C 571 -28.19 -3.49 -43.77
CA GLN C 571 -27.53 -4.65 -44.34
C GLN C 571 -27.66 -5.90 -43.47
N LYS C 572 -28.14 -5.78 -42.24
CA LYS C 572 -28.32 -6.94 -41.37
C LYS C 572 -29.28 -6.56 -40.26
N LEU C 573 -30.41 -7.27 -40.17
CA LEU C 573 -31.39 -7.07 -39.11
C LEU C 573 -31.56 -8.37 -38.35
N SER C 574 -31.30 -8.33 -37.05
CA SER C 574 -31.48 -9.47 -36.16
C SER C 574 -32.56 -9.15 -35.14
N ILE C 575 -33.57 -10.01 -35.06
CA ILE C 575 -34.67 -9.84 -34.11
C ILE C 575 -34.77 -11.10 -33.27
N ASN C 576 -34.73 -10.93 -31.95
CA ASN C 576 -34.86 -12.05 -31.01
C ASN C 576 -35.86 -11.64 -29.94
N ASN C 577 -36.99 -12.34 -29.88
CA ASN C 577 -38.05 -12.02 -28.93
C ASN C 577 -38.03 -12.94 -27.71
N GLU C 578 -36.99 -13.76 -27.57
CA GLU C 578 -36.91 -14.73 -26.47
C GLU C 578 -38.13 -15.63 -26.43
N GLY C 579 -38.59 -16.07 -27.60
CA GLY C 579 -39.74 -16.92 -27.71
C GLY C 579 -41.08 -16.20 -27.80
N THR C 580 -41.09 -14.87 -27.66
CA THR C 580 -42.33 -14.13 -27.77
C THR C 580 -42.83 -14.15 -29.21
N LYS C 581 -44.14 -14.25 -29.37
CA LYS C 581 -44.75 -14.25 -30.69
C LYS C 581 -44.58 -12.89 -31.35
N LEU C 582 -43.96 -12.88 -32.53
CA LEU C 582 -43.72 -11.66 -33.28
C LEU C 582 -44.67 -11.60 -34.47
N ILE C 583 -45.30 -10.44 -34.66
CA ILE C 583 -46.29 -10.23 -35.70
C ILE C 583 -45.81 -9.12 -36.61
N VAL C 584 -45.82 -9.38 -37.91
CA VAL C 584 -45.38 -8.42 -38.92
C VAL C 584 -46.58 -7.84 -39.69
N LEU C 585 -47.33 -8.69 -40.38
CA LEU C 585 -48.53 -8.29 -41.12
C LEU C 585 -48.22 -7.16 -42.10
N ASN C 586 -47.37 -7.48 -43.07
CA ASN C 586 -46.96 -6.54 -44.12
C ASN C 586 -46.25 -5.32 -43.51
N SER C 587 -45.14 -5.61 -42.82
CA SER C 587 -44.29 -4.55 -42.29
C SER C 587 -42.81 -4.87 -42.44
N LEU C 588 -42.46 -6.00 -43.08
CA LEU C 588 -41.07 -6.39 -43.25
C LEU C 588 -40.61 -6.39 -44.70
N LYS C 589 -41.53 -6.32 -45.67
CA LYS C 589 -41.16 -6.34 -47.07
C LYS C 589 -40.66 -5.00 -47.59
N LYS C 590 -40.74 -3.95 -46.78
CA LYS C 590 -40.34 -2.61 -47.22
C LYS C 590 -38.85 -2.36 -47.07
N MET C 591 -38.09 -3.32 -46.54
CA MET C 591 -36.65 -3.17 -46.36
C MET C 591 -35.92 -3.79 -47.56
N VAL C 592 -35.95 -3.04 -48.67
CA VAL C 592 -35.41 -3.56 -49.93
C VAL C 592 -33.90 -3.75 -49.85
N ASN C 593 -33.19 -2.87 -49.15
CA ASN C 593 -31.73 -2.90 -49.15
C ASN C 593 -31.15 -3.92 -48.19
N LEU C 594 -31.97 -4.61 -47.41
CA LEU C 594 -31.47 -5.56 -46.42
C LEU C 594 -30.81 -6.75 -47.10
N THR C 595 -29.68 -7.19 -46.54
CA THR C 595 -28.92 -8.31 -47.08
C THR C 595 -28.92 -9.54 -46.19
N GLU C 596 -29.21 -9.40 -44.90
CA GLU C 596 -29.30 -10.52 -43.99
C GLU C 596 -30.51 -10.35 -43.08
N LEU C 597 -31.24 -11.44 -42.86
CA LEU C 597 -32.41 -11.43 -42.00
C LEU C 597 -32.32 -12.58 -41.01
N GLU C 598 -32.50 -12.27 -39.73
CA GLU C 598 -32.53 -13.28 -38.68
C GLU C 598 -33.70 -12.99 -37.75
N LEU C 599 -34.67 -13.89 -37.73
CA LEU C 599 -35.82 -13.79 -36.85
C LEU C 599 -35.79 -15.03 -35.96
N ILE C 600 -35.05 -14.93 -34.85
CA ILE C 600 -34.81 -16.06 -33.98
C ILE C 600 -35.84 -16.07 -32.87
N ARG C 601 -36.51 -17.22 -32.70
CA ARG C 601 -37.50 -17.42 -31.64
C ARG C 601 -38.57 -16.34 -31.67
N CYS C 602 -39.03 -16.00 -32.87
CA CYS C 602 -40.13 -15.06 -33.04
C CYS C 602 -41.48 -15.75 -32.98
N ASP C 603 -41.51 -17.08 -32.87
CA ASP C 603 -42.74 -17.85 -32.71
C ASP C 603 -43.73 -17.57 -33.84
N LEU C 604 -43.21 -17.44 -35.06
CA LEU C 604 -44.07 -17.21 -36.21
C LEU C 604 -44.96 -18.41 -36.49
N GLU C 605 -44.41 -19.63 -36.35
CA GLU C 605 -45.06 -20.91 -36.62
C GLU C 605 -45.40 -21.07 -38.09
N ARG C 606 -45.14 -20.07 -38.92
CA ARG C 606 -45.50 -20.08 -40.33
C ARG C 606 -44.82 -18.90 -41.00
N ILE C 607 -44.24 -19.13 -42.16
CA ILE C 607 -43.42 -18.11 -42.83
C ILE C 607 -44.32 -16.99 -43.35
N PRO C 608 -44.05 -15.74 -42.99
CA PRO C 608 -44.76 -14.63 -43.61
C PRO C 608 -44.25 -14.36 -45.02
N HIS C 609 -45.16 -13.96 -45.90
CA HIS C 609 -44.81 -13.77 -47.31
C HIS C 609 -43.92 -12.56 -47.54
N SER C 610 -43.93 -11.57 -46.63
CA SER C 610 -43.17 -10.34 -46.84
C SER C 610 -41.70 -10.62 -47.07
N ILE C 611 -41.16 -11.67 -46.45
CA ILE C 611 -39.74 -11.99 -46.60
C ILE C 611 -39.41 -12.27 -48.06
N PHE C 612 -40.32 -12.91 -48.78
CA PHE C 612 -40.07 -13.22 -50.18
C PHE C 612 -39.97 -11.97 -51.05
N SER C 613 -40.44 -10.82 -50.54
CA SER C 613 -40.31 -9.58 -51.31
C SER C 613 -38.90 -9.03 -51.28
N LEU C 614 -38.10 -9.38 -50.28
CA LEU C 614 -36.75 -8.84 -50.13
C LEU C 614 -35.82 -9.54 -51.12
N HIS C 615 -35.72 -8.97 -52.32
CA HIS C 615 -34.90 -9.59 -53.36
C HIS C 615 -33.41 -9.43 -53.08
N ASN C 616 -33.01 -8.41 -52.32
CA ASN C 616 -31.61 -8.27 -51.93
C ASN C 616 -31.21 -9.21 -50.81
N LEU C 617 -32.18 -9.77 -50.08
CA LEU C 617 -31.88 -10.70 -49.00
C LEU C 617 -31.19 -11.94 -49.55
N GLN C 618 -30.11 -12.34 -48.89
CA GLN C 618 -29.29 -13.46 -49.34
C GLN C 618 -29.29 -14.63 -48.39
N GLU C 619 -29.27 -14.39 -47.08
CA GLU C 619 -29.25 -15.45 -46.08
C GLU C 619 -30.33 -15.19 -45.05
N ILE C 620 -31.11 -16.22 -44.74
CA ILE C 620 -32.27 -16.10 -43.87
C ILE C 620 -32.12 -17.08 -42.71
N ASP C 621 -32.39 -16.60 -41.50
CA ASP C 621 -32.36 -17.43 -40.30
C ASP C 621 -33.68 -17.29 -39.56
N LEU C 622 -34.32 -18.43 -39.28
CA LEU C 622 -35.59 -18.48 -38.57
C LEU C 622 -35.53 -19.55 -37.48
N LYS C 623 -34.47 -19.48 -36.68
CA LYS C 623 -34.20 -20.53 -35.70
C LYS C 623 -35.28 -20.60 -34.64
N ASP C 624 -35.78 -21.81 -34.39
CA ASP C 624 -36.66 -22.12 -33.26
C ASP C 624 -37.93 -21.27 -33.30
N ASN C 625 -38.72 -21.45 -34.36
CA ASN C 625 -39.98 -20.74 -34.52
C ASN C 625 -41.17 -21.68 -34.61
N ASN C 626 -40.99 -22.96 -34.31
CA ASN C 626 -42.06 -23.96 -34.37
C ASN C 626 -42.66 -24.06 -35.77
N LEU C 627 -41.80 -24.30 -36.75
CA LEU C 627 -42.26 -24.47 -38.13
C LEU C 627 -42.61 -25.93 -38.38
N LYS C 628 -43.79 -26.17 -38.94
CA LYS C 628 -44.27 -27.52 -39.20
C LYS C 628 -44.49 -27.79 -40.68
N THR C 629 -44.94 -26.80 -41.44
CA THR C 629 -45.08 -26.90 -42.89
C THR C 629 -44.31 -25.76 -43.52
N ILE C 630 -43.30 -26.10 -44.33
CA ILE C 630 -42.42 -25.10 -44.92
C ILE C 630 -42.53 -25.13 -46.44
N GLU C 631 -43.73 -25.43 -46.94
CA GLU C 631 -43.95 -25.41 -48.39
C GLU C 631 -43.78 -24.02 -48.99
N GLU C 632 -43.81 -22.97 -48.16
CA GLU C 632 -43.64 -21.61 -48.65
C GLU C 632 -42.30 -21.39 -49.32
N ILE C 633 -41.34 -22.29 -49.11
CA ILE C 633 -40.07 -22.25 -49.83
C ILE C 633 -40.25 -22.31 -51.34
N ILE C 634 -41.43 -22.71 -51.82
CA ILE C 634 -41.66 -22.67 -53.26
C ILE C 634 -41.63 -21.24 -53.79
N SER C 635 -41.87 -20.24 -52.93
CA SER C 635 -41.71 -18.85 -53.32
C SER C 635 -40.26 -18.38 -53.27
N PHE C 636 -39.37 -19.16 -52.68
CA PHE C 636 -37.97 -18.78 -52.54
C PHE C 636 -37.29 -18.55 -53.88
N GLN C 637 -37.87 -19.03 -54.98
CA GLN C 637 -37.33 -18.76 -56.30
C GLN C 637 -37.28 -17.26 -56.59
N HIS C 638 -38.08 -16.46 -55.89
CA HIS C 638 -37.99 -15.01 -56.03
C HIS C 638 -36.68 -14.44 -55.47
N LEU C 639 -35.92 -15.24 -54.73
CA LEU C 639 -34.62 -14.84 -54.20
C LEU C 639 -33.55 -15.48 -55.08
N HIS C 640 -32.87 -14.66 -55.88
CA HIS C 640 -31.90 -15.16 -56.84
C HIS C 640 -30.49 -15.25 -56.28
N ARG C 641 -30.24 -14.73 -55.09
CA ARG C 641 -28.94 -14.85 -54.43
C ARG C 641 -29.05 -15.59 -53.10
N LEU C 642 -30.18 -16.27 -52.87
CA LEU C 642 -30.38 -17.04 -51.66
C LEU C 642 -29.50 -18.28 -51.70
N THR C 643 -28.40 -18.26 -50.94
CA THR C 643 -27.47 -19.38 -50.90
C THR C 643 -27.46 -20.12 -49.58
N CYS C 644 -28.07 -19.56 -48.54
CA CYS C 644 -28.14 -20.22 -47.23
C CYS C 644 -29.54 -20.08 -46.65
N LEU C 645 -30.03 -21.15 -46.05
CA LEU C 645 -31.34 -21.17 -45.39
C LEU C 645 -31.18 -21.83 -44.02
N LYS C 646 -31.77 -21.21 -43.00
CA LYS C 646 -31.70 -21.72 -41.64
C LYS C 646 -33.11 -21.84 -41.09
N LEU C 647 -33.62 -23.07 -40.98
CA LEU C 647 -34.92 -23.37 -40.40
C LEU C 647 -34.79 -24.49 -39.38
N TRP C 648 -33.78 -24.39 -38.54
CA TRP C 648 -33.46 -25.45 -37.58
C TRP C 648 -34.15 -25.20 -36.24
N TYR C 649 -34.08 -26.22 -35.37
CA TYR C 649 -34.68 -26.19 -34.04
C TYR C 649 -36.20 -25.97 -34.10
N ASN C 650 -36.84 -26.59 -35.07
CA ASN C 650 -38.29 -26.49 -35.23
C ASN C 650 -38.91 -27.88 -35.24
N HIS C 651 -40.20 -27.93 -35.54
CA HIS C 651 -40.96 -29.18 -35.55
C HIS C 651 -41.31 -29.61 -36.98
N ILE C 652 -40.43 -29.31 -37.94
CA ILE C 652 -40.68 -29.66 -39.33
C ILE C 652 -40.78 -31.17 -39.44
N ALA C 653 -41.90 -31.66 -39.99
CA ALA C 653 -42.10 -33.09 -40.11
C ALA C 653 -41.42 -33.65 -41.35
N TYR C 654 -41.76 -33.10 -42.53
CA TYR C 654 -41.20 -33.56 -43.79
C TYR C 654 -40.63 -32.38 -44.56
N ILE C 655 -39.61 -32.67 -45.36
CA ILE C 655 -38.99 -31.66 -46.22
C ILE C 655 -39.70 -31.70 -47.57
N PRO C 656 -40.38 -30.63 -47.98
CA PRO C 656 -40.98 -30.61 -49.32
C PRO C 656 -39.90 -30.77 -50.39
N ILE C 657 -40.23 -31.55 -51.42
CA ILE C 657 -39.30 -31.76 -52.53
C ILE C 657 -39.05 -30.49 -53.32
N GLN C 658 -39.92 -29.49 -53.18
CA GLN C 658 -39.80 -28.23 -53.90
C GLN C 658 -38.51 -27.50 -53.55
N ILE C 659 -37.86 -27.85 -52.43
CA ILE C 659 -36.57 -27.26 -52.09
C ILE C 659 -35.52 -27.57 -53.15
N GLY C 660 -35.78 -28.57 -53.99
CA GLY C 660 -34.87 -28.82 -55.11
C GLY C 660 -34.84 -27.70 -56.13
N ASN C 661 -35.81 -26.80 -56.10
CA ASN C 661 -35.80 -25.65 -56.99
C ASN C 661 -34.76 -24.61 -56.58
N LEU C 662 -34.27 -24.68 -55.34
CA LEU C 662 -33.28 -23.73 -54.84
C LEU C 662 -31.87 -24.28 -55.08
N THR C 663 -31.48 -24.26 -56.36
CA THR C 663 -30.19 -24.82 -56.75
C THR C 663 -29.02 -24.02 -56.21
N ASN C 664 -29.22 -22.73 -55.89
CA ASN C 664 -28.13 -21.88 -55.45
C ASN C 664 -27.58 -22.27 -54.09
N LEU C 665 -28.36 -22.95 -53.25
CA LEU C 665 -27.99 -23.16 -51.86
C LEU C 665 -26.68 -23.92 -51.73
N GLU C 666 -25.81 -23.41 -50.87
CA GLU C 666 -24.59 -24.10 -50.46
C GLU C 666 -24.64 -24.59 -49.02
N ARG C 667 -25.13 -23.76 -48.10
CA ARG C 667 -25.33 -24.15 -46.71
C ARG C 667 -26.82 -24.25 -46.43
N LEU C 668 -27.27 -25.43 -46.02
CA LEU C 668 -28.66 -25.64 -45.65
C LEU C 668 -28.69 -26.24 -44.25
N TYR C 669 -29.43 -25.62 -43.35
CA TYR C 669 -29.50 -26.03 -41.95
C TYR C 669 -30.95 -26.32 -41.59
N LEU C 670 -31.25 -27.60 -41.35
CA LEU C 670 -32.60 -28.02 -40.98
C LEU C 670 -32.57 -29.01 -39.81
N ASN C 671 -31.45 -29.11 -39.11
CA ASN C 671 -31.31 -30.08 -38.03
C ASN C 671 -32.21 -29.71 -36.85
N ARG C 672 -32.28 -30.63 -35.88
CA ARG C 672 -33.11 -30.47 -34.68
C ARG C 672 -34.59 -30.40 -35.03
N ASN C 673 -35.02 -31.28 -35.95
CA ASN C 673 -36.41 -31.28 -36.39
C ASN C 673 -37.00 -32.68 -36.34
N LYS C 674 -38.19 -32.86 -36.92
CA LYS C 674 -38.92 -34.12 -36.90
C LYS C 674 -38.83 -34.86 -38.23
N ILE C 675 -37.68 -34.82 -38.89
CA ILE C 675 -37.52 -35.37 -40.24
C ILE C 675 -37.06 -36.82 -40.14
N GLU C 676 -37.81 -37.71 -40.77
CA GLU C 676 -37.46 -39.13 -40.82
C GLU C 676 -37.02 -39.60 -42.20
N LYS C 677 -37.45 -38.93 -43.26
CA LYS C 677 -37.08 -39.29 -44.62
C LYS C 677 -36.63 -38.03 -45.36
N ILE C 678 -35.66 -38.20 -46.26
CA ILE C 678 -35.09 -37.11 -47.03
C ILE C 678 -35.60 -37.23 -48.47
N PRO C 679 -36.32 -36.24 -48.99
CA PRO C 679 -36.74 -36.29 -50.39
C PRO C 679 -35.55 -36.30 -51.33
N THR C 680 -35.69 -37.06 -52.43
CA THR C 680 -34.59 -37.16 -53.39
C THR C 680 -34.38 -35.85 -54.15
N GLN C 681 -35.46 -35.13 -54.46
CA GLN C 681 -35.35 -33.89 -55.22
C GLN C 681 -34.47 -32.86 -54.54
N LEU C 682 -34.37 -32.90 -53.21
CA LEU C 682 -33.49 -32.00 -52.49
C LEU C 682 -32.06 -32.10 -53.01
N PHE C 683 -31.65 -33.27 -53.47
CA PHE C 683 -30.30 -33.49 -53.97
C PHE C 683 -30.10 -32.98 -55.39
N TYR C 684 -31.02 -32.16 -55.90
CA TYR C 684 -30.79 -31.47 -57.17
C TYR C 684 -29.86 -30.28 -57.03
N CYS C 685 -29.61 -29.82 -55.80
CA CYS C 685 -28.75 -28.67 -55.55
C CYS C 685 -27.31 -29.17 -55.38
N ARG C 686 -26.61 -29.31 -56.51
CA ARG C 686 -25.23 -29.77 -56.49
C ARG C 686 -24.28 -28.78 -55.85
N LYS C 687 -24.72 -27.54 -55.63
CA LYS C 687 -23.90 -26.54 -54.95
C LYS C 687 -23.90 -26.72 -53.44
N LEU C 688 -24.72 -27.64 -52.91
CA LEU C 688 -24.84 -27.78 -51.46
C LEU C 688 -23.53 -28.24 -50.85
N ARG C 689 -23.06 -27.50 -49.85
CA ARG C 689 -21.81 -27.80 -49.17
C ARG C 689 -21.99 -28.12 -47.70
N TYR C 690 -22.85 -27.39 -47.00
CA TYR C 690 -23.14 -27.64 -45.59
C TYR C 690 -24.53 -28.26 -45.47
N LEU C 691 -24.57 -29.54 -45.09
CA LEU C 691 -25.83 -30.25 -44.88
C LEU C 691 -25.80 -30.85 -43.48
N ASP C 692 -26.51 -30.21 -42.56
CA ASP C 692 -26.62 -30.67 -41.18
C ASP C 692 -28.06 -31.06 -40.91
N LEU C 693 -28.26 -32.32 -40.52
CA LEU C 693 -29.59 -32.85 -40.22
C LEU C 693 -29.55 -33.68 -38.95
N SER C 694 -28.72 -33.27 -38.00
CA SER C 694 -28.58 -34.01 -36.75
C SER C 694 -29.84 -33.89 -35.90
N HIS C 695 -30.01 -34.85 -34.99
CA HIS C 695 -31.15 -34.90 -34.08
C HIS C 695 -32.46 -34.99 -34.85
N ASN C 696 -32.56 -35.99 -35.72
CA ASN C 696 -33.73 -36.26 -36.53
C ASN C 696 -34.05 -37.75 -36.46
N ASN C 697 -35.09 -38.16 -37.19
CA ASN C 697 -35.53 -39.55 -37.21
C ASN C 697 -35.04 -40.29 -38.45
N LEU C 698 -33.86 -39.94 -38.96
CA LEU C 698 -33.37 -40.53 -40.18
C LEU C 698 -32.95 -41.98 -39.98
N THR C 699 -33.22 -42.81 -40.98
CA THR C 699 -32.79 -44.20 -40.98
C THR C 699 -32.07 -44.62 -42.25
N PHE C 700 -32.25 -43.91 -43.37
CA PHE C 700 -31.61 -44.25 -44.62
C PHE C 700 -31.04 -42.99 -45.25
N LEU C 701 -29.89 -43.13 -45.90
CA LEU C 701 -29.29 -42.04 -46.65
C LEU C 701 -29.48 -42.28 -48.14
N PRO C 702 -30.21 -41.42 -48.83
CA PRO C 702 -30.53 -41.70 -50.24
C PRO C 702 -29.28 -41.76 -51.10
N ALA C 703 -29.38 -42.56 -52.18
CA ALA C 703 -28.26 -42.71 -53.11
C ALA C 703 -27.93 -41.40 -53.83
N ASP C 704 -28.84 -40.42 -53.81
CA ASP C 704 -28.58 -39.15 -54.46
C ASP C 704 -27.69 -38.23 -53.64
N ILE C 705 -27.40 -38.59 -52.38
CA ILE C 705 -26.58 -37.73 -51.53
C ILE C 705 -25.18 -37.55 -52.10
N GLY C 706 -24.72 -38.49 -52.92
CA GLY C 706 -23.43 -38.36 -53.57
C GLY C 706 -23.43 -37.57 -54.86
N LEU C 707 -24.60 -37.19 -55.35
CA LEU C 707 -24.66 -36.38 -56.57
C LEU C 707 -24.09 -34.99 -56.37
N LEU C 708 -23.92 -34.55 -55.12
CA LEU C 708 -23.43 -33.21 -54.80
C LEU C 708 -21.92 -33.29 -54.63
N GLN C 709 -21.18 -32.81 -55.63
CA GLN C 709 -19.71 -32.83 -55.54
C GLN C 709 -19.20 -31.83 -54.52
N ASN C 710 -19.84 -30.68 -54.39
CA ASN C 710 -19.41 -29.65 -53.45
C ASN C 710 -19.75 -29.98 -52.00
N LEU C 711 -20.22 -31.19 -51.72
CA LEU C 711 -20.54 -31.56 -50.34
C LEU C 711 -19.26 -31.63 -49.51
N GLN C 712 -19.14 -30.72 -48.55
CA GLN C 712 -17.96 -30.61 -47.71
C GLN C 712 -18.20 -30.96 -46.25
N ASN C 713 -19.42 -30.77 -45.76
CA ASN C 713 -19.73 -31.02 -44.35
C ASN C 713 -20.96 -31.90 -44.27
N LEU C 714 -20.86 -32.97 -43.48
CA LEU C 714 -21.98 -33.87 -43.24
C LEU C 714 -22.17 -34.04 -41.75
N ALA C 715 -23.40 -33.89 -41.28
CA ALA C 715 -23.71 -34.00 -39.85
C ALA C 715 -25.08 -34.66 -39.70
N VAL C 716 -25.09 -35.92 -39.28
CA VAL C 716 -26.33 -36.67 -39.05
C VAL C 716 -26.31 -37.25 -37.65
N THR C 717 -25.64 -36.56 -36.73
CA THR C 717 -25.47 -37.05 -35.36
C THR C 717 -26.83 -37.26 -34.70
N ALA C 718 -26.91 -38.29 -33.84
CA ALA C 718 -28.12 -38.65 -33.12
C ALA C 718 -29.26 -39.00 -34.10
N ASN C 719 -29.01 -40.04 -34.89
CA ASN C 719 -29.98 -40.55 -35.84
C ASN C 719 -29.88 -42.08 -35.87
N ARG C 720 -30.65 -42.69 -36.75
CA ARG C 720 -30.73 -44.15 -36.85
C ARG C 720 -30.14 -44.67 -38.15
N ILE C 721 -29.06 -44.03 -38.62
CA ILE C 721 -28.43 -44.45 -39.86
C ILE C 721 -27.73 -45.78 -39.65
N GLU C 722 -27.89 -46.69 -40.61
CA GLU C 722 -27.34 -48.04 -40.52
C GLU C 722 -26.02 -48.21 -41.27
N ALA C 723 -25.89 -47.61 -42.45
CA ALA C 723 -24.66 -47.74 -43.22
C ALA C 723 -24.53 -46.57 -44.18
N LEU C 724 -23.29 -46.26 -44.54
CA LEU C 724 -23.01 -45.17 -45.47
C LEU C 724 -23.24 -45.63 -46.90
N PRO C 725 -24.09 -44.96 -47.68
CA PRO C 725 -24.26 -45.32 -49.09
C PRO C 725 -22.98 -45.10 -49.86
N PRO C 726 -22.71 -45.91 -50.89
CA PRO C 726 -21.46 -45.73 -51.65
C PRO C 726 -21.32 -44.35 -52.27
N GLU C 727 -22.41 -43.78 -52.78
CA GLU C 727 -22.34 -42.47 -53.42
C GLU C 727 -21.90 -41.39 -52.44
N LEU C 728 -22.09 -41.60 -51.14
CA LEU C 728 -21.64 -40.63 -50.15
C LEU C 728 -20.13 -40.44 -50.19
N PHE C 729 -19.41 -41.35 -50.82
CA PHE C 729 -17.96 -41.21 -51.00
C PHE C 729 -17.59 -40.57 -52.32
N GLN C 730 -18.58 -40.19 -53.15
CA GLN C 730 -18.27 -39.46 -54.38
C GLN C 730 -17.68 -38.10 -54.08
N CYS C 731 -18.18 -37.44 -53.03
CA CYS C 731 -17.68 -36.13 -52.64
C CYS C 731 -16.28 -36.25 -52.04
N ARG C 732 -15.25 -36.09 -52.88
CA ARG C 732 -13.88 -36.24 -52.39
C ARG C 732 -13.51 -35.12 -51.44
N LYS C 733 -14.17 -33.96 -51.54
CA LYS C 733 -13.88 -32.80 -50.71
C LYS C 733 -14.76 -32.73 -49.47
N LEU C 734 -15.20 -33.88 -48.95
CA LEU C 734 -16.01 -33.93 -47.74
C LEU C 734 -15.09 -33.64 -46.56
N ARG C 735 -15.01 -32.37 -46.17
CA ARG C 735 -14.07 -31.92 -45.14
C ARG C 735 -14.62 -32.01 -43.73
N ALA C 736 -15.85 -32.47 -43.57
CA ALA C 736 -16.42 -32.67 -42.23
C ALA C 736 -17.37 -33.85 -42.27
N LEU C 737 -17.40 -34.59 -41.15
CA LEU C 737 -18.23 -35.79 -41.05
C LEU C 737 -18.61 -35.98 -39.59
N HIS C 738 -19.90 -35.88 -39.30
CA HIS C 738 -20.41 -36.07 -37.94
C HIS C 738 -21.35 -37.27 -37.95
N LEU C 739 -20.85 -38.39 -37.40
CA LEU C 739 -21.60 -39.65 -37.41
C LEU C 739 -21.94 -40.14 -36.00
N GLY C 740 -21.79 -39.30 -34.99
CA GLY C 740 -21.96 -39.75 -33.62
C GLY C 740 -23.39 -40.11 -33.29
N ASN C 741 -23.53 -40.92 -32.24
CA ASN C 741 -24.82 -41.38 -31.74
C ASN C 741 -25.66 -41.99 -32.87
N ASN C 742 -25.03 -42.83 -33.67
CA ASN C 742 -25.69 -43.53 -34.76
C ASN C 742 -25.47 -45.04 -34.60
N VAL C 743 -26.35 -45.80 -35.24
CA VAL C 743 -26.41 -47.24 -35.03
C VAL C 743 -25.70 -47.98 -36.14
N LEU C 744 -24.74 -47.31 -36.79
CA LEU C 744 -23.92 -47.96 -37.80
C LEU C 744 -23.23 -49.18 -37.21
N GLN C 745 -23.30 -50.29 -37.93
CA GLN C 745 -22.67 -51.54 -37.50
C GLN C 745 -21.22 -51.67 -37.97
N SER C 746 -20.94 -51.28 -39.22
CA SER C 746 -19.61 -51.39 -39.79
C SER C 746 -19.25 -50.12 -40.53
N LEU C 747 -17.96 -49.79 -40.54
CA LEU C 747 -17.46 -48.62 -41.24
C LEU C 747 -17.03 -49.00 -42.64
N PRO C 748 -17.56 -48.36 -43.68
CA PRO C 748 -17.18 -48.72 -45.05
C PRO C 748 -15.71 -48.46 -45.33
N SER C 749 -15.15 -49.26 -46.23
CA SER C 749 -13.74 -49.13 -46.60
C SER C 749 -13.49 -48.03 -47.61
N ARG C 750 -14.53 -47.40 -48.16
CA ARG C 750 -14.36 -46.31 -49.10
C ARG C 750 -13.91 -45.01 -48.42
N VAL C 751 -13.92 -44.95 -47.10
CA VAL C 751 -13.56 -43.73 -46.39
C VAL C 751 -12.12 -43.34 -46.69
N GLY C 752 -11.24 -44.31 -46.92
CA GLY C 752 -9.87 -44.00 -47.28
C GLY C 752 -9.74 -43.36 -48.65
N GLU C 753 -10.73 -43.54 -49.51
CA GLU C 753 -10.72 -42.88 -50.81
C GLU C 753 -10.88 -41.37 -50.70
N LEU C 754 -11.35 -40.88 -49.56
CA LEU C 754 -11.48 -39.45 -49.30
C LEU C 754 -10.17 -38.94 -48.71
N THR C 755 -9.49 -38.06 -49.43
CA THR C 755 -8.23 -37.50 -48.98
C THR C 755 -8.34 -36.07 -48.48
N ASN C 756 -9.47 -35.39 -48.75
CA ASN C 756 -9.73 -34.06 -48.21
C ASN C 756 -10.38 -34.11 -46.83
N LEU C 757 -10.58 -35.31 -46.27
CA LEU C 757 -11.13 -35.45 -44.93
C LEU C 757 -10.25 -34.72 -43.92
N THR C 758 -10.79 -33.66 -43.31
CA THR C 758 -10.05 -32.89 -42.32
C THR C 758 -10.50 -33.15 -40.90
N GLN C 759 -11.72 -33.64 -40.70
CA GLN C 759 -12.24 -33.92 -39.37
C GLN C 759 -13.42 -34.87 -39.50
N ILE C 760 -13.49 -35.85 -38.59
CA ILE C 760 -14.61 -36.78 -38.52
C ILE C 760 -14.72 -37.28 -37.09
N GLU C 761 -15.94 -37.30 -36.56
CA GLU C 761 -16.20 -37.76 -35.20
C GLU C 761 -16.96 -39.08 -35.25
N LEU C 762 -16.42 -40.09 -34.59
CA LEU C 762 -17.00 -41.42 -34.56
C LEU C 762 -17.46 -41.86 -33.19
N ARG C 763 -17.31 -41.02 -32.17
CA ARG C 763 -17.69 -41.41 -30.82
C ARG C 763 -19.21 -41.58 -30.71
N GLY C 764 -19.62 -42.64 -30.03
CA GLY C 764 -21.04 -42.93 -29.87
C GLY C 764 -21.62 -43.89 -30.87
N ASN C 765 -20.78 -44.63 -31.61
CA ASN C 765 -21.23 -45.54 -32.64
C ASN C 765 -20.87 -46.97 -32.26
N ARG C 766 -21.68 -47.93 -32.73
CA ARG C 766 -21.48 -49.34 -32.43
C ARG C 766 -20.69 -50.00 -33.55
N LEU C 767 -19.39 -49.71 -33.58
CA LEU C 767 -18.48 -50.20 -34.60
C LEU C 767 -17.59 -51.30 -34.01
N GLU C 768 -17.45 -52.40 -34.76
CA GLU C 768 -16.63 -53.51 -34.29
C GLU C 768 -15.16 -53.12 -34.22
N CYS C 769 -14.63 -52.54 -35.30
CA CYS C 769 -13.22 -52.18 -35.35
C CYS C 769 -13.01 -51.11 -36.41
N LEU C 770 -11.90 -50.40 -36.30
CA LEU C 770 -11.60 -49.29 -37.19
C LEU C 770 -10.96 -49.81 -38.46
N PRO C 771 -11.54 -49.54 -39.64
CA PRO C 771 -10.86 -49.90 -40.89
C PRO C 771 -9.61 -49.06 -41.10
N VAL C 772 -8.57 -49.69 -41.66
CA VAL C 772 -7.29 -49.04 -41.84
C VAL C 772 -7.32 -47.96 -42.92
N GLU C 773 -8.33 -47.97 -43.78
CA GLU C 773 -8.41 -46.97 -44.85
C GLU C 773 -8.49 -45.56 -44.27
N LEU C 774 -9.18 -45.39 -43.15
CA LEU C 774 -9.25 -44.08 -42.50
C LEU C 774 -7.86 -43.54 -42.21
N GLY C 775 -6.88 -44.41 -41.99
CA GLY C 775 -5.53 -43.98 -41.70
C GLY C 775 -4.75 -43.43 -42.88
N GLU C 776 -5.24 -43.57 -44.10
CA GLU C 776 -4.51 -43.11 -45.27
C GLU C 776 -4.86 -41.70 -45.71
N CYS C 777 -5.72 -41.01 -44.96
CA CYS C 777 -6.09 -39.64 -45.32
C CYS C 777 -4.95 -38.69 -44.98
N PRO C 778 -4.37 -37.98 -45.95
CA PRO C 778 -3.27 -37.07 -45.63
C PRO C 778 -3.65 -35.93 -44.69
N LEU C 779 -4.86 -35.39 -44.84
CA LEU C 779 -5.30 -34.28 -44.02
C LEU C 779 -5.78 -34.69 -42.64
N LEU C 780 -6.00 -35.99 -42.42
CA LEU C 780 -6.48 -36.47 -41.13
C LEU C 780 -5.41 -36.29 -40.05
N LYS C 781 -5.88 -36.08 -38.82
CA LYS C 781 -5.00 -36.03 -37.65
C LYS C 781 -5.66 -36.80 -36.52
N ARG C 782 -4.93 -36.98 -35.43
CA ARG C 782 -5.52 -37.59 -34.25
C ARG C 782 -6.59 -36.70 -33.64
N SER C 783 -6.31 -35.40 -33.50
CA SER C 783 -7.28 -34.48 -32.93
C SER C 783 -8.51 -34.36 -33.83
N GLY C 784 -8.32 -34.44 -35.15
CA GLY C 784 -9.45 -34.41 -36.06
C GLY C 784 -10.35 -35.61 -35.89
N LEU C 785 -9.77 -36.78 -35.62
CA LEU C 785 -10.55 -37.98 -35.39
C LEU C 785 -11.03 -38.06 -33.95
N VAL C 786 -12.28 -38.47 -33.77
CA VAL C 786 -12.86 -38.68 -32.46
C VAL C 786 -13.35 -40.13 -32.41
N VAL C 787 -12.72 -40.94 -31.56
CA VAL C 787 -13.06 -42.35 -31.44
C VAL C 787 -12.48 -42.86 -30.13
N GLU C 788 -13.05 -43.94 -29.62
CA GLU C 788 -12.61 -44.49 -28.35
C GLU C 788 -11.21 -45.08 -28.47
N GLU C 789 -10.39 -44.85 -27.44
CA GLU C 789 -9.01 -45.31 -27.48
C GLU C 789 -8.90 -46.83 -27.53
N ASP C 790 -9.78 -47.53 -26.78
CA ASP C 790 -9.72 -48.99 -26.78
C ASP C 790 -10.04 -49.58 -28.14
N LEU C 791 -10.74 -48.83 -29.00
CA LEU C 791 -10.94 -49.24 -30.38
C LEU C 791 -9.96 -48.55 -31.32
N PHE C 792 -9.47 -47.37 -30.95
CA PHE C 792 -8.45 -46.70 -31.75
C PHE C 792 -7.15 -47.50 -31.76
N SER C 793 -6.90 -48.30 -30.71
CA SER C 793 -5.71 -49.13 -30.66
C SER C 793 -5.82 -50.35 -31.58
N THR C 794 -7.01 -50.69 -32.04
CA THR C 794 -7.18 -51.84 -32.93
C THR C 794 -6.46 -51.63 -34.26
N LEU C 795 -6.21 -50.39 -34.65
CA LEU C 795 -5.41 -50.12 -35.84
C LEU C 795 -3.98 -50.59 -35.64
N PRO C 796 -3.29 -50.98 -36.71
CA PRO C 796 -1.93 -51.47 -36.56
C PRO C 796 -1.03 -50.40 -35.97
N PRO C 797 0.03 -50.78 -35.26
CA PRO C 797 0.89 -49.79 -34.60
C PRO C 797 1.52 -48.80 -35.57
N GLU C 798 1.76 -49.20 -36.82
CA GLU C 798 2.31 -48.27 -37.79
C GLU C 798 1.35 -47.11 -38.07
N VAL C 799 0.08 -47.43 -38.29
CA VAL C 799 -0.92 -46.39 -38.55
C VAL C 799 -1.07 -45.48 -37.34
N LYS C 800 -1.12 -46.06 -36.14
CA LYS C 800 -1.26 -45.24 -34.94
C LYS C 800 -0.05 -44.35 -34.73
N GLU C 801 1.15 -44.88 -34.95
CA GLU C 801 2.36 -44.06 -34.81
C GLU C 801 2.38 -42.93 -35.84
N ARG C 802 1.97 -43.22 -37.07
CA ARG C 802 1.90 -42.17 -38.08
C ARG C 802 0.89 -41.10 -37.69
N LEU C 803 -0.26 -41.51 -37.15
CA LEU C 803 -1.27 -40.54 -36.73
C LEU C 803 -0.76 -39.69 -35.58
N TRP C 804 -0.09 -40.30 -34.60
CA TRP C 804 0.48 -39.52 -33.50
C TRP C 804 1.54 -38.55 -33.99
N ARG C 805 2.39 -38.99 -34.91
CA ARG C 805 3.40 -38.10 -35.48
C ARG C 805 2.76 -36.93 -36.22
N ALA C 806 1.71 -37.21 -37.01
CA ALA C 806 1.02 -36.15 -37.72
C ALA C 806 0.34 -35.18 -36.75
N ASP C 807 -0.13 -35.69 -35.61
CA ASP C 807 -0.71 -34.82 -34.60
C ASP C 807 0.35 -33.95 -33.93
N LYS C 808 1.53 -34.52 -33.69
CA LYS C 808 2.59 -33.75 -33.04
C LYS C 808 3.03 -32.57 -33.92
N GLU C 809 3.35 -32.83 -35.18
CA GLU C 809 3.70 -31.79 -36.11
C GLU C 809 3.62 -32.30 -37.55
N PRO D 16 -11.48 9.61 34.64
CA PRO D 16 -11.10 8.72 33.53
C PRO D 16 -12.14 8.67 32.41
N ALA D 17 -12.78 7.52 32.23
CA ALA D 17 -13.73 7.33 31.14
C ALA D 17 -15.17 7.57 31.55
N TYR D 18 -15.44 7.89 32.81
CA TYR D 18 -16.79 8.00 33.31
C TYR D 18 -17.36 9.41 33.20
N ARG D 19 -16.67 10.30 32.47
CA ARG D 19 -17.17 11.64 32.26
C ARG D 19 -18.51 11.63 31.53
N ILE D 20 -18.74 10.62 30.68
CA ILE D 20 -19.96 10.56 29.90
C ILE D 20 -21.15 10.08 30.72
N LEU D 21 -20.90 9.44 31.87
CA LEU D 21 -22.00 9.01 32.72
C LEU D 21 -22.73 10.20 33.33
N LYS D 22 -22.00 11.22 33.74
CA LYS D 22 -22.59 12.33 34.49
C LYS D 22 -23.37 13.25 33.55
N PRO D 23 -24.66 13.46 33.79
CA PRO D 23 -25.37 14.53 33.06
C PRO D 23 -24.91 15.90 33.53
N TRP D 24 -25.50 16.96 32.98
CA TRP D 24 -25.12 18.31 33.41
C TRP D 24 -25.50 18.56 34.86
N TRP D 25 -26.69 18.10 35.27
CA TRP D 25 -27.13 18.33 36.65
C TRP D 25 -26.22 17.65 37.66
N ASP D 26 -25.54 16.58 37.27
CA ASP D 26 -24.58 15.95 38.16
C ASP D 26 -23.27 16.74 38.27
N VAL D 27 -22.80 17.31 37.16
CA VAL D 27 -21.60 18.14 37.23
C VAL D 27 -21.87 19.41 38.04
N PHE D 28 -23.07 19.98 37.89
CA PHE D 28 -23.42 21.16 38.68
C PHE D 28 -23.40 20.84 40.17
N THR D 29 -23.95 19.69 40.55
CA THR D 29 -23.94 19.31 41.96
C THR D 29 -22.52 19.01 42.43
N ASP D 30 -21.68 18.43 41.57
CA ASP D 30 -20.29 18.23 41.94
C ASP D 30 -19.61 19.55 42.28
N TYR D 31 -19.74 20.54 41.40
CA TYR D 31 -19.10 21.83 41.65
C TYR D 31 -19.71 22.56 42.84
N ILE D 32 -21.03 22.48 43.01
CA ILE D 32 -21.68 23.15 44.14
C ILE D 32 -21.26 22.50 45.45
N SER D 33 -21.11 21.17 45.46
CA SER D 33 -20.57 20.49 46.63
C SER D 33 -19.14 20.91 46.91
N ILE D 34 -18.32 21.08 45.87
CA ILE D 34 -16.97 21.58 46.09
C ILE D 34 -16.99 22.95 46.75
N VAL D 35 -17.87 23.84 46.27
CA VAL D 35 -17.93 25.19 46.84
C VAL D 35 -18.45 25.15 48.27
N MET D 36 -19.47 24.35 48.53
CA MET D 36 -20.03 24.25 49.87
C MET D 36 -19.04 23.64 50.85
N LEU D 37 -18.19 22.74 50.39
CA LEU D 37 -17.13 22.21 51.25
C LEU D 37 -16.01 23.22 51.43
N MET D 38 -15.74 24.04 50.41
CA MET D 38 -14.74 25.08 50.55
C MET D 38 -15.15 26.10 51.59
N ILE D 39 -16.42 26.50 51.60
CA ILE D 39 -16.85 27.44 52.64
C ILE D 39 -16.88 26.78 54.00
N ALA D 40 -17.13 25.47 54.07
CA ALA D 40 -17.04 24.77 55.35
C ALA D 40 -15.62 24.78 55.88
N VAL D 41 -14.64 24.52 55.01
CA VAL D 41 -13.24 24.57 55.43
C VAL D 41 -12.86 25.97 55.87
N PHE D 42 -13.29 26.98 55.12
CA PHE D 42 -12.98 28.36 55.48
C PHE D 42 -13.59 28.72 56.83
N GLY D 43 -14.85 28.36 57.06
CA GLY D 43 -15.47 28.64 58.33
C GLY D 43 -14.81 27.91 59.48
N GLY D 44 -14.43 26.65 59.26
CA GLY D 44 -13.77 25.89 60.31
C GLY D 44 -12.43 26.48 60.68
N THR D 45 -11.62 26.83 59.67
CA THR D 45 -10.30 27.39 59.98
C THR D 45 -10.40 28.81 60.51
N LEU D 46 -11.48 29.52 60.21
CA LEU D 46 -11.68 30.83 60.81
C LEU D 46 -12.09 30.72 62.27
N GLN D 47 -12.99 29.80 62.59
CA GLN D 47 -13.48 29.65 63.95
C GLN D 47 -12.47 28.99 64.87
N VAL D 48 -11.70 28.02 64.39
CA VAL D 48 -10.78 27.29 65.25
C VAL D 48 -9.71 28.23 65.80
N THR D 49 -9.44 29.32 65.10
CA THR D 49 -8.40 30.25 65.50
C THR D 49 -8.91 31.59 66.01
N GLN D 50 -9.74 32.30 65.24
CA GLN D 50 -10.11 33.67 65.57
C GLN D 50 -11.45 33.81 66.28
N ASP D 51 -12.14 32.72 66.60
CA ASP D 51 -13.46 32.84 67.21
C ASP D 51 -13.32 33.07 68.71
N LYS D 52 -13.78 34.24 69.18
CA LYS D 52 -13.73 34.59 70.58
C LYS D 52 -15.04 35.24 70.97
N MET D 53 -15.14 35.63 72.23
CA MET D 53 -16.16 36.53 72.72
C MET D 53 -15.49 37.55 73.63
N ILE D 54 -15.94 38.80 73.55
CA ILE D 54 -15.35 39.89 74.33
C ILE D 54 -16.41 40.35 75.32
N CYS D 55 -16.17 40.13 76.60
CA CYS D 55 -17.19 40.32 77.62
C CYS D 55 -16.88 41.51 78.52
N LEU D 56 -17.93 42.22 78.93
CA LEU D 56 -17.84 43.26 79.93
C LEU D 56 -18.96 43.04 80.94
N PRO D 57 -18.66 43.01 82.23
CA PRO D 57 -19.72 42.86 83.23
C PRO D 57 -20.56 44.13 83.35
N CYS D 58 -21.75 43.97 83.90
CA CYS D 58 -22.66 45.07 84.16
C CYS D 58 -22.71 45.35 85.66
N LYS D 59 -22.42 46.60 86.04
CA LYS D 59 -22.37 46.95 87.46
C LYS D 59 -23.77 47.07 88.06
N TRP D 60 -24.70 47.68 87.34
CA TRP D 60 -26.07 47.87 87.83
C TRP D 60 -26.94 46.73 87.32
N VAL D 61 -27.44 45.92 88.25
CA VAL D 61 -28.22 44.73 87.93
C VAL D 61 -29.56 44.83 88.63
N THR D 62 -30.64 44.77 87.85
CA THR D 62 -31.99 44.68 88.39
C THR D 62 -32.72 43.56 87.66
N LYS D 63 -33.31 42.65 88.44
CA LYS D 63 -33.94 41.43 87.90
C LYS D 63 -32.93 40.62 87.08
N ASP D 64 -31.69 40.58 87.56
CA ASP D 64 -30.61 39.81 86.93
C ASP D 64 -30.44 40.18 85.45
N SER D 65 -30.41 41.48 85.19
CA SER D 65 -30.19 41.98 83.84
C SER D 65 -29.42 43.29 83.92
N CYS D 66 -28.75 43.62 82.82
CA CYS D 66 -28.01 44.88 82.74
C CYS D 66 -28.99 46.04 82.80
N ASN D 67 -28.93 46.81 83.89
CA ASN D 67 -29.86 47.90 84.09
C ASN D 67 -29.66 49.02 83.07
N ASP D 68 -28.50 49.07 82.42
CA ASP D 68 -28.20 50.07 81.39
C ASP D 68 -28.37 51.49 81.92
N SER D 69 -27.98 51.70 83.18
CA SER D 69 -28.13 52.99 83.82
C SER D 69 -26.78 53.51 84.32
N THR D 93 -16.46 69.17 82.58
CA THR D 93 -16.36 67.89 83.26
C THR D 93 -16.59 66.73 82.30
N GLY D 94 -15.54 66.35 81.58
CA GLY D 94 -15.62 65.26 80.64
C GLY D 94 -15.86 63.93 81.33
N PRO D 95 -16.47 62.99 80.62
CA PRO D 95 -16.76 61.68 81.22
C PRO D 95 -15.48 60.88 81.44
N THR D 96 -15.60 59.86 82.28
CA THR D 96 -14.47 59.02 82.64
C THR D 96 -14.86 57.55 82.51
N GLY D 97 -13.85 56.70 82.51
CA GLY D 97 -14.07 55.28 82.36
C GLY D 97 -14.72 54.68 83.59
N ILE D 98 -15.02 53.39 83.49
CA ILE D 98 -15.71 52.64 84.54
C ILE D 98 -14.77 51.54 85.01
N LYS D 99 -14.38 51.61 86.28
CA LYS D 99 -13.40 50.69 86.84
C LYS D 99 -14.11 49.42 87.31
N TYR D 100 -13.95 48.34 86.55
CA TYR D 100 -14.48 47.05 86.95
C TYR D 100 -13.56 46.31 87.91
N ASP D 101 -12.31 46.75 88.04
CA ASP D 101 -11.34 46.13 88.95
C ASP D 101 -11.17 44.65 88.65
N LEU D 102 -10.70 44.36 87.44
CA LEU D 102 -10.50 43.00 86.98
C LEU D 102 -9.17 42.86 86.26
N ASP D 103 -8.48 41.77 86.52
CA ASP D 103 -7.30 41.43 85.74
C ASP D 103 -7.72 41.00 84.33
N ARG D 104 -6.74 40.97 83.43
CA ARG D 104 -7.00 40.43 82.10
C ARG D 104 -7.35 38.95 82.17
N HIS D 105 -6.81 38.24 83.17
CA HIS D 105 -7.09 36.82 83.26
C HIS D 105 -8.52 36.54 83.70
N GLN D 106 -9.08 37.38 84.57
CA GLN D 106 -10.50 37.24 84.90
C GLN D 106 -11.36 37.48 83.68
N TYR D 107 -10.97 38.44 82.83
CA TYR D 107 -11.67 38.64 81.58
C TYR D 107 -11.58 37.40 80.69
N ASN D 108 -10.41 36.79 80.63
CA ASN D 108 -10.28 35.57 79.82
C ASN D 108 -11.16 34.45 80.37
N TYR D 109 -11.20 34.31 81.69
CA TYR D 109 -12.02 33.26 82.30
C TYR D 109 -13.49 33.47 82.01
N VAL D 110 -13.97 34.70 82.19
CA VAL D 110 -15.37 34.98 81.92
C VAL D 110 -15.68 34.83 80.43
N ASP D 111 -14.72 35.19 79.57
CA ASP D 111 -14.90 34.95 78.14
C ASP D 111 -15.11 33.47 77.86
N ALA D 112 -14.24 32.63 78.42
CA ALA D 112 -14.36 31.19 78.17
C ALA D 112 -15.69 30.66 78.68
N VAL D 113 -16.07 31.03 79.90
CA VAL D 113 -17.29 30.50 80.48
C VAL D 113 -18.51 30.96 79.69
N CYS D 114 -18.58 32.27 79.39
CA CYS D 114 -19.73 32.80 78.67
C CYS D 114 -19.82 32.22 77.27
N TYR D 115 -18.68 32.10 76.57
CA TYR D 115 -18.69 31.50 75.24
C TYR D 115 -19.14 30.05 75.30
N GLU D 116 -18.69 29.30 76.31
CA GLU D 116 -19.08 27.91 76.43
C GLU D 116 -20.56 27.76 76.76
N ASN D 117 -21.12 28.68 77.55
CA ASN D 117 -22.48 28.52 78.05
C ASN D 117 -23.53 29.17 77.16
N ARG D 118 -23.43 30.47 76.93
CA ARG D 118 -24.51 31.24 76.33
C ARG D 118 -24.23 31.69 74.90
N LEU D 119 -23.60 30.84 74.09
CA LEU D 119 -23.51 31.07 72.66
C LEU D 119 -24.24 29.93 71.95
N HIS D 120 -25.14 30.29 71.04
CA HIS D 120 -26.01 29.29 70.43
C HIS D 120 -25.20 28.23 69.70
N TRP D 121 -25.58 26.97 69.90
CA TRP D 121 -24.80 25.85 69.38
C TRP D 121 -24.65 25.93 67.87
N PHE D 122 -25.66 26.43 67.16
CA PHE D 122 -25.54 26.59 65.71
C PHE D 122 -24.42 27.56 65.37
N ALA D 123 -24.32 28.67 66.10
CA ALA D 123 -23.24 29.63 65.84
C ALA D 123 -21.88 29.02 66.11
N LYS D 124 -21.79 28.05 67.02
CA LYS D 124 -20.51 27.44 67.36
C LYS D 124 -20.19 26.20 66.54
N TYR D 125 -21.15 25.68 65.76
CA TYR D 125 -20.87 24.45 65.02
C TYR D 125 -21.41 24.50 63.59
N PHE D 126 -21.70 25.68 63.06
CA PHE D 126 -22.11 25.81 61.66
C PHE D 126 -21.09 25.22 60.69
N PRO D 127 -19.79 25.52 60.77
CA PRO D 127 -18.86 24.93 59.80
C PRO D 127 -18.82 23.42 59.81
N TYR D 128 -18.91 22.79 61.00
CA TYR D 128 -18.86 21.34 61.05
C TYR D 128 -20.12 20.71 60.49
N LEU D 129 -21.29 21.31 60.75
CA LEU D 129 -22.52 20.82 60.13
C LEU D 129 -22.45 20.95 58.61
N VAL D 130 -21.93 22.08 58.11
CA VAL D 130 -21.81 22.25 56.67
C VAL D 130 -20.87 21.21 56.09
N LEU D 131 -19.74 20.97 56.76
CA LEU D 131 -18.79 19.96 56.28
C LEU D 131 -19.43 18.58 56.24
N LEU D 132 -20.17 18.22 57.29
CA LEU D 132 -20.80 16.91 57.32
C LEU D 132 -21.84 16.77 56.22
N HIS D 133 -22.64 17.80 55.99
CA HIS D 133 -23.64 17.76 54.93
C HIS D 133 -23.00 17.65 53.56
N THR D 134 -21.91 18.39 53.33
CA THR D 134 -21.21 18.28 52.05
C THR D 134 -20.63 16.89 51.86
N LEU D 135 -20.05 16.31 52.92
CA LEU D 135 -19.46 14.98 52.79
C LEU D 135 -20.52 13.94 52.49
N ILE D 136 -21.68 14.02 53.16
CA ILE D 136 -22.71 13.03 52.87
C ILE D 136 -23.31 13.25 51.48
N PHE D 137 -23.40 14.51 51.02
CA PHE D 137 -23.80 14.76 49.64
C PHE D 137 -22.83 14.11 48.66
N LEU D 138 -21.53 14.28 48.89
CA LEU D 138 -20.54 13.66 48.02
C LEU D 138 -20.61 12.14 48.06
N ALA D 139 -20.84 11.57 49.25
CA ALA D 139 -20.98 10.12 49.35
C ALA D 139 -22.19 9.64 48.58
N CYS D 140 -23.30 10.39 48.63
CA CYS D 140 -24.46 10.05 47.83
C CYS D 140 -24.15 10.11 46.34
N SER D 141 -23.41 11.13 45.92
CA SER D 141 -23.09 11.28 44.49
C SER D 141 -22.11 10.21 44.02
N ASN D 142 -21.36 9.59 44.92
CA ASN D 142 -20.40 8.56 44.57
C ASN D 142 -20.71 7.22 45.20
N PHE D 143 -21.96 7.00 45.64
CA PHE D 143 -22.33 5.71 46.20
C PHE D 143 -22.27 4.62 45.15
N TRP D 144 -22.75 4.89 43.94
CA TRP D 144 -22.82 3.88 42.91
C TRP D 144 -21.52 3.72 42.13
N PHE D 145 -20.46 4.42 42.51
CA PHE D 145 -19.18 4.25 41.84
C PHE D 145 -18.19 3.48 42.71
N LYS D 146 -18.08 3.83 43.98
CA LYS D 146 -17.21 3.09 44.89
C LYS D 146 -17.77 1.72 45.22
N PHE D 147 -19.08 1.54 45.16
CA PHE D 147 -19.73 0.25 45.35
C PHE D 147 -19.34 -0.67 44.21
N PRO D 148 -18.49 -1.68 44.43
CA PRO D 148 -17.99 -2.49 43.30
C PRO D 148 -19.08 -3.23 42.55
N ARG D 149 -20.22 -3.52 43.18
CA ARG D 149 -21.28 -4.28 42.52
C ARG D 149 -21.74 -3.58 41.25
N THR D 150 -22.32 -2.38 41.39
CA THR D 150 -22.72 -1.61 40.22
C THR D 150 -21.54 -0.94 39.53
N SER D 151 -20.40 -0.81 40.21
CA SER D 151 -19.22 -0.29 39.56
C SER D 151 -18.78 -1.20 38.42
N SER D 152 -18.87 -2.52 38.63
CA SER D 152 -18.53 -3.46 37.57
C SER D 152 -19.43 -3.27 36.36
N LYS D 153 -20.75 -3.16 36.59
CA LYS D 153 -21.68 -2.95 35.49
C LYS D 153 -21.37 -1.65 34.75
N LEU D 154 -21.11 -0.58 35.50
CA LEU D 154 -20.88 0.72 34.87
C LEU D 154 -19.58 0.72 34.08
N GLU D 155 -18.51 0.14 34.64
CA GLU D 155 -17.24 0.11 33.90
C GLU D 155 -17.34 -0.77 32.67
N HIS D 156 -18.03 -1.92 32.77
CA HIS D 156 -18.23 -2.75 31.60
C HIS D 156 -19.03 -2.01 30.53
N PHE D 157 -20.10 -1.32 30.94
CA PHE D 157 -20.93 -0.61 29.98
C PHE D 157 -20.16 0.53 29.31
N VAL D 158 -19.38 1.28 30.08
CA VAL D 158 -18.66 2.41 29.50
C VAL D 158 -17.57 1.90 28.57
N SER D 159 -16.89 0.81 28.94
CA SER D 159 -15.87 0.26 28.05
C SER D 159 -16.48 -0.23 26.75
N ILE D 160 -17.61 -0.95 26.83
CA ILE D 160 -18.25 -1.46 25.63
C ILE D 160 -18.76 -0.32 24.76
N LEU D 161 -19.38 0.68 25.38
CA LEU D 161 -19.87 1.81 24.61
C LEU D 161 -18.73 2.60 23.97
N LEU D 162 -17.61 2.75 24.67
CA LEU D 162 -16.45 3.43 24.11
C LEU D 162 -15.91 2.68 22.91
N LYS D 163 -15.75 1.36 23.02
CA LYS D 163 -15.18 0.60 21.92
C LYS D 163 -16.16 0.48 20.75
N CYS D 164 -17.46 0.54 21.01
CA CYS D 164 -18.44 0.54 19.92
C CYS D 164 -18.52 1.90 19.24
N PHE D 165 -18.32 2.98 20.00
CA PHE D 165 -18.32 4.31 19.39
C PHE D 165 -17.19 4.47 18.39
N ASP D 166 -16.02 3.94 18.72
CA ASP D 166 -14.85 3.99 17.85
C ASP D 166 -14.75 2.79 16.93
N SER D 167 -15.82 2.00 16.80
CA SER D 167 -15.79 0.84 15.93
C SER D 167 -15.74 1.28 14.48
N PRO D 168 -14.74 0.84 13.70
CA PRO D 168 -14.66 1.27 12.31
C PRO D 168 -15.86 0.86 11.48
N TRP D 169 -16.45 -0.29 11.74
CA TRP D 169 -17.57 -0.76 10.92
C TRP D 169 -18.87 -0.02 11.21
N THR D 170 -18.97 0.64 12.37
CA THR D 170 -20.21 1.34 12.70
C THR D 170 -20.50 2.48 11.73
N THR D 171 -19.50 3.34 11.51
CA THR D 171 -19.71 4.45 10.59
C THR D 171 -19.89 3.96 9.16
N ARG D 172 -19.24 2.87 8.79
CA ARG D 172 -19.47 2.29 7.46
C ARG D 172 -20.90 1.79 7.32
N ALA D 173 -21.41 1.11 8.35
CA ALA D 173 -22.78 0.61 8.30
C ALA D 173 -23.77 1.76 8.22
N LEU D 174 -23.51 2.84 8.95
CA LEU D 174 -24.35 4.03 8.80
C LEU D 174 -24.23 4.62 7.40
N SER D 175 -23.03 4.61 6.82
CA SER D 175 -22.83 5.12 5.47
C SER D 175 -23.51 4.24 4.42
N GLU D 176 -23.84 2.99 4.75
CA GLU D 176 -24.61 2.17 3.81
C GLU D 176 -25.93 2.84 3.48
N THR D 177 -26.52 3.54 4.45
CA THR D 177 -27.76 4.29 4.26
C THR D 177 -28.91 3.40 3.77
N LYS D 217 -47.24 -3.32 -8.85
CA LYS D 217 -46.11 -3.72 -8.01
C LYS D 217 -45.71 -5.17 -8.29
N SER D 218 -45.38 -5.46 -9.54
CA SER D 218 -44.99 -6.82 -9.90
C SER D 218 -43.63 -7.19 -9.36
N ARG D 219 -42.72 -6.21 -9.24
CA ARG D 219 -41.34 -6.51 -8.86
C ARG D 219 -41.26 -7.13 -7.47
N ILE D 220 -42.02 -6.58 -6.51
CA ILE D 220 -41.95 -7.12 -5.15
C ILE D 220 -42.59 -8.50 -5.09
N GLU D 221 -43.67 -8.71 -5.83
CA GLU D 221 -44.39 -9.99 -5.78
C GLU D 221 -43.81 -11.04 -6.73
N GLN D 222 -42.82 -10.68 -7.55
CA GLN D 222 -42.15 -11.64 -8.41
C GLN D 222 -40.98 -12.32 -7.71
N GLY D 223 -40.65 -11.93 -6.49
CA GLY D 223 -39.46 -12.44 -5.83
C GLY D 223 -38.19 -11.71 -6.18
N ILE D 224 -38.28 -10.53 -6.79
CA ILE D 224 -37.12 -9.74 -7.16
C ILE D 224 -36.95 -8.63 -6.13
N VAL D 225 -35.71 -8.44 -5.67
CA VAL D 225 -35.41 -7.43 -4.66
C VAL D 225 -34.48 -6.38 -5.27
N ASP D 226 -34.34 -5.26 -4.57
CA ASP D 226 -33.51 -4.18 -5.02
C ASP D 226 -32.03 -4.53 -4.85
N ARG D 227 -31.17 -3.68 -5.40
CA ARG D 227 -29.73 -3.94 -5.39
C ARG D 227 -29.18 -3.93 -3.97
N SER D 228 -28.26 -4.85 -3.70
CA SER D 228 -27.49 -4.88 -2.46
C SER D 228 -26.08 -4.41 -2.76
N GLU D 229 -25.58 -3.49 -1.94
CA GLU D 229 -24.29 -2.87 -2.15
C GLU D 229 -23.22 -3.56 -1.32
N THR D 230 -22.10 -3.88 -1.97
CA THR D 230 -21.03 -4.65 -1.37
C THR D 230 -19.72 -3.85 -1.40
N GLY D 231 -18.91 -4.05 -0.37
CA GLY D 231 -17.59 -3.44 -0.33
C GLY D 231 -16.51 -4.46 -0.08
N VAL D 232 -15.40 -4.04 0.55
CA VAL D 232 -14.32 -4.93 0.91
C VAL D 232 -13.85 -4.57 2.32
N LEU D 233 -13.52 -5.60 3.09
CA LEU D 233 -13.10 -5.43 4.47
C LEU D 233 -11.88 -6.29 4.75
N ASP D 234 -11.11 -5.90 5.75
CA ASP D 234 -9.93 -6.66 6.16
C ASP D 234 -10.34 -7.76 7.14
N LYS D 235 -9.44 -8.75 7.27
CA LYS D 235 -9.73 -9.90 8.11
C LYS D 235 -9.71 -9.54 9.59
N LYS D 236 -8.68 -8.82 10.04
CA LYS D 236 -8.53 -8.53 11.45
C LYS D 236 -9.64 -7.61 11.96
N GLU D 237 -9.95 -6.55 11.21
CA GLU D 237 -11.01 -5.65 11.65
C GLU D 237 -12.38 -6.30 11.57
N GLY D 238 -12.59 -7.20 10.61
CA GLY D 238 -13.81 -7.99 10.59
C GLY D 238 -13.95 -8.87 11.81
N GLU D 239 -12.86 -9.53 12.21
CA GLU D 239 -12.88 -10.31 13.44
C GLU D 239 -13.10 -9.45 14.67
N GLN D 240 -12.55 -8.23 14.68
CA GLN D 240 -12.80 -7.32 15.78
C GLN D 240 -14.27 -6.94 15.85
N ALA D 241 -14.88 -6.66 14.71
CA ALA D 241 -16.31 -6.37 14.69
C ALA D 241 -17.13 -7.55 15.18
N LYS D 242 -16.75 -8.77 14.77
CA LYS D 242 -17.43 -9.97 15.23
C LYS D 242 -17.32 -10.11 16.75
N ALA D 243 -16.12 -9.92 17.28
CA ALA D 243 -15.92 -10.04 18.73
C ALA D 243 -16.71 -8.98 19.48
N LEU D 244 -16.75 -7.76 18.93
CA LEU D 244 -17.53 -6.70 19.55
C LEU D 244 -19.02 -7.05 19.56
N PHE D 245 -19.51 -7.64 18.47
CA PHE D 245 -20.89 -8.10 18.45
C PHE D 245 -21.14 -9.15 19.51
N GLU D 246 -20.21 -10.10 19.66
CA GLU D 246 -20.35 -11.13 20.68
C GLU D 246 -20.39 -10.52 22.08
N LYS D 247 -19.51 -9.55 22.34
CA LYS D 247 -19.48 -8.90 23.63
C LYS D 247 -20.76 -8.12 23.90
N VAL D 248 -21.30 -7.47 22.87
CA VAL D 248 -22.57 -6.76 23.02
C VAL D 248 -23.69 -7.74 23.36
N LYS D 249 -23.73 -8.87 22.67
CA LYS D 249 -24.76 -9.88 22.95
C LYS D 249 -24.65 -10.36 24.39
N LYS D 250 -23.43 -10.71 24.82
CA LYS D 250 -23.23 -11.19 26.19
C LYS D 250 -23.63 -10.12 27.21
N PHE D 251 -23.24 -8.88 26.95
CA PHE D 251 -23.54 -7.80 27.89
C PHE D 251 -25.04 -7.57 28.00
N ARG D 252 -25.74 -7.54 26.86
CA ARG D 252 -27.18 -7.38 26.90
C ARG D 252 -27.84 -8.54 27.63
N THR D 253 -27.32 -9.75 27.45
CA THR D 253 -27.84 -10.88 28.20
C THR D 253 -27.65 -10.69 29.70
N HIS D 254 -26.48 -10.18 30.10
CA HIS D 254 -26.16 -10.06 31.52
C HIS D 254 -26.86 -8.90 32.20
N VAL D 255 -27.14 -7.81 31.47
CA VAL D 255 -27.47 -6.54 32.11
C VAL D 255 -28.95 -6.22 31.97
N GLU D 256 -29.57 -6.66 30.88
CA GLU D 256 -30.96 -6.30 30.61
C GLU D 256 -31.88 -6.68 31.77
N GLU D 257 -31.54 -7.75 32.48
CA GLU D 257 -32.40 -8.23 33.56
C GLU D 257 -32.25 -7.44 34.84
N GLY D 258 -31.06 -6.87 35.09
CA GLY D 258 -30.67 -6.36 36.39
C GLY D 258 -31.65 -5.48 37.13
N ASP D 259 -31.90 -4.28 36.60
CA ASP D 259 -32.74 -3.28 37.26
C ASP D 259 -32.28 -3.01 38.70
N ILE D 260 -30.97 -2.87 38.86
CA ILE D 260 -30.36 -2.63 40.16
C ILE D 260 -29.76 -1.23 40.24
N VAL D 261 -29.01 -0.83 39.20
CA VAL D 261 -28.39 0.49 39.20
C VAL D 261 -29.44 1.59 39.24
N TYR D 262 -30.57 1.37 38.54
CA TYR D 262 -31.65 2.35 38.56
C TYR D 262 -32.21 2.53 39.98
N ARG D 263 -32.38 1.44 40.72
CA ARG D 263 -32.88 1.55 42.09
C ARG D 263 -31.93 2.33 42.97
N LEU D 264 -30.62 2.07 42.85
CA LEU D 264 -29.65 2.82 43.64
C LEU D 264 -29.64 4.29 43.26
N TYR D 265 -29.78 4.59 41.97
CA TYR D 265 -29.85 5.99 41.56
C TYR D 265 -31.08 6.68 42.13
N MET D 266 -32.23 6.00 42.12
CA MET D 266 -33.42 6.57 42.74
C MET D 266 -33.22 6.80 44.24
N ARG D 267 -32.60 5.84 44.92
CA ARG D 267 -32.33 6.00 46.35
C ARG D 267 -31.43 7.20 46.60
N GLN D 268 -30.37 7.34 45.81
CA GLN D 268 -29.45 8.48 45.99
C GLN D 268 -30.17 9.80 45.77
N THR D 269 -30.97 9.89 44.71
CA THR D 269 -31.67 11.14 44.42
C THR D 269 -32.66 11.48 45.53
N ILE D 270 -33.41 10.49 46.03
CA ILE D 270 -34.37 10.76 47.08
C ILE D 270 -33.68 11.15 48.38
N ILE D 271 -32.55 10.50 48.69
CA ILE D 271 -31.79 10.89 49.88
C ILE D 271 -31.31 12.33 49.76
N LYS D 272 -30.78 12.71 48.60
CA LYS D 272 -30.34 14.08 48.41
C LYS D 272 -31.49 15.06 48.59
N VAL D 273 -32.66 14.75 48.02
CA VAL D 273 -33.80 15.66 48.12
C VAL D 273 -34.24 15.82 49.57
N ILE D 274 -34.37 14.70 50.31
CA ILE D 274 -34.88 14.79 51.67
C ILE D 274 -33.86 15.49 52.57
N LYS D 275 -32.56 15.24 52.36
CA LYS D 275 -31.54 15.91 53.16
C LYS D 275 -31.54 17.40 52.89
N PHE D 276 -31.70 17.79 51.61
CA PHE D 276 -31.82 19.21 51.29
C PHE D 276 -33.01 19.82 52.00
N ALA D 277 -34.15 19.12 52.01
CA ALA D 277 -35.33 19.66 52.70
C ALA D 277 -35.05 19.85 54.19
N LEU D 278 -34.47 18.83 54.83
CA LEU D 278 -34.20 18.92 56.27
C LEU D 278 -33.27 20.08 56.60
N ILE D 279 -32.17 20.20 55.85
CA ILE D 279 -31.21 21.23 56.20
C ILE D 279 -31.76 22.62 55.86
N ILE D 280 -32.44 22.77 54.73
CA ILE D 280 -33.00 24.06 54.36
C ILE D 280 -34.08 24.47 55.35
N CYS D 281 -34.70 23.51 56.03
CA CYS D 281 -35.63 23.85 57.09
C CYS D 281 -34.88 24.31 58.35
N TYR D 282 -34.06 23.42 58.91
CA TYR D 282 -33.51 23.67 60.24
C TYR D 282 -32.48 24.80 60.25
N THR D 283 -31.71 24.98 59.18
CA THR D 283 -30.79 26.10 59.12
C THR D 283 -31.57 27.41 59.20
N VAL D 284 -32.42 27.67 58.21
CA VAL D 284 -33.20 28.91 58.21
C VAL D 284 -33.99 29.07 59.50
N TYR D 285 -34.30 27.97 60.17
CA TYR D 285 -34.86 28.09 61.53
C TYR D 285 -33.86 28.72 62.48
N TYR D 286 -32.64 28.19 62.55
CA TYR D 286 -31.71 28.59 63.60
C TYR D 286 -30.72 29.68 63.20
N VAL D 287 -30.83 30.23 62.00
CA VAL D 287 -29.83 31.19 61.53
C VAL D 287 -29.96 32.52 62.26
N HIS D 288 -31.16 32.86 62.74
CA HIS D 288 -31.35 34.13 63.44
C HIS D 288 -30.57 34.19 64.74
N ASN D 289 -30.17 33.03 65.28
CA ASN D 289 -29.48 33.01 66.56
C ASN D 289 -28.14 33.70 66.50
N ILE D 290 -27.49 33.71 65.34
CA ILE D 290 -26.14 34.28 65.23
C ILE D 290 -26.24 35.79 65.29
N LYS D 291 -25.96 36.36 66.46
CA LYS D 291 -26.06 37.79 66.71
C LYS D 291 -24.72 38.31 67.22
N PHE D 292 -24.41 39.55 66.86
CA PHE D 292 -23.11 40.13 67.24
C PHE D 292 -22.96 40.21 68.75
N ASP D 293 -24.01 40.64 69.45
CA ASP D 293 -23.95 40.88 70.88
C ASP D 293 -24.87 39.91 71.61
N VAL D 294 -24.37 39.36 72.71
CA VAL D 294 -25.10 38.40 73.54
C VAL D 294 -25.05 38.87 74.98
N ASP D 295 -25.98 38.36 75.78
CA ASP D 295 -26.01 38.61 77.23
C ASP D 295 -25.96 37.26 77.93
N CYS D 296 -24.98 37.08 78.81
CA CYS D 296 -24.83 35.80 79.51
C CYS D 296 -24.81 36.04 81.01
N THR D 297 -25.61 35.26 81.73
CA THR D 297 -25.67 35.28 83.19
C THR D 297 -25.21 33.91 83.67
N VAL D 298 -23.90 33.78 83.90
CA VAL D 298 -23.32 32.48 84.23
C VAL D 298 -23.21 32.23 85.72
N ASP D 299 -23.44 33.25 86.55
CA ASP D 299 -23.52 33.08 88.01
C ASP D 299 -22.24 32.48 88.59
N ILE D 300 -21.15 33.23 88.44
CA ILE D 300 -19.89 32.94 89.15
C ILE D 300 -19.46 34.24 89.83
N GLU D 301 -19.88 34.42 91.08
CA GLU D 301 -19.46 35.56 91.86
C GLU D 301 -18.31 35.25 92.81
N SER D 302 -18.17 33.98 93.21
CA SER D 302 -17.05 33.60 94.06
C SER D 302 -15.71 33.81 93.39
N LEU D 303 -15.66 33.80 92.06
CA LEU D 303 -14.42 33.98 91.31
C LEU D 303 -14.25 35.39 90.77
N THR D 304 -15.34 36.08 90.45
CA THR D 304 -15.28 37.43 89.90
C THR D 304 -16.04 38.45 90.73
N GLY D 305 -17.21 38.10 91.24
CA GLY D 305 -18.06 39.04 91.93
C GLY D 305 -19.15 39.65 91.08
N TYR D 306 -19.21 39.32 89.80
CA TYR D 306 -20.23 39.82 88.90
C TYR D 306 -21.18 38.70 88.49
N ARG D 307 -22.43 39.06 88.22
CA ARG D 307 -23.46 38.09 87.88
C ARG D 307 -23.70 38.01 86.37
N THR D 308 -24.04 39.14 85.75
CA THR D 308 -24.41 39.19 84.35
C THR D 308 -23.35 39.95 83.56
N TYR D 309 -23.08 39.48 82.34
CA TYR D 309 -22.13 40.11 81.45
C TYR D 309 -22.79 40.34 80.10
N ARG D 310 -22.42 41.44 79.45
CA ARG D 310 -22.78 41.68 78.06
C ARG D 310 -21.52 41.47 77.23
N CYS D 311 -21.61 40.63 76.20
CA CYS D 311 -20.46 40.26 75.41
C CYS D 311 -20.75 40.50 73.94
N ALA D 312 -19.68 40.60 73.17
CA ALA D 312 -19.73 40.77 71.73
C ALA D 312 -19.07 39.57 71.06
N HIS D 313 -19.72 39.07 70.01
CA HIS D 313 -19.18 37.99 69.20
C HIS D 313 -18.63 38.59 67.92
N PRO D 314 -17.30 38.69 67.76
CA PRO D 314 -16.76 39.44 66.62
C PRO D 314 -17.11 38.85 65.27
N LEU D 315 -17.11 37.53 65.15
CA LEU D 315 -17.30 36.85 63.88
C LEU D 315 -18.76 36.57 63.57
N ALA D 316 -19.69 37.06 64.40
CA ALA D 316 -21.09 36.70 64.24
C ALA D 316 -21.63 37.15 62.89
N THR D 317 -21.31 38.38 62.48
CA THR D 317 -21.79 38.87 61.19
C THR D 317 -21.21 38.06 60.04
N LEU D 318 -19.93 37.71 60.12
CA LEU D 318 -19.33 36.90 59.07
C LEU D 318 -19.97 35.51 59.02
N PHE D 319 -20.27 34.92 60.17
CA PHE D 319 -20.93 33.63 60.16
C PHE D 319 -22.35 33.72 59.64
N LYS D 320 -23.04 34.83 59.92
CA LYS D 320 -24.36 35.03 59.35
C LYS D 320 -24.30 35.13 57.83
N ILE D 321 -23.31 35.86 57.32
CA ILE D 321 -23.13 35.97 55.87
C ILE D 321 -22.83 34.60 55.28
N LEU D 322 -21.94 33.84 55.93
CA LEU D 322 -21.61 32.51 55.45
C LEU D 322 -22.82 31.60 55.47
N ALA D 323 -23.66 31.70 56.51
CA ALA D 323 -24.85 30.87 56.58
C ALA D 323 -25.83 31.22 55.47
N SER D 324 -26.02 32.51 55.20
CA SER D 324 -26.91 32.89 54.10
C SER D 324 -26.37 32.40 52.77
N PHE D 325 -25.07 32.54 52.54
CA PHE D 325 -24.47 32.03 51.31
C PHE D 325 -24.61 30.52 51.20
N TYR D 326 -24.42 29.80 52.31
CA TYR D 326 -24.56 28.35 52.32
C TYR D 326 -26.00 27.94 52.02
N ILE D 327 -26.98 28.62 52.60
CA ILE D 327 -28.36 28.23 52.33
C ILE D 327 -28.74 28.58 50.90
N SER D 328 -28.17 29.64 50.32
CA SER D 328 -28.42 29.89 48.90
C SER D 328 -27.83 28.78 48.03
N LEU D 329 -26.61 28.34 48.33
CA LEU D 329 -26.02 27.23 47.59
C LEU D 329 -26.85 25.96 47.77
N VAL D 330 -27.34 25.72 48.99
CA VAL D 330 -28.14 24.53 49.26
C VAL D 330 -29.47 24.62 48.52
N ILE D 331 -30.02 25.82 48.40
CA ILE D 331 -31.26 26.00 47.64
C ILE D 331 -31.03 25.66 46.17
N PHE D 332 -29.90 26.11 45.62
CA PHE D 332 -29.59 25.71 44.23
C PHE D 332 -29.43 24.21 44.11
N TYR D 333 -28.73 23.59 45.07
CA TYR D 333 -28.55 22.15 45.06
C TYR D 333 -29.88 21.42 45.13
N GLY D 334 -30.79 21.90 45.98
CA GLY D 334 -32.11 21.30 46.09
C GLY D 334 -32.93 21.47 44.83
N LEU D 335 -32.82 22.63 44.18
CA LEU D 335 -33.51 22.82 42.91
C LEU D 335 -33.00 21.84 41.86
N ILE D 336 -31.68 21.65 41.79
CA ILE D 336 -31.11 20.72 40.81
C ILE D 336 -31.57 19.31 41.10
N CYS D 337 -31.56 18.92 42.38
CA CYS D 337 -31.99 17.56 42.73
C CYS D 337 -33.48 17.36 42.47
N MET D 338 -34.30 18.38 42.73
CA MET D 338 -35.72 18.28 42.41
C MET D 338 -35.94 18.15 40.91
N TYR D 339 -35.16 18.88 40.12
CA TYR D 339 -35.25 18.72 38.67
C TYR D 339 -34.87 17.32 38.24
N THR D 340 -33.81 16.77 38.84
CA THR D 340 -33.40 15.40 38.52
C THR D 340 -34.51 14.41 38.86
N LEU D 341 -35.11 14.55 40.04
CA LEU D 341 -36.19 13.64 40.44
C LEU D 341 -37.39 13.78 39.52
N TRP D 342 -37.76 15.01 39.18
CA TRP D 342 -38.89 15.25 38.29
C TRP D 342 -38.64 14.64 36.92
N TRP D 343 -37.44 14.82 36.38
CA TRP D 343 -37.12 14.27 35.07
C TRP D 343 -37.15 12.75 35.10
N MET D 344 -36.55 12.14 36.13
CA MET D 344 -36.52 10.68 36.17
C MET D 344 -37.91 10.10 36.36
N LEU D 345 -38.77 10.79 37.12
CA LEU D 345 -40.14 10.30 37.31
C LEU D 345 -40.98 10.50 36.06
N ARG D 346 -40.80 11.62 35.37
CA ARG D 346 -41.60 11.90 34.18
C ARG D 346 -41.20 10.99 33.02
N ARG D 347 -39.91 10.70 32.88
CA ARG D 347 -39.44 9.99 31.69
C ARG D 347 -39.99 8.58 31.62
N SER D 348 -40.07 7.89 32.75
CA SER D 348 -40.41 6.46 32.80
C SER D 348 -39.46 5.66 31.91
N LEU D 349 -38.19 5.70 32.30
CA LEU D 349 -37.08 5.25 31.45
C LEU D 349 -36.65 3.81 31.75
N LYS D 350 -37.59 2.94 32.10
CA LYS D 350 -37.27 1.53 32.24
C LYS D 350 -37.27 0.79 30.91
N LYS D 351 -37.75 1.43 29.84
CA LYS D 351 -37.68 0.87 28.50
C LYS D 351 -37.46 2.01 27.52
N TYR D 352 -36.37 1.94 26.76
CA TYR D 352 -36.00 3.04 25.87
C TYR D 352 -36.88 3.03 24.63
N SER D 353 -37.33 4.22 24.23
CA SER D 353 -38.29 4.33 23.13
C SER D 353 -37.71 3.79 21.83
N PHE D 354 -36.51 4.26 21.46
CA PHE D 354 -35.69 3.68 20.39
C PHE D 354 -36.35 3.75 19.01
N GLU D 355 -37.49 4.42 18.88
CA GLU D 355 -38.24 4.35 17.64
C GLU D 355 -37.79 5.39 16.61
N SER D 356 -37.41 6.59 17.03
CA SER D 356 -37.08 7.64 16.08
C SER D 356 -35.81 7.31 15.29
N ILE D 357 -34.78 6.79 15.98
CA ILE D 357 -33.52 6.50 15.31
C ILE D 357 -33.71 5.47 14.20
N ARG D 358 -34.36 4.35 14.52
CA ARG D 358 -34.53 3.31 13.52
C ARG D 358 -35.56 3.73 12.47
N GLU D 359 -36.58 4.49 12.87
CA GLU D 359 -37.56 4.96 11.90
C GLU D 359 -36.93 5.89 10.87
N GLU D 360 -35.94 6.67 11.29
CA GLU D 360 -35.20 7.48 10.32
C GLU D 360 -34.21 6.64 9.52
N SER D 361 -33.61 5.63 10.16
CA SER D 361 -32.58 4.82 9.52
C SER D 361 -33.10 3.55 8.87
N SER D 362 -34.37 3.20 9.09
CA SER D 362 -34.99 2.01 8.50
C SER D 362 -34.23 0.74 8.89
N TYR D 363 -33.89 0.65 10.18
CA TYR D 363 -33.25 -0.53 10.76
C TYR D 363 -34.23 -1.14 11.76
N SER D 364 -35.08 -2.04 11.27
CA SER D 364 -36.21 -2.54 12.05
C SER D 364 -35.81 -3.56 13.11
N ASP D 365 -34.57 -4.04 13.11
CA ASP D 365 -34.15 -5.00 14.13
C ASP D 365 -33.52 -4.31 15.34
N ILE D 366 -34.20 -3.32 15.88
CA ILE D 366 -33.70 -2.58 17.04
C ILE D 366 -34.79 -2.59 18.12
N PRO D 367 -34.86 -3.64 18.94
CA PRO D 367 -35.92 -3.72 19.94
C PRO D 367 -35.69 -2.75 21.09
N ASP D 368 -36.77 -2.43 21.79
CA ASP D 368 -36.67 -1.61 22.98
C ASP D 368 -36.13 -2.45 24.13
N VAL D 369 -35.07 -1.97 24.76
CA VAL D 369 -34.39 -2.75 25.80
C VAL D 369 -35.08 -2.52 27.12
N LYS D 370 -34.91 -3.46 28.04
CA LYS D 370 -35.60 -3.45 29.32
C LYS D 370 -34.83 -2.61 30.34
N ASN D 371 -35.21 -2.73 31.61
CA ASN D 371 -34.61 -1.97 32.68
C ASN D 371 -33.11 -2.28 32.81
N ASP D 372 -32.39 -1.36 33.46
CA ASP D 372 -30.95 -1.37 33.66
C ASP D 372 -30.18 -1.17 32.36
N PHE D 373 -30.86 -1.07 31.22
CA PHE D 373 -30.23 -0.74 29.96
C PHE D 373 -30.88 0.43 29.25
N ALA D 374 -32.15 0.74 29.54
CA ALA D 374 -32.73 2.00 29.09
C ALA D 374 -32.25 3.17 29.96
N PHE D 375 -31.99 2.91 31.23
CA PHE D 375 -31.45 3.96 32.11
C PHE D 375 -30.09 4.42 31.63
N MET D 376 -29.20 3.48 31.31
CA MET D 376 -27.89 3.84 30.79
C MET D 376 -28.00 4.54 29.43
N LEU D 377 -28.92 4.08 28.58
CA LEU D 377 -29.13 4.74 27.29
C LEU D 377 -29.59 6.18 27.49
N HIS D 378 -30.50 6.41 28.44
CA HIS D 378 -30.97 7.76 28.70
C HIS D 378 -29.85 8.63 29.26
N LEU D 379 -29.02 8.08 30.16
CA LEU D 379 -27.91 8.86 30.68
C LEU D 379 -26.94 9.27 29.57
N ILE D 380 -26.54 8.31 28.73
CA ILE D 380 -25.62 8.63 27.66
C ILE D 380 -26.26 9.58 26.65
N ASP D 381 -27.57 9.45 26.42
CA ASP D 381 -28.27 10.40 25.57
C ASP D 381 -28.24 11.80 26.15
N GLN D 382 -28.36 11.90 27.48
CA GLN D 382 -28.22 13.20 28.13
C GLN D 382 -26.83 13.77 27.92
N TYR D 383 -25.79 12.93 28.03
CA TYR D 383 -24.45 13.42 27.74
C TYR D 383 -24.31 13.82 26.28
N ASP D 384 -24.68 12.91 25.37
CA ASP D 384 -24.64 13.18 23.93
C ASP D 384 -25.55 12.20 23.21
N PRO D 385 -26.57 12.69 22.48
CA PRO D 385 -27.48 11.78 21.78
C PRO D 385 -26.80 10.88 20.76
N LEU D 386 -25.75 11.39 20.09
CA LEU D 386 -25.10 10.61 19.04
C LEU D 386 -24.63 9.25 19.53
N TYR D 387 -24.19 9.19 20.79
CA TYR D 387 -23.65 7.93 21.33
C TYR D 387 -24.70 6.83 21.35
N SER D 388 -25.99 7.17 21.29
CA SER D 388 -27.01 6.13 21.18
C SER D 388 -27.00 5.52 19.78
N LYS D 389 -26.91 6.36 18.74
CA LYS D 389 -26.90 5.87 17.37
C LYS D 389 -25.73 4.93 17.12
N ARG D 390 -24.54 5.31 17.58
CA ARG D 390 -23.36 4.46 17.38
C ARG D 390 -23.53 3.12 18.08
N PHE D 391 -24.48 3.01 19.00
CA PHE D 391 -24.77 1.72 19.61
C PHE D 391 -25.97 1.06 18.95
N ALA D 392 -26.91 1.85 18.43
CA ALA D 392 -28.13 1.30 17.87
C ALA D 392 -27.82 0.37 16.70
N VAL D 393 -26.95 0.79 15.78
CA VAL D 393 -26.58 -0.06 14.66
C VAL D 393 -25.86 -1.31 15.14
N PHE D 394 -25.23 -1.25 16.32
CA PHE D 394 -24.59 -2.44 16.87
C PHE D 394 -25.55 -3.34 17.61
N LEU D 395 -26.78 -2.89 17.83
CA LEU D 395 -27.81 -3.70 18.45
C LEU D 395 -28.81 -4.25 17.45
N SER D 396 -28.56 -4.12 16.15
CA SER D 396 -29.49 -4.57 15.14
C SER D 396 -29.06 -5.90 14.54
N GLU D 397 -30.05 -6.74 14.26
CA GLU D 397 -29.76 -8.04 13.63
C GLU D 397 -29.45 -7.89 12.15
N VAL D 398 -29.98 -6.86 11.49
CA VAL D 398 -29.64 -6.61 10.09
C VAL D 398 -28.15 -6.33 9.96
N SER D 399 -27.62 -5.49 10.85
CA SER D 399 -26.19 -5.20 10.83
C SER D 399 -25.37 -6.45 11.12
N GLU D 400 -25.84 -7.28 12.04
CA GLU D 400 -25.16 -8.54 12.32
C GLU D 400 -25.11 -9.42 11.07
N ASN D 401 -26.25 -9.52 10.37
CA ASN D 401 -26.29 -10.32 9.14
C ASN D 401 -25.33 -9.77 8.10
N LYS D 402 -25.31 -8.45 7.93
CA LYS D 402 -24.45 -7.86 6.92
C LYS D 402 -22.98 -8.05 7.25
N LEU D 403 -22.59 -7.83 8.51
CA LEU D 403 -21.19 -8.00 8.89
C LEU D 403 -20.77 -9.45 8.79
N ARG D 404 -21.64 -10.38 9.21
CA ARG D 404 -21.33 -11.79 9.07
C ARG D 404 -21.20 -12.19 7.61
N GLN D 405 -22.06 -11.65 6.75
CA GLN D 405 -21.96 -11.95 5.33
C GLN D 405 -20.67 -11.42 4.74
N LEU D 406 -20.25 -10.22 5.17
CA LEU D 406 -18.98 -9.67 4.68
C LEU D 406 -17.80 -10.51 5.13
N ASN D 407 -17.79 -10.91 6.41
CA ASN D 407 -16.70 -11.76 6.88
C ASN D 407 -16.75 -13.13 6.21
N LEU D 408 -17.94 -13.57 5.80
CA LEU D 408 -18.05 -14.80 5.01
C LEU D 408 -17.45 -14.62 3.62
N ASN D 409 -17.73 -13.48 2.98
CA ASN D 409 -17.14 -13.19 1.68
C ASN D 409 -15.63 -13.16 1.78
N ASN D 410 -15.10 -12.62 2.87
CA ASN D 410 -13.66 -12.63 3.10
C ASN D 410 -13.18 -13.95 3.67
N GLU D 411 -14.08 -14.89 3.98
CA GLU D 411 -13.71 -16.10 4.68
C GLU D 411 -13.27 -17.20 3.72
N TRP D 412 -14.14 -17.57 2.79
CA TRP D 412 -13.86 -18.67 1.87
C TRP D 412 -12.80 -18.22 0.88
N THR D 413 -11.61 -18.80 0.99
CA THR D 413 -10.54 -18.51 0.05
C THR D 413 -10.84 -19.15 -1.29
N LEU D 414 -10.42 -18.47 -2.36
CA LEU D 414 -10.60 -19.02 -3.70
C LEU D 414 -9.91 -20.37 -3.83
N ASP D 415 -8.76 -20.52 -3.19
CA ASP D 415 -8.07 -21.82 -3.19
C ASP D 415 -8.91 -22.87 -2.48
N LYS D 416 -9.54 -22.50 -1.36
CA LYS D 416 -10.43 -23.44 -0.67
C LYS D 416 -11.59 -23.85 -1.56
N LEU D 417 -12.14 -22.90 -2.33
CA LEU D 417 -13.22 -23.23 -3.24
C LEU D 417 -12.77 -24.17 -4.34
N ARG D 418 -11.59 -23.91 -4.92
CA ARG D 418 -11.09 -24.76 -5.99
C ARG D 418 -10.78 -26.16 -5.46
N GLN D 419 -10.30 -26.25 -4.22
CA GLN D 419 -10.17 -27.57 -3.60
C GLN D 419 -11.53 -28.21 -3.38
N ARG D 420 -12.54 -27.41 -3.05
CA ARG D 420 -13.88 -27.92 -2.81
C ARG D 420 -14.63 -28.20 -4.10
N LEU D 421 -14.11 -27.75 -5.24
CA LEU D 421 -14.70 -28.12 -6.52
C LEU D 421 -14.60 -29.62 -6.74
N THR D 422 -15.70 -30.23 -7.18
CA THR D 422 -15.78 -31.66 -7.41
C THR D 422 -16.21 -31.91 -8.85
N LYS D 423 -16.25 -33.19 -9.22
CA LYS D 423 -16.72 -33.62 -10.53
C LYS D 423 -17.93 -34.52 -10.33
N ASN D 424 -19.00 -34.24 -11.07
CA ASN D 424 -20.23 -35.00 -10.96
C ASN D 424 -20.24 -36.13 -11.98
N ALA D 425 -21.31 -36.93 -11.95
CA ALA D 425 -21.45 -38.04 -12.89
C ALA D 425 -21.55 -37.56 -14.33
N GLN D 426 -21.97 -36.33 -14.57
CA GLN D 426 -22.16 -35.78 -15.91
C GLN D 426 -20.96 -34.96 -16.38
N ASP D 427 -19.80 -35.11 -15.74
CA ASP D 427 -18.58 -34.39 -16.12
C ASP D 427 -18.79 -32.88 -16.08
N LYS D 428 -19.27 -32.40 -14.93
CA LYS D 428 -19.46 -30.97 -14.70
C LYS D 428 -18.85 -30.59 -13.36
N LEU D 429 -18.41 -29.35 -13.27
CA LEU D 429 -17.82 -28.86 -12.02
C LEU D 429 -18.93 -28.51 -11.04
N GLU D 430 -18.79 -28.98 -9.80
CA GLU D 430 -19.84 -28.90 -8.80
C GLU D 430 -19.34 -28.18 -7.57
N LEU D 431 -20.17 -27.29 -7.03
CA LEU D 431 -19.91 -26.62 -5.76
C LEU D 431 -21.16 -26.77 -4.90
N HIS D 432 -21.09 -27.65 -3.90
CA HIS D 432 -22.24 -27.99 -3.07
C HIS D 432 -22.13 -27.22 -1.76
N LEU D 433 -22.94 -26.17 -1.62
CA LEU D 433 -22.97 -25.34 -0.42
C LEU D 433 -24.07 -25.87 0.50
N PHE D 434 -23.68 -26.62 1.52
CA PHE D 434 -24.63 -27.28 2.41
C PHE D 434 -24.59 -26.60 3.77
N MET D 435 -25.72 -26.00 4.15
CA MET D 435 -25.91 -25.40 5.47
C MET D 435 -24.83 -24.36 5.79
N LEU D 436 -24.81 -23.30 4.99
CA LEU D 436 -23.94 -22.15 5.24
C LEU D 436 -24.77 -20.95 5.62
N SER D 437 -24.08 -19.91 6.11
CA SER D 437 -24.76 -18.67 6.50
C SER D 437 -25.41 -17.99 5.31
N GLY D 438 -24.72 -17.99 4.17
CA GLY D 438 -25.24 -17.37 2.96
C GLY D 438 -24.31 -17.66 1.81
N ILE D 439 -24.71 -17.17 0.64
CA ILE D 439 -23.91 -17.37 -0.57
C ILE D 439 -22.63 -16.54 -0.47
N PRO D 440 -21.46 -17.17 -0.48
CA PRO D 440 -20.22 -16.37 -0.51
C PRO D 440 -19.95 -15.86 -1.91
N ASP D 441 -19.73 -14.57 -2.02
CA ASP D 441 -19.48 -13.96 -3.32
C ASP D 441 -18.08 -14.24 -3.85
N THR D 442 -17.23 -14.90 -3.06
CA THR D 442 -15.96 -15.38 -3.56
C THR D 442 -16.12 -16.56 -4.52
N VAL D 443 -17.25 -17.28 -4.44
CA VAL D 443 -17.48 -18.41 -5.34
C VAL D 443 -17.88 -17.98 -6.72
N PHE D 444 -18.17 -16.70 -6.93
CA PHE D 444 -18.51 -16.18 -8.25
C PHE D 444 -17.29 -15.75 -9.03
N ASP D 445 -16.09 -16.10 -8.56
CA ASP D 445 -14.86 -15.80 -9.28
C ASP D 445 -14.31 -17.01 -10.02
N LEU D 446 -14.83 -18.21 -9.76
CA LEU D 446 -14.38 -19.43 -10.43
C LEU D 446 -15.24 -19.60 -11.67
N VAL D 447 -14.75 -19.06 -12.79
CA VAL D 447 -15.55 -19.00 -14.02
C VAL D 447 -15.85 -20.38 -14.59
N GLU D 448 -15.16 -21.42 -14.14
CA GLU D 448 -15.35 -22.75 -14.68
C GLU D 448 -16.50 -23.51 -14.02
N LEU D 449 -17.20 -22.90 -13.06
CA LEU D 449 -18.30 -23.59 -12.40
C LEU D 449 -19.41 -23.92 -13.39
N GLU D 450 -19.99 -25.11 -13.24
CA GLU D 450 -21.03 -25.59 -14.14
C GLU D 450 -22.36 -25.84 -13.43
N VAL D 451 -22.34 -26.52 -12.30
CA VAL D 451 -23.55 -26.85 -11.54
C VAL D 451 -23.42 -26.24 -10.15
N LEU D 452 -24.47 -25.56 -9.71
CA LEU D 452 -24.49 -24.88 -8.42
C LEU D 452 -25.55 -25.52 -7.54
N LYS D 453 -25.12 -26.10 -6.42
CA LYS D 453 -26.01 -26.75 -5.47
C LYS D 453 -25.96 -25.99 -4.15
N LEU D 454 -27.13 -25.54 -3.68
CA LEU D 454 -27.25 -24.78 -2.45
C LEU D 454 -28.27 -25.48 -1.55
N GLU D 455 -27.78 -26.14 -0.50
CA GLU D 455 -28.64 -26.89 0.41
C GLU D 455 -28.75 -26.17 1.74
N LEU D 456 -29.97 -25.81 2.12
CA LEU D 456 -30.30 -25.27 3.43
C LEU D 456 -29.51 -24.00 3.74
N ILE D 457 -29.76 -22.97 2.93
CA ILE D 457 -29.31 -21.62 3.20
C ILE D 457 -30.55 -20.75 3.28
N PRO D 458 -30.81 -20.06 4.40
CA PRO D 458 -32.11 -19.41 4.58
C PRO D 458 -32.27 -18.18 3.71
N ASP D 459 -33.30 -18.20 2.87
CA ASP D 459 -33.81 -17.06 2.10
C ASP D 459 -32.68 -16.20 1.52
N VAL D 460 -31.85 -16.85 0.69
CA VAL D 460 -30.76 -16.14 0.03
C VAL D 460 -31.29 -15.40 -1.20
N THR D 461 -30.50 -14.43 -1.65
CA THR D 461 -30.83 -13.66 -2.84
C THR D 461 -29.63 -13.64 -3.76
N ILE D 462 -29.85 -13.91 -5.04
CA ILE D 462 -28.77 -13.96 -6.02
C ILE D 462 -28.30 -12.55 -6.34
N PRO D 463 -27.03 -12.23 -6.13
CA PRO D 463 -26.51 -10.91 -6.50
C PRO D 463 -26.21 -10.85 -7.99
N PRO D 464 -26.07 -9.64 -8.54
CA PRO D 464 -25.76 -9.53 -9.98
C PRO D 464 -24.45 -10.18 -10.38
N SER D 465 -23.47 -10.26 -9.47
CA SER D 465 -22.16 -10.82 -9.76
C SER D 465 -22.21 -12.22 -10.36
N ILE D 466 -23.35 -12.92 -10.27
CA ILE D 466 -23.50 -14.22 -10.90
C ILE D 466 -23.27 -14.15 -12.40
N ALA D 467 -23.32 -12.95 -13.00
CA ALA D 467 -23.03 -12.81 -14.41
C ALA D 467 -21.59 -13.19 -14.75
N GLN D 468 -20.71 -13.26 -13.75
CA GLN D 468 -19.34 -13.68 -14.01
C GLN D 468 -19.20 -15.17 -14.25
N LEU D 469 -20.20 -15.96 -13.83
CA LEU D 469 -20.17 -17.42 -14.02
C LEU D 469 -20.68 -17.74 -15.42
N THR D 470 -19.77 -17.65 -16.40
CA THR D 470 -20.14 -17.92 -17.78
C THR D 470 -20.54 -19.37 -17.98
N GLY D 471 -19.83 -20.29 -17.32
CA GLY D 471 -20.07 -21.71 -17.51
C GLY D 471 -21.22 -22.30 -16.73
N LEU D 472 -21.95 -21.50 -15.97
CA LEU D 472 -23.06 -22.03 -15.17
C LEU D 472 -24.18 -22.51 -16.08
N LYS D 473 -24.65 -23.73 -15.85
CA LYS D 473 -25.71 -24.32 -16.66
C LYS D 473 -26.87 -24.84 -15.83
N GLU D 474 -26.60 -25.37 -14.64
CA GLU D 474 -27.63 -25.96 -13.78
C GLU D 474 -27.61 -25.29 -12.42
N LEU D 475 -28.80 -25.05 -11.87
CA LEU D 475 -28.97 -24.47 -10.55
C LEU D 475 -29.77 -25.43 -9.68
N TRP D 476 -29.23 -25.79 -8.52
CA TRP D 476 -29.89 -26.68 -7.58
C TRP D 476 -30.24 -25.91 -6.32
N LEU D 477 -31.53 -25.91 -5.97
CA LEU D 477 -32.02 -25.25 -4.75
C LEU D 477 -32.64 -26.30 -3.85
N TYR D 478 -32.15 -26.37 -2.61
CA TYR D 478 -32.63 -27.32 -1.61
C TYR D 478 -33.20 -26.54 -0.44
N HIS D 479 -34.52 -26.39 -0.41
CA HIS D 479 -35.24 -25.75 0.69
C HIS D 479 -34.71 -24.34 0.95
N THR D 480 -34.52 -23.58 -0.13
CA THR D 480 -34.05 -22.21 -0.05
C THR D 480 -35.06 -21.32 -0.76
N ALA D 481 -35.70 -20.42 0.00
CA ALA D 481 -36.62 -19.44 -0.57
C ALA D 481 -35.79 -18.35 -1.22
N ALA D 482 -35.23 -18.68 -2.37
CA ALA D 482 -34.25 -17.82 -3.02
C ALA D 482 -34.92 -16.66 -3.75
N LYS D 483 -34.31 -15.49 -3.63
CA LYS D 483 -34.69 -14.31 -4.40
C LYS D 483 -33.59 -13.97 -5.39
N ILE D 484 -33.80 -12.89 -6.14
CA ILE D 484 -32.89 -12.50 -7.20
C ILE D 484 -33.00 -11.00 -7.44
N GLU D 485 -31.98 -10.45 -8.10
CA GLU D 485 -31.95 -9.05 -8.47
C GLU D 485 -32.11 -8.91 -9.98
N ALA D 486 -32.38 -7.68 -10.41
CA ALA D 486 -32.64 -7.44 -11.83
C ALA D 486 -31.48 -7.83 -12.74
N PRO D 487 -30.22 -7.47 -12.46
CA PRO D 487 -29.14 -7.93 -13.36
C PRO D 487 -28.88 -9.42 -13.27
N ALA D 488 -28.97 -10.00 -12.07
CA ALA D 488 -28.81 -11.44 -11.94
C ALA D 488 -29.92 -12.18 -12.69
N LEU D 489 -31.16 -11.68 -12.59
CA LEU D 489 -32.24 -12.28 -13.37
C LEU D 489 -32.02 -12.10 -14.87
N ALA D 490 -31.48 -10.95 -15.28
CA ALA D 490 -31.17 -10.74 -16.68
C ALA D 490 -30.16 -11.79 -17.17
N PHE D 491 -29.12 -12.03 -16.38
CA PHE D 491 -28.11 -13.02 -16.76
C PHE D 491 -28.69 -14.42 -16.81
N LEU D 492 -29.44 -14.81 -15.77
CA LEU D 492 -30.02 -16.15 -15.74
C LEU D 492 -31.13 -16.34 -16.76
N ARG D 493 -31.67 -15.24 -17.29
CA ARG D 493 -32.61 -15.33 -18.41
C ARG D 493 -31.94 -15.78 -19.68
N GLU D 494 -30.60 -15.79 -19.73
CA GLU D 494 -29.87 -16.14 -20.93
C GLU D 494 -28.81 -17.21 -20.71
N ASN D 495 -28.50 -17.57 -19.46
CA ASN D 495 -27.45 -18.53 -19.21
C ASN D 495 -27.83 -19.69 -18.29
N LEU D 496 -29.11 -19.97 -18.09
CA LEU D 496 -29.54 -21.08 -17.26
C LEU D 496 -30.23 -22.14 -18.10
N ARG D 497 -29.81 -23.39 -17.95
CA ARG D 497 -30.37 -24.52 -18.67
C ARG D 497 -31.20 -25.45 -17.80
N ALA D 498 -30.76 -25.72 -16.58
CA ALA D 498 -31.43 -26.65 -15.69
C ALA D 498 -31.68 -26.01 -14.34
N LEU D 499 -32.80 -26.37 -13.73
CA LEU D 499 -33.19 -25.86 -12.42
C LEU D 499 -33.77 -27.00 -11.60
N HIS D 500 -33.19 -27.24 -10.42
CA HIS D 500 -33.66 -28.28 -9.51
C HIS D 500 -34.18 -27.63 -8.24
N ILE D 501 -35.41 -27.96 -7.87
CA ILE D 501 -36.07 -27.40 -6.70
C ILE D 501 -36.50 -28.54 -5.79
N LYS D 502 -36.06 -28.49 -4.53
CA LYS D 502 -36.53 -29.38 -3.49
C LYS D 502 -37.09 -28.52 -2.37
N PHE D 503 -38.41 -28.50 -2.24
CA PHE D 503 -39.09 -27.59 -1.32
C PHE D 503 -40.03 -28.38 -0.43
N THR D 504 -39.92 -28.14 0.88
CA THR D 504 -40.90 -28.66 1.84
C THR D 504 -42.15 -27.80 1.90
N ASP D 505 -42.06 -26.53 1.53
CA ASP D 505 -43.18 -25.61 1.55
C ASP D 505 -43.30 -24.91 0.21
N ILE D 506 -44.53 -24.54 -0.13
CA ILE D 506 -44.79 -23.88 -1.43
C ILE D 506 -44.08 -22.54 -1.50
N LYS D 507 -43.99 -21.83 -0.38
CA LYS D 507 -43.38 -20.51 -0.36
C LYS D 507 -41.90 -20.56 -0.73
N GLU D 508 -41.23 -21.69 -0.53
CA GLU D 508 -39.81 -21.80 -0.83
C GLU D 508 -39.53 -21.71 -2.32
N ILE D 509 -40.52 -21.98 -3.17
CA ILE D 509 -40.34 -21.88 -4.61
C ILE D 509 -40.23 -20.41 -5.01
N PRO D 510 -39.13 -20.00 -5.63
CA PRO D 510 -39.06 -18.64 -6.15
C PRO D 510 -40.12 -18.42 -7.23
N LEU D 511 -40.70 -17.22 -7.24
CA LEU D 511 -41.69 -16.88 -8.24
C LEU D 511 -41.09 -16.22 -9.47
N TRP D 512 -39.79 -15.91 -9.45
CA TRP D 512 -39.10 -15.34 -10.60
C TRP D 512 -38.59 -16.41 -11.55
N ILE D 513 -38.78 -17.69 -11.23
CA ILE D 513 -38.29 -18.76 -12.09
C ILE D 513 -39.02 -18.77 -13.42
N TYR D 514 -40.31 -18.44 -13.43
CA TYR D 514 -41.13 -18.54 -14.63
C TYR D 514 -40.76 -17.52 -15.69
N SER D 515 -39.91 -16.55 -15.38
CA SER D 515 -39.43 -15.59 -16.36
C SER D 515 -38.13 -16.03 -17.03
N LEU D 516 -37.64 -17.24 -16.73
CA LEU D 516 -36.41 -17.74 -17.33
C LEU D 516 -36.74 -18.38 -18.66
N LYS D 517 -36.46 -17.67 -19.76
CA LYS D 517 -36.87 -18.11 -21.08
C LYS D 517 -35.93 -19.13 -21.71
N THR D 518 -34.82 -19.47 -21.06
CA THR D 518 -33.89 -20.46 -21.58
C THR D 518 -33.83 -21.73 -20.73
N LEU D 519 -34.73 -21.88 -19.77
CA LEU D 519 -34.70 -23.05 -18.90
C LEU D 519 -35.21 -24.28 -19.63
N GLU D 520 -34.35 -25.30 -19.75
CA GLU D 520 -34.70 -26.53 -20.45
C GLU D 520 -35.10 -27.65 -19.51
N GLU D 521 -34.38 -27.83 -18.41
CA GLU D 521 -34.62 -28.92 -17.46
C GLU D 521 -35.11 -28.33 -16.15
N LEU D 522 -36.24 -28.83 -15.66
CA LEU D 522 -36.79 -28.41 -14.37
C LEU D 522 -37.15 -29.63 -13.54
N HIS D 523 -36.72 -29.63 -12.29
CA HIS D 523 -37.04 -30.69 -11.34
C HIS D 523 -37.74 -30.06 -10.14
N LEU D 524 -38.80 -30.71 -9.67
CA LEU D 524 -39.54 -30.29 -8.50
C LEU D 524 -39.65 -31.45 -7.53
N THR D 525 -39.14 -31.28 -6.31
CA THR D 525 -39.17 -32.31 -5.29
C THR D 525 -39.84 -31.76 -4.05
N GLY D 526 -40.72 -32.55 -3.45
CA GLY D 526 -41.47 -32.11 -2.28
C GLY D 526 -42.95 -32.05 -2.56
N ASN D 527 -43.76 -32.29 -1.53
CA ASN D 527 -45.21 -32.33 -1.69
C ASN D 527 -45.74 -30.96 -2.06
N LEU D 528 -46.15 -30.80 -3.31
CA LEU D 528 -46.89 -29.62 -3.76
C LEU D 528 -48.39 -29.81 -3.66
N SER D 529 -48.84 -30.92 -3.09
CA SER D 529 -50.26 -31.24 -3.04
C SER D 529 -51.04 -30.16 -2.30
N ALA D 530 -52.20 -29.82 -2.85
CA ALA D 530 -53.05 -28.78 -2.29
C ALA D 530 -54.50 -29.18 -2.48
N GLU D 531 -55.39 -28.49 -1.76
CA GLU D 531 -56.83 -28.71 -1.87
C GLU D 531 -57.50 -27.45 -2.40
N ASN D 532 -58.28 -27.61 -3.46
CA ASN D 532 -59.02 -26.56 -4.16
C ASN D 532 -58.11 -25.55 -4.84
N ASN D 533 -56.79 -25.71 -4.74
CA ASN D 533 -55.84 -24.91 -5.53
C ASN D 533 -54.68 -25.77 -5.99
N ARG D 534 -54.89 -27.08 -6.09
CA ARG D 534 -53.83 -28.00 -6.50
C ARG D 534 -53.43 -27.75 -7.94
N TYR D 535 -52.13 -27.83 -8.20
CA TYR D 535 -51.58 -27.64 -9.55
C TYR D 535 -51.96 -26.29 -10.13
N ILE D 536 -51.98 -25.27 -9.27
CA ILE D 536 -52.34 -23.91 -9.69
C ILE D 536 -51.16 -22.99 -9.44
N VAL D 537 -50.34 -23.32 -8.44
CA VAL D 537 -49.19 -22.49 -8.12
C VAL D 537 -48.10 -22.64 -9.18
N ILE D 538 -48.12 -23.74 -9.92
CA ILE D 538 -47.13 -24.00 -10.95
C ILE D 538 -47.67 -23.69 -12.35
N ASP D 539 -48.74 -22.88 -12.44
CA ASP D 539 -49.31 -22.53 -13.74
C ASP D 539 -48.38 -21.66 -14.58
N GLY D 540 -47.31 -21.14 -14.00
CA GLY D 540 -46.30 -20.42 -14.78
C GLY D 540 -45.45 -21.28 -15.67
N LEU D 541 -45.58 -22.62 -15.57
CA LEU D 541 -44.82 -23.51 -16.43
C LEU D 541 -45.14 -23.30 -17.90
N ARG D 542 -46.31 -22.77 -18.23
CA ARG D 542 -46.63 -22.48 -19.61
C ARG D 542 -45.75 -21.38 -20.19
N GLU D 543 -45.09 -20.59 -19.34
CA GLU D 543 -44.25 -19.50 -19.83
C GLU D 543 -42.88 -19.99 -20.29
N LEU D 544 -42.41 -21.13 -19.76
CA LEU D 544 -41.10 -21.66 -20.13
C LEU D 544 -41.24 -22.43 -21.44
N LYS D 545 -41.17 -21.68 -22.53
CA LYS D 545 -41.40 -22.28 -23.85
C LYS D 545 -40.30 -23.27 -24.22
N ARG D 546 -39.06 -23.01 -23.80
CA ARG D 546 -37.94 -23.88 -24.09
C ARG D 546 -37.70 -24.94 -23.02
N LEU D 547 -38.74 -25.33 -22.29
CA LEU D 547 -38.61 -26.36 -21.27
C LEU D 547 -38.72 -27.73 -21.91
N LYS D 548 -37.77 -28.62 -21.58
CA LYS D 548 -37.73 -29.95 -22.17
C LYS D 548 -37.93 -31.05 -21.13
N VAL D 549 -37.15 -31.05 -20.05
CA VAL D 549 -37.19 -32.11 -19.05
C VAL D 549 -38.06 -31.65 -17.89
N LEU D 550 -38.72 -32.62 -17.24
CA LEU D 550 -39.54 -32.33 -16.06
C LEU D 550 -39.60 -33.58 -15.18
N ARG D 551 -39.20 -33.43 -13.92
CA ARG D 551 -39.26 -34.51 -12.94
C ARG D 551 -40.00 -34.03 -11.71
N LEU D 552 -41.00 -34.79 -11.28
CA LEU D 552 -41.86 -34.41 -10.17
C LEU D 552 -41.88 -35.52 -9.13
N LYS D 553 -41.62 -35.15 -7.87
CA LYS D 553 -41.61 -36.10 -6.75
C LYS D 553 -42.46 -35.49 -5.62
N SER D 554 -43.78 -35.69 -5.70
CA SER D 554 -44.68 -34.99 -4.80
C SER D 554 -45.85 -35.82 -4.30
N ASN D 555 -45.87 -37.13 -4.54
CA ASN D 555 -46.96 -38.01 -4.07
C ASN D 555 -48.31 -37.57 -4.61
N LEU D 556 -48.37 -37.26 -5.90
CA LEU D 556 -49.57 -36.72 -6.51
C LEU D 556 -50.52 -37.83 -6.95
N SER D 557 -51.77 -37.44 -7.21
CA SER D 557 -52.80 -38.36 -7.66
C SER D 557 -53.41 -37.98 -9.00
N LYS D 558 -53.19 -36.75 -9.48
CA LYS D 558 -53.76 -36.30 -10.74
C LYS D 558 -52.71 -35.51 -11.49
N LEU D 559 -52.75 -35.63 -12.82
CA LEU D 559 -51.81 -34.89 -13.65
C LEU D 559 -52.19 -33.41 -13.66
N PRO D 560 -51.25 -32.51 -13.37
CA PRO D 560 -51.56 -31.08 -13.41
C PRO D 560 -52.03 -30.65 -14.80
N GLN D 561 -53.02 -29.76 -14.83
CA GLN D 561 -53.51 -29.24 -16.11
C GLN D 561 -52.43 -28.41 -16.80
N VAL D 562 -51.66 -27.62 -16.04
CA VAL D 562 -50.60 -26.82 -16.62
C VAL D 562 -49.55 -27.73 -17.28
N VAL D 563 -49.16 -28.81 -16.60
CA VAL D 563 -48.22 -29.75 -17.18
C VAL D 563 -48.85 -30.46 -18.38
N THR D 564 -50.14 -30.77 -18.29
CA THR D 564 -50.82 -31.40 -19.42
C THR D 564 -50.76 -30.53 -20.66
N ASP D 565 -50.94 -29.22 -20.50
CA ASP D 565 -50.88 -28.31 -21.65
C ASP D 565 -49.45 -28.10 -22.12
N VAL D 566 -48.50 -27.97 -21.18
CA VAL D 566 -47.13 -27.65 -21.54
C VAL D 566 -46.35 -28.85 -22.05
N GLY D 567 -46.87 -30.07 -21.90
CA GLY D 567 -46.14 -31.24 -22.35
C GLY D 567 -46.05 -31.40 -23.85
N VAL D 568 -46.73 -30.56 -24.61
CA VAL D 568 -46.71 -30.68 -26.07
C VAL D 568 -45.30 -30.54 -26.63
N HIS D 569 -44.40 -29.87 -25.90
CA HIS D 569 -43.02 -29.72 -26.35
C HIS D 569 -42.01 -30.38 -25.42
N LEU D 570 -42.46 -31.01 -24.34
CA LEU D 570 -41.54 -31.69 -23.43
C LEU D 570 -41.01 -32.97 -24.07
N GLN D 571 -39.72 -33.23 -23.86
CA GLN D 571 -39.11 -34.44 -24.37
C GLN D 571 -38.99 -35.54 -23.33
N LYS D 572 -39.10 -35.21 -22.05
CA LYS D 572 -39.03 -36.20 -20.99
C LYS D 572 -39.85 -35.72 -19.81
N LEU D 573 -40.74 -36.59 -19.32
CA LEU D 573 -41.57 -36.29 -18.16
C LEU D 573 -41.40 -37.41 -17.15
N SER D 574 -41.02 -37.04 -15.92
CA SER D 574 -40.78 -38.00 -14.85
C SER D 574 -41.66 -37.67 -13.67
N ILE D 575 -42.26 -38.70 -13.07
CA ILE D 575 -43.10 -38.54 -11.88
C ILE D 575 -42.74 -39.66 -10.91
N ASN D 576 -42.52 -39.29 -9.64
CA ASN D 576 -42.22 -40.25 -8.57
C ASN D 576 -43.23 -40.00 -7.46
N ASN D 577 -44.40 -40.64 -7.56
CA ASN D 577 -45.44 -40.50 -6.54
C ASN D 577 -45.04 -41.16 -5.23
N GLU D 578 -44.04 -42.04 -5.25
CA GLU D 578 -43.53 -42.76 -4.08
C GLU D 578 -44.67 -43.20 -3.14
N GLY D 579 -45.68 -43.83 -3.75
CA GLY D 579 -46.75 -44.44 -2.96
C GLY D 579 -48.15 -44.08 -3.40
N THR D 580 -48.38 -42.84 -3.82
CA THR D 580 -49.72 -42.41 -4.18
C THR D 580 -50.15 -43.01 -5.51
N LYS D 581 -51.40 -43.46 -5.57
CA LYS D 581 -51.95 -44.02 -6.81
C LYS D 581 -52.30 -42.89 -7.77
N LEU D 582 -51.69 -42.92 -8.96
CA LEU D 582 -51.85 -41.88 -9.95
C LEU D 582 -52.83 -42.33 -11.04
N ILE D 583 -53.60 -41.37 -11.55
CA ILE D 583 -54.52 -41.60 -12.66
C ILE D 583 -54.10 -40.68 -13.80
N VAL D 584 -53.83 -41.26 -14.97
CA VAL D 584 -53.46 -40.46 -16.13
C VAL D 584 -54.65 -39.69 -16.67
N LEU D 585 -55.86 -40.19 -16.45
CA LEU D 585 -57.12 -39.58 -16.87
C LEU D 585 -57.06 -39.11 -18.33
N ASN D 586 -56.39 -39.91 -19.16
CA ASN D 586 -56.29 -39.66 -20.61
C ASN D 586 -55.69 -38.29 -20.90
N SER D 587 -54.91 -37.78 -19.95
CA SER D 587 -54.26 -36.47 -20.10
C SER D 587 -52.80 -36.58 -20.52
N LEU D 588 -52.35 -37.78 -20.91
CA LEU D 588 -50.94 -37.99 -21.24
C LEU D 588 -50.67 -38.03 -22.73
N LYS D 589 -51.68 -38.27 -23.55
CA LYS D 589 -51.47 -38.52 -24.98
C LYS D 589 -51.42 -37.24 -25.81
N LYS D 590 -51.51 -36.08 -25.17
CA LYS D 590 -51.32 -34.82 -25.87
C LYS D 590 -49.85 -34.43 -26.01
N MET D 591 -48.97 -35.14 -25.31
CA MET D 591 -47.53 -34.84 -25.33
C MET D 591 -46.82 -35.75 -26.33
N VAL D 592 -47.15 -35.52 -27.61
CA VAL D 592 -46.67 -36.40 -28.67
C VAL D 592 -45.15 -36.34 -28.84
N ASN D 593 -44.52 -35.24 -28.44
CA ASN D 593 -43.09 -35.07 -28.61
C ASN D 593 -42.28 -35.81 -27.56
N LEU D 594 -42.94 -36.42 -26.57
CA LEU D 594 -42.22 -37.11 -25.49
C LEU D 594 -41.41 -38.27 -26.05
N THR D 595 -40.23 -38.47 -25.46
CA THR D 595 -39.38 -39.60 -25.80
C THR D 595 -39.10 -40.53 -24.62
N GLU D 596 -39.06 -40.00 -23.40
CA GLU D 596 -38.80 -40.80 -22.21
C GLU D 596 -39.90 -40.52 -21.19
N LEU D 597 -40.29 -41.57 -20.46
CA LEU D 597 -41.35 -41.47 -19.46
C LEU D 597 -41.02 -42.41 -18.32
N GLU D 598 -40.69 -41.85 -17.16
CA GLU D 598 -40.38 -42.62 -15.96
C GLU D 598 -41.43 -42.34 -14.89
N LEU D 599 -42.10 -43.39 -14.43
CA LEU D 599 -43.16 -43.30 -13.42
C LEU D 599 -42.84 -44.31 -12.33
N ILE D 600 -42.07 -43.88 -11.33
CA ILE D 600 -41.54 -44.76 -10.29
C ILE D 600 -42.44 -44.68 -9.07
N ARG D 601 -42.85 -45.84 -8.55
CA ARG D 601 -43.64 -45.95 -7.33
C ARG D 601 -44.93 -45.14 -7.42
N CYS D 602 -45.58 -45.18 -8.58
CA CYS D 602 -46.87 -44.53 -8.77
C CYS D 602 -48.04 -45.43 -8.41
N ASP D 603 -47.78 -46.67 -8.01
CA ASP D 603 -48.83 -47.62 -7.65
C ASP D 603 -49.88 -47.76 -8.75
N LEU D 604 -49.39 -47.86 -9.98
CA LEU D 604 -50.29 -47.93 -11.14
C LEU D 604 -51.14 -49.19 -11.11
N GLU D 605 -50.53 -50.33 -10.77
CA GLU D 605 -51.16 -51.65 -10.73
C GLU D 605 -51.59 -52.13 -12.12
N ARG D 606 -51.38 -51.33 -13.15
CA ARG D 606 -51.87 -51.59 -14.50
C ARG D 606 -51.26 -50.55 -15.44
N ILE D 607 -50.98 -50.97 -16.67
CA ILE D 607 -50.47 -50.04 -17.67
C ILE D 607 -51.65 -49.37 -18.37
N PRO D 608 -51.84 -48.07 -18.20
CA PRO D 608 -52.93 -47.39 -18.92
C PRO D 608 -52.70 -47.39 -20.42
N HIS D 609 -53.81 -47.39 -21.16
CA HIS D 609 -53.74 -47.49 -22.61
C HIS D 609 -53.10 -46.27 -23.26
N SER D 610 -53.36 -45.08 -22.71
CA SER D 610 -52.96 -43.84 -23.38
C SER D 610 -51.45 -43.76 -23.60
N ILE D 611 -50.66 -44.50 -22.81
CA ILE D 611 -49.21 -44.49 -23.00
C ILE D 611 -48.86 -44.90 -24.42
N PHE D 612 -49.57 -45.91 -24.95
CA PHE D 612 -49.28 -46.36 -26.31
C PHE D 612 -49.56 -45.28 -27.34
N SER D 613 -50.45 -44.34 -27.03
CA SER D 613 -50.72 -43.25 -27.96
C SER D 613 -49.53 -42.33 -28.15
N LEU D 614 -48.54 -42.39 -27.27
CA LEU D 614 -47.29 -41.65 -27.45
C LEU D 614 -46.45 -42.39 -28.49
N HIS D 615 -46.55 -41.95 -29.74
CA HIS D 615 -45.89 -42.65 -30.83
C HIS D 615 -44.39 -42.36 -30.91
N ASN D 616 -43.89 -41.38 -30.17
CA ASN D 616 -42.48 -41.02 -30.19
C ASN D 616 -41.73 -41.51 -28.96
N LEU D 617 -42.38 -42.28 -28.09
CA LEU D 617 -41.72 -42.78 -26.90
C LEU D 617 -40.66 -43.81 -27.26
N GLN D 618 -39.55 -43.77 -26.53
CA GLN D 618 -38.43 -44.69 -26.76
C GLN D 618 -38.12 -45.57 -25.56
N GLU D 619 -38.25 -45.05 -24.35
CA GLU D 619 -38.04 -45.83 -23.14
C GLU D 619 -39.23 -45.63 -22.20
N ILE D 620 -39.37 -46.55 -21.25
CA ILE D 620 -40.43 -46.47 -20.26
C ILE D 620 -40.03 -47.32 -19.06
N ASP D 621 -40.16 -46.76 -17.86
CA ASP D 621 -39.89 -47.46 -16.63
C ASP D 621 -41.12 -47.37 -15.73
N LEU D 622 -41.52 -48.51 -15.17
CA LEU D 622 -42.71 -48.63 -14.32
C LEU D 622 -42.36 -49.36 -13.04
N LYS D 623 -41.26 -48.95 -12.42
CA LYS D 623 -40.74 -49.63 -11.25
C LYS D 623 -41.66 -49.47 -10.05
N ASP D 624 -41.81 -50.57 -9.29
CA ASP D 624 -42.51 -50.56 -8.00
C ASP D 624 -43.95 -50.05 -8.13
N ASN D 625 -44.64 -50.48 -9.17
CA ASN D 625 -46.05 -50.18 -9.34
C ASN D 625 -46.95 -51.36 -9.01
N ASN D 626 -46.40 -52.41 -8.40
CA ASN D 626 -47.15 -53.59 -7.98
C ASN D 626 -47.90 -54.21 -9.17
N LEU D 627 -47.11 -54.68 -10.14
CA LEU D 627 -47.65 -55.21 -11.37
C LEU D 627 -47.75 -56.73 -11.31
N LYS D 628 -48.89 -57.26 -11.77
CA LYS D 628 -49.15 -58.68 -11.76
C LYS D 628 -49.32 -59.27 -13.16
N THR D 629 -49.93 -58.52 -14.09
CA THR D 629 -50.06 -58.94 -15.47
C THR D 629 -49.58 -57.81 -16.37
N ILE D 630 -48.69 -58.12 -17.30
CA ILE D 630 -48.19 -57.14 -18.25
C ILE D 630 -48.55 -57.58 -19.66
N GLU D 631 -49.67 -58.29 -19.80
CA GLU D 631 -50.09 -58.81 -21.09
C GLU D 631 -50.50 -57.71 -22.06
N GLU D 632 -50.71 -56.48 -21.57
CA GLU D 632 -51.15 -55.38 -22.42
C GLU D 632 -50.06 -54.87 -23.35
N ILE D 633 -48.80 -55.25 -23.11
CA ILE D 633 -47.67 -54.75 -23.88
C ILE D 633 -47.79 -55.14 -25.36
N ILE D 634 -48.79 -55.97 -25.67
CA ILE D 634 -49.07 -56.33 -27.05
C ILE D 634 -49.45 -55.10 -27.87
N SER D 635 -49.88 -54.02 -27.22
CA SER D 635 -50.16 -52.79 -27.95
C SER D 635 -48.89 -52.04 -28.35
N PHE D 636 -47.74 -52.40 -27.78
CA PHE D 636 -46.48 -51.71 -28.06
C PHE D 636 -46.09 -51.74 -29.54
N GLN D 637 -46.80 -52.49 -30.37
CA GLN D 637 -46.55 -52.44 -31.81
C GLN D 637 -46.85 -51.07 -32.38
N HIS D 638 -47.57 -50.22 -31.65
CA HIS D 638 -47.80 -48.86 -32.13
C HIS D 638 -46.50 -48.08 -32.25
N LEU D 639 -45.59 -48.27 -31.30
CA LEU D 639 -44.35 -47.52 -31.27
C LEU D 639 -43.34 -48.11 -32.24
N HIS D 640 -42.90 -47.32 -33.20
CA HIS D 640 -41.86 -47.73 -34.14
C HIS D 640 -40.46 -47.42 -33.64
N ARG D 641 -40.33 -46.80 -32.47
CA ARG D 641 -39.02 -46.47 -31.90
C ARG D 641 -38.96 -46.79 -30.41
N LEU D 642 -39.73 -47.78 -29.97
CA LEU D 642 -39.66 -48.24 -28.59
C LEU D 642 -38.34 -49.01 -28.42
N THR D 643 -37.35 -48.34 -27.83
CA THR D 643 -36.03 -48.92 -27.70
C THR D 643 -35.89 -49.78 -26.44
N CYS D 644 -36.42 -49.31 -25.32
CA CYS D 644 -36.28 -50.01 -24.05
C CYS D 644 -37.60 -50.00 -23.30
N LEU D 645 -37.72 -50.95 -22.37
CA LEU D 645 -38.89 -51.09 -21.52
C LEU D 645 -38.44 -51.67 -20.19
N LYS D 646 -38.59 -50.91 -19.12
CA LYS D 646 -38.16 -51.32 -17.79
C LYS D 646 -39.38 -51.59 -16.93
N LEU D 647 -39.47 -52.81 -16.40
CA LEU D 647 -40.60 -53.24 -15.56
C LEU D 647 -40.11 -53.93 -14.30
N TRP D 648 -38.90 -53.59 -13.86
CA TRP D 648 -38.31 -54.22 -12.69
C TRP D 648 -39.06 -53.81 -11.42
N TYR D 649 -38.76 -54.55 -10.34
CA TYR D 649 -39.32 -54.26 -9.01
C TYR D 649 -40.85 -54.38 -9.00
N ASN D 650 -41.35 -55.55 -9.42
CA ASN D 650 -42.78 -55.80 -9.44
C ASN D 650 -43.02 -57.25 -9.03
N HIS D 651 -44.26 -57.71 -9.21
CA HIS D 651 -44.65 -59.07 -8.88
C HIS D 651 -44.67 -59.97 -10.11
N ILE D 652 -43.88 -59.63 -11.13
CA ILE D 652 -43.92 -60.33 -12.42
C ILE D 652 -43.53 -61.79 -12.23
N ALA D 653 -44.47 -62.69 -12.49
CA ALA D 653 -44.22 -64.13 -12.42
C ALA D 653 -44.04 -64.77 -13.78
N TYR D 654 -44.69 -64.24 -14.81
CA TYR D 654 -44.58 -64.77 -16.16
C TYR D 654 -44.39 -63.64 -17.15
N ILE D 655 -43.55 -63.89 -18.16
CA ILE D 655 -43.34 -62.96 -19.26
C ILE D 655 -44.22 -63.42 -20.42
N PRO D 656 -45.24 -62.65 -20.80
CA PRO D 656 -46.12 -63.09 -21.90
C PRO D 656 -45.34 -63.23 -23.20
N ILE D 657 -45.73 -64.23 -23.99
CA ILE D 657 -45.07 -64.49 -25.27
C ILE D 657 -45.25 -63.36 -26.27
N GLN D 658 -46.21 -62.47 -26.03
CA GLN D 658 -46.48 -61.37 -26.95
C GLN D 658 -45.30 -60.40 -27.08
N ILE D 659 -44.35 -60.45 -26.16
CA ILE D 659 -43.14 -59.63 -26.29
C ILE D 659 -42.35 -60.03 -27.51
N GLY D 660 -42.61 -61.23 -28.07
CA GLY D 660 -42.02 -61.59 -29.35
C GLY D 660 -42.38 -60.65 -30.47
N ASN D 661 -43.52 -59.95 -30.35
CA ASN D 661 -43.84 -58.91 -31.32
C ASN D 661 -42.87 -57.75 -31.25
N LEU D 662 -42.33 -57.46 -30.05
CA LEU D 662 -41.43 -56.32 -29.85
C LEU D 662 -40.06 -56.68 -30.41
N THR D 663 -39.90 -56.43 -31.71
CA THR D 663 -38.62 -56.68 -32.37
C THR D 663 -37.62 -55.55 -32.15
N ASN D 664 -38.08 -54.37 -31.73
CA ASN D 664 -37.22 -53.20 -31.56
C ASN D 664 -36.50 -53.17 -30.22
N LEU D 665 -36.78 -54.12 -29.33
CA LEU D 665 -36.19 -54.09 -28.00
C LEU D 665 -34.69 -54.34 -28.07
N GLU D 666 -33.92 -53.39 -27.52
CA GLU D 666 -32.48 -53.53 -27.39
C GLU D 666 -32.02 -53.73 -25.96
N ARG D 667 -32.76 -53.18 -24.99
CA ARG D 667 -32.51 -53.44 -23.58
C ARG D 667 -33.82 -53.85 -22.92
N LEU D 668 -33.70 -54.57 -21.81
CA LEU D 668 -34.87 -55.00 -21.05
C LEU D 668 -34.44 -55.26 -19.61
N TYR D 669 -35.34 -54.94 -18.68
CA TYR D 669 -35.09 -55.13 -17.25
C TYR D 669 -36.34 -55.69 -16.60
N LEU D 670 -36.22 -56.89 -16.01
CA LEU D 670 -37.33 -57.52 -15.32
C LEU D 670 -36.90 -58.13 -13.99
N ASN D 671 -35.99 -57.46 -13.28
CA ASN D 671 -35.46 -57.99 -12.03
C ASN D 671 -36.44 -57.73 -10.88
N ARG D 672 -36.10 -58.27 -9.71
CA ARG D 672 -36.91 -58.12 -8.50
C ARG D 672 -38.33 -58.63 -8.71
N ASN D 673 -38.46 -59.74 -9.43
CA ASN D 673 -39.77 -60.30 -9.75
C ASN D 673 -39.86 -61.77 -9.36
N LYS D 674 -40.91 -62.45 -9.78
CA LYS D 674 -41.14 -63.85 -9.45
C LYS D 674 -41.14 -64.74 -10.69
N ILE D 675 -40.30 -64.42 -11.67
CA ILE D 675 -40.28 -65.17 -12.92
C ILE D 675 -39.58 -66.50 -12.71
N GLU D 676 -40.19 -67.58 -13.23
CA GLU D 676 -39.64 -68.92 -13.08
C GLU D 676 -38.97 -69.45 -14.34
N LYS D 677 -39.45 -69.07 -15.52
CA LYS D 677 -38.93 -69.61 -16.77
C LYS D 677 -38.73 -68.48 -17.77
N ILE D 678 -37.87 -68.74 -18.75
CA ILE D 678 -37.62 -67.83 -19.86
C ILE D 678 -38.38 -68.36 -21.07
N PRO D 679 -39.42 -67.68 -21.55
CA PRO D 679 -40.13 -68.18 -22.74
C PRO D 679 -39.22 -68.19 -23.97
N THR D 680 -39.43 -69.20 -24.81
CA THR D 680 -38.63 -69.32 -26.02
C THR D 680 -38.91 -68.19 -27.01
N GLN D 681 -40.18 -67.76 -27.10
CA GLN D 681 -40.54 -66.68 -28.01
C GLN D 681 -39.82 -65.38 -27.69
N LEU D 682 -39.40 -65.20 -26.44
CA LEU D 682 -38.60 -64.04 -26.08
C LEU D 682 -37.36 -63.93 -26.95
N PHE D 683 -36.76 -65.07 -27.31
CA PHE D 683 -35.57 -65.05 -28.15
C PHE D 683 -35.84 -64.60 -29.57
N TYR D 684 -37.07 -64.20 -29.90
CA TYR D 684 -37.35 -63.60 -31.20
C TYR D 684 -36.94 -62.14 -31.26
N CYS D 685 -36.51 -61.55 -30.14
CA CYS D 685 -36.07 -60.16 -30.10
C CYS D 685 -34.55 -60.15 -30.26
N ARG D 686 -34.11 -60.33 -31.50
CA ARG D 686 -32.70 -60.55 -31.80
C ARG D 686 -31.83 -59.33 -31.53
N LYS D 687 -32.41 -58.17 -31.32
CA LYS D 687 -31.65 -56.94 -31.11
C LYS D 687 -31.32 -56.68 -29.64
N LEU D 688 -31.64 -57.61 -28.75
CA LEU D 688 -31.41 -57.39 -27.33
C LEU D 688 -29.92 -57.35 -27.03
N ARG D 689 -29.48 -56.28 -26.33
CA ARG D 689 -28.09 -56.12 -25.94
C ARG D 689 -27.87 -56.12 -24.43
N TYR D 690 -28.90 -55.82 -23.64
CA TYR D 690 -28.81 -55.83 -22.19
C TYR D 690 -30.03 -56.56 -21.63
N LEU D 691 -29.78 -57.58 -20.80
CA LEU D 691 -30.86 -58.33 -20.16
C LEU D 691 -30.50 -58.53 -18.69
N ASP D 692 -31.35 -58.05 -17.79
CA ASP D 692 -31.15 -58.16 -16.36
C ASP D 692 -32.44 -58.71 -15.74
N LEU D 693 -32.46 -59.99 -15.42
CA LEU D 693 -33.62 -60.66 -14.88
C LEU D 693 -33.30 -61.29 -13.53
N SER D 694 -32.50 -60.61 -12.73
CA SER D 694 -32.03 -61.14 -11.47
C SER D 694 -33.18 -61.19 -10.44
N HIS D 695 -32.93 -61.91 -9.35
CA HIS D 695 -33.86 -62.04 -8.23
C HIS D 695 -35.20 -62.63 -8.70
N ASN D 696 -35.12 -63.84 -9.22
CA ASN D 696 -36.29 -64.54 -9.75
C ASN D 696 -36.14 -66.03 -9.48
N ASN D 697 -37.23 -66.76 -9.75
CA ASN D 697 -37.25 -68.21 -9.60
C ASN D 697 -36.69 -68.94 -10.82
N LEU D 698 -35.93 -68.26 -11.66
CA LEU D 698 -35.33 -68.90 -12.82
C LEU D 698 -34.37 -70.00 -12.38
N THR D 699 -34.42 -71.14 -13.07
CA THR D 699 -33.60 -72.29 -12.73
C THR D 699 -32.93 -72.95 -13.92
N PHE D 700 -33.14 -72.44 -15.13
CA PHE D 700 -32.53 -73.03 -16.32
C PHE D 700 -32.48 -71.97 -17.41
N LEU D 701 -31.69 -72.26 -18.45
CA LEU D 701 -31.53 -71.37 -19.60
C LEU D 701 -32.02 -72.09 -20.85
N PRO D 702 -33.02 -71.58 -21.56
CA PRO D 702 -33.40 -72.17 -22.84
C PRO D 702 -32.26 -72.08 -23.84
N ALA D 703 -32.16 -73.10 -24.69
CA ALA D 703 -31.05 -73.24 -25.62
C ALA D 703 -31.02 -72.16 -26.71
N ASP D 704 -32.09 -71.39 -26.86
CA ASP D 704 -32.18 -70.41 -27.93
C ASP D 704 -31.43 -69.12 -27.64
N ILE D 705 -30.55 -69.11 -26.63
CA ILE D 705 -29.74 -67.92 -26.35
C ILE D 705 -28.88 -67.57 -27.54
N GLY D 706 -28.49 -68.55 -28.35
CA GLY D 706 -27.74 -68.28 -29.55
C GLY D 706 -28.47 -67.40 -30.55
N LEU D 707 -29.81 -67.32 -30.45
CA LEU D 707 -30.55 -66.43 -31.33
C LEU D 707 -30.19 -64.97 -31.08
N LEU D 708 -30.00 -64.59 -29.82
CA LEU D 708 -29.67 -63.22 -29.45
C LEU D 708 -28.17 -63.02 -29.58
N GLN D 709 -27.74 -62.74 -30.82
CA GLN D 709 -26.33 -62.52 -31.09
C GLN D 709 -25.84 -61.14 -30.67
N ASN D 710 -26.75 -60.22 -30.34
CA ASN D 710 -26.37 -58.88 -29.95
C ASN D 710 -26.20 -58.71 -28.44
N LEU D 711 -26.45 -59.76 -27.66
CA LEU D 711 -26.38 -59.64 -26.21
C LEU D 711 -24.94 -59.38 -25.76
N GLN D 712 -24.79 -58.44 -24.82
CA GLN D 712 -23.50 -58.12 -24.24
C GLN D 712 -23.46 -58.21 -22.72
N ASN D 713 -24.61 -58.15 -22.05
CA ASN D 713 -24.67 -58.18 -20.59
C ASN D 713 -25.88 -58.99 -20.17
N LEU D 714 -25.65 -60.07 -19.42
CA LEU D 714 -26.72 -60.89 -18.88
C LEU D 714 -26.48 -61.11 -17.39
N ALA D 715 -27.54 -60.95 -16.60
CA ALA D 715 -27.46 -61.12 -15.14
C ALA D 715 -28.47 -62.18 -14.73
N VAL D 716 -27.99 -63.18 -13.96
CA VAL D 716 -28.85 -64.22 -13.42
C VAL D 716 -28.60 -64.31 -11.92
N THR D 717 -28.14 -63.21 -11.33
CA THR D 717 -27.83 -63.18 -9.91
C THR D 717 -29.08 -63.44 -9.08
N ALA D 718 -28.90 -64.19 -7.98
CA ALA D 718 -29.98 -64.52 -7.04
C ALA D 718 -31.08 -65.32 -7.73
N ASN D 719 -30.67 -66.37 -8.44
CA ASN D 719 -31.60 -67.26 -9.13
C ASN D 719 -31.16 -68.70 -8.87
N ARG D 720 -31.99 -69.64 -9.34
CA ARG D 720 -31.74 -71.06 -9.14
C ARG D 720 -31.04 -71.71 -10.32
N ILE D 721 -30.19 -70.97 -11.03
CA ILE D 721 -29.50 -71.52 -12.19
C ILE D 721 -28.45 -72.52 -11.71
N GLU D 722 -28.53 -73.76 -12.21
CA GLU D 722 -27.56 -74.79 -11.88
C GLU D 722 -26.96 -75.48 -13.10
N ALA D 723 -27.37 -75.11 -14.31
CA ALA D 723 -26.82 -75.69 -15.53
C ALA D 723 -26.72 -74.62 -16.60
N LEU D 724 -25.81 -74.84 -17.55
CA LEU D 724 -25.57 -73.89 -18.64
C LEU D 724 -25.60 -74.65 -19.96
N PRO D 725 -26.54 -74.35 -20.86
CA PRO D 725 -26.53 -74.98 -22.18
C PRO D 725 -25.33 -74.52 -22.99
N PRO D 726 -24.87 -75.32 -23.95
CA PRO D 726 -23.72 -74.91 -24.76
C PRO D 726 -23.91 -73.60 -25.51
N GLU D 727 -25.14 -73.32 -25.98
CA GLU D 727 -25.39 -72.12 -26.77
C GLU D 727 -25.11 -70.84 -25.99
N LEU D 728 -25.02 -70.92 -24.66
CA LEU D 728 -24.60 -69.78 -23.87
C LEU D 728 -23.30 -69.20 -24.40
N PHE D 729 -22.38 -70.05 -24.82
CA PHE D 729 -21.08 -69.60 -25.31
C PHE D 729 -21.08 -69.34 -26.81
N GLN D 730 -22.23 -69.43 -27.48
CA GLN D 730 -22.29 -69.13 -28.91
C GLN D 730 -22.35 -67.64 -29.20
N CYS D 731 -22.49 -66.80 -28.17
CA CYS D 731 -22.47 -65.35 -28.35
C CYS D 731 -21.04 -64.87 -28.10
N ARG D 732 -20.34 -64.53 -29.19
CA ARG D 732 -18.93 -64.19 -29.10
C ARG D 732 -18.68 -62.76 -28.64
N LYS D 733 -19.71 -61.91 -28.64
CA LYS D 733 -19.57 -60.52 -28.21
C LYS D 733 -20.19 -60.27 -26.84
N LEU D 734 -20.27 -61.29 -26.00
CA LEU D 734 -20.78 -61.14 -24.64
C LEU D 734 -19.76 -60.36 -23.82
N ARG D 735 -20.04 -59.07 -23.61
CA ARG D 735 -19.05 -58.21 -22.96
C ARG D 735 -18.90 -58.55 -21.47
N ALA D 736 -20.01 -58.69 -20.76
CA ALA D 736 -19.96 -58.94 -19.33
C ALA D 736 -21.07 -59.89 -18.93
N LEU D 737 -20.89 -60.51 -17.76
CA LEU D 737 -21.86 -61.46 -17.24
C LEU D 737 -21.95 -61.32 -15.72
N HIS D 738 -23.14 -61.59 -15.19
CA HIS D 738 -23.40 -61.58 -13.75
C HIS D 738 -24.02 -62.93 -13.42
N LEU D 739 -23.17 -63.92 -13.15
CA LEU D 739 -23.61 -65.30 -12.97
C LEU D 739 -23.44 -65.77 -11.53
N GLY D 740 -23.21 -64.85 -10.60
CA GLY D 740 -23.00 -65.22 -9.21
C GLY D 740 -24.30 -65.28 -8.42
N ASN D 741 -24.17 -65.75 -7.18
CA ASN D 741 -25.30 -65.91 -6.26
C ASN D 741 -26.37 -66.85 -6.83
N ASN D 742 -25.93 -67.83 -7.60
CA ASN D 742 -26.79 -68.87 -8.15
C ASN D 742 -26.46 -70.20 -7.49
N VAL D 743 -27.06 -71.27 -7.99
CA VAL D 743 -26.80 -72.61 -7.47
C VAL D 743 -26.04 -73.40 -8.53
N LEU D 744 -25.31 -72.70 -9.40
CA LEU D 744 -24.55 -73.33 -10.48
C LEU D 744 -23.50 -74.28 -9.92
N GLN D 745 -23.67 -75.58 -10.19
CA GLN D 745 -22.72 -76.57 -9.68
C GLN D 745 -21.42 -76.56 -10.48
N SER D 746 -21.49 -76.51 -11.81
CA SER D 746 -20.30 -76.61 -12.64
C SER D 746 -20.42 -75.66 -13.83
N LEU D 747 -19.27 -75.31 -14.39
CA LEU D 747 -19.19 -74.45 -15.56
C LEU D 747 -18.68 -75.26 -16.74
N PRO D 748 -19.39 -75.24 -17.88
CA PRO D 748 -18.90 -75.96 -19.06
C PRO D 748 -17.56 -75.42 -19.53
N SER D 749 -16.76 -76.31 -20.13
CA SER D 749 -15.41 -75.97 -20.54
C SER D 749 -15.38 -75.00 -21.72
N ARG D 750 -16.52 -74.69 -22.34
CA ARG D 750 -16.59 -73.78 -23.46
C ARG D 750 -16.49 -72.31 -23.06
N VAL D 751 -16.08 -72.03 -21.81
CA VAL D 751 -15.99 -70.65 -21.34
C VAL D 751 -15.03 -69.84 -22.20
N GLY D 752 -14.01 -70.48 -22.76
CA GLY D 752 -13.07 -69.78 -23.62
C GLY D 752 -13.69 -69.21 -24.88
N GLU D 753 -14.90 -69.68 -25.24
CA GLU D 753 -15.57 -69.15 -26.42
C GLU D 753 -15.99 -67.70 -26.26
N LEU D 754 -16.09 -67.20 -25.02
CA LEU D 754 -16.49 -65.82 -24.77
C LEU D 754 -15.26 -64.93 -24.97
N THR D 755 -14.96 -64.68 -26.24
CA THR D 755 -13.79 -63.89 -26.59
C THR D 755 -13.92 -62.43 -26.17
N ASN D 756 -15.15 -61.93 -25.99
CA ASN D 756 -15.39 -60.55 -25.58
C ASN D 756 -15.70 -60.41 -24.10
N LEU D 757 -15.53 -61.49 -23.32
CA LEU D 757 -15.82 -61.42 -21.90
C LEU D 757 -14.83 -60.48 -21.20
N THR D 758 -15.36 -59.48 -20.52
CA THR D 758 -14.55 -58.50 -19.80
C THR D 758 -14.74 -58.60 -18.29
N GLN D 759 -15.98 -58.55 -17.83
CA GLN D 759 -16.30 -58.69 -16.41
C GLN D 759 -17.18 -59.92 -16.21
N ILE D 760 -16.94 -60.65 -15.12
CA ILE D 760 -17.75 -61.80 -14.76
C ILE D 760 -18.01 -61.77 -13.26
N GLU D 761 -19.12 -62.37 -12.86
CA GLU D 761 -19.51 -62.45 -11.46
C GLU D 761 -19.89 -63.90 -11.13
N LEU D 762 -19.28 -64.45 -10.09
CA LEU D 762 -19.49 -65.84 -9.72
C LEU D 762 -19.73 -66.07 -8.24
N ARG D 763 -19.60 -65.05 -7.39
CA ARG D 763 -19.75 -65.24 -5.96
C ARG D 763 -21.15 -65.71 -5.61
N GLY D 764 -21.24 -66.70 -4.73
CA GLY D 764 -22.49 -67.28 -4.33
C GLY D 764 -22.87 -68.55 -5.06
N ASN D 765 -22.17 -68.89 -6.15
CA ASN D 765 -22.46 -70.11 -6.89
C ASN D 765 -21.95 -71.32 -6.13
N ARG D 766 -22.59 -72.46 -6.37
CA ARG D 766 -22.18 -73.72 -5.75
C ARG D 766 -21.17 -74.45 -6.61
N LEU D 767 -20.09 -73.75 -6.97
CA LEU D 767 -19.07 -74.31 -7.83
C LEU D 767 -18.02 -75.05 -7.01
N GLU D 768 -17.25 -75.89 -7.70
CA GLU D 768 -16.16 -76.64 -7.08
C GLU D 768 -14.81 -76.31 -7.69
N CYS D 769 -14.71 -76.31 -9.02
CA CYS D 769 -13.46 -76.02 -9.72
C CYS D 769 -13.72 -75.05 -10.85
N LEU D 770 -12.93 -73.98 -10.90
CA LEU D 770 -13.06 -73.02 -11.99
C LEU D 770 -12.41 -73.56 -13.26
N PRO D 771 -12.95 -73.21 -14.43
CA PRO D 771 -12.42 -73.76 -15.68
C PRO D 771 -11.12 -73.08 -16.09
N VAL D 772 -10.20 -73.88 -16.64
CA VAL D 772 -8.94 -73.35 -17.13
C VAL D 772 -9.16 -72.48 -18.37
N GLU D 773 -10.14 -72.81 -19.20
CA GLU D 773 -10.43 -72.03 -20.39
C GLU D 773 -10.92 -70.63 -20.06
N LEU D 774 -11.30 -70.37 -18.80
CA LEU D 774 -11.59 -69.00 -18.38
C LEU D 774 -10.34 -68.14 -18.42
N GLY D 775 -9.17 -68.71 -18.12
CA GLY D 775 -7.94 -67.94 -18.05
C GLY D 775 -7.42 -67.46 -19.39
N GLU D 776 -7.99 -67.90 -20.50
CA GLU D 776 -7.57 -67.45 -21.82
C GLU D 776 -8.42 -66.32 -22.37
N CYS D 777 -9.35 -65.79 -21.58
CA CYS D 777 -10.21 -64.71 -22.06
C CYS D 777 -9.38 -63.47 -22.35
N PRO D 778 -9.52 -62.86 -23.53
CA PRO D 778 -8.68 -61.70 -23.87
C PRO D 778 -8.86 -60.52 -22.94
N LEU D 779 -10.06 -60.30 -22.42
CA LEU D 779 -10.35 -59.12 -21.59
C LEU D 779 -10.62 -59.47 -20.14
N LEU D 780 -10.17 -60.63 -19.67
CA LEU D 780 -10.39 -61.03 -18.29
C LEU D 780 -9.43 -60.31 -17.36
N LYS D 781 -9.97 -59.77 -16.27
CA LYS D 781 -9.17 -59.16 -15.22
C LYS D 781 -9.76 -59.54 -13.87
N ARG D 782 -8.92 -59.45 -12.83
CA ARG D 782 -9.38 -59.80 -11.48
C ARG D 782 -10.48 -58.85 -11.02
N SER D 783 -10.35 -57.57 -11.34
CA SER D 783 -11.43 -56.62 -11.03
C SER D 783 -12.71 -57.01 -11.76
N GLY D 784 -12.60 -57.60 -12.94
CA GLY D 784 -13.72 -58.17 -13.66
C GLY D 784 -13.98 -59.63 -13.32
N LEU D 785 -13.39 -60.13 -12.23
CA LEU D 785 -13.54 -61.52 -11.80
C LEU D 785 -14.09 -61.49 -10.38
N VAL D 786 -15.40 -61.60 -10.25
CA VAL D 786 -16.08 -61.62 -8.97
C VAL D 786 -16.31 -63.09 -8.62
N VAL D 787 -15.50 -63.61 -7.69
CA VAL D 787 -15.60 -65.00 -7.27
C VAL D 787 -14.85 -65.13 -5.96
N GLU D 788 -15.23 -66.12 -5.15
CA GLU D 788 -14.54 -66.37 -3.89
C GLU D 788 -13.09 -66.76 -4.16
N GLU D 789 -12.18 -66.26 -3.32
CA GLU D 789 -10.77 -66.59 -3.48
C GLU D 789 -10.52 -68.07 -3.29
N ASP D 790 -11.35 -68.74 -2.48
CA ASP D 790 -11.18 -70.18 -2.26
C ASP D 790 -11.35 -70.96 -3.56
N LEU D 791 -12.45 -70.70 -4.27
CA LEU D 791 -12.66 -71.35 -5.56
C LEU D 791 -11.71 -70.83 -6.62
N PHE D 792 -11.29 -69.56 -6.51
CA PHE D 792 -10.31 -69.01 -7.44
C PHE D 792 -8.93 -69.66 -7.28
N SER D 793 -8.66 -70.22 -6.11
CA SER D 793 -7.38 -70.90 -5.89
C SER D 793 -7.21 -72.12 -6.81
N THR D 794 -8.31 -72.69 -7.30
CA THR D 794 -8.24 -73.87 -8.14
C THR D 794 -7.61 -73.59 -9.51
N LEU D 795 -7.55 -72.33 -9.92
CA LEU D 795 -7.04 -71.99 -11.24
C LEU D 795 -5.54 -72.24 -11.30
N PRO D 796 -5.00 -72.43 -12.50
CA PRO D 796 -3.56 -72.64 -12.63
C PRO D 796 -2.79 -71.43 -12.16
N PRO D 797 -1.56 -71.63 -11.65
CA PRO D 797 -0.76 -70.47 -11.20
C PRO D 797 -0.47 -69.48 -12.30
N GLU D 798 -0.32 -69.94 -13.55
CA GLU D 798 -0.12 -69.00 -14.66
C GLU D 798 -1.33 -68.11 -14.85
N VAL D 799 -2.53 -68.68 -14.70
CA VAL D 799 -3.75 -67.88 -14.83
C VAL D 799 -3.79 -66.79 -13.76
N LYS D 800 -3.48 -67.14 -12.52
CA LYS D 800 -3.45 -66.15 -11.45
C LYS D 800 -2.39 -65.10 -11.71
N GLU D 801 -1.21 -65.53 -12.17
CA GLU D 801 -0.13 -64.58 -12.43
C GLU D 801 -0.51 -63.59 -13.52
N ARG D 802 -1.13 -64.08 -14.60
CA ARG D 802 -1.54 -63.19 -15.68
C ARG D 802 -2.67 -62.27 -15.22
N LEU D 803 -3.58 -62.77 -14.38
CA LEU D 803 -4.63 -61.92 -13.83
C LEU D 803 -4.04 -60.81 -12.98
N TRP D 804 -3.07 -61.14 -12.13
CA TRP D 804 -2.45 -60.10 -11.31
C TRP D 804 -1.66 -59.12 -12.18
N ARG D 805 -1.01 -59.61 -13.23
CA ARG D 805 -0.27 -58.72 -14.13
C ARG D 805 -1.22 -57.76 -14.84
N ALA D 806 -2.39 -58.25 -15.26
CA ALA D 806 -3.39 -57.37 -15.85
C ALA D 806 -3.95 -56.42 -14.81
N ASP D 807 -4.01 -56.83 -13.54
CA ASP D 807 -4.40 -55.93 -12.47
C ASP D 807 -3.40 -54.80 -12.31
N LYS D 808 -2.10 -55.11 -12.36
CA LYS D 808 -1.07 -54.08 -12.21
C LYS D 808 -0.91 -53.26 -13.47
N GLU D 809 -1.24 -53.83 -14.63
CA GLU D 809 -1.09 -53.13 -15.90
C GLU D 809 -2.44 -52.79 -16.51
N ALA E 17 -3.47 -5.31 40.75
CA ALA E 17 -3.28 -5.83 42.10
C ALA E 17 -3.74 -4.81 43.14
N PHE E 18 -4.54 -3.84 42.71
CA PHE E 18 -4.98 -2.78 43.60
C PHE E 18 -6.49 -2.78 43.80
N ARG E 19 -7.25 -2.78 42.70
CA ARG E 19 -8.69 -2.61 42.76
C ARG E 19 -9.45 -3.91 42.98
N VAL E 20 -9.10 -4.96 42.24
CA VAL E 20 -9.82 -6.23 42.35
C VAL E 20 -9.62 -6.88 43.71
N LEU E 21 -8.57 -6.52 44.44
CA LEU E 21 -8.29 -7.13 45.73
C LEU E 21 -9.07 -6.51 46.88
N LYS E 22 -9.88 -5.49 46.63
CA LYS E 22 -10.59 -4.79 47.69
C LYS E 22 -12.08 -5.12 47.66
N PRO E 23 -12.58 -5.93 48.59
CA PRO E 23 -14.03 -6.05 48.74
C PRO E 23 -14.63 -4.76 49.29
N TRP E 24 -15.96 -4.66 49.20
CA TRP E 24 -16.62 -3.41 49.55
C TRP E 24 -16.43 -3.08 51.03
N TRP E 25 -16.47 -4.07 51.90
CA TRP E 25 -16.20 -3.81 53.32
C TRP E 25 -14.77 -3.33 53.53
N ASP E 26 -13.82 -3.84 52.74
CA ASP E 26 -12.45 -3.34 52.82
C ASP E 26 -12.38 -1.86 52.44
N VAL E 27 -13.12 -1.45 51.40
CA VAL E 27 -13.13 -0.05 51.01
C VAL E 27 -13.78 0.81 52.08
N PHE E 28 -14.85 0.32 52.71
CA PHE E 28 -15.47 1.04 53.80
C PHE E 28 -14.48 1.24 54.95
N THR E 29 -13.74 0.18 55.30
CA THR E 29 -12.75 0.30 56.36
C THR E 29 -11.66 1.29 55.98
N ASP E 30 -11.22 1.27 54.72
CA ASP E 30 -10.20 2.22 54.28
C ASP E 30 -10.68 3.66 54.41
N TYR E 31 -11.91 3.93 53.97
CA TYR E 31 -12.44 5.30 54.06
C TYR E 31 -12.61 5.73 55.50
N LEU E 32 -13.11 4.84 56.37
CA LEU E 32 -13.26 5.19 57.78
C LEU E 32 -11.91 5.44 58.42
N SER E 33 -10.89 4.66 58.05
CA SER E 33 -9.55 4.89 58.57
C SER E 33 -9.00 6.23 58.12
N VAL E 34 -9.25 6.60 56.86
CA VAL E 34 -8.83 7.92 56.38
C VAL E 34 -9.50 9.02 57.18
N ALA E 35 -10.80 8.89 57.42
CA ALA E 35 -11.52 9.90 58.19
C ALA E 35 -10.98 9.98 59.62
N MET E 36 -10.70 8.83 60.23
CA MET E 36 -10.17 8.82 61.59
C MET E 36 -8.80 9.47 61.65
N LEU E 37 -7.95 9.22 60.65
CA LEU E 37 -6.64 9.87 60.61
C LEU E 37 -6.78 11.38 60.45
N MET E 38 -7.72 11.82 59.62
CA MET E 38 -8.00 13.25 59.50
C MET E 38 -8.42 13.85 60.84
N ILE E 39 -9.32 13.16 61.55
CA ILE E 39 -9.77 13.63 62.87
C ILE E 39 -8.59 13.70 63.83
N GLY E 40 -7.73 12.69 63.81
CA GLY E 40 -6.59 12.70 64.71
C GLY E 40 -5.62 13.83 64.42
N VAL E 41 -5.36 14.11 63.14
CA VAL E 41 -4.46 15.21 62.79
C VAL E 41 -5.08 16.54 63.21
N PHE E 42 -6.38 16.70 62.98
CA PHE E 42 -7.05 17.94 63.40
C PHE E 42 -6.96 18.12 64.92
N GLY E 43 -7.18 17.05 65.68
CA GLY E 43 -7.07 17.14 67.12
C GLY E 43 -5.67 17.46 67.58
N CYS E 44 -4.66 16.87 66.93
CA CYS E 44 -3.28 17.17 67.26
C CYS E 44 -2.95 18.63 66.99
N THR E 45 -3.43 19.16 65.87
CA THR E 45 -3.19 20.57 65.57
C THR E 45 -3.84 21.47 66.60
N LEU E 46 -5.08 21.17 66.98
CA LEU E 46 -5.75 21.96 68.01
C LEU E 46 -5.00 21.88 69.34
N GLN E 47 -4.54 20.69 69.71
CA GLN E 47 -3.79 20.54 70.94
C GLN E 47 -2.50 21.33 70.91
N VAL E 48 -1.80 21.32 69.77
CA VAL E 48 -0.54 22.06 69.67
C VAL E 48 -0.79 23.56 69.78
N MET E 49 -1.81 24.07 69.08
CA MET E 49 -1.97 25.52 69.00
C MET E 49 -2.83 26.09 70.13
N GLN E 50 -4.09 25.67 70.21
CA GLN E 50 -5.09 26.37 71.01
C GLN E 50 -5.41 25.67 72.32
N ASP E 51 -4.66 24.65 72.72
CA ASP E 51 -4.93 23.94 73.96
C ASP E 51 -4.31 24.69 75.12
N LYS E 52 -5.16 25.15 76.04
CA LYS E 52 -4.69 25.85 77.23
C LYS E 52 -5.80 25.78 78.28
N ILE E 53 -5.40 25.99 79.53
CA ILE E 53 -6.31 25.98 80.66
C ILE E 53 -6.28 27.35 81.33
N ILE E 54 -7.45 27.90 81.59
CA ILE E 54 -7.57 29.20 82.26
C ILE E 54 -7.89 28.93 83.74
N CYS E 55 -7.14 29.56 84.64
CA CYS E 55 -7.28 29.28 86.06
C CYS E 55 -7.54 30.56 86.85
N LEU E 56 -8.26 30.40 87.96
CA LEU E 56 -8.52 31.48 88.90
C LEU E 56 -8.39 30.94 90.32
N PRO E 57 -7.96 31.78 91.25
CA PRO E 57 -7.98 31.36 92.66
C PRO E 57 -9.39 31.10 93.13
N LYS E 58 -9.53 30.13 94.03
CA LYS E 58 -10.85 29.64 94.42
C LYS E 58 -11.64 30.70 95.16
N ARG E 59 -11.15 31.14 96.31
CA ARG E 59 -11.89 32.03 97.18
C ARG E 59 -10.94 33.04 97.82
N VAL E 60 -11.27 34.31 97.71
CA VAL E 60 -10.46 35.37 98.31
C VAL E 60 -10.86 35.55 99.77
N GLU E 96 -25.42 46.88 93.05
CA GLU E 96 -24.17 47.18 92.38
C GLU E 96 -23.03 46.34 92.94
N MET E 97 -22.24 45.75 92.05
CA MET E 97 -21.16 44.87 92.44
C MET E 97 -19.83 45.45 91.99
N LYS E 98 -18.75 44.93 92.57
CA LYS E 98 -17.39 45.39 92.30
C LYS E 98 -16.53 44.21 91.83
N GLY E 99 -15.25 44.48 91.66
CA GLY E 99 -14.30 43.45 91.32
C GLY E 99 -13.91 42.60 92.51
N LEU E 100 -13.03 41.64 92.25
CA LEU E 100 -12.53 40.71 93.25
C LEU E 100 -11.02 40.58 93.15
N LYS E 101 -10.33 41.72 93.12
CA LYS E 101 -8.90 41.77 92.86
C LYS E 101 -8.14 40.79 93.73
N THR E 102 -7.48 39.83 93.08
CA THR E 102 -6.63 38.86 93.76
C THR E 102 -5.16 39.26 93.74
N ASP E 103 -4.86 40.44 93.21
CA ASP E 103 -3.50 40.98 93.08
C ASP E 103 -2.49 39.90 92.70
N LEU E 104 -2.75 39.30 91.55
CA LEU E 104 -1.84 38.33 90.94
C LEU E 104 -1.29 38.90 89.65
N ASP E 105 0.03 38.76 89.46
CA ASP E 105 0.64 39.21 88.23
C ASP E 105 0.25 38.28 87.09
N LEU E 106 0.50 38.75 85.86
CA LEU E 106 0.26 37.90 84.70
C LEU E 106 1.14 36.66 84.74
N GLN E 107 2.40 36.83 85.14
CA GLN E 107 3.31 35.69 85.23
C GLN E 107 2.82 34.68 86.25
N GLN E 108 2.32 35.15 87.39
CA GLN E 108 1.76 34.24 88.38
C GLN E 108 0.57 33.48 87.83
N TYR E 109 -0.31 34.17 87.10
CA TYR E 109 -1.45 33.50 86.47
C TYR E 109 -0.97 32.42 85.51
N SER E 110 0.05 32.72 84.71
CA SER E 110 0.55 31.74 83.75
C SER E 110 1.18 30.55 84.46
N PHE E 111 1.91 30.81 85.55
CA PHE E 111 2.50 29.71 86.32
C PHE E 111 1.41 28.81 86.89
N ILE E 112 0.36 29.41 87.45
CA ILE E 112 -0.76 28.64 87.96
C ILE E 112 -1.40 27.83 86.84
N ASN E 113 -1.57 28.45 85.66
CA ASN E 113 -2.15 27.76 84.52
C ASN E 113 -1.35 26.52 84.17
N GLN E 114 -0.03 26.68 84.04
CA GLN E 114 0.80 25.54 83.64
C GLN E 114 0.79 24.44 84.69
N MET E 115 0.91 24.83 85.97
CA MET E 115 0.90 23.82 87.03
C MET E 115 -0.40 23.03 87.03
N CYS E 116 -1.53 23.74 87.06
CA CYS E 116 -2.82 23.04 87.12
C CYS E 116 -3.06 22.22 85.86
N TYR E 117 -2.68 22.74 84.69
CA TYR E 117 -2.88 22.01 83.45
C TYR E 117 -2.07 20.73 83.43
N GLU E 118 -0.81 20.79 83.87
CA GLU E 118 0.01 19.59 83.86
C GLU E 118 -0.44 18.59 84.91
N ARG E 119 -0.93 19.06 86.06
CA ARG E 119 -1.28 18.19 87.17
C ARG E 119 -2.76 17.79 87.16
N ALA E 120 -3.66 18.77 87.25
CA ALA E 120 -5.07 18.46 87.46
C ALA E 120 -5.71 17.80 86.24
N LEU E 121 -5.44 18.33 85.05
CA LEU E 121 -6.15 17.88 83.86
C LEU E 121 -5.88 16.40 83.61
N HIS E 122 -6.94 15.67 83.26
CA HIS E 122 -6.85 14.24 83.09
C HIS E 122 -5.94 13.89 81.91
N TRP E 123 -5.23 12.77 82.04
CA TRP E 123 -4.29 12.35 81.01
C TRP E 123 -4.99 12.07 79.69
N TYR E 124 -6.22 11.53 79.74
CA TYR E 124 -6.96 11.26 78.51
C TYR E 124 -7.29 12.55 77.78
N ALA E 125 -7.64 13.61 78.51
CA ALA E 125 -7.88 14.89 77.86
C ALA E 125 -6.62 15.40 77.18
N LYS E 126 -5.46 15.16 77.79
CA LYS E 126 -4.20 15.64 77.21
C LYS E 126 -3.73 14.80 76.04
N TYR E 127 -4.10 13.51 75.97
CA TYR E 127 -3.51 12.62 74.98
C TYR E 127 -4.53 11.92 74.10
N PHE E 128 -5.77 12.42 74.06
CA PHE E 128 -6.75 11.85 73.14
C PHE E 128 -6.33 11.97 71.67
N PRO E 129 -5.87 13.12 71.16
CA PRO E 129 -5.51 13.17 69.74
C PRO E 129 -4.40 12.19 69.36
N TYR E 130 -3.34 12.13 70.17
CA TYR E 130 -2.26 11.19 69.87
C TYR E 130 -2.71 9.74 70.03
N LEU E 131 -3.62 9.49 70.98
CA LEU E 131 -4.20 8.16 71.12
C LEU E 131 -4.92 7.73 69.85
N VAL E 132 -5.77 8.63 69.32
CA VAL E 132 -6.49 8.34 68.09
C VAL E 132 -5.52 8.17 66.93
N LEU E 133 -4.49 9.02 66.89
CA LEU E 133 -3.47 8.91 65.84
C LEU E 133 -2.81 7.54 65.87
N ILE E 134 -2.43 7.07 67.05
CA ILE E 134 -1.74 5.79 67.17
C ILE E 134 -2.68 4.65 66.78
N HIS E 135 -3.93 4.69 67.24
CA HIS E 135 -4.86 3.62 66.89
C HIS E 135 -5.11 3.57 65.38
N THR E 136 -5.31 4.73 64.76
CA THR E 136 -5.54 4.77 63.32
C THR E 136 -4.31 4.30 62.55
N LEU E 137 -3.12 4.69 63.00
CA LEU E 137 -1.91 4.24 62.36
C LEU E 137 -1.75 2.73 62.47
N VAL E 138 -2.07 2.16 63.64
CA VAL E 138 -1.99 0.71 63.80
C VAL E 138 -2.98 0.01 62.88
N PHE E 139 -4.20 0.54 62.79
CA PHE E 139 -5.20 -0.05 61.89
C PHE E 139 -4.72 -0.03 60.44
N MET E 140 -4.27 1.14 59.97
CA MET E 140 -3.81 1.27 58.59
C MET E 140 -2.60 0.39 58.32
N LEU E 141 -1.64 0.38 59.25
CA LEU E 141 -0.44 -0.45 59.08
C LEU E 141 -0.79 -1.93 59.05
N CYS E 142 -1.70 -2.37 59.92
CA CYS E 142 -2.12 -3.76 59.91
C CYS E 142 -2.80 -4.12 58.59
N SER E 143 -3.69 -3.25 58.11
CA SER E 143 -4.40 -3.54 56.87
C SER E 143 -3.43 -3.61 55.69
N ASN E 144 -2.49 -2.66 55.61
CA ASN E 144 -1.60 -2.60 54.45
C ASN E 144 -0.37 -3.50 54.60
N PHE E 145 -0.15 -4.08 55.77
CA PHE E 145 0.98 -4.99 55.96
C PHE E 145 0.81 -6.26 55.15
N TRP E 146 -0.44 -6.65 54.89
CA TRP E 146 -0.70 -7.85 54.10
C TRP E 146 -0.12 -7.72 52.70
N PHE E 147 0.07 -6.49 52.22
CA PHE E 147 0.62 -6.24 50.90
C PHE E 147 2.00 -5.62 50.93
N LYS E 148 2.39 -5.02 52.06
CA LYS E 148 3.77 -4.58 52.22
C LYS E 148 4.71 -5.76 52.46
N PHE E 149 4.16 -6.92 52.82
CA PHE E 149 4.98 -8.10 53.07
C PHE E 149 5.47 -8.69 51.76
N PRO E 150 6.77 -8.91 51.58
CA PRO E 150 7.27 -9.37 50.28
C PRO E 150 6.72 -10.71 49.83
N GLY E 151 6.47 -11.65 50.75
CA GLY E 151 5.97 -12.95 50.33
C GLY E 151 4.58 -12.86 49.72
N SER E 152 3.68 -12.15 50.38
CA SER E 152 2.36 -11.92 49.80
C SER E 152 2.46 -11.05 48.55
N SER E 153 3.46 -10.18 48.47
CA SER E 153 3.68 -9.40 47.25
C SER E 153 4.09 -10.27 46.09
N SER E 154 4.81 -11.37 46.36
CA SER E 154 5.15 -12.32 45.31
C SER E 154 3.95 -13.18 44.93
N LYS E 155 3.15 -13.58 45.91
CA LYS E 155 1.97 -14.40 45.64
C LYS E 155 0.90 -13.64 44.86
N ILE E 156 0.54 -12.44 45.33
CA ILE E 156 -0.57 -11.69 44.75
C ILE E 156 -0.21 -11.16 43.37
N GLU E 157 1.07 -10.81 43.16
CA GLU E 157 1.49 -10.37 41.84
C GLU E 157 1.31 -11.48 40.81
N HIS E 158 1.72 -12.69 41.14
CA HIS E 158 1.51 -13.83 40.24
C HIS E 158 0.03 -14.12 40.06
N PHE E 159 -0.75 -14.00 41.13
CA PHE E 159 -2.18 -14.22 41.04
C PHE E 159 -2.84 -13.23 40.09
N ILE E 160 -2.43 -11.95 40.16
CA ILE E 160 -2.99 -10.94 39.26
C ILE E 160 -2.53 -11.18 37.83
N SER E 161 -1.27 -11.57 37.64
CA SER E 161 -0.81 -11.87 36.28
C SER E 161 -1.62 -13.00 35.66
N ILE E 162 -1.82 -14.09 36.41
CA ILE E 162 -2.56 -15.22 35.86
C ILE E 162 -4.04 -14.87 35.68
N LEU E 163 -4.59 -14.04 36.57
CA LEU E 163 -5.98 -13.63 36.39
C LEU E 163 -6.15 -12.78 35.14
N GLY E 164 -5.22 -11.85 34.89
CA GLY E 164 -5.28 -11.08 33.67
C GLY E 164 -5.11 -11.93 32.42
N LYS E 165 -4.19 -12.89 32.47
CA LYS E 165 -4.00 -13.80 31.35
C LYS E 165 -5.24 -14.64 31.10
N CYS E 166 -5.93 -15.06 32.15
CA CYS E 166 -7.14 -15.85 32.00
C CYS E 166 -8.31 -14.99 31.52
N PHE E 167 -8.29 -13.69 31.85
CA PHE E 167 -9.30 -12.78 31.34
C PHE E 167 -9.08 -12.45 29.88
N ASP E 168 -7.82 -12.47 29.42
CA ASP E 168 -7.52 -12.08 28.04
C ASP E 168 -8.21 -12.99 27.03
N SER E 169 -8.47 -14.24 27.40
CA SER E 169 -9.14 -15.18 26.50
C SER E 169 -10.30 -15.88 27.19
N LYS E 245 0.47 -22.22 32.85
CA LYS E 245 0.78 -21.53 34.10
C LYS E 245 -0.20 -21.95 35.20
N VAL E 246 -1.45 -22.21 34.80
CA VAL E 246 -2.46 -22.63 35.75
C VAL E 246 -2.08 -23.96 36.39
N LYS E 247 -1.50 -24.88 35.60
CA LYS E 247 -1.05 -26.16 36.14
C LYS E 247 0.06 -25.96 37.17
N LYS E 248 1.02 -25.08 36.87
CA LYS E 248 2.03 -24.74 37.87
C LYS E 248 1.42 -23.93 39.01
N PHE E 249 0.40 -23.14 38.72
CA PHE E 249 -0.24 -22.32 39.75
C PHE E 249 -0.88 -23.20 40.82
N ARG E 250 -1.67 -24.20 40.41
CA ARG E 250 -2.32 -25.07 41.37
C ARG E 250 -1.34 -25.91 42.16
N LEU E 251 -0.08 -26.00 41.72
CA LEU E 251 0.95 -26.62 42.54
C LEU E 251 1.54 -25.63 43.53
N HIS E 252 2.12 -24.53 43.03
CA HIS E 252 2.84 -23.62 43.91
C HIS E 252 1.93 -22.75 44.77
N VAL E 253 0.70 -22.48 44.33
CA VAL E 253 -0.17 -21.58 45.07
C VAL E 253 -1.09 -22.34 46.02
N GLU E 254 -1.61 -23.49 45.60
CA GLU E 254 -2.52 -24.25 46.45
C GLU E 254 -1.83 -24.87 47.67
N GLU E 255 -0.50 -24.84 47.73
CA GLU E 255 0.24 -25.36 48.86
C GLU E 255 0.25 -24.41 50.05
N GLY E 256 -0.62 -23.41 50.05
CA GLY E 256 -0.58 -22.38 51.08
C GLY E 256 -1.57 -22.59 52.20
N ASP E 257 -2.70 -21.90 52.14
CA ASP E 257 -3.76 -21.79 53.13
C ASP E 257 -3.33 -20.89 54.29
N ILE E 258 -2.05 -20.50 54.37
CA ILE E 258 -1.62 -19.61 55.44
C ILE E 258 -2.09 -18.19 55.16
N LEU E 259 -2.40 -17.84 53.91
CA LEU E 259 -2.90 -16.51 53.62
C LEU E 259 -4.33 -16.33 54.11
N TYR E 260 -5.16 -17.36 53.96
CA TYR E 260 -6.51 -17.30 54.53
C TYR E 260 -6.45 -17.16 56.04
N ALA E 261 -5.58 -17.93 56.69
CA ALA E 261 -5.42 -17.81 58.13
C ALA E 261 -4.89 -16.44 58.51
N MET E 262 -3.98 -15.89 57.71
CA MET E 262 -3.45 -14.55 57.99
C MET E 262 -4.55 -13.50 57.91
N TYR E 263 -5.39 -13.58 56.88
CA TYR E 263 -6.50 -12.64 56.76
C TYR E 263 -7.48 -12.78 57.92
N VAL E 264 -7.78 -14.03 58.30
CA VAL E 264 -8.70 -14.26 59.41
C VAL E 264 -8.12 -13.68 60.71
N ARG E 265 -6.83 -13.90 60.94
CA ARG E 265 -6.19 -13.37 62.15
C ARG E 265 -6.14 -11.85 62.13
N GLN E 266 -5.92 -11.24 60.97
CA GLN E 266 -5.94 -9.78 60.88
C GLN E 266 -7.33 -9.23 61.18
N THR E 267 -8.37 -9.87 60.64
CA THR E 267 -9.73 -9.43 60.94
C THR E 267 -10.07 -9.61 62.42
N VAL E 268 -9.62 -10.73 63.02
CA VAL E 268 -9.84 -10.95 64.44
C VAL E 268 -9.12 -9.88 65.26
N LEU E 269 -7.89 -9.53 64.86
CA LEU E 269 -7.16 -8.47 65.55
C LEU E 269 -7.88 -7.14 65.46
N LYS E 270 -8.44 -6.84 64.28
CA LYS E 270 -9.20 -5.61 64.12
C LYS E 270 -10.45 -5.61 65.01
N VAL E 271 -11.12 -6.76 65.11
CA VAL E 271 -12.27 -6.87 66.00
C VAL E 271 -11.85 -6.65 67.45
N ILE E 272 -10.71 -7.24 67.84
CA ILE E 272 -10.18 -7.05 69.19
C ILE E 272 -9.92 -5.58 69.46
N LYS E 273 -9.28 -4.90 68.51
CA LYS E 273 -8.99 -3.48 68.68
C LYS E 273 -10.26 -2.67 68.81
N PHE E 274 -11.26 -2.95 67.95
CA PHE E 274 -12.51 -2.20 68.02
C PHE E 274 -13.21 -2.40 69.36
N LEU E 275 -13.28 -3.64 69.83
CA LEU E 275 -13.92 -3.93 71.10
C LEU E 275 -13.20 -3.22 72.24
N ILE E 276 -11.88 -3.36 72.31
CA ILE E 276 -11.11 -2.72 73.37
C ILE E 276 -11.32 -1.21 73.34
N ILE E 277 -11.21 -0.61 72.14
CA ILE E 277 -11.34 0.83 72.00
C ILE E 277 -12.68 1.28 72.54
N ILE E 278 -13.78 0.76 71.97
CA ILE E 278 -15.10 1.24 72.37
C ILE E 278 -15.32 1.02 73.86
N ALA E 279 -14.99 -0.18 74.36
CA ALA E 279 -15.27 -0.50 75.75
C ALA E 279 -14.56 0.44 76.70
N TYR E 280 -13.28 0.72 76.46
CA TYR E 280 -12.55 1.57 77.39
C TYR E 280 -12.75 3.06 77.12
N ASN E 281 -13.16 3.42 75.92
CA ASN E 281 -13.32 4.84 75.57
C ASN E 281 -14.67 5.36 76.00
N SER E 282 -15.71 4.51 76.01
CA SER E 282 -17.03 4.98 76.39
C SER E 282 -17.08 5.48 77.83
N ALA E 283 -16.15 5.05 78.68
CA ALA E 283 -16.09 5.52 80.05
C ALA E 283 -15.26 6.79 80.17
N LEU E 284 -14.08 6.83 79.57
CA LEU E 284 -13.19 7.97 79.68
C LEU E 284 -13.63 9.16 78.85
N VAL E 285 -14.58 8.99 77.92
CA VAL E 285 -15.06 10.14 77.16
C VAL E 285 -15.74 11.15 78.08
N SER E 286 -16.50 10.66 79.05
CA SER E 286 -17.11 11.55 80.02
C SER E 286 -16.11 12.21 80.95
N LYS E 287 -14.85 11.75 80.96
CA LYS E 287 -13.86 12.31 81.87
C LYS E 287 -13.53 13.76 81.51
N VAL E 288 -13.47 14.07 80.21
CA VAL E 288 -13.16 15.44 79.80
C VAL E 288 -14.30 16.35 80.20
N GLN E 289 -13.96 17.45 80.87
CA GLN E 289 -14.97 18.38 81.37
C GLN E 289 -14.51 19.80 81.11
N PHE E 290 -15.48 20.68 80.86
CA PHE E 290 -15.16 22.09 80.70
C PHE E 290 -14.54 22.66 81.97
N THR E 291 -15.29 22.65 83.07
CA THR E 291 -14.76 23.10 84.34
C THR E 291 -13.91 22.01 84.98
N VAL E 292 -13.03 22.45 85.88
CA VAL E 292 -12.09 21.54 86.55
C VAL E 292 -11.57 22.25 87.79
N ASP E 293 -11.06 21.47 88.73
CA ASP E 293 -10.57 21.99 90.01
C ASP E 293 -9.19 21.43 90.28
N CYS E 294 -8.31 22.25 90.86
CA CYS E 294 -6.98 21.78 91.22
C CYS E 294 -6.57 22.31 92.58
N ASN E 295 -6.11 21.41 93.45
CA ASN E 295 -5.56 21.76 94.76
C ASN E 295 -4.08 21.46 94.68
N VAL E 296 -3.29 22.48 94.32
CA VAL E 296 -1.87 22.31 94.06
C VAL E 296 -1.09 23.19 95.04
N ASP E 297 0.07 22.69 95.47
CA ASP E 297 0.88 23.38 96.48
C ASP E 297 1.65 24.54 95.82
N ILE E 298 0.88 25.49 95.31
CA ILE E 298 1.44 26.70 94.73
C ILE E 298 1.53 27.83 95.73
N GLN E 299 1.09 27.60 96.97
CA GLN E 299 1.18 28.61 98.01
C GLN E 299 2.64 28.93 98.30
N ASP E 300 2.86 30.13 98.85
CA ASP E 300 4.16 30.75 99.07
C ASP E 300 4.85 31.10 97.77
N MET E 301 4.23 30.84 96.63
CA MET E 301 4.61 31.37 95.34
C MET E 301 3.55 32.29 94.76
N THR E 302 2.28 31.97 94.99
CA THR E 302 1.15 32.80 94.59
C THR E 302 0.27 33.25 95.75
N GLY E 303 0.21 32.49 96.83
CA GLY E 303 -0.63 32.81 97.96
C GLY E 303 -1.96 32.09 98.00
N TYR E 304 -2.19 31.14 97.12
CA TYR E 304 -3.42 30.35 97.10
C TYR E 304 -3.07 28.87 97.02
N LYS E 305 -4.08 28.04 97.27
CA LYS E 305 -3.87 26.59 97.25
C LYS E 305 -4.89 25.91 96.34
N ASN E 306 -6.10 26.44 96.27
CA ASN E 306 -7.18 25.86 95.50
C ASN E 306 -7.53 26.77 94.32
N PHE E 307 -7.75 26.16 93.15
CA PHE E 307 -7.99 26.91 91.93
C PHE E 307 -9.12 26.28 91.13
N SER E 308 -9.97 27.14 90.56
CA SER E 308 -11.00 26.73 89.63
C SER E 308 -10.55 27.09 88.22
N CYS E 309 -10.57 26.11 87.32
CA CYS E 309 -10.04 26.31 85.98
C CYS E 309 -11.03 25.77 84.96
N ASN E 310 -10.81 26.16 83.71
CA ASN E 310 -11.58 25.63 82.60
C ASN E 310 -10.64 25.26 81.47
N HIS E 311 -10.96 24.15 80.81
CA HIS E 311 -10.30 23.70 79.59
C HIS E 311 -11.16 24.20 78.43
N THR E 312 -10.62 25.16 77.66
CA THR E 312 -11.44 25.88 76.70
C THR E 312 -12.03 24.97 75.64
N MET E 313 -11.24 24.03 75.13
CA MET E 313 -11.65 23.17 74.03
C MET E 313 -12.22 21.84 74.49
N ALA E 314 -12.47 21.68 75.80
CA ALA E 314 -12.96 20.40 76.30
C ALA E 314 -14.31 20.05 75.70
N HIS E 315 -15.22 21.01 75.63
CA HIS E 315 -16.55 20.73 75.08
C HIS E 315 -16.50 20.43 73.59
N LEU E 316 -15.50 20.95 72.88
CA LEU E 316 -15.30 20.53 71.50
C LEU E 316 -14.72 19.13 71.43
N PHE E 317 -13.78 18.82 72.32
CA PHE E 317 -13.20 17.48 72.36
C PHE E 317 -14.26 16.43 72.65
N SER E 318 -15.28 16.79 73.43
CA SER E 318 -16.36 15.83 73.71
C SER E 318 -17.05 15.38 72.43
N LYS E 319 -17.49 16.36 71.62
CA LYS E 319 -18.17 16.01 70.38
C LYS E 319 -17.23 15.38 69.36
N LEU E 320 -15.97 15.82 69.34
CA LEU E 320 -14.98 15.20 68.47
C LEU E 320 -14.80 13.73 68.82
N SER E 321 -14.70 13.42 70.12
CA SER E 321 -14.55 12.05 70.56
C SER E 321 -15.81 11.25 70.28
N PHE E 322 -16.98 11.88 70.39
CA PHE E 322 -18.22 11.18 70.08
C PHE E 322 -18.27 10.78 68.61
N CYS E 323 -17.86 11.69 67.71
CA CYS E 323 -17.79 11.34 66.29
C CYS E 323 -16.76 10.24 66.05
N TYR E 324 -15.62 10.31 66.73
CA TYR E 324 -14.62 9.25 66.60
C TYR E 324 -15.18 7.91 67.07
N LEU E 325 -15.93 7.91 68.16
CA LEU E 325 -16.55 6.69 68.65
C LEU E 325 -17.55 6.14 67.65
N CYS E 326 -18.33 7.01 67.03
CA CYS E 326 -19.28 6.55 66.01
C CYS E 326 -18.53 5.92 64.83
N PHE E 327 -17.44 6.54 64.39
CA PHE E 327 -16.66 5.98 63.30
C PHE E 327 -16.08 4.62 63.68
N VAL E 328 -15.56 4.50 64.91
CA VAL E 328 -15.01 3.23 65.35
C VAL E 328 -16.10 2.18 65.46
N SER E 329 -17.31 2.56 65.87
CA SER E 329 -18.41 1.62 65.95
C SER E 329 -18.80 1.09 64.58
N ILE E 330 -18.85 1.99 63.58
CA ILE E 330 -19.14 1.54 62.22
C ILE E 330 -18.02 0.64 61.71
N TYR E 331 -16.77 0.96 62.04
CA TYR E 331 -15.64 0.10 61.69
C TYR E 331 -15.81 -1.28 62.29
N GLY E 332 -16.22 -1.35 63.56
CA GLY E 332 -16.42 -2.64 64.20
C GLY E 332 -17.58 -3.41 63.61
N LEU E 333 -18.65 -2.72 63.23
CA LEU E 333 -19.77 -3.40 62.58
C LEU E 333 -19.34 -3.97 61.22
N THR E 334 -18.52 -3.23 60.48
CA THR E 334 -17.98 -3.76 59.23
C THR E 334 -17.13 -4.98 59.48
N CYS E 335 -16.31 -4.95 60.54
CA CYS E 335 -15.52 -6.13 60.89
C CYS E 335 -16.41 -7.31 61.29
N LEU E 336 -17.52 -7.04 61.99
CA LEU E 336 -18.44 -8.10 62.36
C LEU E 336 -19.10 -8.72 61.14
N TYR E 337 -19.45 -7.91 60.15
CA TYR E 337 -20.02 -8.46 58.93
C TYR E 337 -18.97 -9.26 58.15
N THR E 338 -17.72 -8.80 58.17
CA THR E 338 -16.64 -9.60 57.60
C THR E 338 -16.48 -10.92 58.35
N LEU E 339 -16.77 -10.95 59.65
CA LEU E 339 -16.81 -12.20 60.39
C LEU E 339 -17.86 -13.14 59.82
N TYR E 340 -19.06 -12.62 59.55
CA TYR E 340 -20.09 -13.43 58.89
C TYR E 340 -19.59 -13.96 57.56
N TRP E 341 -18.92 -13.11 56.78
CA TRP E 341 -18.40 -13.55 55.49
C TRP E 341 -17.34 -14.63 55.63
N LEU E 342 -16.56 -14.58 56.72
CA LEU E 342 -15.44 -15.50 56.90
C LEU E 342 -15.81 -16.78 57.63
N PHE E 343 -16.92 -16.81 58.36
CA PHE E 343 -17.26 -17.93 59.24
C PHE E 343 -18.71 -18.35 59.04
N TYR E 344 -19.14 -18.51 57.80
CA TYR E 344 -20.49 -18.97 57.54
C TYR E 344 -20.52 -20.17 56.61
N ARG E 345 -19.52 -20.29 55.73
CA ARG E 345 -19.59 -21.35 54.72
C ARG E 345 -18.26 -22.08 54.52
N SER E 346 -17.32 -21.96 55.46
CA SER E 346 -16.08 -22.75 55.45
C SER E 346 -15.38 -22.68 54.09
N LEU E 347 -14.83 -21.49 53.82
CA LEU E 347 -14.27 -21.17 52.51
C LEU E 347 -13.00 -21.97 52.22
N ARG E 348 -12.64 -22.91 53.09
CA ARG E 348 -11.45 -23.73 52.88
C ARG E 348 -11.55 -24.57 51.62
N GLU E 349 -12.76 -24.97 51.22
CA GLU E 349 -12.94 -25.79 50.04
C GLU E 349 -13.98 -25.16 49.11
N TYR E 350 -13.83 -25.42 47.82
CA TYR E 350 -14.73 -24.90 46.81
C TYR E 350 -14.64 -25.70 45.52
N ASP E 366 -11.77 -29.01 42.02
CA ASP E 366 -11.77 -28.29 43.29
C ASP E 366 -10.43 -27.62 43.54
N VAL E 367 -10.38 -26.78 44.56
CA VAL E 367 -9.18 -26.01 44.88
C VAL E 367 -8.92 -26.07 46.38
N LYS E 368 -7.66 -25.83 46.75
CA LYS E 368 -7.25 -25.85 48.14
C LYS E 368 -7.75 -24.60 48.85
N ASN E 369 -7.39 -24.46 50.13
CA ASN E 369 -7.89 -23.36 50.94
C ASN E 369 -7.39 -22.02 50.42
N ASP E 370 -6.11 -21.93 50.07
CA ASP E 370 -5.56 -20.68 49.56
C ASP E 370 -6.24 -20.28 48.26
N PHE E 371 -6.37 -21.21 47.32
CA PHE E 371 -6.96 -20.88 46.03
C PHE E 371 -8.46 -20.61 46.18
N ALA E 372 -9.14 -21.35 47.05
CA ALA E 372 -10.55 -21.07 47.29
C ALA E 372 -10.76 -19.69 47.88
N PHE E 373 -9.90 -19.29 48.82
CA PHE E 373 -10.00 -17.96 49.42
C PHE E 373 -9.71 -16.87 48.40
N MET E 374 -8.65 -17.04 47.61
CA MET E 374 -8.31 -16.03 46.60
C MET E 374 -9.30 -16.02 45.45
N LEU E 375 -10.10 -17.08 45.28
CA LEU E 375 -11.18 -17.04 44.33
C LEU E 375 -12.40 -16.33 44.90
N HIS E 376 -12.73 -16.62 46.17
CA HIS E 376 -13.84 -15.93 46.83
C HIS E 376 -13.61 -14.43 46.89
N MET E 377 -12.35 -14.00 47.06
CA MET E 377 -12.07 -12.57 47.10
C MET E 377 -12.47 -11.88 45.80
N ILE E 378 -11.99 -12.40 44.67
CA ILE E 378 -12.32 -11.78 43.39
C ILE E 378 -13.79 -11.95 43.06
N ASP E 379 -14.39 -13.06 43.51
CA ASP E 379 -15.84 -13.24 43.35
C ASP E 379 -16.61 -12.15 44.07
N GLN E 380 -16.17 -11.80 45.29
CA GLN E 380 -16.79 -10.70 46.02
C GLN E 380 -16.56 -9.38 45.31
N TYR E 381 -15.35 -9.15 44.81
CA TYR E 381 -15.10 -7.92 44.06
C TYR E 381 -15.96 -7.84 42.79
N ASP E 382 -16.03 -8.94 42.06
CA ASP E 382 -16.82 -9.00 40.83
C ASP E 382 -17.26 -10.44 40.58
N PRO E 383 -18.57 -10.71 40.58
CA PRO E 383 -19.03 -12.11 40.43
C PRO E 383 -18.67 -12.74 39.10
N LEU E 384 -18.31 -11.95 38.09
CA LEU E 384 -18.12 -12.47 36.74
C LEU E 384 -16.75 -13.12 36.54
N TYR E 385 -15.69 -12.54 37.11
CA TYR E 385 -14.34 -13.00 36.82
C TYR E 385 -14.10 -14.46 37.18
N SER E 386 -14.88 -14.99 38.13
CA SER E 386 -14.72 -16.40 38.49
C SER E 386 -15.07 -17.30 37.31
N LYS E 387 -16.10 -16.94 36.54
CA LYS E 387 -16.48 -17.74 35.39
C LYS E 387 -15.38 -17.76 34.34
N ARG E 388 -14.72 -16.62 34.13
CA ARG E 388 -13.63 -16.56 33.15
C ARG E 388 -12.32 -17.11 33.69
N PHE E 389 -12.20 -17.32 35.00
CA PHE E 389 -11.01 -17.97 35.54
C PHE E 389 -11.16 -19.49 35.63
N ALA E 390 -12.38 -19.98 35.81
CA ALA E 390 -12.61 -21.41 35.92
C ALA E 390 -12.36 -22.17 34.62
N VAL E 391 -12.20 -21.46 33.51
CA VAL E 391 -12.08 -22.12 32.21
C VAL E 391 -10.78 -22.92 32.12
N PHE E 392 -9.66 -22.30 32.50
CA PHE E 392 -8.37 -22.94 32.27
C PHE E 392 -8.13 -24.09 33.24
N LEU E 393 -8.80 -24.09 34.40
CA LEU E 393 -8.72 -25.23 35.29
C LEU E 393 -9.35 -26.47 34.65
N SER E 394 -10.46 -26.28 33.94
CA SER E 394 -11.13 -27.38 33.26
C SER E 394 -10.20 -28.03 32.23
N GLU E 395 -10.18 -29.36 32.24
CA GLU E 395 -9.33 -30.10 31.31
C GLU E 395 -10.11 -30.48 30.06
N ALA F 17 15.60 -0.29 40.15
CA ALA F 17 16.69 -0.38 41.10
C ALA F 17 16.36 0.33 42.40
N PHE F 18 15.05 0.49 42.66
CA PHE F 18 14.62 1.24 43.84
C PHE F 18 13.57 0.48 44.64
N ARG F 19 12.84 -0.43 43.99
CA ARG F 19 11.72 -1.11 44.61
C ARG F 19 11.97 -2.59 44.89
N VAL F 20 12.36 -3.36 43.87
CA VAL F 20 12.47 -4.80 44.04
C VAL F 20 13.72 -5.21 44.81
N LEU F 21 14.74 -4.36 44.87
CA LEU F 21 15.99 -4.73 45.54
C LEU F 21 15.91 -4.58 47.05
N LYS F 22 14.89 -3.90 47.57
CA LYS F 22 14.77 -3.72 49.02
C LYS F 22 14.21 -4.97 49.66
N PRO F 23 14.89 -5.57 50.63
CA PRO F 23 14.30 -6.70 51.37
C PRO F 23 13.25 -6.23 52.37
N TRP F 24 12.69 -7.17 53.14
CA TRP F 24 11.64 -6.82 54.09
C TRP F 24 12.20 -5.93 55.21
N TRP F 25 13.36 -6.27 55.75
CA TRP F 25 13.90 -5.53 56.89
C TRP F 25 14.36 -4.14 56.48
N ASP F 26 14.88 -3.97 55.26
CA ASP F 26 15.25 -2.64 54.79
C ASP F 26 14.03 -1.73 54.70
N VAL F 27 12.93 -2.25 54.15
CA VAL F 27 11.71 -1.44 54.05
C VAL F 27 11.16 -1.13 55.43
N PHE F 28 11.20 -2.09 56.35
CA PHE F 28 10.68 -1.83 57.69
C PHE F 28 11.54 -0.81 58.43
N THR F 29 12.86 -0.88 58.26
CA THR F 29 13.74 0.15 58.83
C THR F 29 13.46 1.51 58.20
N ASP F 30 13.18 1.54 56.89
CA ASP F 30 12.82 2.81 56.26
C ASP F 30 11.55 3.38 56.86
N TYR F 31 10.55 2.53 57.09
CA TYR F 31 9.31 3.00 57.72
C TYR F 31 9.56 3.52 59.12
N LEU F 32 10.36 2.81 59.91
CA LEU F 32 10.67 3.26 61.25
C LEU F 32 11.44 4.58 61.23
N SER F 33 12.37 4.72 60.30
CA SER F 33 13.12 5.97 60.19
C SER F 33 12.22 7.13 59.77
N VAL F 34 11.23 6.86 58.92
CA VAL F 34 10.27 7.90 58.55
C VAL F 34 9.44 8.31 59.76
N ALA F 35 9.01 7.34 60.56
CA ALA F 35 8.26 7.67 61.78
C ALA F 35 9.11 8.48 62.75
N MET F 36 10.38 8.10 62.90
CA MET F 36 11.29 8.83 63.78
C MET F 36 11.51 10.25 63.26
N LEU F 37 11.64 10.41 61.94
CA LEU F 37 11.77 11.74 61.36
C LEU F 37 10.53 12.58 61.61
N MET F 38 9.35 11.97 61.48
CA MET F 38 8.12 12.71 61.75
C MET F 38 8.05 13.15 63.21
N ILE F 39 8.43 12.26 64.13
CA ILE F 39 8.45 12.62 65.54
C ILE F 39 9.45 13.74 65.80
N GLY F 40 10.62 13.67 65.17
CA GLY F 40 11.61 14.73 65.33
C GLY F 40 11.12 16.06 64.80
N VAL F 41 10.45 16.05 63.64
CA VAL F 41 9.92 17.29 63.08
C VAL F 41 8.85 17.87 64.00
N PHE F 42 7.98 17.02 64.55
CA PHE F 42 6.98 17.48 65.50
C PHE F 42 7.63 18.12 66.73
N GLY F 43 8.67 17.46 67.27
CA GLY F 43 9.36 18.01 68.41
C GLY F 43 10.04 19.33 68.10
N CYS F 44 10.65 19.44 66.93
CA CYS F 44 11.28 20.69 66.53
C CYS F 44 10.27 21.81 66.36
N THR F 45 9.10 21.51 65.79
CA THR F 45 8.06 22.51 65.67
C THR F 45 7.58 22.98 67.05
N LEU F 46 7.38 22.05 67.97
CA LEU F 46 6.98 22.43 69.32
C LEU F 46 8.05 23.28 69.99
N GLN F 47 9.32 22.91 69.83
CA GLN F 47 10.41 23.69 70.39
C GLN F 47 10.43 25.09 69.80
N VAL F 48 10.22 25.21 68.49
CA VAL F 48 10.23 26.51 67.85
C VAL F 48 9.10 27.38 68.38
N MET F 49 7.90 26.82 68.48
CA MET F 49 6.73 27.65 68.76
C MET F 49 6.41 27.70 70.26
N GLN F 50 6.15 26.56 70.88
CA GLN F 50 5.57 26.50 72.22
C GLN F 50 6.54 25.97 73.27
N ASP F 51 7.81 26.38 73.20
CA ASP F 51 8.81 25.98 74.19
C ASP F 51 9.26 27.22 74.96
N LYS F 52 8.80 27.33 76.20
CA LYS F 52 9.23 28.42 77.07
C LYS F 52 9.15 27.95 78.51
N ILE F 53 9.91 28.62 79.37
CA ILE F 53 10.01 28.30 80.79
C ILE F 53 9.38 29.44 81.57
N ILE F 54 8.46 29.11 82.48
CA ILE F 54 7.78 30.11 83.28
C ILE F 54 8.36 30.10 84.69
N CYS F 55 8.84 31.25 85.15
CA CYS F 55 9.59 31.38 86.38
C CYS F 55 8.87 32.29 87.37
N LEU F 56 9.14 32.07 88.64
CA LEU F 56 8.72 32.95 89.72
C LEU F 56 9.84 33.04 90.75
N PRO F 57 9.97 34.19 91.42
CA PRO F 57 10.91 34.28 92.53
C PRO F 57 10.51 33.32 93.65
N LYS F 58 11.51 32.72 94.29
CA LYS F 58 11.24 31.64 95.24
C LYS F 58 10.74 32.18 96.58
N ARG F 59 11.56 32.98 97.24
CA ARG F 59 11.29 33.43 98.61
C ARG F 59 10.99 34.92 98.58
N VAL F 60 9.73 35.27 98.83
CA VAL F 60 9.32 36.68 98.84
C VAL F 60 9.90 37.39 100.04
N GLU F 96 -9.88 33.38 104.27
CA GLU F 96 -9.57 34.34 103.22
C GLU F 96 -8.08 34.57 103.08
N MET F 97 -7.57 34.45 101.85
CA MET F 97 -6.16 34.64 101.56
C MET F 97 -6.01 35.57 100.37
N LYS F 98 -5.01 36.44 100.43
CA LYS F 98 -4.74 37.40 99.37
C LYS F 98 -3.51 36.99 98.58
N GLY F 99 -3.31 37.68 97.45
CA GLY F 99 -2.19 37.39 96.59
C GLY F 99 -0.85 37.65 97.24
N LEU F 100 0.19 37.33 96.49
CA LEU F 100 1.58 37.36 96.96
C LEU F 100 2.43 38.23 96.05
N LYS F 101 1.96 39.45 95.80
CA LYS F 101 2.57 40.33 94.81
C LYS F 101 4.07 40.50 95.05
N THR F 102 4.84 40.41 93.97
CA THR F 102 6.28 40.56 94.01
C THR F 102 6.74 41.80 93.25
N ASP F 103 5.81 42.62 92.77
CA ASP F 103 6.07 43.88 92.07
C ASP F 103 7.21 43.75 91.05
N LEU F 104 6.98 42.87 90.08
CA LEU F 104 7.87 42.70 88.94
C LEU F 104 7.11 43.02 87.67
N ASP F 105 7.67 43.92 86.86
CA ASP F 105 7.05 44.19 85.57
C ASP F 105 7.30 43.04 84.60
N LEU F 106 6.54 43.05 83.50
CA LEU F 106 6.56 41.92 82.58
C LEU F 106 7.94 41.71 81.98
N GLN F 107 8.64 42.79 81.65
CA GLN F 107 9.97 42.66 81.08
C GLN F 107 10.93 41.99 82.05
N GLN F 108 10.80 42.28 83.34
CA GLN F 108 11.64 41.61 84.34
C GLN F 108 11.35 40.11 84.36
N TYR F 109 10.08 39.73 84.29
CA TYR F 109 9.73 38.32 84.24
C TYR F 109 10.32 37.66 83.00
N SER F 110 10.26 38.34 81.86
CA SER F 110 10.84 37.77 80.64
C SER F 110 12.34 37.59 80.77
N PHE F 111 13.02 38.58 81.35
CA PHE F 111 14.45 38.49 81.56
C PHE F 111 14.81 37.34 82.49
N ILE F 112 14.04 37.17 83.58
CA ILE F 112 14.26 36.03 84.47
C ILE F 112 14.06 34.73 83.73
N ASN F 113 13.00 34.64 82.94
CA ASN F 113 12.72 33.42 82.19
C ASN F 113 13.87 33.06 81.28
N GLN F 114 14.38 34.04 80.53
CA GLN F 114 15.44 33.74 79.57
C GLN F 114 16.76 33.43 80.28
N MET F 115 17.09 34.16 81.34
CA MET F 115 18.33 33.86 82.07
C MET F 115 18.29 32.45 82.66
N CYS F 116 17.21 32.11 83.36
CA CYS F 116 17.13 30.77 83.94
C CYS F 116 17.07 29.70 82.86
N TYR F 117 16.38 29.97 81.75
CA TYR F 117 16.26 29.00 80.67
C TYR F 117 17.62 28.70 80.05
N GLU F 118 18.43 29.73 79.82
CA GLU F 118 19.73 29.51 79.20
C GLU F 118 20.74 28.95 80.18
N ARG F 119 20.68 29.35 81.44
CA ARG F 119 21.72 28.96 82.39
C ARG F 119 21.38 27.68 83.16
N ALA F 120 20.16 27.57 83.66
CA ALA F 120 19.83 26.46 84.56
C ALA F 120 19.56 25.18 83.80
N LEU F 121 18.60 25.21 82.88
CA LEU F 121 18.11 23.98 82.26
C LEU F 121 19.23 23.22 81.56
N HIS F 122 19.25 21.91 81.75
CA HIS F 122 20.27 21.06 81.14
C HIS F 122 20.06 21.00 79.63
N TRP F 123 21.16 20.99 78.89
CA TRP F 123 21.07 21.17 77.44
C TRP F 123 20.32 20.03 76.76
N TYR F 124 20.24 18.86 77.39
CA TYR F 124 19.51 17.76 76.78
C TYR F 124 18.04 18.11 76.63
N ALA F 125 17.44 18.74 77.64
CA ALA F 125 16.05 19.15 77.54
C ALA F 125 15.86 20.19 76.45
N LYS F 126 16.79 21.14 76.34
CA LYS F 126 16.66 22.21 75.35
C LYS F 126 16.81 21.67 73.93
N TYR F 127 17.85 20.88 73.68
CA TYR F 127 18.25 20.52 72.33
C TYR F 127 17.96 19.06 71.99
N PHE F 128 16.93 18.49 72.60
CA PHE F 128 16.52 17.12 72.27
C PHE F 128 16.02 16.98 70.84
N PRO F 129 15.06 17.79 70.35
CA PRO F 129 14.54 17.54 69.00
C PRO F 129 15.58 17.67 67.91
N TYR F 130 16.52 18.61 68.04
CA TYR F 130 17.56 18.75 67.02
C TYR F 130 18.48 17.54 67.01
N LEU F 131 18.81 17.02 68.20
CA LEU F 131 19.61 15.80 68.28
C LEU F 131 18.89 14.63 67.60
N VAL F 132 17.59 14.48 67.87
CA VAL F 132 16.82 13.41 67.25
C VAL F 132 16.80 13.57 65.73
N LEU F 133 16.59 14.81 65.26
CA LEU F 133 16.55 15.06 63.84
C LEU F 133 17.88 14.71 63.18
N ILE F 134 18.99 15.11 63.80
CA ILE F 134 20.30 14.81 63.23
C ILE F 134 20.52 13.29 63.17
N HIS F 135 20.19 12.59 64.24
CA HIS F 135 20.43 11.14 64.26
C HIS F 135 19.57 10.43 63.21
N THR F 136 18.30 10.83 63.10
CA THR F 136 17.42 10.19 62.12
C THR F 136 17.87 10.50 60.69
N LEU F 137 18.30 11.73 60.43
CA LEU F 137 18.82 12.06 59.10
C LEU F 137 20.07 11.26 58.78
N VAL F 138 20.97 11.10 59.75
CA VAL F 138 22.17 10.29 59.50
C VAL F 138 21.79 8.84 59.24
N PHE F 139 20.81 8.31 59.97
CA PHE F 139 20.37 6.94 59.73
C PHE F 139 19.82 6.78 58.32
N MET F 140 18.96 7.71 57.89
CA MET F 140 18.41 7.62 56.54
C MET F 140 19.50 7.75 55.49
N LEU F 141 20.44 8.68 55.69
CA LEU F 141 21.54 8.86 54.75
C LEU F 141 22.38 7.61 54.64
N CYS F 142 22.74 7.00 55.76
CA CYS F 142 23.60 5.81 55.72
C CYS F 142 22.85 4.60 55.20
N SER F 143 21.52 4.58 55.35
CA SER F 143 20.74 3.48 54.78
C SER F 143 20.64 3.60 53.26
N ASN F 144 20.46 4.83 52.75
CA ASN F 144 20.39 5.02 51.31
C ASN F 144 21.75 5.15 50.64
N PHE F 145 22.83 5.24 51.42
CA PHE F 145 24.17 5.37 50.84
C PHE F 145 24.53 4.16 49.99
N TRP F 146 23.96 3.00 50.30
CA TRP F 146 24.22 1.80 49.50
C TRP F 146 23.67 1.94 48.08
N PHE F 147 22.79 2.91 47.84
CA PHE F 147 22.30 3.24 46.51
C PHE F 147 22.91 4.52 45.95
N LYS F 148 23.05 5.55 46.80
CA LYS F 148 23.44 6.87 46.30
C LYS F 148 24.84 6.87 45.70
N PHE F 149 25.78 6.15 46.30
CA PHE F 149 27.19 6.24 45.93
C PHE F 149 27.39 5.87 44.47
N PRO F 150 28.00 6.75 43.65
CA PRO F 150 28.11 6.46 42.21
C PRO F 150 28.85 5.17 41.89
N GLY F 151 29.91 4.85 42.64
CA GLY F 151 30.62 3.61 42.40
C GLY F 151 29.77 2.39 42.64
N SER F 152 28.94 2.42 43.69
CA SER F 152 27.98 1.35 43.93
C SER F 152 26.73 1.48 43.07
N SER F 153 26.31 2.70 42.75
CA SER F 153 25.13 2.90 41.92
C SER F 153 25.34 2.34 40.52
N SER F 154 26.53 2.56 39.94
CA SER F 154 26.81 2.03 38.62
C SER F 154 26.79 0.51 38.61
N LYS F 155 27.35 -0.11 39.65
CA LYS F 155 27.37 -1.58 39.71
C LYS F 155 25.98 -2.15 39.92
N ILE F 156 25.21 -1.59 40.86
CA ILE F 156 23.90 -2.14 41.17
C ILE F 156 22.93 -1.93 40.01
N GLU F 157 23.02 -0.79 39.33
CA GLU F 157 22.09 -0.44 38.26
C GLU F 157 22.17 -1.44 37.11
N GLY F 256 35.67 -7.68 42.49
CA GLY F 256 35.79 -6.34 43.02
C GLY F 256 35.48 -6.25 44.50
N ASP F 257 34.34 -6.82 44.89
CA ASP F 257 33.87 -6.98 46.26
C ASP F 257 33.78 -5.66 47.04
N ILE F 258 33.93 -4.51 46.35
CA ILE F 258 33.75 -3.23 47.01
C ILE F 258 32.28 -3.01 47.36
N LEU F 259 31.37 -3.59 46.57
CA LEU F 259 29.94 -3.42 46.83
C LEU F 259 29.53 -3.99 48.18
N TYR F 260 30.22 -5.05 48.63
CA TYR F 260 29.83 -5.73 49.86
C TYR F 260 30.51 -5.13 51.09
N ALA F 261 31.76 -4.68 50.94
CA ALA F 261 32.45 -4.06 52.07
C ALA F 261 31.72 -2.81 52.53
N MET F 262 31.18 -2.03 51.59
CA MET F 262 30.42 -0.84 51.95
C MET F 262 29.16 -1.20 52.73
N TYR F 263 28.48 -2.28 52.34
CA TYR F 263 27.30 -2.72 53.09
C TYR F 263 27.68 -3.16 54.50
N VAL F 264 28.80 -3.89 54.63
CA VAL F 264 29.26 -4.29 55.96
C VAL F 264 29.58 -3.07 56.82
N ARG F 265 30.27 -2.09 56.23
CA ARG F 265 30.60 -0.86 56.96
C ARG F 265 29.34 -0.10 57.35
N GLN F 266 28.34 -0.05 56.47
CA GLN F 266 27.09 0.62 56.79
C GLN F 266 26.39 -0.04 57.96
N THR F 267 26.32 -1.38 57.95
CA THR F 267 25.71 -2.08 59.08
C THR F 267 26.47 -1.85 60.37
N VAL F 268 27.80 -1.86 60.31
CA VAL F 268 28.60 -1.58 61.51
C VAL F 268 28.32 -0.19 62.03
N LEU F 269 28.28 0.80 61.12
CA LEU F 269 28.01 2.17 61.52
C LEU F 269 26.63 2.29 62.16
N LYS F 270 25.62 1.62 61.59
CA LYS F 270 24.28 1.69 62.17
C LYS F 270 24.22 1.05 63.55
N VAL F 271 24.93 -0.07 63.75
CA VAL F 271 24.95 -0.70 65.06
C VAL F 271 25.63 0.21 66.07
N ILE F 272 26.75 0.82 65.69
CA ILE F 272 27.44 1.75 66.58
C ILE F 272 26.56 2.95 66.89
N LYS F 273 25.81 3.43 65.90
CA LYS F 273 24.88 4.53 66.13
C LYS F 273 23.82 4.14 67.14
N PHE F 274 23.28 2.93 67.02
CA PHE F 274 22.28 2.46 67.99
C PHE F 274 22.86 2.42 69.40
N LEU F 275 24.08 1.86 69.54
CA LEU F 275 24.71 1.78 70.85
C LEU F 275 24.95 3.16 71.45
N ILE F 276 25.50 4.08 70.66
CA ILE F 276 25.83 5.40 71.19
C ILE F 276 24.59 6.24 71.43
N ILE F 277 23.53 6.04 70.64
CA ILE F 277 22.27 6.71 70.90
C ILE F 277 21.71 6.28 72.24
N ILE F 278 21.67 4.97 72.48
CA ILE F 278 21.15 4.49 73.76
C ILE F 278 22.01 4.96 74.92
N ALA F 279 23.33 4.98 74.73
CA ALA F 279 24.27 5.27 75.81
C ALA F 279 23.91 6.56 76.54
N TYR F 280 23.56 7.62 75.80
CA TYR F 280 23.19 8.86 76.48
C TYR F 280 21.69 9.08 76.55
N ASN F 281 20.88 8.54 75.62
CA ASN F 281 19.44 8.73 75.74
C ASN F 281 18.89 8.09 77.01
N SER F 282 19.31 6.85 77.29
CA SER F 282 18.79 6.17 78.48
C SER F 282 19.19 6.90 79.76
N ALA F 283 20.42 7.41 79.81
CA ALA F 283 20.92 8.07 81.00
C ALA F 283 20.51 9.53 81.13
N LEU F 284 19.99 10.14 80.07
CA LEU F 284 19.60 11.55 80.12
C LEU F 284 18.10 11.78 79.97
N VAL F 285 17.30 10.74 79.70
CA VAL F 285 15.86 10.93 79.66
C VAL F 285 15.35 11.41 81.02
N SER F 286 15.83 10.79 82.11
CA SER F 286 15.41 11.18 83.45
C SER F 286 15.89 12.57 83.84
N LYS F 287 16.81 13.17 83.08
CA LYS F 287 17.34 14.48 83.43
C LYS F 287 16.23 15.54 83.38
N VAL F 288 15.34 15.45 82.40
CA VAL F 288 14.30 16.45 82.24
C VAL F 288 13.34 16.39 83.42
N GLN F 289 12.91 17.55 83.89
CA GLN F 289 11.95 17.65 84.98
C GLN F 289 10.97 18.77 84.69
N PHE F 290 9.68 18.51 84.95
CA PHE F 290 8.66 19.52 84.70
C PHE F 290 8.92 20.78 85.53
N THR F 291 9.51 20.61 86.71
CA THR F 291 9.91 21.74 87.54
C THR F 291 11.43 21.86 87.55
N VAL F 292 11.92 23.01 88.04
CA VAL F 292 13.34 23.25 88.15
C VAL F 292 13.54 24.42 89.12
N ASP F 293 14.72 24.49 89.72
CA ASP F 293 15.08 25.56 90.65
C ASP F 293 16.40 26.15 90.16
N CYS F 294 16.42 27.47 89.94
CA CYS F 294 17.62 28.14 89.47
C CYS F 294 18.02 29.26 90.42
N ASN F 295 19.30 29.29 90.76
CA ASN F 295 19.91 30.36 91.54
C ASN F 295 20.86 31.08 90.59
N VAL F 296 20.42 32.22 90.06
CA VAL F 296 21.13 32.90 89.00
C VAL F 296 21.48 34.31 89.46
N ASP F 297 22.65 34.78 89.05
CA ASP F 297 23.15 36.10 89.44
C ASP F 297 22.47 37.18 88.60
N ILE F 298 21.19 37.38 88.88
CA ILE F 298 20.43 38.47 88.28
C ILE F 298 19.89 39.43 89.32
N GLN F 299 20.30 39.28 90.58
CA GLN F 299 19.97 40.30 91.56
C GLN F 299 20.68 41.60 91.20
N ASP F 300 20.13 42.71 91.70
CA ASP F 300 20.44 44.07 91.28
C ASP F 300 19.95 44.34 89.86
N MET F 301 19.31 43.38 89.23
CA MET F 301 18.51 43.56 88.01
C MET F 301 17.06 43.18 88.22
N THR F 302 16.79 42.16 89.03
CA THR F 302 15.45 41.75 89.37
C THR F 302 15.18 41.76 90.87
N GLY F 303 16.21 41.88 91.70
CA GLY F 303 16.05 41.91 93.13
C GLY F 303 15.93 40.57 93.81
N TYR F 304 15.97 39.47 93.06
CA TYR F 304 15.88 38.13 93.63
C TYR F 304 17.09 37.31 93.18
N LYS F 305 17.24 36.14 93.80
CA LYS F 305 18.37 35.27 93.49
C LYS F 305 17.93 33.83 93.27
N ASN F 306 16.79 33.46 93.85
CA ASN F 306 16.32 32.08 93.81
C ASN F 306 14.96 32.04 93.10
N PHE F 307 14.83 31.15 92.12
CA PHE F 307 13.62 31.09 91.31
C PHE F 307 13.15 29.67 91.12
N SER F 308 11.83 29.48 91.22
CA SER F 308 11.18 28.23 90.88
C SER F 308 10.57 28.38 89.49
N CYS F 309 10.98 27.52 88.57
CA CYS F 309 10.53 27.60 87.20
C CYS F 309 9.94 26.26 86.78
N ASN F 310 9.11 26.30 85.76
CA ASN F 310 8.53 25.10 85.17
C ASN F 310 8.70 25.15 83.66
N HIS F 311 9.17 24.03 83.10
CA HIS F 311 9.42 23.89 81.67
C HIS F 311 8.22 23.18 81.05
N THR F 312 7.41 23.92 80.31
CA THR F 312 6.11 23.41 79.89
C THR F 312 6.23 22.16 79.03
N MET F 313 7.14 22.17 78.05
CA MET F 313 7.25 21.06 77.11
C MET F 313 7.77 19.77 77.74
N ALA F 314 8.41 19.86 78.91
CA ALA F 314 9.08 18.69 79.49
C ALA F 314 8.13 17.51 79.57
N HIS F 315 6.92 17.73 80.07
CA HIS F 315 5.95 16.65 80.20
C HIS F 315 5.76 15.95 78.86
N LEU F 316 5.46 16.71 77.80
CA LEU F 316 5.32 16.10 76.48
C LEU F 316 6.63 15.46 76.05
N PHE F 317 7.76 16.12 76.33
CA PHE F 317 9.05 15.52 76.03
C PHE F 317 9.23 14.23 76.82
N SER F 318 8.75 14.20 78.06
CA SER F 318 8.79 12.96 78.82
C SER F 318 7.95 11.89 78.13
N LYS F 319 6.81 12.28 77.57
CA LYS F 319 6.00 11.37 76.77
C LYS F 319 6.53 11.21 75.35
N LEU F 320 7.49 12.04 74.93
CA LEU F 320 8.01 11.95 73.58
C LEU F 320 9.28 11.09 73.53
N SER F 321 10.34 11.53 74.22
CA SER F 321 11.61 10.83 74.16
C SER F 321 11.47 9.38 74.56
N PHE F 322 10.78 9.12 75.67
CA PHE F 322 10.47 7.75 76.07
C PHE F 322 9.93 6.96 74.89
N CYS F 323 8.85 7.43 74.27
CA CYS F 323 8.30 6.74 73.11
C CYS F 323 9.33 6.67 71.98
N TYR F 324 10.05 7.78 71.75
CA TYR F 324 11.12 7.75 70.76
C TYR F 324 12.12 6.64 71.07
N LEU F 325 12.48 6.49 72.35
CA LEU F 325 13.39 5.42 72.72
C LEU F 325 12.86 4.06 72.31
N CYS F 326 11.55 3.85 72.44
CA CYS F 326 10.96 2.60 71.98
C CYS F 326 11.22 2.40 70.49
N PHE F 327 11.00 3.45 69.69
CA PHE F 327 11.24 3.34 68.26
C PHE F 327 12.72 3.10 67.96
N VAL F 328 13.60 3.42 68.91
CA VAL F 328 14.99 3.03 68.75
C VAL F 328 15.13 1.52 68.90
N SER F 329 14.57 0.95 69.98
CA SER F 329 14.83 -0.44 70.31
C SER F 329 14.38 -1.37 69.19
N ILE F 330 13.13 -1.21 68.74
CA ILE F 330 12.65 -2.01 67.60
C ILE F 330 13.58 -1.83 66.42
N TYR F 331 13.92 -0.58 66.10
CA TYR F 331 14.85 -0.32 65.00
C TYR F 331 16.15 -1.10 65.22
N GLY F 332 16.67 -1.06 66.45
CA GLY F 332 17.89 -1.78 66.74
C GLY F 332 17.79 -3.25 66.37
N LEU F 333 16.67 -3.89 66.71
CA LEU F 333 16.49 -5.27 66.32
C LEU F 333 16.61 -5.41 64.80
N THR F 334 15.85 -4.61 64.06
CA THR F 334 15.89 -4.73 62.60
C THR F 334 17.23 -4.28 62.06
N CYS F 335 18.03 -3.60 62.88
CA CYS F 335 19.42 -3.36 62.51
C CYS F 335 20.27 -4.60 62.82
N LEU F 336 20.21 -5.09 64.06
CA LEU F 336 21.09 -6.18 64.47
C LEU F 336 20.85 -7.42 63.61
N TYR F 337 19.57 -7.73 63.35
CA TYR F 337 19.25 -8.84 62.46
C TYR F 337 20.02 -8.73 61.16
N THR F 338 20.04 -7.55 60.55
CA THR F 338 20.78 -7.35 59.32
C THR F 338 22.24 -7.73 59.51
N LEU F 339 22.87 -7.22 60.58
CA LEU F 339 24.26 -7.58 60.86
C LEU F 339 24.39 -9.09 61.03
N TYR F 340 23.41 -9.72 61.68
CA TYR F 340 23.46 -11.17 61.85
C TYR F 340 23.47 -11.87 60.49
N TRP F 341 22.70 -11.35 59.52
CA TRP F 341 22.67 -11.99 58.21
C TRP F 341 24.02 -11.86 57.50
N LEU F 342 24.85 -10.92 57.92
CA LEU F 342 26.20 -10.81 57.37
C LEU F 342 27.19 -11.75 58.04
N PHE F 343 26.82 -12.36 59.15
CA PHE F 343 27.73 -13.21 59.91
C PHE F 343 27.19 -14.60 60.20
N TYR F 344 25.87 -14.73 60.42
CA TYR F 344 25.28 -16.02 60.72
C TYR F 344 25.42 -16.99 59.55
N GLN G 4 48.78 -0.40 -71.83
CA GLN G 4 49.99 0.19 -72.37
C GLN G 4 51.22 -0.36 -71.66
N VAL G 5 50.99 -1.16 -70.62
CA VAL G 5 52.09 -1.75 -69.86
C VAL G 5 52.81 -2.76 -70.74
N GLN G 6 54.12 -2.58 -70.88
CA GLN G 6 54.94 -3.39 -71.76
C GLN G 6 56.07 -4.03 -70.97
N LEU G 7 56.37 -5.29 -71.31
CA LEU G 7 57.50 -6.00 -70.73
C LEU G 7 58.20 -6.78 -71.84
N VAL G 8 59.51 -6.57 -71.97
CA VAL G 8 60.33 -7.32 -72.91
C VAL G 8 61.51 -7.90 -72.15
N GLU G 9 62.00 -9.05 -72.59
CA GLU G 9 63.07 -9.75 -71.90
C GLU G 9 64.13 -10.20 -72.91
N SER G 10 65.39 -9.98 -72.55
CA SER G 10 66.50 -10.24 -73.45
C SER G 10 67.64 -10.88 -72.68
N GLY G 11 68.46 -11.66 -73.40
CA GLY G 11 69.65 -12.27 -72.85
C GLY G 11 69.60 -13.78 -72.75
N GLY G 12 68.42 -14.40 -72.88
CA GLY G 12 68.32 -15.83 -72.71
C GLY G 12 68.96 -16.60 -73.85
N GLY G 13 69.20 -17.88 -73.59
CA GLY G 13 69.81 -18.75 -74.59
C GLY G 13 70.36 -20.00 -73.94
N LEU G 14 71.32 -20.62 -74.62
CA LEU G 14 71.95 -21.85 -74.16
C LEU G 14 73.35 -21.55 -73.63
N VAL G 15 73.61 -22.00 -72.41
CA VAL G 15 74.89 -21.78 -71.74
C VAL G 15 75.30 -23.08 -71.04
N GLN G 16 76.57 -23.42 -71.13
CA GLN G 16 77.08 -24.64 -70.51
C GLN G 16 77.00 -24.54 -68.99
N ALA G 17 77.30 -25.66 -68.34
CA ALA G 17 77.20 -25.75 -66.88
C ALA G 17 78.23 -24.83 -66.21
N GLY G 18 77.80 -24.16 -65.15
CA GLY G 18 78.69 -23.30 -64.39
C GLY G 18 78.91 -21.92 -64.97
N GLY G 19 78.15 -21.53 -65.98
CA GLY G 19 78.31 -20.23 -66.61
C GLY G 19 77.51 -19.15 -65.93
N SER G 20 77.51 -17.98 -66.56
CA SER G 20 76.76 -16.82 -66.09
C SER G 20 75.78 -16.39 -67.18
N LEU G 21 74.84 -15.53 -66.81
CA LEU G 21 73.83 -15.04 -67.74
C LEU G 21 73.27 -13.73 -67.25
N ARG G 22 72.97 -12.84 -68.19
CA ARG G 22 72.30 -11.57 -67.91
C ARG G 22 70.92 -11.58 -68.57
N LEU G 23 69.87 -11.47 -67.76
CA LEU G 23 68.50 -11.41 -68.25
C LEU G 23 67.97 -10.02 -67.92
N SER G 24 67.70 -9.22 -68.95
CA SER G 24 67.24 -7.86 -68.77
C SER G 24 65.77 -7.77 -69.17
N CYS G 25 64.95 -7.25 -68.26
CA CYS G 25 63.52 -7.06 -68.48
C CYS G 25 63.23 -5.57 -68.52
N ALA G 26 62.91 -5.06 -69.71
CA ALA G 26 62.58 -3.65 -69.89
C ALA G 26 61.08 -3.46 -69.81
N ALA G 27 60.68 -2.40 -69.11
CA ALA G 27 59.28 -2.06 -68.90
C ALA G 27 59.01 -0.67 -69.43
N SER G 28 57.96 -0.53 -70.22
CA SER G 28 57.61 0.74 -70.87
C SER G 28 56.40 1.41 -70.26
N GLY G 29 55.31 0.66 -70.06
CA GLY G 29 54.08 1.28 -69.58
C GLY G 29 54.17 1.85 -68.18
N PHE G 30 54.95 1.23 -67.32
CA PHE G 30 55.06 1.65 -65.93
C PHE G 30 56.50 1.90 -65.56
N PRO G 31 56.75 2.82 -64.63
CA PRO G 31 58.11 2.97 -64.08
C PRO G 31 58.42 1.80 -63.16
N VAL G 32 59.62 1.24 -63.32
CA VAL G 32 60.00 0.05 -62.57
C VAL G 32 60.11 0.33 -61.07
N GLY G 33 60.23 1.59 -60.68
CA GLY G 33 60.44 1.90 -59.27
C GLY G 33 59.24 1.57 -58.40
N ARG G 34 58.03 1.85 -58.88
CA ARG G 34 56.83 1.79 -58.05
C ARG G 34 55.96 0.58 -58.37
N HIS G 35 56.58 -0.55 -58.72
CA HIS G 35 55.84 -1.79 -58.91
C HIS G 35 56.75 -2.97 -58.62
N PHE G 36 56.23 -3.92 -57.85
CA PHE G 36 56.97 -5.15 -57.55
C PHE G 36 57.21 -5.93 -58.84
N MET G 37 58.44 -6.39 -59.03
CA MET G 37 58.80 -7.16 -60.22
C MET G 37 59.08 -8.60 -59.83
N TYR G 38 58.73 -9.54 -60.71
CA TYR G 38 58.87 -10.95 -60.39
C TYR G 38 59.48 -11.69 -61.58
N TRP G 39 60.28 -12.71 -61.27
CA TRP G 39 60.81 -13.64 -62.26
C TRP G 39 60.26 -15.02 -61.97
N TYR G 40 59.54 -15.59 -62.94
CA TYR G 40 59.05 -16.94 -62.88
C TYR G 40 59.75 -17.76 -63.96
N ARG G 41 59.62 -19.08 -63.90
CA ARG G 41 60.12 -19.93 -64.97
C ARG G 41 59.19 -21.11 -65.17
N GLN G 42 58.97 -21.45 -66.45
CA GLN G 42 58.16 -22.59 -66.86
C GLN G 42 59.09 -23.60 -67.51
N ALA G 43 59.25 -24.76 -66.89
CA ALA G 43 60.09 -25.80 -67.45
C ALA G 43 59.26 -26.72 -68.35
N PRO G 44 59.89 -27.37 -69.32
CA PRO G 44 59.13 -28.29 -70.19
C PRO G 44 58.54 -29.43 -69.38
N GLY G 45 57.22 -29.59 -69.50
CA GLY G 45 56.52 -30.61 -68.75
C GLY G 45 56.39 -30.31 -67.28
N LYS G 46 56.67 -29.08 -66.86
CA LYS G 46 56.62 -28.70 -65.45
C LYS G 46 55.76 -27.45 -65.30
N GLU G 47 55.00 -27.40 -64.21
CA GLU G 47 54.17 -26.23 -63.93
C GLU G 47 55.04 -25.01 -63.68
N ARG G 48 54.51 -23.84 -64.05
CA ARG G 48 55.24 -22.59 -63.86
C ARG G 48 55.57 -22.39 -62.39
N GLU G 49 56.77 -21.90 -62.12
CA GLU G 49 57.28 -21.75 -60.77
C GLU G 49 57.92 -20.39 -60.58
N TRP G 50 57.65 -19.77 -59.44
CA TRP G 50 58.31 -18.52 -59.08
C TRP G 50 59.79 -18.75 -58.83
N VAL G 51 60.60 -17.77 -59.23
CA VAL G 51 62.04 -17.87 -59.08
C VAL G 51 62.56 -16.75 -58.19
N ALA G 52 62.32 -15.50 -58.61
CA ALA G 52 62.87 -14.35 -57.90
C ALA G 52 61.80 -13.27 -57.79
N ALA G 53 62.03 -12.34 -56.87
CA ALA G 53 61.13 -11.21 -56.70
C ALA G 53 61.90 -10.03 -56.14
N ILE G 54 61.63 -8.84 -56.65
CA ILE G 54 62.19 -7.60 -56.13
C ILE G 54 61.05 -6.64 -55.82
N TYR G 55 61.08 -6.05 -54.63
CA TYR G 55 60.03 -5.17 -54.18
C TYR G 55 60.11 -3.82 -54.87
N SER G 56 59.11 -2.98 -54.60
CA SER G 56 59.10 -1.59 -55.04
C SER G 56 59.64 -0.63 -54.00
N TYR G 57 60.09 -1.13 -52.85
CA TYR G 57 60.61 -0.28 -51.79
C TYR G 57 61.59 -1.07 -50.95
N GLY G 58 62.68 -0.41 -50.54
CA GLY G 58 63.65 -0.99 -49.65
C GLY G 58 64.60 -1.98 -50.29
N GLU G 59 64.52 -2.19 -51.60
CA GLU G 59 65.37 -3.11 -52.34
C GLU G 59 65.30 -4.53 -51.81
N TYR G 60 64.24 -4.87 -51.09
CA TYR G 60 64.07 -6.23 -50.60
C TYR G 60 63.84 -7.18 -51.76
N THR G 61 64.50 -8.34 -51.70
CA THR G 61 64.40 -9.34 -52.75
C THR G 61 64.23 -10.72 -52.13
N GLU G 62 63.63 -11.60 -52.90
CA GLU G 62 63.39 -12.98 -52.49
C GLU G 62 63.79 -13.93 -53.61
N TYR G 63 64.33 -15.08 -53.22
CA TYR G 63 64.80 -16.10 -54.14
C TYR G 63 64.45 -17.47 -53.60
N ALA G 64 64.03 -18.37 -54.48
CA ALA G 64 63.70 -19.72 -54.06
C ALA G 64 64.95 -20.44 -53.55
N ASP G 65 64.73 -21.41 -52.65
CA ASP G 65 65.85 -22.10 -52.01
C ASP G 65 66.73 -22.81 -53.03
N SER G 66 66.16 -23.26 -54.14
CA SER G 66 66.94 -23.95 -55.15
C SER G 66 67.94 -23.00 -55.81
N VAL G 67 67.57 -21.73 -55.99
CA VAL G 67 68.37 -20.78 -56.74
C VAL G 67 68.86 -19.64 -55.88
N LYS G 68 68.58 -19.66 -54.57
CA LYS G 68 69.03 -18.59 -53.69
C LYS G 68 70.54 -18.61 -53.57
N GLY G 69 71.14 -17.42 -53.55
CA GLY G 69 72.58 -17.29 -53.48
C GLY G 69 73.30 -17.43 -54.80
N ARG G 70 72.60 -17.84 -55.85
CA ARG G 70 73.16 -17.97 -57.19
C ARG G 70 72.68 -16.90 -58.14
N PHE G 71 71.40 -16.54 -58.07
CA PHE G 71 70.81 -15.56 -58.97
C PHE G 71 70.64 -14.25 -58.20
N THR G 72 71.21 -13.18 -58.73
CA THR G 72 71.15 -11.86 -58.13
C THR G 72 70.29 -10.96 -59.00
N ILE G 73 69.23 -10.40 -58.42
CA ILE G 73 68.29 -9.56 -59.14
C ILE G 73 68.41 -8.13 -58.63
N SER G 74 68.35 -7.19 -59.57
CA SER G 74 68.36 -5.77 -59.24
C SER G 74 67.57 -5.04 -60.32
N ARG G 75 67.45 -3.73 -60.18
CA ARG G 75 66.78 -2.93 -61.19
C ARG G 75 67.44 -1.57 -61.29
N ASP G 76 67.32 -0.96 -62.47
CA ASP G 76 67.81 0.39 -62.73
C ASP G 76 66.67 1.20 -63.35
N ASN G 77 66.26 2.25 -62.65
CA ASN G 77 65.21 3.12 -63.16
C ASN G 77 65.69 4.00 -64.30
N ALA G 78 67.00 4.18 -64.45
CA ALA G 78 67.53 4.93 -65.58
C ALA G 78 67.16 4.26 -66.90
N LYS G 79 67.33 2.95 -66.98
CA LYS G 79 66.85 2.18 -68.12
C LYS G 79 65.48 1.57 -67.86
N ASN G 80 64.94 1.74 -66.65
CA ASN G 80 63.65 1.15 -66.26
C ASN G 80 63.65 -0.35 -66.51
N THR G 81 64.76 -1.00 -66.18
CA THR G 81 64.95 -2.41 -66.46
C THR G 81 65.24 -3.18 -65.16
N VAL G 82 65.03 -4.49 -65.24
CA VAL G 82 65.33 -5.42 -64.17
C VAL G 82 66.41 -6.36 -64.67
N TYR G 83 67.55 -6.37 -63.98
CA TYR G 83 68.68 -7.21 -64.33
C TYR G 83 68.70 -8.45 -63.45
N LEU G 84 68.89 -9.61 -64.07
CA LEU G 84 69.08 -10.87 -63.36
C LEU G 84 70.43 -11.44 -63.79
N GLN G 85 71.33 -11.61 -62.83
CA GLN G 85 72.62 -12.26 -63.07
C GLN G 85 72.56 -13.68 -62.53
N MET G 86 72.85 -14.64 -63.40
CA MET G 86 72.71 -16.05 -63.09
C MET G 86 74.07 -16.73 -63.14
N ASN G 87 74.41 -17.41 -62.04
CA ASN G 87 75.68 -18.11 -61.90
C ASN G 87 75.42 -19.53 -61.44
N SER G 88 76.45 -20.38 -61.59
CA SER G 88 76.38 -21.80 -61.24
C SER G 88 75.21 -22.47 -61.96
N LEU G 89 75.10 -22.19 -63.26
CA LEU G 89 73.98 -22.71 -64.03
C LEU G 89 74.13 -24.20 -64.27
N LYS G 90 73.01 -24.91 -64.20
CA LYS G 90 72.98 -26.36 -64.27
C LYS G 90 71.85 -26.79 -65.20
N PRO G 91 71.97 -27.96 -65.84
CA PRO G 91 70.91 -28.40 -66.76
C PRO G 91 69.56 -28.62 -66.09
N GLU G 92 69.52 -28.71 -64.76
CA GLU G 92 68.26 -28.96 -64.07
C GLU G 92 67.33 -27.76 -64.06
N ASP G 93 67.84 -26.57 -64.39
CA ASP G 93 67.01 -25.36 -64.42
C ASP G 93 66.69 -24.91 -65.83
N THR G 94 66.45 -25.86 -66.73
CA THR G 94 66.06 -25.56 -68.10
C THR G 94 64.60 -25.11 -68.10
N ALA G 95 64.36 -23.86 -68.49
CA ALA G 95 63.00 -23.31 -68.45
C ALA G 95 62.98 -22.01 -69.23
N VAL G 96 61.77 -21.51 -69.47
CA VAL G 96 61.56 -20.19 -70.05
C VAL G 96 61.21 -19.23 -68.93
N TYR G 97 61.94 -18.12 -68.86
CA TYR G 97 61.74 -17.16 -67.78
C TYR G 97 60.69 -16.13 -68.18
N TYR G 98 59.89 -15.70 -67.21
CA TYR G 98 58.84 -14.72 -67.40
C TYR G 98 59.04 -13.57 -66.43
N CYS G 99 59.05 -12.34 -66.96
CA CYS G 99 59.05 -11.13 -66.16
C CYS G 99 57.60 -10.73 -65.91
N TYR G 100 57.22 -10.65 -64.63
CA TYR G 100 55.82 -10.51 -64.25
C TYR G 100 55.63 -9.31 -63.35
N VAL G 101 54.45 -8.69 -63.49
CA VAL G 101 54.04 -7.59 -62.62
C VAL G 101 52.52 -7.53 -62.63
N TYR G 102 51.95 -7.15 -61.49
CA TYR G 102 50.50 -6.95 -61.37
C TYR G 102 50.25 -5.45 -61.33
N VAL G 103 49.78 -4.91 -62.45
CA VAL G 103 49.40 -3.50 -62.51
C VAL G 103 47.94 -3.43 -62.91
N GLY G 104 47.05 -3.41 -61.92
CA GLY G 104 45.63 -3.56 -62.20
C GLY G 104 45.25 -4.99 -62.48
N ASN G 105 46.01 -5.67 -63.34
CA ASN G 105 45.82 -7.08 -63.62
C ASN G 105 47.19 -7.71 -63.81
N GLU G 106 47.20 -9.00 -64.13
CA GLU G 106 48.45 -9.72 -64.34
C GLU G 106 49.11 -9.29 -65.64
N TYR G 107 50.44 -9.35 -65.65
CA TYR G 107 51.20 -9.08 -66.87
C TYR G 107 52.45 -9.94 -66.84
N TRP G 108 52.50 -10.92 -67.74
CA TRP G 108 53.68 -11.77 -67.93
C TRP G 108 54.44 -11.27 -69.16
N GLY G 109 55.74 -11.01 -68.97
CA GLY G 109 56.56 -10.62 -70.09
C GLY G 109 56.78 -11.76 -71.07
N GLN G 110 57.27 -11.40 -72.26
CA GLN G 110 57.49 -12.40 -73.29
C GLN G 110 58.54 -13.42 -72.86
N GLY G 111 59.63 -12.96 -72.28
CA GLY G 111 60.61 -13.86 -71.69
C GLY G 111 61.49 -14.58 -72.70
N THR G 112 62.55 -15.20 -72.21
CA THR G 112 63.48 -15.96 -73.03
C THR G 112 63.62 -17.37 -72.48
N GLN G 113 63.89 -18.32 -73.37
CA GLN G 113 64.07 -19.71 -72.98
C GLN G 113 65.55 -19.99 -72.74
N VAL G 114 65.89 -20.44 -71.53
CA VAL G 114 67.25 -20.73 -71.15
C VAL G 114 67.35 -22.22 -70.87
N THR G 115 68.22 -22.90 -71.62
CA THR G 115 68.56 -24.30 -71.40
C THR G 115 70.05 -24.38 -71.11
N VAL G 116 70.43 -25.24 -70.17
CA VAL G 116 71.81 -25.37 -69.74
C VAL G 116 72.31 -26.76 -70.13
N SER G 117 73.49 -26.80 -70.77
CA SER G 117 74.10 -28.07 -71.17
C SER G 117 75.18 -28.48 -70.18
N GLN H 4 9.07 20.87 -84.86
CA GLN H 4 9.90 21.66 -85.75
C GLN H 4 11.37 21.44 -85.47
N VAL H 5 11.67 20.75 -84.37
CA VAL H 5 13.05 20.41 -84.04
C VAL H 5 13.51 19.33 -84.99
N GLN H 6 14.33 19.70 -85.97
CA GLN H 6 14.78 18.79 -87.02
C GLN H 6 16.27 18.53 -86.84
N LEU H 7 16.61 17.29 -86.51
CA LEU H 7 18.00 16.86 -86.37
C LEU H 7 18.44 16.18 -87.66
N VAL H 8 19.59 16.58 -88.16
CA VAL H 8 20.14 16.01 -89.39
C VAL H 8 21.62 15.71 -89.17
N GLU H 9 22.03 14.48 -89.51
CA GLU H 9 23.43 14.08 -89.47
C GLU H 9 24.06 14.20 -90.84
N SER H 10 25.37 14.41 -90.85
CA SER H 10 26.12 14.53 -92.09
C SER H 10 27.56 14.11 -91.84
N GLY H 11 28.23 13.69 -92.90
CA GLY H 11 29.61 13.24 -92.82
C GLY H 11 29.78 11.73 -92.81
N GLY H 12 28.69 10.96 -92.75
CA GLY H 12 28.80 9.52 -92.79
C GLY H 12 29.28 9.04 -94.14
N GLY H 13 30.00 7.91 -94.12
CA GLY H 13 30.56 7.37 -95.34
C GLY H 13 31.43 6.17 -95.06
N LEU H 14 32.26 5.82 -96.03
CA LEU H 14 33.12 4.65 -95.95
C LEU H 14 34.57 5.11 -95.84
N VAL H 15 35.26 4.62 -94.81
CA VAL H 15 36.66 4.93 -94.58
C VAL H 15 37.36 3.67 -94.13
N GLN H 16 38.70 3.72 -94.11
CA GLN H 16 39.49 2.57 -93.72
C GLN H 16 39.71 2.56 -92.21
N ALA H 17 40.55 1.64 -91.76
CA ALA H 17 40.87 1.56 -90.34
C ALA H 17 41.91 2.61 -89.96
N GLY H 18 41.71 3.24 -88.81
CA GLY H 18 42.65 4.24 -88.33
C GLY H 18 42.47 5.62 -88.92
N GLY H 19 41.33 5.90 -89.54
CA GLY H 19 41.08 7.19 -90.13
C GLY H 19 40.67 8.23 -89.10
N SER H 20 40.56 9.47 -89.57
CA SER H 20 40.16 10.60 -88.74
C SER H 20 38.95 11.25 -89.39
N LEU H 21 37.76 10.86 -88.93
CA LEU H 21 36.51 11.27 -89.55
C LEU H 21 35.76 12.23 -88.65
N ARG H 22 34.99 13.13 -89.24
CA ARG H 22 34.20 14.09 -88.50
C ARG H 22 32.76 14.04 -88.98
N LEU H 23 31.83 13.92 -88.03
CA LEU H 23 30.40 13.89 -88.31
C LEU H 23 29.76 15.12 -87.69
N SER H 24 28.91 15.79 -88.46
CA SER H 24 28.26 17.02 -88.04
C SER H 24 26.76 16.78 -87.87
N CYS H 25 26.23 17.16 -86.72
CA CYS H 25 24.81 17.10 -86.40
C CYS H 25 24.28 18.51 -86.31
N ALA H 26 23.18 18.78 -87.01
CA ALA H 26 22.60 20.10 -87.10
C ALA H 26 21.14 20.08 -86.69
N ALA H 27 20.72 21.13 -85.98
CA ALA H 27 19.33 21.32 -85.60
C ALA H 27 19.05 22.81 -85.56
N SER H 28 17.78 23.18 -85.69
CA SER H 28 17.40 24.58 -85.78
C SER H 28 16.24 24.98 -84.88
N GLY H 29 15.58 24.04 -84.21
CA GLY H 29 14.44 24.37 -83.38
C GLY H 29 14.76 24.73 -81.95
N PHE H 30 16.02 24.75 -81.55
CA PHE H 30 16.40 24.98 -80.17
C PHE H 30 17.89 25.29 -80.12
N PRO H 31 18.35 25.97 -79.06
CA PRO H 31 19.80 26.13 -78.87
C PRO H 31 20.43 24.84 -78.36
N VAL H 32 21.51 24.41 -79.02
CA VAL H 32 22.13 23.13 -78.70
C VAL H 32 22.80 23.17 -77.32
N GLY H 33 23.42 24.29 -76.98
CA GLY H 33 24.24 24.36 -75.78
C GLY H 33 23.51 24.31 -74.47
N ARG H 34 22.18 24.28 -74.49
CA ARG H 34 21.38 24.21 -73.27
C ARG H 34 20.77 22.83 -73.06
N HIS H 35 21.21 21.82 -73.81
CA HIS H 35 20.63 20.48 -73.69
C HIS H 35 21.72 19.44 -73.94
N PHE H 36 21.65 18.35 -73.19
CA PHE H 36 22.50 17.19 -73.45
C PHE H 36 22.23 16.67 -74.85
N MET H 37 23.29 16.32 -75.57
CA MET H 37 23.15 15.74 -76.90
C MET H 37 23.80 14.37 -76.91
N TYR H 38 23.11 13.38 -77.51
CA TYR H 38 23.56 12.00 -77.41
C TYR H 38 23.80 11.40 -78.79
N TRP H 39 25.02 10.92 -79.02
CA TRP H 39 25.36 10.18 -80.22
C TRP H 39 25.10 8.70 -79.96
N TYR H 40 24.16 8.13 -80.72
CA TYR H 40 23.80 6.73 -80.66
C TYR H 40 24.24 6.03 -81.94
N ARG H 41 24.48 4.72 -81.84
CA ARG H 41 24.79 3.90 -82.99
C ARG H 41 23.91 2.66 -83.00
N GLN H 42 23.52 2.22 -84.20
CA GLN H 42 22.83 0.96 -84.38
C GLN H 42 23.63 0.14 -85.38
N ALA H 43 24.16 -0.99 -84.92
CA ALA H 43 24.97 -1.85 -85.79
C ALA H 43 24.07 -2.53 -86.82
N PRO H 44 24.64 -2.92 -87.95
CA PRO H 44 23.84 -3.67 -88.95
C PRO H 44 23.27 -4.94 -88.37
N GLY H 45 21.95 -5.01 -88.29
CA GLY H 45 21.28 -6.14 -87.69
C GLY H 45 21.56 -6.32 -86.21
N LYS H 46 21.49 -5.24 -85.44
CA LYS H 46 21.75 -5.31 -84.01
C LYS H 46 20.97 -4.20 -83.31
N GLU H 47 20.76 -4.38 -82.01
CA GLU H 47 20.09 -3.37 -81.20
C GLU H 47 20.91 -2.09 -81.14
N ARG H 48 20.23 -0.96 -81.23
CA ARG H 48 20.90 0.33 -81.19
C ARG H 48 21.56 0.56 -79.84
N GLU H 49 22.69 1.26 -79.85
CA GLU H 49 23.48 1.50 -78.67
C GLU H 49 23.91 2.96 -78.59
N TRP H 50 23.80 3.54 -77.40
CA TRP H 50 24.33 4.87 -77.17
C TRP H 50 25.86 4.85 -77.17
N VAL H 51 26.46 5.84 -77.81
CA VAL H 51 27.91 5.93 -77.94
C VAL H 51 28.49 7.03 -77.07
N ALA H 52 28.07 8.28 -77.31
CA ALA H 52 28.67 9.41 -76.62
C ALA H 52 27.57 10.36 -76.14
N ALA H 53 27.94 11.22 -75.21
CA ALA H 53 27.01 12.23 -74.69
C ALA H 53 27.78 13.49 -74.34
N ILE H 54 27.19 14.64 -74.64
CA ILE H 54 27.73 15.94 -74.27
C ILE H 54 26.74 16.61 -73.32
N TYR H 55 27.26 17.07 -72.19
CA TYR H 55 26.47 17.69 -71.13
C TYR H 55 25.91 19.03 -71.58
N SER H 56 24.75 19.38 -71.01
CA SER H 56 24.15 20.69 -71.24
C SER H 56 24.98 21.82 -70.66
N TYR H 57 25.92 21.53 -69.75
CA TYR H 57 26.69 22.57 -69.09
C TYR H 57 28.02 21.97 -68.64
N GLY H 58 28.96 22.84 -68.30
CA GLY H 58 30.22 22.42 -67.71
C GLY H 58 31.15 21.68 -68.63
N GLU H 59 30.80 21.52 -69.90
CA GLU H 59 31.64 20.85 -70.89
C GLU H 59 32.05 19.45 -70.44
N TYR H 60 31.10 18.72 -69.86
CA TYR H 60 31.33 17.34 -69.47
C TYR H 60 30.97 16.41 -70.63
N THR H 61 31.78 15.38 -70.83
CA THR H 61 31.58 14.42 -71.91
C THR H 61 31.55 13.01 -71.35
N GLU H 62 30.80 12.14 -72.03
CA GLU H 62 30.71 10.73 -71.68
C GLU H 62 30.90 9.88 -72.93
N TYR H 63 31.69 8.82 -72.80
CA TYR H 63 32.00 7.93 -73.91
C TYR H 63 31.87 6.49 -73.44
N ALA H 64 31.33 5.63 -74.31
CA ALA H 64 31.19 4.23 -73.98
C ALA H 64 32.56 3.54 -73.90
N ASP H 65 32.57 2.35 -73.30
CA ASP H 65 33.84 1.67 -73.03
C ASP H 65 34.60 1.35 -74.32
N SER H 66 33.90 0.84 -75.33
CA SER H 66 34.56 0.50 -76.58
C SER H 66 35.07 1.74 -77.31
N VAL H 67 34.51 2.92 -77.01
CA VAL H 67 34.88 4.16 -77.68
C VAL H 67 35.47 5.17 -76.72
N LYS H 68 35.81 4.75 -75.50
CA LYS H 68 36.33 5.67 -74.49
C LYS H 68 37.65 6.26 -74.94
N GLY H 69 37.66 7.57 -75.23
CA GLY H 69 38.85 8.25 -75.68
C GLY H 69 39.11 8.16 -77.17
N ARG H 70 38.42 7.27 -77.89
CA ARG H 70 38.56 7.17 -79.33
C ARG H 70 37.65 8.12 -80.09
N PHE H 71 36.47 8.40 -79.56
CA PHE H 71 35.54 9.36 -80.16
C PHE H 71 35.48 10.60 -79.28
N THR H 72 35.69 11.76 -79.88
CA THR H 72 35.70 13.03 -79.16
C THR H 72 34.55 13.89 -79.65
N ILE H 73 33.77 14.44 -78.73
CA ILE H 73 32.59 15.22 -79.08
C ILE H 73 32.81 16.67 -78.66
N SER H 74 32.53 17.58 -79.59
CA SER H 74 32.51 19.01 -79.32
C SER H 74 31.23 19.58 -79.90
N ARG H 75 30.96 20.85 -79.56
CA ARG H 75 29.76 21.48 -80.09
C ARG H 75 29.89 22.98 -79.98
N ASP H 76 29.22 23.69 -80.88
CA ASP H 76 29.18 25.14 -80.85
C ASP H 76 27.76 25.61 -81.11
N ASN H 77 27.26 26.48 -80.23
CA ASN H 77 25.94 27.07 -80.37
C ASN H 77 25.91 28.21 -81.38
N ALA H 78 27.08 28.72 -81.79
CA ALA H 78 27.11 29.76 -82.80
C ALA H 78 26.50 29.27 -84.11
N LYS H 79 26.84 28.05 -84.52
CA LYS H 79 26.26 27.43 -85.71
C LYS H 79 25.26 26.34 -85.38
N ASN H 80 24.91 26.15 -84.11
CA ASN H 80 23.98 25.10 -83.68
C ASN H 80 24.46 23.72 -84.14
N THR H 81 25.77 23.50 -84.08
CA THR H 81 26.38 22.30 -84.64
C THR H 81 27.03 21.46 -83.56
N VAL H 82 27.00 20.14 -83.75
CA VAL H 82 27.69 19.19 -82.90
C VAL H 82 28.65 18.37 -83.76
N TYR H 83 29.90 18.29 -83.34
CA TYR H 83 30.94 17.63 -84.12
C TYR H 83 31.46 16.41 -83.37
N LEU H 84 31.55 15.29 -84.07
CA LEU H 84 32.12 14.06 -83.54
C LEU H 84 33.36 13.70 -84.36
N GLN H 85 34.48 13.56 -83.68
CA GLN H 85 35.75 13.19 -84.32
C GLN H 85 36.08 11.76 -83.89
N MET H 86 36.11 10.86 -84.87
CA MET H 86 36.44 9.46 -84.66
C MET H 86 37.85 9.20 -85.20
N ASN H 87 38.70 8.64 -84.34
CA ASN H 87 40.10 8.41 -84.66
C ASN H 87 40.47 6.99 -84.28
N SER H 88 41.43 6.42 -85.02
CA SER H 88 41.86 5.03 -84.84
C SER H 88 40.65 4.09 -84.88
N LEU H 89 39.97 4.12 -86.01
CA LEU H 89 38.71 3.41 -86.17
C LEU H 89 38.93 1.90 -86.24
N LYS H 90 37.85 1.17 -86.01
CA LYS H 90 37.79 -0.28 -86.11
C LYS H 90 36.54 -0.67 -86.87
N PRO H 91 36.50 -1.87 -87.47
CA PRO H 91 35.27 -2.31 -88.13
C PRO H 91 34.08 -2.46 -87.19
N GLU H 92 34.34 -2.54 -85.88
CA GLU H 92 33.23 -2.67 -84.92
C GLU H 92 32.34 -1.45 -84.94
N ASP H 93 32.93 -0.25 -85.04
CA ASP H 93 32.15 0.99 -85.03
C ASP H 93 31.48 1.27 -86.37
N THR H 94 31.40 0.28 -87.26
CA THR H 94 30.64 0.40 -88.49
C THR H 94 29.17 0.19 -88.16
N ALA H 95 28.37 1.25 -88.32
CA ALA H 95 26.97 1.24 -87.91
C ALA H 95 26.30 2.49 -88.48
N VAL H 96 25.01 2.62 -88.23
CA VAL H 96 24.28 3.85 -88.57
C VAL H 96 24.18 4.69 -87.31
N TYR H 97 24.66 5.92 -87.39
CA TYR H 97 24.81 6.79 -86.24
C TYR H 97 23.80 7.93 -86.28
N TYR H 98 23.27 8.28 -85.11
CA TYR H 98 22.26 9.31 -84.96
C TYR H 98 22.66 10.24 -83.82
N CYS H 99 22.15 11.46 -83.88
CA CYS H 99 22.21 12.39 -82.76
C CYS H 99 20.81 12.61 -82.23
N TYR H 100 20.67 12.52 -80.91
CA TYR H 100 19.38 12.56 -80.23
C TYR H 100 19.36 13.68 -79.21
N VAL H 101 18.18 14.27 -79.04
CA VAL H 101 17.94 15.28 -78.03
C VAL H 101 16.52 15.07 -77.51
N TYR H 102 16.21 15.73 -76.38
CA TYR H 102 14.87 15.68 -75.79
C TYR H 102 14.48 17.11 -75.43
N VAL H 103 13.63 17.70 -76.24
CA VAL H 103 13.11 19.05 -75.98
C VAL H 103 11.59 18.96 -76.04
N GLY H 104 10.97 18.86 -74.88
CA GLY H 104 9.54 18.58 -74.80
C GLY H 104 9.28 17.11 -75.02
N ASN H 105 9.74 16.59 -76.16
CA ASN H 105 9.67 15.17 -76.47
C ASN H 105 10.98 14.74 -77.11
N GLU H 106 11.03 13.49 -77.53
CA GLU H 106 12.22 12.94 -78.16
C GLU H 106 12.41 13.52 -79.56
N TYR H 107 13.66 13.63 -79.99
CA TYR H 107 13.98 14.01 -81.35
C TYR H 107 15.24 13.27 -81.78
N TRP H 108 15.15 12.60 -82.92
CA TRP H 108 16.26 11.90 -83.54
C TRP H 108 16.63 12.57 -84.86
N GLY H 109 17.72 12.10 -85.46
CA GLY H 109 18.13 12.56 -86.76
C GLY H 109 17.76 11.60 -87.86
N GLN H 110 18.10 11.99 -89.09
CA GLN H 110 17.90 11.11 -90.23
C GLN H 110 18.93 9.99 -90.25
N GLY H 111 20.10 10.22 -89.64
CA GLY H 111 21.10 9.18 -89.49
C GLY H 111 22.11 9.12 -90.61
N THR H 112 23.35 8.79 -90.27
CA THR H 112 24.41 8.64 -91.26
C THR H 112 25.09 7.28 -91.08
N GLN H 113 25.27 6.56 -92.17
CA GLN H 113 25.94 5.27 -92.14
C GLN H 113 27.44 5.47 -92.20
N VAL H 114 28.16 4.89 -91.24
CA VAL H 114 29.62 4.96 -91.18
C VAL H 114 30.15 3.55 -91.25
N THR H 115 31.04 3.29 -92.20
CA THR H 115 31.63 1.98 -92.40
C THR H 115 33.14 2.09 -92.35
N VAL H 116 33.78 1.14 -91.67
CA VAL H 116 35.22 1.10 -91.53
C VAL H 116 35.72 -0.22 -92.10
N SER H 117 36.63 -0.13 -93.06
CA SER H 117 37.18 -1.31 -93.70
C SER H 117 38.52 -1.71 -93.08
N GLN I 4 -56.82 -43.03 -49.52
CA GLN I 4 -58.02 -42.46 -50.12
C GLN I 4 -57.68 -41.14 -50.82
N VAL I 5 -56.50 -40.62 -50.54
CA VAL I 5 -56.02 -39.39 -51.18
C VAL I 5 -55.72 -39.72 -52.65
N GLN I 6 -56.55 -39.21 -53.55
CA GLN I 6 -56.43 -39.50 -54.98
C GLN I 6 -56.40 -38.21 -55.78
N LEU I 7 -55.39 -38.08 -56.64
CA LEU I 7 -55.27 -36.96 -57.55
C LEU I 7 -55.51 -37.44 -58.97
N VAL I 8 -56.44 -36.81 -59.67
CA VAL I 8 -56.75 -37.18 -61.05
C VAL I 8 -56.68 -35.94 -61.92
N GLU I 9 -56.03 -36.07 -63.08
CA GLU I 9 -55.86 -34.97 -64.02
C GLU I 9 -56.82 -35.15 -65.21
N SER I 10 -57.33 -34.03 -65.71
CA SER I 10 -58.17 -34.03 -66.89
C SER I 10 -57.90 -32.76 -67.70
N GLY I 11 -58.18 -32.83 -69.00
CA GLY I 11 -58.05 -31.67 -69.86
C GLY I 11 -56.84 -31.64 -70.78
N GLY I 12 -56.09 -32.74 -70.89
CA GLY I 12 -54.95 -32.77 -71.78
C GLY I 12 -55.33 -33.09 -73.22
N GLY I 13 -54.36 -32.93 -74.11
CA GLY I 13 -54.59 -33.22 -75.52
C GLY I 13 -53.65 -32.40 -76.39
N LEU I 14 -54.12 -32.12 -77.60
CA LEU I 14 -53.39 -31.31 -78.57
C LEU I 14 -54.06 -29.95 -78.71
N VAL I 15 -53.24 -28.92 -78.87
CA VAL I 15 -53.76 -27.56 -78.98
C VAL I 15 -52.75 -26.74 -79.78
N GLN I 16 -53.25 -25.76 -80.53
CA GLN I 16 -52.38 -24.94 -81.37
C GLN I 16 -51.59 -23.96 -80.52
N ALA I 17 -50.54 -23.40 -81.13
CA ALA I 17 -49.71 -22.41 -80.44
C ALA I 17 -50.48 -21.12 -80.24
N GLY I 18 -50.32 -20.53 -79.06
CA GLY I 18 -51.01 -19.30 -78.71
C GLY I 18 -52.41 -19.49 -78.18
N GLY I 19 -52.89 -20.71 -78.05
CA GLY I 19 -54.22 -20.98 -77.55
C GLY I 19 -54.27 -21.04 -76.04
N SER I 20 -55.36 -21.62 -75.55
CA SER I 20 -55.59 -21.80 -74.12
C SER I 20 -56.11 -23.21 -73.87
N LEU I 21 -55.74 -23.78 -72.73
CA LEU I 21 -56.22 -25.10 -72.35
C LEU I 21 -56.47 -25.15 -70.85
N ARG I 22 -57.49 -25.91 -70.45
CA ARG I 22 -57.88 -26.03 -69.05
C ARG I 22 -57.48 -27.40 -68.53
N LEU I 23 -56.61 -27.41 -67.53
CA LEU I 23 -56.20 -28.64 -66.84
C LEU I 23 -56.87 -28.65 -65.47
N SER I 24 -57.71 -29.64 -65.23
CA SER I 24 -58.44 -29.76 -63.98
C SER I 24 -57.86 -30.91 -63.16
N CYS I 25 -57.39 -30.60 -61.96
CA CYS I 25 -56.91 -31.60 -61.02
C CYS I 25 -57.95 -31.77 -59.93
N ALA I 26 -58.50 -32.98 -59.83
CA ALA I 26 -59.53 -33.30 -58.85
C ALA I 26 -58.95 -34.16 -57.75
N ALA I 27 -59.31 -33.85 -56.51
CA ALA I 27 -58.87 -34.55 -55.33
C ALA I 27 -60.09 -35.03 -54.54
N SER I 28 -59.97 -36.22 -53.95
CA SER I 28 -61.07 -36.81 -53.19
C SER I 28 -60.73 -37.00 -51.72
N GLY I 29 -59.58 -37.57 -51.40
CA GLY I 29 -59.26 -37.92 -50.03
C GLY I 29 -58.97 -36.75 -49.13
N PHE I 30 -58.52 -35.63 -49.69
CA PHE I 30 -58.17 -34.46 -48.88
C PHE I 30 -58.85 -33.22 -49.44
N PRO I 31 -59.18 -32.27 -48.57
CA PRO I 31 -59.75 -31.01 -49.05
C PRO I 31 -58.69 -30.15 -49.71
N VAL I 32 -59.09 -29.47 -50.79
CA VAL I 32 -58.17 -28.57 -51.51
C VAL I 32 -58.07 -27.20 -50.85
N GLY I 33 -58.98 -26.89 -49.93
CA GLY I 33 -58.96 -25.57 -49.31
C GLY I 33 -57.76 -25.34 -48.41
N ARG I 34 -57.36 -26.37 -47.66
CA ARG I 34 -56.30 -26.25 -46.67
C ARG I 34 -54.98 -26.86 -47.13
N HIS I 35 -54.91 -27.37 -48.35
CA HIS I 35 -53.72 -28.06 -48.83
C HIS I 35 -53.08 -27.30 -49.99
N PHE I 36 -51.75 -27.15 -49.91
CA PHE I 36 -50.99 -26.63 -51.04
C PHE I 36 -51.08 -27.61 -52.20
N MET I 37 -51.21 -27.09 -53.42
CA MET I 37 -51.28 -27.93 -54.61
C MET I 37 -50.14 -27.54 -55.55
N TYR I 38 -49.66 -28.51 -56.32
CA TYR I 38 -48.56 -28.24 -57.24
C TYR I 38 -48.87 -28.84 -58.61
N TRP I 39 -48.41 -28.17 -59.65
CA TRP I 39 -48.48 -28.68 -61.02
C TRP I 39 -47.07 -28.71 -61.59
N TYR I 40 -46.61 -29.91 -61.95
CA TYR I 40 -45.30 -30.12 -62.55
C TYR I 40 -45.49 -30.51 -64.01
N ARG I 41 -44.40 -30.53 -64.77
CA ARG I 41 -44.44 -30.99 -66.14
C ARG I 41 -43.18 -31.77 -66.47
N GLN I 42 -43.30 -32.65 -67.46
CA GLN I 42 -42.16 -33.43 -67.96
C GLN I 42 -42.22 -33.44 -69.47
N ALA I 43 -41.11 -33.12 -70.10
CA ALA I 43 -40.92 -33.21 -71.53
C ALA I 43 -39.99 -34.37 -71.88
N PRO I 44 -40.17 -34.98 -73.05
CA PRO I 44 -39.29 -36.10 -73.43
C PRO I 44 -37.83 -35.65 -73.47
N GLY I 45 -36.96 -36.53 -72.99
CA GLY I 45 -35.54 -36.18 -72.89
C GLY I 45 -35.22 -35.18 -71.82
N LYS I 46 -36.08 -35.05 -70.80
CA LYS I 46 -35.88 -34.07 -69.75
C LYS I 46 -36.57 -34.54 -68.48
N GLU I 47 -35.90 -34.37 -67.35
CA GLU I 47 -36.47 -34.73 -66.06
C GLU I 47 -37.65 -33.82 -65.74
N ARG I 48 -38.54 -34.32 -64.88
CA ARG I 48 -39.77 -33.61 -64.57
C ARG I 48 -39.48 -32.23 -64.01
N GLU I 49 -40.26 -31.25 -64.47
CA GLU I 49 -40.05 -29.84 -64.14
C GLU I 49 -41.29 -29.27 -63.47
N TRP I 50 -41.08 -28.56 -62.37
CA TRP I 50 -42.17 -27.87 -61.69
C TRP I 50 -42.66 -26.69 -62.53
N VAL I 51 -43.97 -26.47 -62.50
CA VAL I 51 -44.58 -25.40 -63.28
C VAL I 51 -45.16 -24.35 -62.33
N ALA I 52 -46.12 -24.76 -61.51
CA ALA I 52 -46.87 -23.82 -60.68
C ALA I 52 -47.17 -24.43 -59.31
N ALA I 53 -47.45 -23.56 -58.36
CA ALA I 53 -47.82 -23.96 -57.02
C ALA I 53 -48.82 -22.97 -56.45
N ILE I 54 -49.77 -23.48 -55.66
CA ILE I 54 -50.77 -22.66 -55.00
C ILE I 54 -50.81 -23.01 -53.52
N TYR I 55 -50.95 -21.98 -52.69
CA TYR I 55 -50.84 -22.09 -51.24
C TYR I 55 -52.16 -22.54 -50.62
N SER I 56 -52.19 -22.51 -49.29
CA SER I 56 -53.39 -22.81 -48.52
C SER I 56 -54.02 -21.57 -47.89
N TYR I 57 -53.27 -20.49 -47.72
CA TYR I 57 -53.77 -19.27 -47.11
C TYR I 57 -53.24 -18.08 -47.89
N GLY I 58 -54.11 -17.08 -48.09
CA GLY I 58 -53.75 -15.88 -48.82
C GLY I 58 -53.86 -15.98 -50.32
N GLU I 59 -54.16 -17.17 -50.85
CA GLU I 59 -54.28 -17.39 -52.30
C GLU I 59 -52.99 -17.00 -53.02
N TYR I 60 -51.86 -17.24 -52.38
CA TYR I 60 -50.56 -16.94 -52.98
C TYR I 60 -50.23 -18.03 -54.00
N THR I 61 -49.85 -17.60 -55.20
CA THR I 61 -49.55 -18.51 -56.30
C THR I 61 -48.21 -18.18 -56.90
N GLU I 62 -47.40 -19.21 -57.16
CA GLU I 62 -46.11 -19.06 -57.81
C GLU I 62 -46.08 -19.88 -59.08
N TYR I 63 -45.25 -19.47 -60.03
CA TYR I 63 -45.17 -20.10 -61.34
C TYR I 63 -43.73 -20.12 -61.80
N ALA I 64 -43.44 -21.03 -62.73
CA ALA I 64 -42.11 -21.11 -63.31
C ALA I 64 -41.80 -19.83 -64.09
N ASP I 65 -40.61 -19.28 -63.86
CA ASP I 65 -40.25 -18.00 -64.46
C ASP I 65 -40.31 -18.03 -65.97
N SER I 66 -40.00 -19.19 -66.58
CA SER I 66 -40.08 -19.30 -68.03
C SER I 66 -41.51 -19.15 -68.52
N VAL I 67 -42.48 -19.61 -67.73
CA VAL I 67 -43.88 -19.57 -68.09
C VAL I 67 -44.70 -18.69 -67.14
N LYS I 68 -44.03 -17.93 -66.26
CA LYS I 68 -44.74 -17.07 -65.34
C LYS I 68 -45.47 -15.97 -66.11
N GLY I 69 -46.75 -15.78 -65.80
CA GLY I 69 -47.59 -14.86 -66.53
C GLY I 69 -48.23 -15.44 -67.77
N ARG I 70 -47.79 -16.61 -68.22
CA ARG I 70 -48.43 -17.30 -69.34
C ARG I 70 -49.57 -18.20 -68.89
N PHE I 71 -49.42 -18.83 -67.72
CA PHE I 71 -50.44 -19.71 -67.17
C PHE I 71 -51.11 -19.04 -65.98
N THR I 72 -52.26 -19.58 -65.57
CA THR I 72 -53.01 -19.08 -64.43
C THR I 72 -53.55 -20.27 -63.64
N ILE I 73 -53.22 -20.32 -62.35
CA ILE I 73 -53.66 -21.40 -61.47
C ILE I 73 -54.69 -20.85 -60.50
N SER I 74 -55.76 -21.61 -60.28
CA SER I 74 -56.81 -21.26 -59.33
C SER I 74 -57.38 -22.53 -58.75
N ARG I 75 -58.11 -22.39 -57.66
CA ARG I 75 -58.75 -23.54 -57.02
C ARG I 75 -60.20 -23.21 -56.67
N ASP I 76 -61.05 -24.23 -56.78
CA ASP I 76 -62.42 -24.14 -56.31
C ASP I 76 -62.64 -25.23 -55.27
N ASN I 77 -62.91 -24.81 -54.04
CA ASN I 77 -63.06 -25.74 -52.92
C ASN I 77 -64.40 -26.47 -52.96
N ALA I 78 -65.43 -25.87 -53.55
CA ALA I 78 -66.73 -26.53 -53.61
C ALA I 78 -66.66 -27.84 -54.37
N LYS I 79 -65.96 -27.85 -55.51
CA LYS I 79 -65.73 -29.07 -56.27
C LYS I 79 -64.43 -29.75 -55.92
N ASN I 80 -63.64 -29.17 -55.01
CA ASN I 80 -62.32 -29.67 -54.65
C ASN I 80 -61.46 -29.91 -55.90
N THR I 81 -61.26 -28.84 -56.66
CA THR I 81 -60.54 -28.95 -57.92
C THR I 81 -59.59 -27.77 -58.09
N VAL I 82 -58.59 -27.99 -58.94
CA VAL I 82 -57.62 -26.98 -59.32
C VAL I 82 -57.73 -26.77 -60.82
N TYR I 83 -57.96 -25.52 -61.22
CA TYR I 83 -58.08 -25.14 -62.62
C TYR I 83 -56.79 -24.45 -63.06
N LEU I 84 -56.18 -24.96 -64.11
CA LEU I 84 -54.95 -24.41 -64.67
C LEU I 84 -55.25 -23.99 -66.11
N GLN I 85 -55.36 -22.69 -66.34
CA GLN I 85 -55.64 -22.15 -67.67
C GLN I 85 -54.33 -21.72 -68.31
N MET I 86 -53.99 -22.33 -69.43
CA MET I 86 -52.74 -22.08 -70.13
C MET I 86 -53.03 -21.23 -71.36
N ASN I 87 -52.40 -20.06 -71.41
CA ASN I 87 -52.59 -19.09 -72.48
C ASN I 87 -51.24 -18.76 -73.13
N SER I 88 -51.32 -18.19 -74.32
CA SER I 88 -50.14 -17.80 -75.10
C SER I 88 -49.19 -18.99 -75.27
N LEU I 89 -49.76 -20.12 -75.68
CA LEU I 89 -49.00 -21.36 -75.77
C LEU I 89 -47.98 -21.31 -76.90
N LYS I 90 -46.88 -22.01 -76.70
CA LYS I 90 -45.79 -22.08 -77.65
C LYS I 90 -45.26 -23.51 -77.67
N PRO I 91 -44.59 -23.91 -78.75
CA PRO I 91 -44.10 -25.29 -78.84
C PRO I 91 -43.08 -25.66 -77.78
N GLU I 92 -42.45 -24.67 -77.14
CA GLU I 92 -41.41 -24.95 -76.16
C GLU I 92 -41.94 -25.56 -74.86
N ASP I 93 -43.26 -25.59 -74.67
CA ASP I 93 -43.86 -26.12 -73.45
C ASP I 93 -44.67 -27.40 -73.71
N THR I 94 -44.39 -28.10 -74.80
CA THR I 94 -45.05 -29.37 -75.10
C THR I 94 -44.60 -30.41 -74.08
N ALA I 95 -45.52 -30.81 -73.20
CA ALA I 95 -45.12 -31.66 -72.09
C ALA I 95 -46.34 -32.32 -71.46
N VAL I 96 -46.10 -33.30 -70.61
CA VAL I 96 -47.16 -33.91 -69.82
C VAL I 96 -47.17 -33.27 -68.43
N TYR I 97 -48.33 -32.79 -68.01
CA TYR I 97 -48.48 -32.02 -66.78
C TYR I 97 -49.13 -32.89 -65.71
N TYR I 98 -48.53 -32.89 -64.52
CA TYR I 98 -48.94 -33.71 -63.40
C TYR I 98 -49.39 -32.84 -62.24
N CYS I 99 -50.32 -33.38 -61.45
CA CYS I 99 -50.78 -32.77 -60.21
C CYS I 99 -50.09 -33.46 -59.05
N TYR I 100 -49.54 -32.67 -58.12
CA TYR I 100 -48.67 -33.17 -57.07
C TYR I 100 -49.10 -32.58 -55.73
N VAL I 101 -48.98 -33.41 -54.68
CA VAL I 101 -49.29 -32.99 -53.32
C VAL I 101 -48.54 -33.93 -52.38
N TYR I 102 -48.42 -33.51 -51.11
CA TYR I 102 -47.86 -34.37 -50.07
C TYR I 102 -48.79 -34.33 -48.86
N VAL I 103 -49.52 -35.42 -48.64
CA VAL I 103 -50.38 -35.54 -47.47
C VAL I 103 -49.95 -36.77 -46.69
N GLY I 104 -49.03 -36.60 -45.76
CA GLY I 104 -48.41 -37.74 -45.08
C GLY I 104 -47.39 -38.45 -45.95
N ASN I 105 -47.76 -38.73 -47.20
CA ASN I 105 -46.85 -39.29 -48.19
C ASN I 105 -47.01 -38.50 -49.49
N GLU I 106 -46.13 -38.78 -50.44
CA GLU I 106 -46.22 -38.14 -51.75
C GLU I 106 -47.44 -38.64 -52.52
N TYR I 107 -47.95 -37.79 -53.40
CA TYR I 107 -49.07 -38.14 -54.27
C TYR I 107 -48.86 -37.45 -55.61
N TRP I 108 -48.64 -38.24 -56.65
CA TRP I 108 -48.57 -37.78 -58.03
C TRP I 108 -49.85 -38.20 -58.75
N GLY I 109 -50.38 -37.31 -59.58
CA GLY I 109 -51.59 -37.60 -60.30
C GLY I 109 -51.36 -38.39 -61.57
N GLN I 110 -52.46 -38.68 -62.27
CA GLN I 110 -52.37 -39.45 -63.50
C GLN I 110 -51.66 -38.67 -64.60
N GLY I 111 -51.89 -37.37 -64.67
CA GLY I 111 -51.22 -36.52 -65.63
C GLY I 111 -52.00 -36.40 -66.94
N THR I 112 -51.71 -35.31 -67.66
CA THR I 112 -52.33 -35.03 -68.95
C THR I 112 -51.27 -34.48 -69.88
N GLN I 113 -51.06 -35.14 -71.02
CA GLN I 113 -50.06 -34.69 -71.99
C GLN I 113 -50.66 -33.64 -72.91
N VAL I 114 -50.02 -32.48 -72.95
CA VAL I 114 -50.43 -31.39 -73.82
C VAL I 114 -49.35 -31.18 -74.87
N THR I 115 -49.75 -31.24 -76.13
CA THR I 115 -48.88 -30.98 -77.27
C THR I 115 -49.31 -29.69 -77.94
N VAL I 116 -48.33 -28.94 -78.45
CA VAL I 116 -48.54 -27.62 -79.02
C VAL I 116 -48.20 -27.66 -80.50
N SER I 117 -49.15 -27.28 -81.33
CA SER I 117 -48.96 -27.25 -82.78
C SER I 117 -49.01 -25.82 -83.32
N GLN J 4 -58.57 -78.62 -17.04
CA GLN J 4 -59.61 -78.82 -18.03
C GLN J 4 -59.83 -77.55 -18.85
N VAL J 5 -58.79 -76.73 -18.97
CA VAL J 5 -58.87 -75.50 -19.74
C VAL J 5 -58.88 -75.87 -21.22
N GLN J 6 -60.04 -75.81 -21.84
CA GLN J 6 -60.22 -76.22 -23.23
C GLN J 6 -60.29 -74.99 -24.13
N LEU J 7 -59.60 -75.06 -25.26
CA LEU J 7 -59.67 -74.04 -26.31
C LEU J 7 -59.95 -74.76 -27.62
N VAL J 8 -61.22 -74.88 -27.98
CA VAL J 8 -61.63 -75.64 -29.15
C VAL J 8 -61.96 -74.66 -30.27
N GLU J 9 -61.30 -74.82 -31.41
CA GLU J 9 -61.49 -73.96 -32.57
C GLU J 9 -62.42 -74.63 -33.58
N SER J 10 -63.31 -73.85 -34.18
CA SER J 10 -64.23 -74.35 -35.17
C SER J 10 -64.43 -73.28 -36.24
N GLY J 11 -64.76 -73.72 -37.45
CA GLY J 11 -64.97 -72.83 -38.57
C GLY J 11 -63.93 -72.90 -39.67
N GLY J 12 -62.98 -73.81 -39.58
CA GLY J 12 -61.96 -73.91 -40.61
C GLY J 12 -62.50 -74.48 -41.90
N GLY J 13 -61.78 -74.22 -42.98
CA GLY J 13 -62.16 -74.69 -44.29
C GLY J 13 -61.55 -73.80 -45.37
N LEU J 14 -62.22 -73.76 -46.51
CA LEU J 14 -61.80 -72.96 -47.65
C LEU J 14 -62.82 -71.85 -47.90
N VAL J 15 -62.31 -70.67 -48.25
CA VAL J 15 -63.15 -69.51 -48.53
C VAL J 15 -62.70 -68.88 -49.83
N GLN J 16 -63.59 -68.13 -50.45
CA GLN J 16 -63.31 -67.47 -51.71
C GLN J 16 -62.71 -66.09 -51.46
N ALA J 17 -61.97 -65.61 -52.45
CA ALA J 17 -61.38 -64.27 -52.37
C ALA J 17 -62.47 -63.21 -52.42
N GLY J 18 -62.39 -62.25 -51.51
CA GLY J 18 -63.39 -61.20 -51.42
C GLY J 18 -64.62 -61.55 -50.61
N GLY J 19 -64.65 -62.72 -49.97
CA GLY J 19 -65.78 -63.14 -49.16
C GLY J 19 -65.60 -62.80 -47.69
N SER J 20 -66.48 -63.37 -46.88
CA SER J 20 -66.45 -63.19 -45.43
C SER J 20 -66.54 -64.55 -44.76
N LEU J 21 -65.73 -64.74 -43.71
CA LEU J 21 -65.68 -65.99 -42.97
C LEU J 21 -65.72 -65.70 -41.48
N ARG J 22 -66.28 -66.64 -40.72
CA ARG J 22 -66.37 -66.50 -39.27
C ARG J 22 -65.93 -67.80 -38.61
N LEU J 23 -65.16 -67.67 -37.53
CA LEU J 23 -64.69 -68.82 -36.77
C LEU J 23 -64.93 -68.58 -35.28
N SER J 24 -65.05 -69.67 -34.52
CA SER J 24 -65.36 -69.59 -33.10
C SER J 24 -64.36 -70.39 -32.28
N CYS J 25 -63.85 -69.76 -31.23
CA CYS J 25 -63.01 -70.40 -30.23
C CYS J 25 -63.80 -70.51 -28.93
N ALA J 26 -64.11 -71.74 -28.54
CA ALA J 26 -64.89 -71.99 -27.34
C ALA J 26 -63.97 -72.42 -26.20
N ALA J 27 -64.33 -72.00 -24.98
CA ALA J 27 -63.54 -72.27 -23.80
C ALA J 27 -64.44 -72.77 -22.68
N SER J 28 -63.87 -73.56 -21.77
CA SER J 28 -64.61 -74.17 -20.68
C SER J 28 -64.07 -73.81 -19.30
N GLY J 29 -62.75 -73.82 -19.12
CA GLY J 29 -62.18 -73.68 -17.79
C GLY J 29 -62.43 -72.33 -17.16
N PHE J 30 -62.24 -71.24 -17.92
CA PHE J 30 -62.25 -69.91 -17.38
C PHE J 30 -63.19 -69.01 -18.17
N PRO J 31 -63.74 -67.98 -17.54
CA PRO J 31 -64.60 -67.03 -18.27
C PRO J 31 -63.80 -66.30 -19.34
N VAL J 32 -64.44 -66.12 -20.51
CA VAL J 32 -63.75 -65.49 -21.63
C VAL J 32 -63.52 -64.00 -21.36
N GLY J 33 -64.51 -63.33 -20.76
CA GLY J 33 -64.42 -61.89 -20.57
C GLY J 33 -63.50 -61.45 -19.45
N ARG J 34 -62.98 -62.39 -18.68
CA ARG J 34 -62.12 -62.09 -17.54
C ARG J 34 -60.66 -62.41 -17.81
N HIS J 35 -60.28 -62.58 -19.08
CA HIS J 35 -58.91 -62.89 -19.43
C HIS J 35 -58.59 -62.34 -20.82
N PHE J 36 -57.35 -62.53 -21.23
CA PHE J 36 -56.86 -62.07 -22.54
C PHE J 36 -56.85 -63.25 -23.51
N MET J 37 -57.37 -63.03 -24.71
CA MET J 37 -57.38 -64.07 -25.73
C MET J 37 -56.65 -63.58 -26.98
N TYR J 38 -55.86 -64.46 -27.58
CA TYR J 38 -55.04 -64.09 -28.73
C TYR J 38 -55.34 -65.00 -29.92
N TRP J 39 -55.52 -64.41 -31.08
CA TRP J 39 -55.65 -65.13 -32.34
C TRP J 39 -54.32 -65.04 -33.08
N TYR J 40 -53.65 -66.18 -33.23
CA TYR J 40 -52.42 -66.31 -33.98
C TYR J 40 -52.71 -67.13 -35.23
N ARG J 41 -51.90 -66.93 -36.28
CA ARG J 41 -52.02 -67.75 -37.47
C ARG J 41 -50.64 -68.18 -37.96
N GLN J 42 -50.57 -69.41 -38.46
CA GLN J 42 -49.34 -70.01 -38.96
C GLN J 42 -49.59 -70.50 -40.38
N ALA J 43 -48.88 -69.94 -41.34
CA ALA J 43 -48.96 -70.43 -42.70
C ALA J 43 -48.18 -71.74 -42.83
N PRO J 44 -48.55 -72.59 -43.78
CA PRO J 44 -47.79 -73.84 -43.97
C PRO J 44 -46.32 -73.56 -44.23
N GLY J 45 -45.47 -74.12 -43.37
CA GLY J 45 -44.05 -73.83 -43.45
C GLY J 45 -43.69 -72.40 -43.14
N LYS J 46 -44.37 -71.82 -42.14
CA LYS J 46 -44.11 -70.45 -41.74
C LYS J 46 -44.29 -70.33 -40.23
N GLU J 47 -43.57 -69.39 -39.63
CA GLU J 47 -43.70 -69.13 -38.20
C GLU J 47 -45.11 -68.65 -37.88
N ARG J 48 -45.62 -69.06 -36.71
CA ARG J 48 -46.94 -68.63 -36.28
C ARG J 48 -46.95 -67.12 -36.04
N GLU J 49 -47.94 -66.45 -36.61
CA GLU J 49 -48.02 -64.99 -36.63
C GLU J 49 -49.28 -64.54 -35.91
N TRP J 50 -49.09 -63.61 -34.96
CA TRP J 50 -50.22 -63.06 -34.22
C TRP J 50 -51.10 -62.22 -35.14
N VAL J 51 -52.41 -62.32 -34.93
CA VAL J 51 -53.39 -61.64 -35.78
C VAL J 51 -54.20 -60.67 -34.94
N ALA J 52 -54.84 -61.18 -33.88
CA ALA J 52 -55.78 -60.38 -33.09
C ALA J 52 -55.52 -60.60 -31.62
N ALA J 53 -55.95 -59.63 -30.81
CA ALA J 53 -55.82 -59.74 -29.37
C ALA J 53 -56.98 -59.03 -28.69
N ILE J 54 -57.46 -59.60 -27.58
CA ILE J 54 -58.51 -59.01 -26.78
C ILE J 54 -58.10 -59.05 -25.31
N TYR J 55 -58.26 -57.91 -24.64
CA TYR J 55 -57.92 -57.77 -23.23
C TYR J 55 -59.07 -58.23 -22.34
N SER J 56 -58.82 -58.24 -21.03
CA SER J 56 -59.83 -58.61 -20.05
C SER J 56 -60.69 -57.44 -19.61
N TYR J 57 -60.37 -56.22 -20.00
CA TYR J 57 -61.17 -55.06 -19.62
C TYR J 57 -61.18 -54.06 -20.77
N GLY J 58 -62.26 -53.28 -20.83
CA GLY J 58 -62.42 -52.27 -21.85
C GLY J 58 -62.57 -52.82 -23.26
N GLU J 59 -62.40 -54.13 -23.40
CA GLU J 59 -62.53 -54.82 -24.69
C GLU J 59 -61.65 -54.19 -25.76
N TYR J 60 -60.40 -53.92 -25.39
CA TYR J 60 -59.43 -53.40 -26.34
C TYR J 60 -59.12 -54.45 -27.39
N THR J 61 -59.33 -54.11 -28.66
CA THR J 61 -59.05 -55.02 -29.77
C THR J 61 -57.76 -54.60 -30.46
N GLU J 62 -56.82 -55.53 -30.56
CA GLU J 62 -55.52 -55.28 -31.16
C GLU J 62 -55.41 -56.05 -32.46
N TYR J 63 -54.97 -55.37 -33.53
CA TYR J 63 -54.81 -55.97 -34.84
C TYR J 63 -53.47 -55.54 -35.42
N ALA J 64 -52.95 -56.36 -36.33
CA ALA J 64 -51.67 -56.08 -36.95
C ALA J 64 -51.83 -55.08 -38.10
N ASP J 65 -50.71 -54.49 -38.51
CA ASP J 65 -50.74 -53.49 -39.57
C ASP J 65 -51.20 -54.11 -40.89
N SER J 66 -50.72 -55.30 -41.22
CA SER J 66 -51.08 -55.94 -42.49
C SER J 66 -52.57 -56.28 -42.53
N VAL J 67 -53.12 -56.75 -41.40
CA VAL J 67 -54.49 -57.23 -41.35
C VAL J 67 -55.43 -56.21 -40.73
N LYS J 68 -54.99 -54.97 -40.57
CA LYS J 68 -55.84 -53.94 -39.95
C LYS J 68 -57.03 -53.61 -40.84
N GLY J 69 -58.19 -53.49 -40.22
CA GLY J 69 -59.40 -53.09 -40.92
C GLY J 69 -60.15 -54.20 -41.63
N ARG J 70 -59.54 -55.38 -41.79
CA ARG J 70 -60.18 -56.49 -42.46
C ARG J 70 -60.70 -57.56 -41.52
N PHE J 71 -60.07 -57.71 -40.34
CA PHE J 71 -60.47 -58.71 -39.37
C PHE J 71 -61.04 -58.02 -38.13
N THR J 72 -61.87 -58.74 -37.39
CA THR J 72 -62.43 -58.23 -36.14
C THR J 72 -62.64 -59.37 -35.17
N ILE J 73 -62.21 -59.16 -33.93
CA ILE J 73 -62.31 -60.17 -32.88
C ILE J 73 -63.31 -59.68 -31.84
N SER J 74 -64.24 -60.55 -31.46
CA SER J 74 -65.23 -60.25 -30.43
C SER J 74 -65.35 -61.46 -29.50
N ARG J 75 -65.99 -61.26 -28.35
CA ARG J 75 -66.19 -62.36 -27.43
C ARG J 75 -67.48 -62.14 -26.67
N ASP J 76 -68.04 -63.23 -26.15
CA ASP J 76 -69.30 -63.18 -25.43
C ASP J 76 -69.23 -64.09 -24.20
N ASN J 77 -69.63 -63.53 -23.06
CA ASN J 77 -69.72 -64.32 -21.84
C ASN J 77 -70.99 -65.17 -21.82
N ALA J 78 -71.96 -64.84 -22.66
CA ALA J 78 -73.20 -65.62 -22.73
C ALA J 78 -72.91 -67.05 -23.15
N LYS J 79 -72.05 -67.23 -24.14
CA LYS J 79 -71.61 -68.55 -24.56
C LYS J 79 -70.17 -68.84 -24.16
N ASN J 80 -69.52 -67.89 -23.47
CA ASN J 80 -68.12 -68.06 -23.05
C ASN J 80 -67.21 -68.36 -24.24
N THR J 81 -67.41 -67.61 -25.33
CA THR J 81 -66.75 -67.91 -26.60
C THR J 81 -66.15 -66.66 -27.21
N VAL J 82 -65.36 -66.87 -28.27
CA VAL J 82 -64.72 -65.82 -29.05
C VAL J 82 -65.10 -66.03 -30.50
N TYR J 83 -65.48 -64.95 -31.19
CA TYR J 83 -65.80 -64.98 -32.62
C TYR J 83 -64.78 -64.13 -33.36
N LEU J 84 -64.09 -64.75 -34.32
CA LEU J 84 -63.18 -64.03 -35.20
C LEU J 84 -63.80 -63.95 -36.59
N GLN J 85 -64.00 -62.73 -37.08
CA GLN J 85 -64.56 -62.49 -38.39
C GLN J 85 -63.48 -61.95 -39.32
N MET J 86 -63.38 -62.54 -40.50
CA MET J 86 -62.40 -62.15 -41.50
C MET J 86 -63.13 -61.73 -42.77
N ASN J 87 -62.78 -60.56 -43.30
CA ASN J 87 -63.47 -60.00 -44.45
C ASN J 87 -62.46 -59.64 -45.54
N SER J 88 -62.89 -59.75 -46.79
CA SER J 88 -62.06 -59.46 -47.96
C SER J 88 -60.74 -60.22 -47.88
N LEU J 89 -60.84 -61.53 -47.67
CA LEU J 89 -59.65 -62.35 -47.45
C LEU J 89 -58.76 -62.38 -48.69
N LYS J 90 -57.52 -62.77 -48.48
CA LYS J 90 -56.49 -62.82 -49.50
C LYS J 90 -55.77 -64.16 -49.41
N PRO J 91 -55.08 -64.57 -50.48
CA PRO J 91 -54.27 -65.78 -50.40
C PRO J 91 -53.17 -65.71 -49.35
N GLU J 92 -52.74 -64.50 -48.96
CA GLU J 92 -51.68 -64.37 -47.96
C GLU J 92 -52.09 -64.97 -46.63
N ASP J 93 -53.34 -64.78 -46.22
CA ASP J 93 -53.80 -65.23 -44.91
C ASP J 93 -54.21 -66.71 -44.89
N THR J 94 -53.78 -67.50 -45.87
CA THR J 94 -53.98 -68.94 -45.85
C THR J 94 -53.12 -69.53 -44.74
N ALA J 95 -53.75 -69.94 -43.64
CA ALA J 95 -52.99 -70.35 -42.46
C ALA J 95 -53.91 -71.12 -41.52
N VAL J 96 -53.29 -71.76 -40.53
CA VAL J 96 -54.02 -72.38 -39.43
C VAL J 96 -54.06 -71.40 -38.28
N TYR J 97 -55.25 -71.17 -37.73
CA TYR J 97 -55.49 -70.16 -36.71
C TYR J 97 -55.68 -70.83 -35.36
N TYR J 98 -55.03 -70.27 -34.34
CA TYR J 98 -55.10 -70.75 -32.98
C TYR J 98 -55.54 -69.63 -32.05
N CYS J 99 -56.25 -69.99 -30.99
CA CYS J 99 -56.58 -69.07 -29.91
C CYS J 99 -55.78 -69.48 -28.68
N TYR J 100 -54.91 -68.57 -28.23
CA TYR J 100 -54.03 -68.79 -27.09
C TYR J 100 -54.50 -67.97 -25.91
N VAL J 101 -54.29 -68.51 -24.70
CA VAL J 101 -54.53 -67.80 -23.46
C VAL J 101 -53.40 -68.11 -22.48
N TYR J 102 -53.23 -67.23 -21.51
CA TYR J 102 -52.37 -67.51 -20.36
C TYR J 102 -53.26 -67.44 -19.12
N VAL J 103 -53.66 -68.62 -18.64
CA VAL J 103 -54.40 -68.69 -17.39
C VAL J 103 -53.58 -69.49 -16.39
N GLY J 104 -52.72 -68.80 -15.63
CA GLY J 104 -51.78 -69.46 -14.77
C GLY J 104 -50.59 -69.99 -15.55
N ASN J 105 -50.88 -70.59 -16.71
CA ASN J 105 -49.86 -71.14 -17.60
C ASN J 105 -50.28 -70.85 -19.03
N GLU J 106 -49.43 -71.25 -19.98
CA GLU J 106 -49.75 -71.13 -21.40
C GLU J 106 -50.76 -72.19 -21.78
N TYR J 107 -51.74 -71.83 -22.61
CA TYR J 107 -52.76 -72.77 -23.09
C TYR J 107 -53.04 -72.47 -24.56
N TRP J 108 -52.82 -73.48 -25.40
CA TRP J 108 -53.04 -73.40 -26.83
C TRP J 108 -54.14 -74.38 -27.24
N GLY J 109 -54.90 -74.02 -28.28
CA GLY J 109 -55.90 -74.90 -28.83
C GLY J 109 -55.36 -75.73 -29.99
N GLN J 110 -56.25 -76.57 -30.53
CA GLN J 110 -55.86 -77.41 -31.66
C GLN J 110 -55.56 -76.58 -32.90
N GLY J 111 -56.39 -75.56 -33.17
CA GLY J 111 -56.21 -74.73 -34.35
C GLY J 111 -56.99 -75.21 -35.56
N THR J 112 -57.57 -74.27 -36.30
CA THR J 112 -58.37 -74.59 -37.48
C THR J 112 -57.69 -74.04 -38.72
N GLN J 113 -57.54 -74.89 -39.74
CA GLN J 113 -56.90 -74.50 -40.99
C GLN J 113 -57.91 -73.77 -41.87
N VAL J 114 -57.52 -72.61 -42.39
CA VAL J 114 -58.35 -71.79 -43.25
C VAL J 114 -57.53 -71.40 -44.48
N THR J 115 -58.05 -71.73 -45.66
CA THR J 115 -57.39 -71.40 -46.92
C THR J 115 -58.29 -70.47 -47.72
N VAL J 116 -57.66 -69.68 -48.59
CA VAL J 116 -58.35 -68.72 -49.44
C VAL J 116 -58.01 -69.02 -50.89
N SER J 117 -59.04 -69.11 -51.74
CA SER J 117 -58.85 -69.37 -53.16
C SER J 117 -58.71 -68.06 -53.92
#